data_2Q4X
#
_entry.id   2Q4X
#
_cell.length_a   62.700
_cell.length_b   62.700
_cell.length_c   287.621
_cell.angle_alpha   90.000
_cell.angle_beta   90.000
_cell.angle_gamma   90.000
#
_symmetry.space_group_name_H-M   'P 41 21 2'
#
loop_
_entity.id
_entity.type
_entity.pdbx_description
1 polymer 'Seed maturation protein PM36 homolog'
2 non-polymer 'SULFATE ION'
3 non-polymer 4-AMINO-5-HYDROXYMETHYL-2-METHYLPYRIMIDINE
4 water water
#
_entity_poly.entity_id   1
_entity_poly.type   'polypeptide(L)'
_entity_poly.pdbx_seq_one_letter_code
;(MSE)EKRGVIDTWIDKHRSIYTAATRHAFVVSIRDGSVDLSSFRTWLGQDYLFVRRFVPFVASVLIRACKDSGESSD
(MSE)EVVLGGIASLNDEIEWFKREGSKWDVDFSTVVPQRANQEYGRFLEDL(MSE)SSEVKYPVI(MSE)TAFWAIEAV
YQESFAHCLEDGNKTPVELTGACHRWGNDGFKQYCSSVKNIAERCLENASGEVLGEAEDVLVRVLELEVAFWE(MSE)SR
GGQ
;
_entity_poly.pdbx_strand_id   A,B
#
loop_
_chem_comp.id
_chem_comp.type
_chem_comp.name
_chem_comp.formula
HMH non-polymer 4-AMINO-5-HYDROXYMETHYL-2-METHYLPYRIMIDINE 'C6 H9 N3 O'
SO4 non-polymer 'SULFATE ION' 'O4 S -2'
#
# COMPACT_ATOMS: atom_id res chain seq x y z
N GLY A 5 3.02 -3.79 -9.62
CA GLY A 5 1.95 -4.47 -10.48
C GLY A 5 2.08 -4.50 -12.01
N VAL A 6 1.16 -5.26 -12.63
CA VAL A 6 1.08 -5.48 -14.08
C VAL A 6 1.23 -4.19 -14.90
N ILE A 7 0.63 -3.12 -14.40
CA ILE A 7 0.71 -1.84 -15.10
C ILE A 7 2.01 -1.12 -14.84
N ASP A 8 2.38 -0.98 -13.56
CA ASP A 8 3.65 -0.29 -13.25
C ASP A 8 4.79 -1.04 -13.97
N THR A 9 4.70 -2.36 -14.03
CA THR A 9 5.72 -3.14 -14.69
C THR A 9 5.86 -2.68 -16.11
N TRP A 10 4.70 -2.46 -16.73
CA TRP A 10 4.65 -2.00 -18.10
C TRP A 10 5.11 -0.54 -18.28
N ILE A 11 4.67 0.37 -17.41
CA ILE A 11 5.09 1.78 -17.50
C ILE A 11 6.59 1.89 -17.25
N ASP A 12 7.06 1.17 -16.22
CA ASP A 12 8.47 1.19 -15.87
C ASP A 12 9.30 0.46 -16.89
N LYS A 13 8.64 -0.40 -17.64
CA LYS A 13 9.25 -1.16 -18.71
C LYS A 13 9.25 -0.18 -19.90
N HIS A 14 8.20 0.64 -19.97
CA HIS A 14 8.05 1.60 -21.07
C HIS A 14 8.14 3.09 -20.65
N ARG A 15 8.85 3.36 -19.54
CA ARG A 15 9.01 4.72 -18.99
C ARG A 15 9.34 5.69 -20.10
N SER A 16 9.87 5.12 -21.16
CA SER A 16 10.30 5.79 -22.35
C SER A 16 9.32 6.69 -23.08
N ILE A 17 8.41 6.12 -23.84
CA ILE A 17 7.44 6.96 -24.55
C ILE A 17 6.52 7.57 -23.46
N TYR A 18 6.36 6.83 -22.37
CA TYR A 18 5.57 7.33 -21.27
C TYR A 18 6.05 8.76 -20.90
N THR A 19 7.35 8.88 -20.62
CA THR A 19 7.95 10.20 -20.31
C THR A 19 7.66 11.14 -21.52
N ALA A 20 8.00 10.68 -22.72
CA ALA A 20 7.76 11.47 -23.94
C ALA A 20 6.28 11.90 -23.95
N ALA A 21 5.41 10.92 -23.84
CA ALA A 21 3.96 11.16 -23.82
C ALA A 21 3.49 11.88 -22.56
N THR A 22 4.36 12.10 -21.60
CA THR A 22 3.88 12.79 -20.38
C THR A 22 4.45 14.18 -20.00
N ARG A 23 4.99 14.89 -20.99
CA ARG A 23 5.52 16.24 -20.83
C ARG A 23 4.43 17.30 -20.98
N HIS A 24 4.56 18.39 -20.22
CA HIS A 24 3.58 19.47 -20.19
C HIS A 24 2.77 19.63 -21.45
N ALA A 25 1.44 19.74 -21.29
CA ALA A 25 0.59 19.83 -22.47
C ALA A 25 0.79 21.08 -23.32
N PHE A 26 1.06 22.23 -22.69
CA PHE A 26 1.28 23.50 -23.42
C PHE A 26 2.23 24.31 -22.57
N VAL A 27 3.15 25.05 -23.18
CA VAL A 27 4.06 25.82 -22.39
C VAL A 27 3.58 27.23 -22.57
N VAL A 28 4.28 28.20 -21.97
CA VAL A 28 3.93 29.62 -22.09
C VAL A 28 5.24 30.47 -22.25
N SER A 29 5.25 31.52 -23.05
CA SER A 29 6.51 32.22 -23.12
C SER A 29 6.44 33.71 -23.38
N ILE A 30 7.63 34.29 -23.50
CA ILE A 30 7.70 35.72 -23.72
C ILE A 30 8.40 36.20 -25.02
N ARG A 31 7.72 37.05 -25.75
CA ARG A 31 8.33 37.59 -26.94
C ARG A 31 7.93 39.04 -27.05
N ASP A 32 8.83 39.86 -27.62
CA ASP A 32 8.61 41.30 -27.79
C ASP A 32 7.87 41.85 -26.57
N GLY A 33 8.22 41.28 -25.41
CA GLY A 33 7.65 41.67 -24.15
C GLY A 33 6.12 41.59 -24.00
N SER A 34 5.54 40.51 -24.55
CA SER A 34 4.09 40.20 -24.50
C SER A 34 3.94 38.71 -24.16
N VAL A 35 3.11 38.34 -23.21
CA VAL A 35 2.95 36.91 -22.94
C VAL A 35 2.49 36.15 -24.21
N ASP A 36 3.25 35.13 -24.62
CA ASP A 36 2.92 34.37 -25.84
C ASP A 36 2.12 33.09 -25.59
N LEU A 37 0.88 33.16 -26.04
CA LEU A 37 -0.06 32.09 -25.91
C LEU A 37 -0.09 31.26 -27.16
N SER A 38 1.05 30.95 -27.77
CA SER A 38 0.99 30.16 -29.02
C SER A 38 0.62 28.66 -28.81
N SER A 39 1.36 27.95 -27.95
CA SER A 39 1.07 26.55 -27.66
C SER A 39 -0.27 26.40 -26.90
N PHE A 40 -0.43 27.22 -25.87
CA PHE A 40 -1.63 27.14 -25.09
C PHE A 40 -2.85 27.18 -26.05
N ARG A 41 -2.90 28.16 -26.95
CA ARG A 41 -4.07 28.23 -27.80
C ARG A 41 -4.13 27.06 -28.79
N THR A 42 -2.97 26.56 -29.18
CA THR A 42 -2.94 25.41 -30.08
C THR A 42 -3.50 24.19 -29.33
N TRP A 43 -3.02 23.98 -28.10
CA TRP A 43 -3.48 22.87 -27.26
C TRP A 43 -5.02 22.92 -26.94
N LEU A 44 -5.49 24.12 -26.59
CA LEU A 44 -6.90 24.31 -26.22
C LEU A 44 -7.77 23.87 -27.36
N GLY A 45 -7.40 24.32 -28.55
CA GLY A 45 -8.17 23.99 -29.74
C GLY A 45 -8.16 22.51 -30.07
N GLN A 46 -6.98 21.96 -30.19
CA GLN A 46 -6.91 20.56 -30.50
C GLN A 46 -7.52 19.71 -29.36
N ASP A 47 -7.21 20.03 -28.11
CA ASP A 47 -7.77 19.23 -27.02
C ASP A 47 -9.30 19.30 -26.90
N TYR A 48 -9.90 20.39 -27.36
CA TYR A 48 -11.37 20.47 -27.31
C TYR A 48 -12.06 19.52 -28.33
N LEU A 49 -11.52 19.44 -29.56
CA LEU A 49 -12.12 18.55 -30.57
C LEU A 49 -11.92 17.09 -30.16
N PHE A 50 -10.79 16.76 -29.54
CA PHE A 50 -10.59 15.38 -29.10
C PHE A 50 -11.63 15.09 -27.99
N VAL A 51 -11.59 15.87 -26.93
CA VAL A 51 -12.54 15.70 -25.83
C VAL A 51 -13.93 15.41 -26.41
N ARG A 52 -14.35 16.13 -27.46
CA ARG A 52 -15.67 15.84 -28.08
C ARG A 52 -15.69 14.39 -28.63
N ARG A 53 -14.56 13.89 -29.11
CA ARG A 53 -14.51 12.51 -29.57
C ARG A 53 -14.35 11.55 -28.36
N PHE A 54 -13.63 11.98 -27.34
CA PHE A 54 -13.45 11.13 -26.18
C PHE A 54 -14.82 10.81 -25.47
N VAL A 55 -15.74 11.78 -25.43
CA VAL A 55 -17.03 11.61 -24.82
C VAL A 55 -17.79 10.35 -25.32
N PRO A 56 -18.19 10.28 -26.60
CA PRO A 56 -18.89 9.01 -26.94
C PRO A 56 -18.01 7.77 -26.74
N PHE A 57 -16.70 7.92 -26.91
CA PHE A 57 -15.84 6.75 -26.69
C PHE A 57 -16.24 6.22 -25.27
N VAL A 58 -15.89 6.96 -24.21
CA VAL A 58 -16.19 6.54 -22.84
C VAL A 58 -17.63 6.02 -22.69
N ALA A 59 -18.57 6.61 -23.43
CA ALA A 59 -19.95 6.18 -23.39
C ALA A 59 -19.88 4.70 -23.67
N SER A 60 -19.21 4.31 -24.73
CA SER A 60 -19.12 2.92 -25.04
C SER A 60 -18.37 2.13 -23.97
N VAL A 61 -17.59 2.77 -23.10
CA VAL A 61 -16.95 1.92 -22.10
C VAL A 61 -17.95 1.72 -20.93
N LEU A 62 -18.79 2.71 -20.69
CA LEU A 62 -19.78 2.65 -19.63
C LEU A 62 -20.74 1.48 -19.95
N ILE A 63 -21.17 1.42 -21.22
CA ILE A 63 -22.08 0.39 -21.67
C ILE A 63 -21.47 -1.00 -21.50
N ARG A 64 -20.15 -1.09 -21.63
CA ARG A 64 -19.40 -2.36 -21.47
C ARG A 64 -19.23 -2.78 -20.02
N ALA A 65 -18.87 -1.84 -19.15
CA ALA A 65 -18.71 -2.18 -17.75
C ALA A 65 -20.02 -2.74 -17.22
N CYS A 66 -21.15 -2.21 -17.71
CA CYS A 66 -22.46 -2.70 -17.28
C CYS A 66 -22.77 -4.12 -17.76
N LYS A 67 -22.09 -4.59 -18.82
CA LYS A 67 -22.35 -5.93 -19.30
C LYS A 67 -21.18 -6.90 -19.21
N ASP A 68 -19.99 -6.37 -18.92
CA ASP A 68 -18.76 -7.17 -18.75
C ASP A 68 -18.36 -7.10 -17.26
N SER A 69 -19.42 -7.19 -16.44
CA SER A 69 -19.37 -7.12 -14.98
C SER A 69 -18.27 -7.90 -14.24
N GLY A 70 -17.74 -7.24 -13.21
CA GLY A 70 -16.72 -7.84 -12.36
C GLY A 70 -17.09 -7.32 -10.98
N GLU A 71 -17.30 -6.01 -10.92
CA GLU A 71 -17.72 -5.34 -9.71
C GLU A 71 -18.86 -4.42 -10.08
N SER A 72 -19.69 -4.14 -9.08
CA SER A 72 -20.86 -3.29 -9.24
C SER A 72 -20.45 -1.82 -9.33
N SER A 73 -19.42 -1.46 -8.57
CA SER A 73 -18.95 -0.09 -8.56
C SER A 73 -18.16 0.37 -9.81
N ASP A 74 -17.81 -0.56 -10.73
CA ASP A 74 -17.07 -0.22 -11.95
C ASP A 74 -17.83 0.81 -12.76
N MSE A 75 -19.11 0.59 -12.97
CA MSE A 75 -19.84 1.55 -13.76
C MSE A 75 -19.75 2.93 -13.11
O MSE A 75 -19.65 3.94 -13.82
CB MSE A 75 -21.30 1.11 -13.91
CG MSE A 75 -22.23 2.28 -14.09
SE MSE A 75 -23.52 2.30 -12.69
CE MSE A 75 -24.82 1.26 -13.63
N GLU A 76 -19.80 3.00 -11.79
CA GLU A 76 -19.70 4.31 -11.13
C GLU A 76 -18.26 4.84 -11.21
N VAL A 77 -17.31 3.98 -11.42
CA VAL A 77 -15.98 4.54 -11.50
C VAL A 77 -15.95 5.26 -12.83
N VAL A 78 -16.52 4.60 -13.83
CA VAL A 78 -16.53 5.16 -15.18
C VAL A 78 -17.53 6.27 -15.36
N LEU A 79 -18.72 6.05 -14.78
CA LEU A 79 -19.81 7.02 -14.83
C LEU A 79 -19.44 8.42 -14.35
N GLY A 80 -18.54 8.48 -13.37
CA GLY A 80 -18.12 9.76 -12.85
C GLY A 80 -17.19 10.41 -13.87
N GLY A 81 -16.22 9.64 -14.37
CA GLY A 81 -15.28 10.18 -15.35
C GLY A 81 -16.02 10.92 -16.44
N ILE A 82 -16.91 10.20 -17.10
CA ILE A 82 -17.75 10.72 -18.14
C ILE A 82 -18.53 11.91 -17.59
N ALA A 83 -18.89 11.85 -16.32
CA ALA A 83 -19.66 12.93 -15.69
C ALA A 83 -18.92 14.26 -15.71
N SER A 84 -17.69 14.28 -15.23
CA SER A 84 -16.86 15.52 -15.26
C SER A 84 -16.72 16.07 -16.71
N LEU A 85 -16.76 15.16 -17.70
CA LEU A 85 -16.61 15.57 -19.10
C LEU A 85 -17.71 16.57 -19.46
N ASN A 86 -18.84 16.49 -18.79
CA ASN A 86 -19.90 17.48 -19.04
C ASN A 86 -19.36 18.84 -18.56
N ASP A 87 -18.79 18.89 -17.35
CA ASP A 87 -18.28 20.16 -16.85
C ASP A 87 -16.98 20.53 -17.55
N GLU A 88 -16.16 19.52 -17.86
CA GLU A 88 -14.91 19.80 -18.55
C GLU A 88 -15.24 20.36 -19.91
N ILE A 89 -16.21 19.76 -20.60
CA ILE A 89 -16.60 20.27 -21.90
C ILE A 89 -17.17 21.68 -21.76
N GLU A 90 -17.90 21.94 -20.67
CA GLU A 90 -18.42 23.29 -20.39
C GLU A 90 -17.26 24.28 -20.14
N TRP A 91 -16.25 23.82 -19.39
CA TRP A 91 -15.07 24.63 -19.10
C TRP A 91 -14.37 25.03 -20.44
N PHE A 92 -14.26 24.09 -21.38
CA PHE A 92 -13.60 24.43 -22.67
C PHE A 92 -14.34 25.58 -23.37
N LYS A 93 -15.65 25.60 -23.29
CA LYS A 93 -16.40 26.70 -23.95
C LYS A 93 -16.10 28.07 -23.32
N ARG A 94 -15.98 28.12 -21.99
CA ARG A 94 -15.65 29.38 -21.28
C ARG A 94 -14.27 29.87 -21.74
N GLU A 95 -13.30 28.96 -21.81
CA GLU A 95 -11.93 29.29 -22.24
C GLU A 95 -11.87 29.77 -23.67
N GLY A 96 -12.67 29.14 -24.52
CA GLY A 96 -12.70 29.51 -25.91
C GLY A 96 -13.09 30.96 -25.99
N SER A 97 -14.06 31.31 -25.18
CA SER A 97 -14.50 32.69 -25.21
C SER A 97 -13.56 33.75 -24.57
N LYS A 98 -12.97 33.43 -23.40
CA LYS A 98 -12.11 34.41 -22.74
C LYS A 98 -10.76 34.56 -23.42
N TRP A 99 -10.36 33.53 -24.18
CA TRP A 99 -9.10 33.54 -24.90
C TRP A 99 -9.24 33.82 -26.36
N ASP A 100 -10.46 34.20 -26.79
CA ASP A 100 -10.74 34.47 -28.16
C ASP A 100 -10.35 33.32 -29.09
N VAL A 101 -10.67 32.07 -28.73
CA VAL A 101 -10.37 30.90 -29.58
C VAL A 101 -11.68 30.41 -30.17
N ASP A 102 -11.75 30.34 -31.48
CA ASP A 102 -13.00 29.95 -32.13
C ASP A 102 -12.99 28.48 -32.52
N PHE A 103 -13.65 27.67 -31.71
CA PHE A 103 -13.70 26.24 -31.92
C PHE A 103 -14.31 25.85 -33.25
N SER A 104 -15.27 26.61 -33.75
CA SER A 104 -15.88 26.30 -35.03
C SER A 104 -14.83 26.55 -36.12
N THR A 105 -13.82 27.36 -35.80
CA THR A 105 -12.78 27.57 -36.80
C THR A 105 -11.45 26.89 -36.48
N VAL A 106 -11.46 25.84 -35.67
CA VAL A 106 -10.22 25.10 -35.39
C VAL A 106 -10.05 24.02 -36.45
N VAL A 107 -8.83 23.74 -36.90
CA VAL A 107 -8.67 22.70 -37.93
C VAL A 107 -8.09 21.43 -37.26
N PRO A 108 -8.89 20.33 -37.16
CA PRO A 108 -8.24 19.18 -36.49
C PRO A 108 -7.02 18.64 -37.24
N GLN A 109 -5.88 18.63 -36.56
CA GLN A 109 -4.66 18.17 -37.21
C GLN A 109 -4.45 16.64 -37.24
N ARG A 110 -3.52 16.15 -38.08
CA ARG A 110 -3.20 14.71 -38.27
C ARG A 110 -3.15 13.89 -36.98
N ALA A 111 -2.30 14.31 -36.03
CA ALA A 111 -2.18 13.59 -34.77
C ALA A 111 -3.53 13.68 -33.99
N ASN A 112 -4.47 14.52 -34.46
CA ASN A 112 -5.75 14.61 -33.79
C ASN A 112 -6.85 13.85 -34.59
N GLN A 113 -6.88 14.06 -35.89
CA GLN A 113 -7.87 13.36 -36.71
C GLN A 113 -7.63 11.86 -36.47
N GLU A 114 -6.35 11.49 -36.36
CA GLU A 114 -6.02 10.10 -36.14
C GLU A 114 -6.59 9.50 -34.86
N TYR A 115 -6.56 10.27 -33.78
CA TYR A 115 -7.05 9.89 -32.46
C TYR A 115 -8.55 9.78 -32.54
N GLY A 116 -9.11 10.45 -33.53
CA GLY A 116 -10.54 10.38 -33.66
C GLY A 116 -10.85 8.95 -34.11
N ARG A 117 -10.03 8.45 -35.03
CA ARG A 117 -10.19 7.13 -35.59
C ARG A 117 -9.82 6.03 -34.67
N PHE A 118 -8.74 6.20 -33.91
CA PHE A 118 -8.34 5.15 -32.98
C PHE A 118 -9.45 4.93 -31.89
N LEU A 119 -9.85 6.01 -31.20
CA LEU A 119 -10.91 5.85 -30.20
C LEU A 119 -12.07 5.06 -30.82
N GLU A 120 -12.31 5.26 -32.12
CA GLU A 120 -13.37 4.54 -32.78
C GLU A 120 -13.13 3.06 -32.81
N ASP A 121 -11.85 2.67 -32.90
CA ASP A 121 -11.49 1.25 -32.94
C ASP A 121 -11.63 0.62 -31.57
N LEU A 122 -12.16 1.38 -30.64
CA LEU A 122 -12.36 0.89 -29.29
C LEU A 122 -13.83 0.90 -28.98
N MSE A 123 -14.60 1.50 -29.87
CA MSE A 123 -16.01 1.56 -29.61
C MSE A 123 -16.78 0.28 -30.01
O MSE A 123 -17.95 0.08 -29.58
CB MSE A 123 -16.57 2.78 -30.29
CG MSE A 123 -16.03 4.06 -29.66
SE MSE A 123 -16.91 5.67 -30.32
CE MSE A 123 -18.70 5.12 -30.01
N SER A 124 -16.11 -0.58 -30.77
CA SER A 124 -16.69 -1.83 -31.28
C SER A 124 -16.79 -2.93 -30.24
N SER A 125 -17.88 -3.66 -30.31
CA SER A 125 -18.08 -4.75 -29.36
C SER A 125 -17.02 -5.83 -29.50
N GLU A 126 -16.28 -5.82 -30.61
CA GLU A 126 -15.27 -6.84 -30.79
C GLU A 126 -14.04 -6.75 -29.83
N VAL A 127 -13.79 -5.58 -29.26
CA VAL A 127 -12.67 -5.39 -28.36
C VAL A 127 -13.00 -5.79 -26.95
N LYS A 128 -12.05 -6.47 -26.33
CA LYS A 128 -12.22 -6.97 -24.97
C LYS A 128 -12.25 -5.89 -23.86
N TYR A 129 -13.18 -6.05 -22.93
CA TYR A 129 -13.34 -5.08 -21.87
C TYR A 129 -12.01 -4.66 -21.24
N PRO A 130 -11.14 -5.63 -20.87
CA PRO A 130 -9.83 -5.32 -20.24
C PRO A 130 -8.93 -4.43 -21.08
N VAL A 131 -9.07 -4.53 -22.40
CA VAL A 131 -8.27 -3.73 -23.30
C VAL A 131 -8.86 -2.33 -23.22
N ILE A 132 -10.17 -2.22 -23.45
CA ILE A 132 -10.89 -0.95 -23.38
C ILE A 132 -10.61 -0.21 -22.08
N MSE A 133 -10.73 -0.89 -20.95
CA MSE A 133 -10.45 -0.21 -19.68
C MSE A 133 -9.01 0.27 -19.58
O MSE A 133 -8.72 1.29 -18.94
CB MSE A 133 -10.71 -1.12 -18.49
CG MSE A 133 -12.14 -1.37 -18.23
SE MSE A 133 -13.17 0.17 -17.80
CE MSE A 133 -11.99 0.95 -16.49
N THR A 134 -8.10 -0.50 -20.18
CA THR A 134 -6.70 -0.11 -20.13
C THR A 134 -6.53 1.24 -20.89
N ALA A 135 -7.12 1.33 -22.08
CA ALA A 135 -7.07 2.58 -22.82
C ALA A 135 -7.70 3.73 -21.99
N PHE A 136 -8.93 3.54 -21.52
CA PHE A 136 -9.64 4.54 -20.75
C PHE A 136 -8.78 4.92 -19.55
N TRP A 137 -8.06 3.97 -18.96
CA TRP A 137 -7.24 4.36 -17.85
C TRP A 137 -6.06 5.20 -18.32
N ALA A 138 -5.24 4.62 -19.22
CA ALA A 138 -4.02 5.29 -19.70
C ALA A 138 -4.24 6.73 -20.12
N ILE A 139 -5.32 6.95 -20.83
CA ILE A 139 -5.68 8.26 -21.29
C ILE A 139 -5.89 9.23 -20.09
N GLU A 140 -6.41 8.72 -18.95
CA GLU A 140 -6.62 9.58 -17.77
C GLU A 140 -5.27 9.91 -17.15
N ALA A 141 -4.60 8.84 -16.77
CA ALA A 141 -3.30 8.85 -16.18
C ALA A 141 -2.31 9.78 -16.91
N VAL A 142 -2.24 9.73 -18.24
CA VAL A 142 -1.31 10.63 -18.94
C VAL A 142 -1.63 12.11 -18.69
N TYR A 143 -2.91 12.48 -18.77
CA TYR A 143 -3.20 13.88 -18.52
C TYR A 143 -3.02 14.24 -17.08
N GLN A 144 -3.21 13.26 -16.20
CA GLN A 144 -2.95 13.48 -14.79
C GLN A 144 -1.43 13.63 -14.60
N GLU A 145 -0.66 12.74 -15.22
CA GLU A 145 0.78 12.83 -15.07
C GLU A 145 1.30 14.10 -15.76
N SER A 146 0.73 14.45 -16.90
CA SER A 146 1.18 15.63 -17.60
C SER A 146 0.92 16.87 -16.73
N PHE A 147 -0.13 16.84 -15.92
CA PHE A 147 -0.46 17.97 -15.06
C PHE A 147 -0.11 17.96 -13.59
N ALA A 148 0.67 16.99 -13.11
CA ALA A 148 1.01 16.97 -11.71
C ALA A 148 2.17 17.98 -11.38
N HIS A 149 2.26 18.41 -10.12
CA HIS A 149 3.29 19.39 -9.69
C HIS A 149 3.10 20.79 -10.29
N CYS A 150 2.35 20.86 -11.38
CA CYS A 150 2.12 22.08 -12.10
C CYS A 150 1.89 23.30 -11.26
N LEU A 151 0.94 23.26 -10.35
CA LEU A 151 0.67 24.39 -9.51
C LEU A 151 1.96 24.87 -8.88
N GLU A 152 2.62 23.96 -8.17
CA GLU A 152 3.89 24.26 -7.51
C GLU A 152 4.92 24.81 -8.53
N ASP A 153 5.19 24.12 -9.63
CA ASP A 153 6.17 24.68 -10.58
C ASP A 153 5.58 25.89 -11.33
N GLY A 154 4.38 26.29 -10.88
CA GLY A 154 3.68 27.41 -11.50
C GLY A 154 4.14 28.76 -11.02
N ASN A 155 4.77 28.78 -9.86
CA ASN A 155 5.24 30.02 -9.29
C ASN A 155 6.75 30.14 -9.59
N LYS A 156 7.27 29.26 -10.45
CA LYS A 156 8.71 29.27 -10.84
C LYS A 156 8.84 29.77 -12.27
N THR A 157 7.75 30.32 -12.80
CA THR A 157 7.73 30.86 -14.13
C THR A 157 7.04 32.22 -14.13
N PRO A 158 7.59 33.17 -14.92
CA PRO A 158 7.23 34.57 -15.16
C PRO A 158 5.72 34.85 -15.12
N VAL A 159 4.99 34.24 -16.05
CA VAL A 159 3.55 34.41 -16.08
C VAL A 159 3.04 33.01 -16.19
N GLU A 160 2.23 32.59 -15.23
CA GLU A 160 1.72 31.25 -15.29
C GLU A 160 0.30 31.37 -15.76
N LEU A 161 -0.12 30.37 -16.54
CA LEU A 161 -1.46 30.27 -17.06
C LEU A 161 -1.95 29.11 -16.20
N THR A 162 -2.95 29.33 -15.35
CA THR A 162 -3.33 28.26 -14.40
C THR A 162 -4.65 27.58 -14.55
N GLY A 163 -5.50 28.06 -15.47
CA GLY A 163 -6.83 27.51 -15.62
C GLY A 163 -6.96 26.02 -15.92
N ALA A 164 -5.96 25.43 -16.57
CA ALA A 164 -6.02 24.00 -16.94
C ALA A 164 -5.48 23.17 -15.80
N CYS A 165 -4.28 23.54 -15.35
CA CYS A 165 -3.58 22.91 -14.25
C CYS A 165 -4.57 22.66 -13.10
N HIS A 166 -5.55 23.54 -12.91
CA HIS A 166 -6.55 23.32 -11.84
C HIS A 166 -7.56 22.21 -12.20
N ARG A 167 -7.90 22.10 -13.49
CA ARG A 167 -8.90 21.14 -13.98
C ARG A 167 -8.37 19.70 -14.02
N TRP A 168 -7.09 19.54 -14.33
CA TRP A 168 -6.53 18.18 -14.38
C TRP A 168 -5.50 17.99 -13.27
N GLY A 169 -5.28 19.00 -12.43
CA GLY A 169 -4.33 18.86 -11.35
C GLY A 169 -4.92 18.83 -9.93
N ASN A 170 -6.24 18.79 -9.80
CA ASN A 170 -6.81 18.82 -8.46
C ASN A 170 -6.80 17.44 -7.84
N ASP A 171 -7.02 17.38 -6.54
CA ASP A 171 -6.98 16.11 -5.85
C ASP A 171 -8.16 15.19 -6.15
N GLY A 172 -9.24 15.77 -6.68
CA GLY A 172 -10.40 14.98 -7.04
C GLY A 172 -10.10 14.16 -8.29
N PHE A 173 -9.43 14.76 -9.27
CA PHE A 173 -9.12 14.02 -10.50
C PHE A 173 -8.04 12.93 -10.22
N LYS A 174 -7.09 13.24 -9.33
CA LYS A 174 -6.05 12.25 -8.98
C LYS A 174 -6.67 10.92 -8.46
N GLN A 175 -7.66 11.03 -7.59
CA GLN A 175 -8.26 9.84 -7.04
C GLN A 175 -9.34 9.31 -7.98
N TYR A 176 -9.77 10.13 -8.92
CA TYR A 176 -10.73 9.61 -9.88
C TYR A 176 -9.90 8.72 -10.78
N CYS A 177 -8.87 9.28 -11.41
CA CYS A 177 -8.01 8.47 -12.26
C CYS A 177 -7.64 7.25 -11.50
N SER A 178 -7.64 7.36 -10.17
CA SER A 178 -7.28 6.21 -9.37
C SER A 178 -8.38 5.14 -9.30
N SER A 179 -9.61 5.53 -9.00
CA SER A 179 -10.68 4.53 -8.97
C SER A 179 -10.68 3.83 -10.34
N VAL A 180 -10.31 4.58 -11.39
CA VAL A 180 -10.29 3.99 -12.71
C VAL A 180 -9.13 3.01 -12.74
N LYS A 181 -7.94 3.41 -12.31
CA LYS A 181 -6.81 2.47 -12.26
C LYS A 181 -7.14 1.21 -11.43
N ASN A 182 -7.78 1.36 -10.29
CA ASN A 182 -8.07 0.17 -9.49
C ASN A 182 -8.80 -0.89 -10.34
N ILE A 183 -9.73 -0.46 -11.19
CA ILE A 183 -10.46 -1.38 -12.07
C ILE A 183 -9.51 -2.01 -13.09
N ALA A 184 -8.86 -1.18 -13.90
CA ALA A 184 -7.95 -1.71 -14.91
C ALA A 184 -7.08 -2.81 -14.31
N GLU A 185 -6.42 -2.48 -13.22
CA GLU A 185 -5.51 -3.43 -12.59
C GLU A 185 -6.15 -4.77 -12.23
N ARG A 186 -7.43 -4.73 -11.85
CA ARG A 186 -8.17 -5.95 -11.46
C ARG A 186 -8.57 -6.78 -12.66
N CYS A 187 -8.75 -6.12 -13.80
CA CYS A 187 -9.12 -6.83 -15.03
C CYS A 187 -7.92 -7.53 -15.68
N LEU A 188 -6.82 -6.80 -15.79
CA LEU A 188 -5.64 -7.33 -16.43
C LEU A 188 -5.20 -8.57 -15.68
N GLU A 189 -5.60 -8.61 -14.42
CA GLU A 189 -5.29 -9.74 -13.56
C GLU A 189 -6.24 -10.92 -13.80
N ASN A 190 -6.38 -11.36 -15.04
CA ASN A 190 -7.25 -12.49 -15.39
C ASN A 190 -7.17 -12.72 -16.90
N ALA A 191 -6.76 -11.69 -17.62
CA ALA A 191 -6.62 -11.74 -19.07
C ALA A 191 -5.71 -12.91 -19.58
N SER A 192 -6.21 -13.73 -20.51
CA SER A 192 -5.38 -14.81 -21.02
C SER A 192 -4.50 -14.37 -22.16
N GLY A 193 -3.26 -14.85 -22.15
CA GLY A 193 -2.28 -14.54 -23.16
C GLY A 193 -2.80 -13.77 -24.36
N GLU A 194 -3.96 -14.14 -24.87
CA GLU A 194 -4.49 -13.42 -26.00
C GLU A 194 -4.81 -11.97 -25.62
N VAL A 195 -5.74 -11.77 -24.68
CA VAL A 195 -6.17 -10.44 -24.25
C VAL A 195 -5.09 -9.54 -23.60
N LEU A 196 -4.27 -10.11 -22.72
CA LEU A 196 -3.23 -9.31 -22.07
C LEU A 196 -2.37 -8.70 -23.17
N GLY A 197 -1.85 -9.58 -24.03
CA GLY A 197 -1.02 -9.09 -25.12
C GLY A 197 -1.72 -7.93 -25.81
N GLU A 198 -2.99 -8.11 -26.12
CA GLU A 198 -3.80 -7.07 -26.78
C GLU A 198 -3.83 -5.72 -26.01
N ALA A 199 -3.75 -5.84 -24.68
CA ALA A 199 -3.76 -4.70 -23.78
C ALA A 199 -2.45 -3.92 -23.77
N GLU A 200 -1.32 -4.59 -23.48
CA GLU A 200 -0.07 -3.87 -23.40
C GLU A 200 0.17 -3.15 -24.73
N ASP A 201 -0.18 -3.79 -25.84
CA ASP A 201 0.04 -3.13 -27.12
C ASP A 201 -0.77 -1.87 -27.09
N VAL A 202 -1.84 -1.87 -26.31
CA VAL A 202 -2.68 -0.69 -26.23
C VAL A 202 -2.12 0.37 -25.24
N LEU A 203 -1.60 -0.02 -24.08
CA LEU A 203 -1.03 0.97 -23.17
C LEU A 203 0.07 1.77 -23.89
N VAL A 204 1.00 1.03 -24.49
CA VAL A 204 2.13 1.59 -25.21
C VAL A 204 1.61 2.33 -26.40
N ARG A 205 0.44 1.93 -26.88
CA ARG A 205 -0.20 2.59 -28.02
C ARG A 205 -0.93 3.92 -27.66
N VAL A 206 -1.44 4.04 -26.44
CA VAL A 206 -2.04 5.29 -26.07
C VAL A 206 -0.85 6.30 -25.96
N LEU A 207 0.29 5.86 -25.43
CA LEU A 207 1.41 6.78 -25.25
C LEU A 207 1.87 7.32 -26.62
N GLU A 208 1.91 6.47 -27.63
CA GLU A 208 2.33 6.91 -28.97
C GLU A 208 1.53 8.08 -29.50
N LEU A 209 0.21 8.00 -29.36
CA LEU A 209 -0.69 9.08 -29.79
C LEU A 209 -0.54 10.33 -28.90
N GLU A 210 -0.38 10.15 -27.58
CA GLU A 210 -0.22 11.28 -26.67
C GLU A 210 1.05 12.05 -27.07
N VAL A 211 2.10 11.33 -27.49
CA VAL A 211 3.36 11.98 -27.93
C VAL A 211 3.17 12.79 -29.23
N ALA A 212 2.57 12.17 -30.23
CA ALA A 212 2.35 12.83 -31.52
C ALA A 212 1.24 13.91 -31.46
N PHE A 213 0.52 13.98 -30.33
CA PHE A 213 -0.56 14.95 -30.08
C PHE A 213 0.13 16.16 -29.44
N TRP A 214 0.94 15.83 -28.44
CA TRP A 214 1.72 16.79 -27.68
C TRP A 214 2.63 17.68 -28.58
N GLU A 215 3.12 17.12 -29.69
CA GLU A 215 3.97 17.85 -30.61
C GLU A 215 3.24 18.93 -31.33
N MSE A 216 1.93 18.76 -31.59
CA MSE A 216 1.23 19.82 -32.31
C MSE A 216 1.53 21.16 -31.64
O MSE A 216 2.02 22.10 -32.28
CB MSE A 216 -0.27 19.62 -32.38
CG MSE A 216 -0.67 18.37 -33.08
SE MSE A 216 -2.62 18.22 -33.16
CE MSE A 216 -2.99 17.89 -31.25
N SER A 217 1.29 21.26 -30.34
CA SER A 217 1.50 22.52 -29.68
C SER A 217 2.85 22.83 -29.05
N ARG A 218 3.84 21.94 -29.12
CA ARG A 218 5.17 22.20 -28.53
C ARG A 218 5.69 23.69 -28.49
N GLY A 219 6.44 24.02 -27.43
CA GLY A 219 7.01 25.34 -27.28
C GLY A 219 8.25 25.24 -26.41
N ARG B 4 -4.90 2.45 5.61
CA ARG B 4 -4.84 1.15 6.38
C ARG B 4 -3.94 0.13 5.67
N GLY B 5 -2.74 -0.13 6.22
CA GLY B 5 -1.79 -1.06 5.64
C GLY B 5 -2.10 -2.56 5.71
N VAL B 6 -1.17 -3.38 5.20
CA VAL B 6 -1.35 -4.84 5.17
C VAL B 6 -1.74 -5.36 6.56
N ILE B 7 -0.81 -5.24 7.50
CA ILE B 7 -1.07 -5.70 8.83
C ILE B 7 -2.34 -5.14 9.44
N ASP B 8 -2.56 -3.85 9.22
CA ASP B 8 -3.74 -3.19 9.73
C ASP B 8 -5.00 -3.87 9.21
N THR B 9 -4.89 -4.58 8.09
CA THR B 9 -6.05 -5.31 7.53
C THR B 9 -6.16 -6.69 8.16
N TRP B 10 -5.01 -7.30 8.47
CA TRP B 10 -5.02 -8.61 9.13
C TRP B 10 -5.49 -8.51 10.60
N ILE B 11 -5.17 -7.40 11.26
CA ILE B 11 -5.58 -7.20 12.63
C ILE B 11 -7.11 -7.15 12.60
N ASP B 12 -7.68 -6.42 11.64
CA ASP B 12 -9.13 -6.34 11.53
C ASP B 12 -9.77 -7.74 11.27
N LYS B 13 -9.34 -8.44 10.22
CA LYS B 13 -9.87 -9.79 9.88
C LYS B 13 -10.05 -10.78 11.05
N HIS B 14 -9.01 -10.96 11.87
CA HIS B 14 -9.06 -11.90 13.01
C HIS B 14 -9.21 -11.13 14.31
N ARG B 15 -10.11 -10.14 14.34
CA ARG B 15 -10.26 -9.32 15.52
C ARG B 15 -10.61 -9.99 16.84
N SER B 16 -11.22 -11.17 16.85
CA SER B 16 -11.55 -11.73 18.16
C SER B 16 -10.32 -12.45 18.70
N ILE B 17 -9.62 -13.16 17.80
CA ILE B 17 -8.44 -13.88 18.21
C ILE B 17 -7.38 -12.88 18.67
N TYR B 18 -7.36 -11.66 18.12
CA TYR B 18 -6.34 -10.70 18.54
C TYR B 18 -6.64 -10.21 19.97
N THR B 19 -7.92 -9.92 20.21
CA THR B 19 -8.35 -9.45 21.54
C THR B 19 -8.18 -10.63 22.53
N ALA B 20 -8.48 -11.83 22.08
CA ALA B 20 -8.32 -12.98 22.96
C ALA B 20 -6.84 -13.07 23.40
N ALA B 21 -5.92 -12.79 22.50
CA ALA B 21 -4.50 -12.92 22.84
C ALA B 21 -3.97 -11.81 23.72
N THR B 22 -4.60 -10.63 23.63
CA THR B 22 -4.11 -9.52 24.40
C THR B 22 -4.95 -9.15 25.64
N ARG B 23 -6.12 -9.79 25.82
CA ARG B 23 -7.04 -9.60 26.98
C ARG B 23 -7.46 -10.97 27.50
N HIS B 24 -6.48 -11.88 27.58
CA HIS B 24 -6.74 -13.20 28.07
C HIS B 24 -6.94 -13.14 29.58
N ALA B 25 -7.73 -14.09 30.08
CA ALA B 25 -8.05 -14.19 31.52
C ALA B 25 -6.79 -14.15 32.39
N PHE B 26 -5.64 -14.51 31.85
CA PHE B 26 -4.46 -14.41 32.71
C PHE B 26 -4.10 -12.94 32.84
N VAL B 27 -4.20 -12.18 31.74
CA VAL B 27 -3.84 -10.76 31.77
C VAL B 27 -4.97 -10.02 32.47
N VAL B 28 -6.10 -10.70 32.65
CA VAL B 28 -7.22 -10.13 33.38
C VAL B 28 -6.81 -10.22 34.84
N SER B 29 -6.35 -11.40 35.27
CA SER B 29 -5.93 -11.65 36.66
C SER B 29 -4.76 -10.82 37.17
N ILE B 30 -3.92 -10.33 36.25
CA ILE B 30 -2.79 -9.49 36.62
C ILE B 30 -3.37 -8.08 36.86
N ARG B 31 -4.45 -7.75 36.16
CA ARG B 31 -5.04 -6.43 36.34
C ARG B 31 -5.82 -6.32 37.67
N ASP B 32 -6.91 -7.09 37.83
CA ASP B 32 -7.69 -7.05 39.06
C ASP B 32 -6.90 -7.44 40.36
N GLY B 33 -5.76 -8.09 40.16
CA GLY B 33 -4.93 -8.48 41.28
C GLY B 33 -5.39 -9.82 41.80
N SER B 34 -6.13 -10.56 40.99
CA SER B 34 -6.58 -11.87 41.46
C SER B 34 -5.63 -13.04 41.10
N VAL B 35 -4.70 -12.82 40.17
CA VAL B 35 -3.76 -13.86 39.80
C VAL B 35 -3.10 -14.37 41.09
N ASP B 36 -3.18 -15.66 41.39
CA ASP B 36 -2.51 -16.10 42.61
C ASP B 36 -1.02 -16.46 42.39
N LEU B 37 -0.27 -16.70 43.45
CA LEU B 37 1.16 -16.97 43.25
C LEU B 37 1.41 -18.29 42.47
N SER B 38 0.37 -19.09 42.29
CA SER B 38 0.57 -20.31 41.51
C SER B 38 0.52 -19.92 40.05
N SER B 39 -0.46 -19.12 39.67
CA SER B 39 -0.58 -18.65 38.28
C SER B 39 0.67 -17.77 37.94
N PHE B 40 1.08 -16.94 38.88
CA PHE B 40 2.24 -16.08 38.65
C PHE B 40 3.53 -16.91 38.55
N ARG B 41 3.90 -17.67 39.59
CA ARG B 41 5.12 -18.47 39.51
C ARG B 41 5.19 -19.32 38.25
N THR B 42 4.05 -19.85 37.80
CA THR B 42 4.01 -20.68 36.62
C THR B 42 4.44 -19.84 35.40
N TRP B 43 3.80 -18.69 35.23
CA TRP B 43 4.16 -17.83 34.14
C TRP B 43 5.68 -17.47 34.19
N LEU B 44 6.21 -17.17 35.37
CA LEU B 44 7.62 -16.81 35.51
C LEU B 44 8.61 -17.90 35.05
N GLY B 45 8.35 -19.14 35.46
CA GLY B 45 9.26 -20.24 35.11
C GLY B 45 9.09 -20.69 33.67
N GLN B 46 7.84 -20.74 33.22
CA GLN B 46 7.60 -21.20 31.84
C GLN B 46 8.10 -20.15 30.87
N ASP B 47 7.85 -18.86 31.14
CA ASP B 47 8.33 -17.80 30.23
C ASP B 47 9.83 -17.75 30.20
N TYR B 48 10.47 -18.28 31.24
CA TYR B 48 11.91 -18.32 31.20
C TYR B 48 12.38 -19.25 30.05
N LEU B 49 11.76 -20.41 29.90
CA LEU B 49 12.14 -21.34 28.83
C LEU B 49 11.79 -20.72 27.49
N PHE B 50 10.66 -20.05 27.44
CA PHE B 50 10.25 -19.41 26.23
C PHE B 50 11.32 -18.33 25.88
N VAL B 51 11.59 -17.42 26.79
CA VAL B 51 12.60 -16.40 26.47
C VAL B 51 13.92 -17.07 26.03
N ARG B 52 14.40 -18.11 26.72
CA ARG B 52 15.64 -18.75 26.30
C ARG B 52 15.52 -19.29 24.87
N ARG B 53 14.31 -19.69 24.48
CA ARG B 53 14.14 -20.18 23.12
C ARG B 53 14.04 -18.95 22.18
N PHE B 54 13.38 -17.91 22.63
CA PHE B 54 13.21 -16.69 21.84
C PHE B 54 14.58 -16.10 21.40
N VAL B 55 15.56 -16.07 22.31
CA VAL B 55 16.92 -15.58 22.04
C VAL B 55 17.49 -16.02 20.65
N PRO B 56 17.65 -17.36 20.41
CA PRO B 56 18.17 -17.76 19.09
C PRO B 56 17.21 -17.50 17.94
N PHE B 57 15.94 -17.28 18.25
CA PHE B 57 14.98 -16.94 17.19
C PHE B 57 15.33 -15.49 16.74
N VAL B 58 15.48 -14.59 17.70
CA VAL B 58 15.81 -13.22 17.35
C VAL B 58 17.22 -13.24 16.68
N ALA B 59 18.12 -14.02 17.24
CA ALA B 59 19.46 -14.12 16.66
C ALA B 59 19.40 -14.48 15.16
N SER B 60 18.57 -15.46 14.79
CA SER B 60 18.53 -15.82 13.37
C SER B 60 17.85 -14.72 12.54
N VAL B 61 17.01 -13.88 13.14
CA VAL B 61 16.36 -12.81 12.37
C VAL B 61 17.42 -11.72 12.11
N LEU B 62 18.17 -11.37 13.15
CA LEU B 62 19.20 -10.35 13.11
C LEU B 62 20.16 -10.62 11.93
N ILE B 63 20.50 -11.90 11.76
CA ILE B 63 21.37 -12.36 10.69
C ILE B 63 20.58 -12.02 9.45
N ARG B 64 19.48 -12.75 9.18
CA ARG B 64 18.67 -12.46 8.00
C ARG B 64 18.59 -10.96 7.68
N ALA B 65 18.43 -10.13 8.70
CA ALA B 65 18.31 -8.69 8.47
C ALA B 65 19.52 -8.21 7.65
N CYS B 66 20.72 -8.57 8.09
CA CYS B 66 21.96 -8.21 7.40
C CYS B 66 22.02 -8.84 6.00
N LYS B 67 22.19 -10.15 5.97
CA LYS B 67 22.27 -10.89 4.72
C LYS B 67 21.11 -10.57 3.80
N ASP B 68 19.91 -10.41 4.35
CA ASP B 68 18.71 -10.21 3.53
C ASP B 68 17.73 -9.09 3.92
N SER B 69 17.82 -7.97 3.20
CA SER B 69 16.96 -6.81 3.41
C SER B 69 17.42 -5.70 2.45
N GLY B 70 16.46 -4.90 2.00
CA GLY B 70 16.80 -3.79 1.12
C GLY B 70 17.04 -2.57 1.98
N GLU B 71 17.22 -2.77 3.30
CA GLU B 71 17.49 -1.69 4.27
C GLU B 71 18.59 -2.15 5.25
N SER B 72 19.75 -1.47 5.17
CA SER B 72 20.94 -1.78 5.97
C SER B 72 20.79 -1.75 7.48
N SER B 73 19.92 -0.91 8.00
CA SER B 73 19.79 -0.87 9.44
C SER B 73 18.60 -1.62 10.10
N ASP B 74 18.64 -2.97 10.00
CA ASP B 74 17.67 -3.91 10.65
C ASP B 74 18.49 -4.61 11.75
N MSE B 75 19.79 -4.71 11.47
CA MSE B 75 20.71 -5.30 12.39
C MSE B 75 20.46 -4.63 13.72
O MSE B 75 20.07 -5.30 14.65
CB MSE B 75 22.15 -5.05 11.93
CG MSE B 75 23.15 -5.31 13.05
SE MSE B 75 24.82 -4.44 12.80
CE MSE B 75 24.28 -2.67 13.36
N GLU B 76 20.68 -3.30 13.79
CA GLU B 76 20.50 -2.48 14.99
C GLU B 76 19.13 -2.57 15.67
N VAL B 77 18.08 -2.45 14.86
CA VAL B 77 16.71 -2.56 15.39
C VAL B 77 16.60 -3.98 16.04
N VAL B 78 17.07 -4.98 15.33
CA VAL B 78 16.99 -6.34 15.85
C VAL B 78 18.06 -6.56 16.97
N LEU B 79 19.23 -5.96 16.83
CA LEU B 79 20.30 -6.12 17.82
C LEU B 79 20.00 -5.45 19.20
N GLY B 80 19.43 -4.25 19.18
CA GLY B 80 19.14 -3.57 20.44
C GLY B 80 18.12 -4.36 21.24
N GLY B 81 17.50 -5.30 20.54
CA GLY B 81 16.45 -6.14 21.11
C GLY B 81 16.83 -7.54 21.47
N ILE B 82 18.01 -8.01 21.07
CA ILE B 82 18.37 -9.33 21.50
C ILE B 82 19.26 -9.09 22.74
N ALA B 83 19.87 -7.90 22.77
CA ALA B 83 20.77 -7.44 23.83
C ALA B 83 20.05 -7.42 25.18
N SER B 84 18.97 -6.65 25.17
CA SER B 84 18.16 -6.53 26.36
C SER B 84 17.98 -7.94 26.93
N LEU B 85 17.79 -8.90 26.03
CA LEU B 85 17.57 -10.27 26.48
C LEU B 85 18.62 -10.79 27.49
N ASN B 86 19.89 -10.36 27.42
CA ASN B 86 20.82 -10.86 28.45
C ASN B 86 20.43 -10.18 29.76
N ASP B 87 19.66 -9.11 29.66
CA ASP B 87 19.22 -8.35 30.82
C ASP B 87 17.88 -8.85 31.31
N GLU B 88 16.96 -9.02 30.36
CA GLU B 88 15.65 -9.54 30.68
C GLU B 88 15.87 -10.90 31.30
N ILE B 89 16.82 -11.64 30.77
CA ILE B 89 17.14 -12.94 31.36
C ILE B 89 17.66 -12.64 32.78
N GLU B 90 18.68 -11.79 32.90
CA GLU B 90 19.25 -11.47 34.22
C GLU B 90 18.21 -10.95 35.21
N TRP B 91 17.03 -10.59 34.68
CA TRP B 91 15.94 -10.18 35.53
C TRP B 91 15.18 -11.50 35.90
N PHE B 92 15.18 -12.50 35.03
CA PHE B 92 14.48 -13.77 35.36
C PHE B 92 15.20 -14.51 36.47
N LYS B 93 16.52 -14.53 36.32
CA LYS B 93 17.34 -15.18 37.29
C LYS B 93 17.13 -14.55 38.65
N ARG B 94 17.01 -13.23 38.67
CA ARG B 94 16.77 -12.52 39.92
C ARG B 94 15.37 -12.93 40.39
N GLU B 95 14.46 -13.20 39.46
CA GLU B 95 13.10 -13.56 39.89
C GLU B 95 13.03 -14.93 40.48
N GLY B 96 13.59 -15.91 39.78
CA GLY B 96 13.54 -17.26 40.30
C GLY B 96 13.76 -17.38 41.81
N SER B 97 14.77 -16.67 42.29
CA SER B 97 15.16 -16.67 43.70
C SER B 97 14.28 -15.84 44.60
N LYS B 98 14.12 -14.57 44.27
CA LYS B 98 13.24 -13.71 45.04
C LYS B 98 11.94 -14.48 45.26
N TRP B 99 11.59 -15.37 44.34
CA TRP B 99 10.35 -16.11 44.51
C TRP B 99 10.48 -17.61 44.52
N ASP B 100 11.69 -18.09 44.80
CA ASP B 100 11.95 -19.52 44.92
C ASP B 100 11.81 -20.36 43.68
N VAL B 101 11.45 -19.72 42.54
CA VAL B 101 11.30 -20.44 41.32
C VAL B 101 12.70 -20.77 40.80
N ASP B 102 12.95 -22.06 40.67
CA ASP B 102 14.21 -22.60 40.18
C ASP B 102 13.97 -22.96 38.72
N PHE B 103 14.64 -22.26 37.84
CA PHE B 103 14.43 -22.53 36.41
C PHE B 103 15.00 -23.89 35.95
N SER B 104 15.95 -24.43 36.70
CA SER B 104 16.54 -25.70 36.36
C SER B 104 15.55 -26.83 36.63
N THR B 105 14.64 -26.63 37.58
CA THR B 105 13.65 -27.67 37.84
C THR B 105 12.35 -27.48 37.03
N VAL B 106 12.06 -26.26 36.57
CA VAL B 106 10.84 -26.07 35.78
C VAL B 106 10.69 -27.11 34.69
N VAL B 107 9.57 -27.82 34.69
CA VAL B 107 9.28 -28.83 33.68
C VAL B 107 8.58 -28.11 32.52
N PRO B 108 9.12 -28.18 31.30
CA PRO B 108 8.34 -27.43 30.30
C PRO B 108 7.07 -28.16 29.91
N GLN B 109 5.99 -27.38 29.84
CA GLN B 109 4.73 -27.93 29.48
C GLN B 109 4.54 -27.86 27.98
N ARG B 110 3.56 -28.65 27.54
CA ARG B 110 3.24 -28.76 26.17
C ARG B 110 3.01 -27.41 25.47
N ALA B 111 2.30 -26.44 26.08
CA ALA B 111 2.05 -25.15 25.39
C ALA B 111 3.38 -24.40 25.16
N ASN B 112 4.35 -24.69 26.02
CA ASN B 112 5.68 -24.11 26.00
C ASN B 112 6.58 -24.89 25.02
N GLN B 113 6.46 -26.22 25.02
CA GLN B 113 7.25 -27.02 24.10
C GLN B 113 6.80 -26.76 22.65
N GLU B 114 5.49 -26.62 22.45
CA GLU B 114 4.98 -26.36 21.10
C GLU B 114 5.45 -24.99 20.59
N TYR B 115 5.53 -24.02 21.50
CA TYR B 115 5.97 -22.66 21.14
C TYR B 115 7.41 -22.70 20.66
N GLY B 116 8.20 -23.50 21.35
CA GLY B 116 9.60 -23.64 21.04
C GLY B 116 9.79 -24.19 19.63
N ARG B 117 8.94 -25.14 19.22
CA ARG B 117 9.13 -25.74 17.88
C ARG B 117 8.64 -24.87 16.77
N PHE B 118 7.65 -24.03 17.06
CA PHE B 118 7.15 -23.09 16.08
C PHE B 118 8.31 -22.09 15.84
N LEU B 119 8.93 -21.63 16.92
CA LEU B 119 10.07 -20.72 16.78
C LEU B 119 11.16 -21.41 15.94
N GLU B 120 11.34 -22.71 16.17
CA GLU B 120 12.35 -23.41 15.40
C GLU B 120 11.92 -23.51 13.93
N ASP B 121 10.65 -23.76 13.70
CA ASP B 121 10.16 -23.88 12.34
C ASP B 121 10.39 -22.58 11.56
N LEU B 122 10.19 -21.41 12.16
CA LEU B 122 10.37 -20.14 11.42
C LEU B 122 11.82 -19.74 11.20
N MSE B 123 12.75 -20.45 11.85
CA MSE B 123 14.14 -20.15 11.70
C MSE B 123 14.68 -20.80 10.40
O MSE B 123 15.68 -20.36 9.84
CB MSE B 123 14.89 -20.61 12.94
CG MSE B 123 14.53 -19.74 14.13
SE MSE B 123 15.25 -20.47 15.72
CE MSE B 123 17.18 -20.38 15.39
N SER B 124 13.99 -21.83 9.96
CA SER B 124 14.26 -22.58 8.73
C SER B 124 14.79 -21.66 7.64
N SER B 125 15.69 -22.14 6.78
CA SER B 125 16.26 -21.27 5.73
C SER B 125 15.24 -20.84 4.65
N GLU B 126 14.13 -21.57 4.53
CA GLU B 126 13.09 -21.22 3.52
C GLU B 126 12.02 -20.16 3.93
N VAL B 127 12.11 -19.61 5.15
CA VAL B 127 11.11 -18.63 5.52
C VAL B 127 11.30 -17.26 4.86
N LYS B 128 10.34 -16.81 4.08
CA LYS B 128 10.44 -15.53 3.43
C LYS B 128 10.48 -14.42 4.48
N TYR B 129 11.33 -13.46 4.17
CA TYR B 129 11.55 -12.31 4.96
C TYR B 129 10.31 -11.55 5.49
N PRO B 130 9.28 -11.33 4.66
CA PRO B 130 8.15 -10.60 5.24
C PRO B 130 7.38 -11.41 6.29
N VAL B 131 7.44 -12.73 6.14
CA VAL B 131 6.81 -13.65 7.07
C VAL B 131 7.56 -13.67 8.40
N ILE B 132 8.90 -13.78 8.37
CA ILE B 132 9.61 -13.79 9.65
C ILE B 132 9.31 -12.45 10.36
N MSE B 133 9.32 -11.34 9.62
CA MSE B 133 9.07 -10.07 10.28
C MSE B 133 7.64 -9.98 10.82
O MSE B 133 7.39 -9.31 11.84
CB MSE B 133 9.38 -8.90 9.33
CG MSE B 133 10.85 -8.64 9.05
SE MSE B 133 12.06 -8.35 10.53
CE MSE B 133 11.00 -7.11 11.50
N THR B 134 6.68 -10.63 10.15
CA THR B 134 5.34 -10.60 10.71
C THR B 134 5.39 -11.30 12.07
N ALA B 135 5.91 -12.51 12.10
CA ALA B 135 6.01 -13.24 13.33
C ALA B 135 6.78 -12.49 14.44
N PHE B 136 7.85 -11.76 14.08
CA PHE B 136 8.65 -11.01 15.05
C PHE B 136 7.82 -9.84 15.66
N TRP B 137 7.12 -9.07 14.81
CA TRP B 137 6.28 -7.99 15.30
C TRP B 137 5.12 -8.39 16.25
N ALA B 138 4.33 -9.36 15.80
CA ALA B 138 3.16 -9.85 16.52
C ALA B 138 3.50 -10.40 17.91
N ILE B 139 4.61 -11.12 18.01
CA ILE B 139 4.99 -11.70 19.28
C ILE B 139 5.27 -10.53 20.24
N GLU B 140 5.83 -9.45 19.72
CA GLU B 140 6.13 -8.32 20.59
C GLU B 140 4.87 -7.57 20.87
N ALA B 141 4.10 -7.37 19.80
CA ALA B 141 2.85 -6.61 19.94
C ALA B 141 1.81 -7.20 20.91
N VAL B 142 1.81 -8.53 21.08
CA VAL B 142 0.85 -9.13 21.99
C VAL B 142 1.29 -8.78 23.41
N TYR B 143 2.60 -8.82 23.72
CA TYR B 143 2.97 -8.43 25.07
C TYR B 143 2.85 -6.92 25.29
N GLN B 144 3.15 -6.12 24.28
CA GLN B 144 2.98 -4.66 24.39
C GLN B 144 1.49 -4.41 24.70
N GLU B 145 0.56 -5.11 24.05
CA GLU B 145 -0.84 -4.89 24.42
C GLU B 145 -1.22 -5.44 25.83
N SER B 146 -0.81 -6.68 26.15
CA SER B 146 -1.11 -7.27 27.48
C SER B 146 -0.64 -6.35 28.61
N PHE B 147 0.46 -5.65 28.37
CA PHE B 147 0.99 -4.76 29.41
C PHE B 147 0.64 -3.27 29.34
N ALA B 148 0.47 -2.73 28.14
CA ALA B 148 0.18 -1.31 27.91
C ALA B 148 -0.56 -0.67 29.06
N HIS B 149 -0.20 0.57 29.41
CA HIS B 149 -0.86 1.28 30.51
C HIS B 149 -0.53 0.73 31.95
N CYS B 150 0.65 0.11 32.06
CA CYS B 150 1.12 -0.41 33.33
C CYS B 150 2.60 -0.81 33.20
N LYS B 156 -4.69 -2.59 39.52
CA LYS B 156 -4.43 -3.57 40.59
C LYS B 156 -3.38 -4.65 40.28
N THR B 157 -2.31 -4.28 39.57
CA THR B 157 -1.23 -5.24 39.24
C THR B 157 -0.64 -5.72 40.55
N PRO B 158 -0.50 -7.05 40.71
CA PRO B 158 0.08 -7.60 41.96
C PRO B 158 1.58 -7.27 42.13
N VAL B 159 2.05 -7.28 43.38
CA VAL B 159 3.44 -6.91 43.68
C VAL B 159 4.49 -7.62 42.87
N GLU B 160 4.51 -8.96 42.95
CA GLU B 160 5.46 -9.76 42.19
C GLU B 160 5.38 -9.46 40.70
N LEU B 161 4.29 -8.81 40.27
CA LEU B 161 4.11 -8.51 38.84
C LEU B 161 4.28 -7.08 38.38
N THR B 162 4.28 -6.13 39.31
CA THR B 162 4.45 -4.75 38.86
C THR B 162 5.76 -4.56 38.03
N GLY B 163 6.72 -5.47 38.17
CA GLY B 163 7.94 -5.36 37.37
C GLY B 163 7.68 -5.72 35.91
N ALA B 164 6.94 -6.80 35.70
CA ALA B 164 6.63 -7.23 34.35
C ALA B 164 5.88 -6.07 33.65
N CYS B 165 5.04 -5.39 34.44
CA CYS B 165 4.25 -4.23 33.99
C CYS B 165 5.09 -3.11 33.38
N HIS B 166 6.22 -2.83 34.01
CA HIS B 166 7.10 -1.77 33.54
C HIS B 166 7.79 -2.13 32.24
N ARG B 167 8.26 -3.38 32.16
CA ARG B 167 8.97 -3.94 30.98
C ARG B 167 8.21 -3.69 29.70
N TRP B 168 6.97 -4.18 29.65
CA TRP B 168 6.19 -4.09 28.42
C TRP B 168 5.11 -3.02 28.29
N GLY B 169 4.76 -2.34 29.38
CA GLY B 169 3.75 -1.31 29.31
C GLY B 169 4.20 0.16 29.30
N ASN B 170 5.45 0.47 28.90
CA ASN B 170 5.87 1.87 28.85
C ASN B 170 6.03 2.32 27.39
N ASP B 171 6.30 3.61 27.18
CA ASP B 171 6.46 4.04 25.80
C ASP B 171 7.74 3.51 25.19
N GLY B 172 8.69 3.12 26.01
CA GLY B 172 9.94 2.62 25.46
C GLY B 172 9.70 1.30 24.71
N PHE B 173 8.84 0.42 25.26
CA PHE B 173 8.58 -0.86 24.58
C PHE B 173 7.63 -0.58 23.44
N LYS B 174 6.63 0.26 23.71
CA LYS B 174 5.69 0.63 22.66
C LYS B 174 6.43 1.14 21.43
N GLN B 175 7.52 1.90 21.62
CA GLN B 175 8.27 2.43 20.49
C GLN B 175 9.14 1.36 19.81
N TYR B 176 9.69 0.47 20.62
CA TYR B 176 10.50 -0.58 20.06
C TYR B 176 9.57 -1.41 19.16
N CYS B 177 8.50 -1.91 19.74
CA CYS B 177 7.63 -2.71 18.99
C CYS B 177 7.15 -1.93 17.75
N SER B 178 7.00 -0.62 17.87
CA SER B 178 6.57 0.12 16.68
C SER B 178 7.64 0.14 15.59
N SER B 179 8.89 0.27 16.01
CA SER B 179 9.98 0.27 15.03
C SER B 179 10.07 -1.11 14.37
N VAL B 180 9.94 -2.19 15.16
CA VAL B 180 9.98 -3.53 14.59
C VAL B 180 8.74 -3.67 13.69
N LYS B 181 7.62 -3.10 14.12
CA LYS B 181 6.42 -3.18 13.29
C LYS B 181 6.77 -2.58 11.96
N ASN B 182 7.45 -1.43 12.03
CA ASN B 182 7.91 -0.71 10.84
C ASN B 182 8.69 -1.62 9.88
N ILE B 183 9.70 -2.36 10.34
CA ILE B 183 10.42 -3.21 9.42
C ILE B 183 9.46 -4.27 8.88
N ALA B 184 8.69 -4.89 9.78
CA ALA B 184 7.81 -5.96 9.32
C ALA B 184 6.99 -5.49 8.12
N GLU B 185 6.28 -4.39 8.33
CA GLU B 185 5.42 -3.80 7.31
C GLU B 185 6.08 -3.62 5.95
N ARG B 186 7.02 -2.67 5.89
CA ARG B 186 7.77 -2.35 4.66
C ARG B 186 7.65 -3.47 3.65
N CYS B 187 7.95 -4.67 4.14
CA CYS B 187 7.88 -5.90 3.34
C CYS B 187 6.50 -6.30 2.78
N LEU B 188 5.51 -6.37 3.65
CA LEU B 188 4.22 -6.84 3.19
C LEU B 188 3.79 -6.00 1.98
N GLU B 189 4.21 -4.74 1.89
CA GLU B 189 3.81 -3.90 0.76
C GLU B 189 4.47 -4.35 -0.58
N ASN B 190 5.67 -4.90 -0.46
CA ASN B 190 6.32 -5.40 -1.63
C ASN B 190 6.23 -6.93 -1.77
N ALA B 191 5.26 -7.53 -1.06
CA ALA B 191 5.11 -8.98 -1.09
C ALA B 191 4.12 -9.56 -2.11
N SER B 192 4.50 -10.72 -2.63
CA SER B 192 3.71 -11.49 -3.60
C SER B 192 2.44 -11.90 -2.89
N GLY B 193 1.37 -12.12 -3.66
CA GLY B 193 0.08 -12.55 -3.11
C GLY B 193 0.19 -13.86 -2.35
N GLU B 194 1.11 -14.72 -2.83
CA GLU B 194 1.38 -15.98 -2.16
C GLU B 194 2.10 -15.69 -0.87
N VAL B 195 3.02 -14.70 -0.88
CA VAL B 195 3.80 -14.31 0.32
C VAL B 195 2.88 -13.65 1.33
N LEU B 196 1.89 -12.91 0.83
CA LEU B 196 0.99 -12.26 1.77
C LEU B 196 0.18 -13.29 2.56
N GLY B 197 -0.17 -14.40 1.92
CA GLY B 197 -0.96 -15.42 2.62
C GLY B 197 -0.23 -16.14 3.74
N GLU B 198 1.06 -16.44 3.55
CA GLU B 198 1.82 -17.16 4.58
C GLU B 198 2.01 -16.21 5.78
N ALA B 199 2.27 -14.94 5.50
CA ALA B 199 2.49 -14.00 6.57
C ALA B 199 1.27 -13.90 7.48
N GLU B 200 0.10 -13.85 6.90
CA GLU B 200 -1.07 -13.75 7.75
C GLU B 200 -1.30 -15.09 8.47
N ASP B 201 -1.02 -16.19 7.78
CA ASP B 201 -1.20 -17.50 8.43
C ASP B 201 -0.37 -17.44 9.72
N VAL B 202 0.83 -16.89 9.60
CA VAL B 202 1.77 -16.75 10.71
C VAL B 202 1.26 -15.78 11.77
N LEU B 203 0.63 -14.69 11.34
CA LEU B 203 0.07 -13.75 12.31
C LEU B 203 -0.98 -14.54 13.13
N VAL B 204 -1.79 -15.29 12.41
CA VAL B 204 -2.82 -16.08 13.08
C VAL B 204 -2.17 -17.14 13.94
N ARG B 205 -1.14 -17.81 13.42
CA ARG B 205 -0.50 -18.83 14.22
C ARG B 205 0.03 -18.20 15.51
N VAL B 206 0.44 -16.93 15.44
CA VAL B 206 0.94 -16.24 16.63
C VAL B 206 -0.17 -15.87 17.62
N LEU B 207 -1.19 -15.15 17.17
CA LEU B 207 -2.25 -14.77 18.09
C LEU B 207 -2.82 -16.01 18.82
N GLU B 208 -3.02 -17.12 18.07
CA GLU B 208 -3.59 -18.32 18.71
C GLU B 208 -2.61 -18.81 19.77
N LEU B 209 -1.37 -19.07 19.38
CA LEU B 209 -0.35 -19.55 20.31
C LEU B 209 -0.29 -18.73 21.62
N GLU B 210 -0.49 -17.42 21.55
CA GLU B 210 -0.42 -16.60 22.74
C GLU B 210 -1.63 -16.90 23.62
N VAL B 211 -2.80 -17.13 23.02
CA VAL B 211 -4.01 -17.43 23.78
C VAL B 211 -3.72 -18.64 24.64
N ALA B 212 -3.38 -19.76 23.99
CA ALA B 212 -3.05 -20.99 24.67
C ALA B 212 -1.94 -20.83 25.74
N PHE B 213 -0.94 -19.99 25.48
CA PHE B 213 0.14 -19.78 26.47
C PHE B 213 -0.40 -19.06 27.71
N TRP B 214 -1.35 -18.16 27.50
CA TRP B 214 -1.97 -17.41 28.62
C TRP B 214 -2.88 -18.39 29.37
N GLU B 215 -3.65 -19.22 28.62
CA GLU B 215 -4.56 -20.19 29.23
C GLU B 215 -3.76 -21.10 30.15
N MSE B 216 -2.58 -21.55 29.67
CA MSE B 216 -1.67 -22.37 30.49
C MSE B 216 -1.24 -21.60 31.77
O MSE B 216 -1.36 -22.09 32.89
CB MSE B 216 -0.39 -22.69 29.72
CG MSE B 216 0.75 -22.93 30.65
SE MSE B 216 2.56 -22.95 29.71
CE MSE B 216 2.86 -21.07 29.87
N SER B 217 -0.77 -20.38 31.58
CA SER B 217 -0.29 -19.63 32.72
C SER B 217 -1.32 -19.62 33.83
N ARG B 218 -2.59 -19.43 33.47
CA ARG B 218 -3.68 -19.42 34.42
C ARG B 218 -3.63 -20.64 35.38
N GLY B 219 -3.38 -21.82 34.81
CA GLY B 219 -3.31 -23.02 35.62
C GLY B 219 -4.61 -23.79 35.48
S SO4 C . 8.74 19.35 -20.28
O1 SO4 C . 8.95 20.64 -19.57
O2 SO4 C . 8.60 19.65 -21.70
O3 SO4 C . 9.92 18.44 -20.08
O4 SO4 C . 7.53 18.69 -19.75
CM2 HMH D . -4.56 13.96 -25.78
N1A HMH D . -5.25 12.95 -23.54
C2A HMH D . -5.35 13.96 -24.48
N3A HMH D . -6.18 14.97 -24.29
C4A HMH D . -6.96 15.08 -23.16
N4A HMH D . -7.83 16.14 -22.94
C5A HMH D . -6.92 14.13 -22.18
C6A HMH D . -6.02 13.00 -22.37
C7A HMH D . -7.83 14.40 -21.00
O1 HMH D . -7.69 13.44 -20.10
S SO4 E . 14.29 -14.40 1.91
O1 SO4 E . 15.34 -13.77 2.75
O2 SO4 E . 13.06 -13.60 1.95
O3 SO4 E . 14.71 -14.51 0.52
O4 SO4 E . 14.02 -15.78 2.39
S SO4 F . 4.42 -24.62 13.24
O1 SO4 F . 3.52 -23.45 13.09
O2 SO4 F . 5.69 -24.39 12.54
O3 SO4 F . 4.69 -24.87 14.66
O4 SO4 F . 3.71 -25.79 12.66
S SO4 G . 7.71 -15.73 -3.69
O1 SO4 G . 8.60 -16.90 -3.47
O2 SO4 G . 8.43 -14.48 -3.32
O3 SO4 G . 7.30 -15.65 -5.09
O4 SO4 G . 6.49 -15.91 -2.88
CM2 HMH H . 4.99 -16.25 25.75
N1A HMH H . 5.31 -14.32 24.24
C2A HMH H . 5.64 -14.93 25.38
N3A HMH H . 6.53 -14.39 26.22
C4A HMH H . 7.17 -13.19 25.95
N4A HMH H . 8.12 -12.60 26.81
C5A HMH H . 6.85 -12.53 24.76
C6A HMH H . 5.88 -13.13 23.90
C7A HMH H . 7.55 -11.24 24.50
O1 HMH H . 7.14 -10.72 23.28
N GLY A 5 2.67 -4.32 -10.40
CA GLY A 5 1.53 -5.08 -11.02
C GLY A 5 1.65 -5.06 -12.54
N VAL A 6 0.65 -5.61 -13.23
CA VAL A 6 0.61 -5.70 -14.70
C VAL A 6 0.89 -4.33 -15.32
N ILE A 7 0.20 -3.31 -14.81
CA ILE A 7 0.34 -1.96 -15.34
C ILE A 7 1.64 -1.26 -14.96
N ASP A 8 1.90 -1.15 -13.66
CA ASP A 8 3.13 -0.49 -13.20
C ASP A 8 4.37 -1.17 -13.85
N THR A 9 4.25 -2.44 -14.20
CA THR A 9 5.31 -3.16 -14.87
C THR A 9 5.66 -2.43 -16.16
N TRP A 10 4.65 -2.30 -17.03
CA TRP A 10 4.80 -1.59 -18.30
C TRP A 10 5.53 -0.26 -18.11
N ILE A 11 5.03 0.56 -17.20
CA ILE A 11 5.64 1.87 -16.87
C ILE A 11 7.15 1.63 -16.57
N ASP A 12 7.45 0.69 -15.70
CA ASP A 12 8.83 0.40 -15.34
C ASP A 12 9.50 -0.40 -16.45
N LYS A 13 8.76 -0.68 -17.52
CA LYS A 13 9.32 -1.41 -18.64
C LYS A 13 9.39 -0.45 -19.83
N HIS A 14 8.57 0.59 -19.78
CA HIS A 14 8.50 1.54 -20.88
C HIS A 14 8.64 2.97 -20.38
N ARG A 15 9.40 3.17 -19.31
CA ARG A 15 9.54 4.52 -18.73
C ARG A 15 9.91 5.64 -19.69
N SER A 16 10.84 5.36 -20.60
CA SER A 16 11.30 6.36 -21.55
C SER A 16 10.15 7.10 -22.21
N ILE A 17 9.29 6.33 -22.89
CA ILE A 17 8.19 6.94 -23.59
C ILE A 17 7.05 7.48 -22.68
N TYR A 18 6.79 6.78 -21.59
CA TYR A 18 5.77 7.23 -20.66
C TYR A 18 6.10 8.70 -20.24
N THR A 19 7.37 8.97 -19.99
CA THR A 19 7.77 10.34 -19.62
C THR A 19 7.48 11.34 -20.77
N ALA A 20 7.81 10.98 -22.01
CA ALA A 20 7.58 11.88 -23.15
C ALA A 20 6.08 12.12 -23.36
N ALA A 21 5.30 11.11 -23.03
CA ALA A 21 3.85 11.11 -23.20
C ALA A 21 3.12 12.03 -22.24
N THR A 22 3.68 12.19 -21.06
CA THR A 22 3.09 12.98 -19.99
C THR A 22 3.86 14.28 -19.75
N ARG A 23 4.43 14.87 -20.82
CA ARG A 23 5.11 16.15 -20.71
C ARG A 23 3.95 17.16 -20.53
N HIS A 24 4.28 18.45 -20.36
CA HIS A 24 3.25 19.47 -20.12
C HIS A 24 2.43 19.78 -21.38
N ALA A 25 1.10 19.80 -21.23
CA ALA A 25 0.26 20.00 -22.42
C ALA A 25 0.67 21.18 -23.30
N PHE A 26 0.87 22.36 -22.71
CA PHE A 26 1.24 23.58 -23.45
C PHE A 26 2.24 24.33 -22.62
N VAL A 27 3.13 25.09 -23.26
CA VAL A 27 4.09 25.83 -22.48
C VAL A 27 3.70 27.27 -22.69
N VAL A 28 4.13 28.13 -21.77
CA VAL A 28 3.80 29.56 -21.85
C VAL A 28 5.14 30.35 -21.72
N SER A 29 5.68 30.90 -22.80
CA SER A 29 6.95 31.64 -22.66
C SER A 29 6.83 33.16 -22.87
N ILE A 30 8.00 33.81 -22.81
CA ILE A 30 8.14 35.24 -23.03
C ILE A 30 8.93 35.40 -24.34
N ARG A 31 8.43 36.22 -25.25
CA ARG A 31 9.14 36.47 -26.49
C ARG A 31 9.00 37.96 -26.66
N ASP A 32 10.13 38.67 -26.68
CA ASP A 32 10.19 40.14 -26.81
C ASP A 32 9.15 40.83 -25.96
N GLY A 33 9.28 40.65 -24.64
CA GLY A 33 8.36 41.31 -23.74
C GLY A 33 6.90 40.90 -23.73
N SER A 34 6.57 39.84 -24.48
CA SER A 34 5.21 39.34 -24.57
C SER A 34 5.02 37.92 -24.04
N VAL A 35 3.88 37.70 -23.39
CA VAL A 35 3.61 36.35 -22.92
C VAL A 35 3.31 35.58 -24.23
N ASP A 36 4.03 34.51 -24.46
CA ASP A 36 3.82 33.70 -25.69
C ASP A 36 2.76 32.61 -25.39
N LEU A 37 1.63 32.69 -26.08
CA LEU A 37 0.55 31.75 -25.87
C LEU A 37 0.18 30.90 -27.07
N SER A 38 1.06 30.85 -28.06
CA SER A 38 0.74 30.10 -29.27
C SER A 38 0.50 28.59 -28.97
N SER A 39 1.30 27.99 -28.11
CA SER A 39 1.10 26.57 -27.81
C SER A 39 -0.16 26.37 -26.93
N PHE A 40 -0.36 27.24 -25.93
CA PHE A 40 -1.52 27.08 -25.09
C PHE A 40 -2.75 27.12 -26.05
N ARG A 41 -2.76 28.05 -26.99
CA ARG A 41 -3.94 28.12 -27.83
C ARG A 41 -4.01 26.91 -28.77
N THR A 42 -2.85 26.38 -29.12
CA THR A 42 -2.83 25.21 -29.98
C THR A 42 -3.46 24.03 -29.23
N TRP A 43 -2.89 23.73 -28.07
CA TRP A 43 -3.39 22.65 -27.22
C TRP A 43 -4.91 22.79 -26.88
N LEU A 44 -5.29 24.00 -26.49
CA LEU A 44 -6.66 24.29 -26.07
C LEU A 44 -7.61 23.96 -27.16
N GLY A 45 -7.13 23.98 -28.40
CA GLY A 45 -8.01 23.68 -29.53
C GLY A 45 -8.08 22.24 -30.03
N GLN A 46 -6.95 21.59 -30.05
CA GLN A 46 -6.87 20.23 -30.52
C GLN A 46 -7.41 19.25 -29.44
N ASP A 47 -7.23 19.63 -28.18
CA ASP A 47 -7.68 18.77 -27.11
C ASP A 47 -9.20 18.73 -27.02
N TYR A 48 -9.79 19.92 -27.10
CA TYR A 48 -11.24 20.00 -27.06
C TYR A 48 -11.80 18.98 -28.09
N LEU A 49 -11.12 18.87 -29.25
CA LEU A 49 -11.61 17.95 -30.29
C LEU A 49 -11.23 16.55 -29.84
N PHE A 50 -10.13 16.42 -29.12
CA PHE A 50 -9.80 15.08 -28.64
C PHE A 50 -10.92 14.68 -27.61
N VAL A 51 -11.07 15.53 -26.58
CA VAL A 51 -12.02 15.35 -25.48
C VAL A 51 -13.40 15.03 -26.00
N ARG A 52 -13.83 15.73 -27.05
CA ARG A 52 -15.14 15.41 -27.64
C ARG A 52 -15.20 13.98 -28.23
N ARG A 53 -14.06 13.43 -28.66
CA ARG A 53 -14.09 12.09 -29.23
C ARG A 53 -13.83 11.05 -28.08
N PHE A 54 -13.24 11.49 -26.98
CA PHE A 54 -12.98 10.63 -25.80
C PHE A 54 -14.31 10.24 -25.09
N VAL A 55 -15.32 11.13 -25.15
CA VAL A 55 -16.59 10.86 -24.53
C VAL A 55 -17.28 9.60 -25.11
N PRO A 56 -17.32 9.47 -26.45
CA PRO A 56 -17.97 8.27 -27.00
C PRO A 56 -17.24 6.98 -26.59
N PHE A 57 -15.92 6.99 -26.65
CA PHE A 57 -15.16 5.85 -26.18
C PHE A 57 -15.48 5.56 -24.65
N VAL A 58 -15.38 6.57 -23.77
CA VAL A 58 -15.63 6.33 -22.31
C VAL A 58 -17.04 5.79 -22.14
N ALA A 59 -17.97 6.38 -22.85
CA ALA A 59 -19.33 5.95 -22.76
C ALA A 59 -19.32 4.46 -23.12
N SER A 60 -18.63 4.12 -24.21
CA SER A 60 -18.54 2.74 -24.60
C SER A 60 -17.97 1.91 -23.45
N VAL A 61 -16.98 2.43 -22.77
CA VAL A 61 -16.39 1.70 -21.65
C VAL A 61 -17.47 1.49 -20.55
N LEU A 62 -18.33 2.50 -20.33
CA LEU A 62 -19.38 2.39 -19.34
C LEU A 62 -20.32 1.24 -19.71
N ILE A 63 -20.88 1.29 -20.92
CA ILE A 63 -21.77 0.24 -21.34
C ILE A 63 -20.94 -1.03 -21.26
N ARG A 64 -19.73 -0.98 -21.81
CA ARG A 64 -18.80 -2.13 -21.76
C ARG A 64 -18.29 -2.48 -20.37
N ALA A 65 -18.94 -1.98 -19.30
CA ALA A 65 -18.57 -2.33 -17.94
C ALA A 65 -19.78 -3.08 -17.34
N CYS A 66 -20.95 -2.86 -17.95
CA CYS A 66 -22.20 -3.50 -17.57
C CYS A 66 -22.14 -5.03 -17.79
N LYS A 67 -22.07 -5.41 -19.06
CA LYS A 67 -22.06 -6.83 -19.46
C LYS A 67 -20.78 -7.67 -19.34
N ASP A 68 -19.61 -7.07 -19.58
CA ASP A 68 -18.31 -7.77 -19.48
C ASP A 68 -17.79 -7.62 -18.02
N SER A 69 -18.75 -7.37 -17.14
CA SER A 69 -18.53 -7.16 -15.70
C SER A 69 -17.96 -8.31 -14.85
N GLY A 70 -16.98 -7.95 -14.02
CA GLY A 70 -16.37 -8.86 -13.06
C GLY A 70 -16.85 -8.29 -11.72
N GLU A 71 -17.08 -6.96 -11.71
CA GLU A 71 -17.57 -6.18 -10.56
C GLU A 71 -18.62 -5.15 -11.02
N SER A 72 -19.88 -5.33 -10.58
CA SER A 72 -20.95 -4.43 -10.96
C SER A 72 -20.58 -2.96 -10.61
N SER A 73 -19.61 -2.81 -9.71
CA SER A 73 -19.18 -1.47 -9.29
C SER A 73 -18.27 -0.71 -10.28
N ASP A 74 -18.11 -1.22 -11.50
CA ASP A 74 -17.27 -0.56 -12.49
C ASP A 74 -18.05 0.58 -13.10
N MSE A 75 -19.35 0.33 -13.32
CA MSE A 75 -20.16 1.34 -13.96
C MSE A 75 -20.07 2.60 -13.12
O MSE A 75 -20.20 3.72 -13.63
CB MSE A 75 -21.60 0.82 -14.10
CG MSE A 75 -22.59 1.81 -14.65
SE MSE A 75 -23.27 2.99 -13.26
CE MSE A 75 -25.10 2.48 -13.29
N GLU A 76 -19.85 2.41 -11.82
CA GLU A 76 -19.80 3.52 -10.93
C GLU A 76 -18.71 4.54 -11.28
N VAL A 77 -17.46 4.11 -11.25
CA VAL A 77 -16.34 5.00 -11.52
C VAL A 77 -16.30 5.63 -12.91
N VAL A 78 -16.75 4.89 -13.90
CA VAL A 78 -16.70 5.42 -15.25
C VAL A 78 -17.64 6.60 -15.29
N LEU A 79 -18.67 6.49 -14.43
CA LEU A 79 -19.70 7.51 -14.26
C LEU A 79 -19.16 8.82 -13.69
N GLY A 80 -18.09 8.71 -12.91
CA GLY A 80 -17.50 9.89 -12.31
C GLY A 80 -16.96 10.69 -13.49
N GLY A 81 -16.24 9.98 -14.37
CA GLY A 81 -15.65 10.55 -15.59
C GLY A 81 -16.62 11.17 -16.59
N ILE A 82 -17.74 10.52 -16.88
CA ILE A 82 -18.65 11.12 -17.82
C ILE A 82 -19.20 12.45 -17.33
N ALA A 83 -19.55 12.53 -16.06
CA ALA A 83 -20.02 13.78 -15.50
C ALA A 83 -18.75 14.62 -15.44
N SER A 84 -17.64 13.90 -15.31
CA SER A 84 -16.32 14.54 -15.33
C SER A 84 -16.03 15.03 -16.76
N LEU A 85 -16.64 14.41 -17.76
CA LEU A 85 -16.36 14.91 -19.08
C LEU A 85 -17.30 16.04 -19.42
N ASN A 86 -18.54 15.94 -18.94
CA ASN A 86 -19.47 16.98 -19.28
C ASN A 86 -19.04 18.37 -18.70
N ASP A 87 -18.46 18.39 -17.51
CA ASP A 87 -18.01 19.63 -16.88
C ASP A 87 -16.71 20.12 -17.60
N GLU A 88 -15.93 19.21 -18.19
CA GLU A 88 -14.73 19.66 -18.92
C GLU A 88 -15.19 20.42 -20.15
N ILE A 89 -16.17 19.86 -20.89
CA ILE A 89 -16.64 20.53 -22.08
C ILE A 89 -17.22 21.90 -21.78
N GLU A 90 -17.89 22.03 -20.62
CA GLU A 90 -18.42 23.34 -20.22
C GLU A 90 -17.23 24.29 -19.97
N TRP A 91 -16.18 23.79 -19.33
CA TRP A 91 -14.97 24.56 -19.06
C TRP A 91 -14.28 24.99 -20.39
N PHE A 92 -14.05 24.05 -21.31
CA PHE A 92 -13.44 24.40 -22.61
C PHE A 92 -14.22 25.53 -23.30
N LYS A 93 -15.53 25.51 -23.23
CA LYS A 93 -16.28 26.61 -23.90
C LYS A 93 -15.99 27.95 -23.23
N ARG A 94 -15.74 27.96 -21.91
CA ARG A 94 -15.39 29.21 -21.20
C ARG A 94 -13.96 29.65 -21.57
N GLU A 95 -13.10 28.72 -21.91
CA GLU A 95 -11.70 29.06 -22.28
C GLU A 95 -11.65 29.56 -23.69
N GLY A 96 -12.50 29.00 -24.53
CA GLY A 96 -12.55 29.41 -25.91
C GLY A 96 -13.00 30.85 -25.94
N SER A 97 -13.98 31.14 -25.10
CA SER A 97 -14.44 32.50 -25.13
C SER A 97 -13.53 33.59 -24.47
N LYS A 98 -12.88 33.28 -23.34
CA LYS A 98 -12.06 34.31 -22.69
C LYS A 98 -10.71 34.50 -23.36
N TRP A 99 -10.35 33.56 -24.24
CA TRP A 99 -9.10 33.60 -24.98
C TRP A 99 -9.28 33.82 -26.46
N ASP A 100 -10.50 34.19 -26.86
CA ASP A 100 -10.81 34.40 -28.25
C ASP A 100 -10.37 33.24 -29.14
N VAL A 101 -10.82 32.03 -28.82
CA VAL A 101 -10.48 30.84 -29.61
C VAL A 101 -11.77 30.24 -30.15
N ASP A 102 -12.04 30.50 -31.42
CA ASP A 102 -13.24 30.03 -32.08
C ASP A 102 -13.12 28.60 -32.50
N PHE A 103 -13.73 27.72 -31.71
CA PHE A 103 -13.66 26.30 -31.99
C PHE A 103 -14.30 25.91 -33.31
N SER A 104 -15.25 26.69 -33.79
CA SER A 104 -15.89 26.38 -35.04
C SER A 104 -14.88 26.37 -36.20
N THR A 105 -13.64 26.81 -35.95
CA THR A 105 -12.69 26.74 -37.06
C THR A 105 -11.31 26.12 -36.78
N VAL A 106 -11.23 25.22 -35.80
CA VAL A 106 -9.98 24.54 -35.50
C VAL A 106 -9.77 23.28 -36.39
N VAL A 107 -9.16 23.46 -37.56
CA VAL A 107 -8.90 22.36 -38.45
C VAL A 107 -8.31 21.22 -37.58
N PRO A 108 -9.10 20.15 -37.29
CA PRO A 108 -8.42 19.15 -36.46
C PRO A 108 -7.16 18.60 -37.13
N GLN A 109 -6.03 18.62 -36.43
CA GLN A 109 -4.80 18.17 -37.08
C GLN A 109 -4.57 16.63 -37.17
N ARG A 110 -3.61 16.20 -38.02
CA ARG A 110 -3.28 14.77 -38.27
C ARG A 110 -3.22 13.85 -37.04
N ALA A 111 -2.35 14.16 -36.08
CA ALA A 111 -2.23 13.34 -34.87
C ALA A 111 -3.64 13.32 -34.20
N ASN A 112 -4.25 14.50 -34.08
CA ASN A 112 -5.56 14.59 -33.45
C ASN A 112 -6.55 13.61 -34.11
N GLN A 113 -6.70 13.69 -35.43
CA GLN A 113 -7.62 12.76 -36.09
C GLN A 113 -7.11 11.31 -36.08
N GLU A 114 -5.82 11.11 -35.84
CA GLU A 114 -5.24 9.76 -35.75
C GLU A 114 -5.61 9.08 -34.39
N TYR A 115 -5.44 9.84 -33.32
CA TYR A 115 -5.71 9.37 -31.99
C TYR A 115 -7.20 8.97 -31.87
N GLY A 116 -8.09 9.73 -32.49
CA GLY A 116 -9.51 9.40 -32.40
C GLY A 116 -9.80 8.12 -33.16
N ARG A 117 -8.86 7.71 -34.03
CA ARG A 117 -9.11 6.51 -34.81
C ARG A 117 -8.81 5.29 -33.92
N PHE A 118 -7.86 5.46 -33.01
CA PHE A 118 -7.49 4.45 -32.05
C PHE A 118 -8.70 4.21 -31.09
N LEU A 119 -9.30 5.30 -30.61
CA LEU A 119 -10.44 5.18 -29.68
C LEU A 119 -11.69 4.57 -30.32
N GLU A 120 -11.65 4.43 -31.61
CA GLU A 120 -12.79 3.86 -32.29
C GLU A 120 -12.49 2.40 -32.27
N ASP A 121 -11.24 2.11 -32.63
CA ASP A 121 -10.91 0.73 -32.69
C ASP A 121 -11.23 0.08 -31.38
N LEU A 122 -11.05 0.84 -30.31
CA LEU A 122 -11.27 0.35 -28.96
C LEU A 122 -12.72 0.22 -28.51
N MSE A 123 -13.59 0.83 -29.29
CA MSE A 123 -15.01 0.75 -28.99
C MSE A 123 -15.68 -0.49 -29.56
O MSE A 123 -16.82 -0.75 -29.27
CB MSE A 123 -15.67 1.99 -29.54
CG MSE A 123 -15.29 3.20 -28.71
SE MSE A 123 -15.83 4.79 -29.50
CE MSE A 123 -17.74 4.57 -29.40
N SER A 124 -15.00 -1.28 -30.39
CA SER A 124 -15.71 -2.45 -30.91
C SER A 124 -15.88 -3.39 -29.74
N SER A 125 -17.01 -4.07 -29.67
CA SER A 125 -17.25 -5.01 -28.60
C SER A 125 -16.38 -6.25 -28.87
N GLU A 126 -15.77 -6.24 -30.05
CA GLU A 126 -14.84 -7.31 -30.38
C GLU A 126 -13.52 -6.95 -29.65
N VAL A 127 -13.60 -5.99 -28.71
CA VAL A 127 -12.47 -5.54 -27.88
C VAL A 127 -12.69 -5.96 -26.44
N LYS A 128 -11.72 -6.74 -25.97
CA LYS A 128 -11.74 -7.28 -24.62
C LYS A 128 -11.71 -6.19 -23.51
N TYR A 129 -12.54 -6.43 -22.50
CA TYR A 129 -12.65 -5.50 -21.40
C TYR A 129 -11.36 -5.03 -20.74
N PRO A 130 -10.39 -5.94 -20.51
CA PRO A 130 -9.13 -5.51 -19.87
C PRO A 130 -8.32 -4.48 -20.68
N VAL A 131 -8.53 -4.53 -21.98
CA VAL A 131 -7.83 -3.70 -22.95
C VAL A 131 -8.43 -2.31 -22.91
N ILE A 132 -9.73 -2.22 -23.19
CA ILE A 132 -10.42 -0.95 -23.20
C ILE A 132 -10.23 -0.21 -21.87
N MSE A 133 -10.10 -0.96 -20.78
CA MSE A 133 -9.90 -0.33 -19.46
C MSE A 133 -8.46 0.16 -19.24
O MSE A 133 -8.24 1.27 -18.72
CB MSE A 133 -10.29 -1.30 -18.35
CG MSE A 133 -11.77 -1.45 -18.20
SE MSE A 133 -12.69 0.12 -17.61
CE MSE A 133 -11.32 0.76 -16.38
N THR A 134 -7.50 -0.67 -19.60
CA THR A 134 -6.10 -0.28 -19.50
C THR A 134 -6.01 1.07 -20.27
N ALA A 135 -6.56 1.05 -21.49
CA ALA A 135 -6.54 2.20 -22.35
C ALA A 135 -7.28 3.39 -21.72
N PHE A 136 -8.36 3.11 -20.99
CA PHE A 136 -9.13 4.20 -20.43
C PHE A 136 -8.34 4.84 -19.29
N TRP A 137 -7.63 4.02 -18.55
CA TRP A 137 -6.88 4.54 -17.48
C TRP A 137 -5.70 5.39 -18.04
N ALA A 138 -4.91 4.77 -18.93
CA ALA A 138 -3.74 5.37 -19.54
C ALA A 138 -4.00 6.77 -20.06
N ILE A 139 -5.11 6.88 -20.77
CA ILE A 139 -5.49 8.16 -21.32
C ILE A 139 -5.68 9.18 -20.19
N GLU A 140 -6.39 8.78 -19.10
CA GLU A 140 -6.65 9.65 -17.94
C GLU A 140 -5.37 10.00 -17.19
N ALA A 141 -4.66 8.95 -16.85
CA ALA A 141 -3.41 8.99 -16.13
C ALA A 141 -2.34 9.87 -16.79
N VAL A 142 -2.14 9.79 -18.11
CA VAL A 142 -1.12 10.64 -18.72
C VAL A 142 -1.35 12.12 -18.31
N TYR A 143 -2.58 12.60 -18.38
CA TYR A 143 -2.84 13.98 -17.97
C TYR A 143 -2.78 14.18 -16.45
N GLN A 144 -3.12 13.16 -15.66
CA GLN A 144 -2.99 13.36 -14.23
C GLN A 144 -1.48 13.48 -13.98
N GLU A 145 -0.70 12.71 -14.72
CA GLU A 145 0.75 12.75 -14.54
C GLU A 145 1.29 14.11 -14.97
N SER A 146 1.04 14.45 -16.23
CA SER A 146 1.52 15.69 -16.81
C SER A 146 1.19 16.92 -15.94
N PHE A 147 -0.06 17.06 -15.54
CA PHE A 147 -0.44 18.20 -14.70
C PHE A 147 -0.04 18.05 -13.24
N ALA A 148 0.63 16.96 -12.91
CA ALA A 148 1.05 16.76 -11.55
C ALA A 148 2.05 17.89 -11.16
N HIS A 149 1.93 18.39 -9.93
CA HIS A 149 2.81 19.48 -9.47
C HIS A 149 2.72 20.74 -10.33
N CYS A 150 1.64 20.89 -11.07
CA CYS A 150 1.52 22.03 -11.95
C CYS A 150 1.48 23.35 -11.20
N LEU A 151 1.08 23.33 -9.93
CA LEU A 151 1.06 24.55 -9.16
C LEU A 151 2.51 24.94 -8.82
N GLU A 152 3.27 23.96 -8.35
CA GLU A 152 4.67 24.15 -7.98
C GLU A 152 5.46 24.69 -9.16
N ASP A 153 5.45 23.89 -10.24
CA ASP A 153 6.12 24.23 -11.50
C ASP A 153 5.71 25.64 -11.99
N GLY A 154 4.41 25.93 -11.84
CA GLY A 154 3.88 27.22 -12.27
C GLY A 154 4.22 28.38 -11.35
N ASN A 155 4.49 28.10 -10.07
CA ASN A 155 4.82 29.15 -9.10
C ASN A 155 6.28 29.57 -9.26
N LYS A 156 7.08 28.67 -9.83
CA LYS A 156 8.54 28.93 -10.01
C LYS A 156 8.79 29.41 -11.43
N THR A 157 7.73 29.86 -12.09
CA THR A 157 7.80 30.35 -13.47
C THR A 157 7.41 31.82 -13.44
N PRO A 158 7.78 32.61 -14.47
CA PRO A 158 7.47 34.06 -14.56
C PRO A 158 6.00 34.39 -14.84
N VAL A 159 5.39 33.61 -15.74
CA VAL A 159 4.00 33.80 -16.08
C VAL A 159 3.33 32.44 -15.95
N GLU A 160 2.16 32.39 -15.34
CA GLU A 160 1.49 31.12 -15.21
C GLU A 160 0.01 31.11 -15.53
N LEU A 161 -0.38 30.07 -16.28
CA LEU A 161 -1.75 29.81 -16.68
C LEU A 161 -2.30 28.87 -15.59
N THR A 162 -3.46 29.22 -15.05
CA THR A 162 -4.01 28.48 -13.92
C THR A 162 -5.13 27.50 -14.21
N GLY A 163 -5.84 27.73 -15.31
CA GLY A 163 -6.98 26.89 -15.64
C GLY A 163 -6.72 25.39 -15.78
N ALA A 164 -5.86 24.99 -16.73
CA ALA A 164 -5.58 23.57 -16.99
C ALA A 164 -5.00 22.89 -15.77
N CYS A 165 -4.33 23.66 -14.94
CA CYS A 165 -3.77 23.11 -13.74
C CYS A 165 -4.88 22.78 -12.71
N HIS A 166 -5.91 23.62 -12.63
CA HIS A 166 -7.02 23.37 -11.72
C HIS A 166 -7.90 22.17 -12.14
N ARG A 167 -8.16 22.08 -13.45
CA ARG A 167 -9.01 21.06 -14.04
C ARG A 167 -8.40 19.65 -14.04
N TRP A 168 -7.13 19.54 -14.35
CA TRP A 168 -6.53 18.20 -14.37
C TRP A 168 -5.50 18.02 -13.25
N GLY A 169 -5.27 19.05 -12.43
CA GLY A 169 -4.32 18.91 -11.35
C GLY A 169 -4.89 18.88 -9.93
N ASN A 170 -6.22 18.76 -9.77
CA ASN A 170 -6.77 18.78 -8.43
C ASN A 170 -6.72 17.39 -7.85
N ASP A 171 -6.79 17.28 -6.53
CA ASP A 171 -6.70 15.98 -5.90
C ASP A 171 -7.86 15.05 -6.23
N GLY A 172 -9.00 15.65 -6.60
CA GLY A 172 -10.17 14.89 -6.97
C GLY A 172 -9.95 14.11 -8.25
N PHE A 173 -9.25 14.70 -9.22
CA PHE A 173 -9.00 13.97 -10.48
C PHE A 173 -7.95 12.88 -10.21
N LYS A 174 -6.96 13.21 -9.37
CA LYS A 174 -5.92 12.24 -9.00
C LYS A 174 -6.62 10.98 -8.41
N GLN A 175 -7.57 11.21 -7.52
CA GLN A 175 -8.28 10.11 -6.91
C GLN A 175 -9.17 9.47 -7.92
N TYR A 176 -9.79 10.28 -8.79
CA TYR A 176 -10.66 9.70 -9.79
C TYR A 176 -9.87 8.65 -10.53
N CYS A 177 -8.87 9.09 -11.27
CA CYS A 177 -8.04 8.17 -12.04
C CYS A 177 -7.42 7.08 -11.18
N SER A 178 -7.11 7.39 -9.92
CA SER A 178 -6.49 6.38 -9.07
C SER A 178 -7.37 5.13 -8.84
N SER A 179 -8.68 5.30 -9.03
CA SER A 179 -9.61 4.19 -8.89
C SER A 179 -9.92 3.58 -10.24
N VAL A 180 -9.64 4.31 -11.32
CA VAL A 180 -9.89 3.74 -12.64
C VAL A 180 -8.78 2.70 -12.82
N LYS A 181 -7.59 2.99 -12.32
CA LYS A 181 -6.48 2.06 -12.38
C LYS A 181 -6.80 0.77 -11.60
N ASN A 182 -7.31 0.91 -10.39
CA ASN A 182 -7.63 -0.27 -9.61
C ASN A 182 -8.55 -1.18 -10.40
N ILE A 183 -9.54 -0.61 -11.08
CA ILE A 183 -10.43 -1.43 -11.90
C ILE A 183 -9.67 -1.95 -13.10
N ALA A 184 -8.94 -1.06 -13.78
CA ALA A 184 -8.17 -1.51 -14.93
C ALA A 184 -7.41 -2.77 -14.56
N GLU A 185 -6.43 -2.62 -13.68
CA GLU A 185 -5.56 -3.71 -13.27
C GLU A 185 -6.25 -4.96 -12.72
N ARG A 186 -7.38 -4.80 -12.03
CA ARG A 186 -8.09 -5.96 -11.48
C ARG A 186 -8.40 -6.89 -12.61
N CYS A 187 -8.71 -6.29 -13.75
CA CYS A 187 -9.02 -7.05 -14.97
C CYS A 187 -7.73 -7.65 -15.55
N LEU A 188 -6.63 -6.93 -15.39
CA LEU A 188 -5.39 -7.42 -15.93
C LEU A 188 -4.89 -8.55 -15.07
N GLU A 189 -5.17 -8.47 -13.76
CA GLU A 189 -4.74 -9.52 -12.86
C GLU A 189 -5.69 -10.73 -12.83
N ASN A 190 -6.61 -10.78 -13.79
CA ASN A 190 -7.52 -11.92 -13.88
C ASN A 190 -7.60 -12.27 -15.36
N ALA A 191 -6.64 -11.77 -16.15
CA ALA A 191 -6.66 -12.01 -17.58
C ALA A 191 -5.61 -13.01 -18.02
N SER A 192 -5.87 -13.58 -19.21
CA SER A 192 -5.03 -14.56 -19.92
C SER A 192 -3.83 -13.91 -20.58
N GLY A 193 -2.89 -14.74 -21.02
CA GLY A 193 -1.69 -14.24 -21.70
C GLY A 193 -2.08 -13.46 -22.98
N GLU A 194 -3.07 -13.96 -23.73
CA GLU A 194 -3.48 -13.29 -24.95
C GLU A 194 -4.14 -11.97 -24.59
N VAL A 195 -4.61 -11.86 -23.37
CA VAL A 195 -5.22 -10.63 -22.95
C VAL A 195 -4.19 -9.70 -22.31
N LEU A 196 -3.02 -10.22 -21.97
CA LEU A 196 -1.97 -9.36 -21.40
C LEU A 196 -1.20 -8.76 -22.58
N GLY A 197 -1.10 -9.53 -23.65
CA GLY A 197 -0.43 -9.02 -24.82
C GLY A 197 -1.30 -7.92 -25.42
N GLU A 198 -2.61 -8.15 -25.43
CA GLU A 198 -3.52 -7.14 -25.97
C GLU A 198 -3.59 -5.86 -25.10
N ALA A 199 -3.73 -6.02 -23.80
CA ALA A 199 -3.76 -4.82 -22.99
C ALA A 199 -2.55 -3.97 -23.43
N GLU A 200 -1.37 -4.59 -23.47
CA GLU A 200 -0.12 -3.95 -23.83
C GLU A 200 -0.08 -3.39 -25.29
N ASP A 201 -0.96 -3.85 -26.14
CA ASP A 201 -0.87 -3.25 -27.46
C ASP A 201 -1.55 -1.90 -27.39
N VAL A 202 -2.30 -1.69 -26.30
CA VAL A 202 -2.98 -0.44 -26.07
C VAL A 202 -2.15 0.52 -25.13
N LEU A 203 -1.85 0.17 -23.88
CA LEU A 203 -1.09 1.10 -23.04
C LEU A 203 0.12 1.82 -23.70
N VAL A 204 1.09 1.04 -24.19
CA VAL A 204 2.32 1.55 -24.83
C VAL A 204 1.86 2.27 -26.07
N ARG A 205 0.88 1.69 -26.74
CA ARG A 205 0.31 2.35 -27.90
C ARG A 205 -0.30 3.70 -27.47
N VAL A 206 -0.70 3.78 -26.21
CA VAL A 206 -1.24 5.03 -25.76
C VAL A 206 -0.10 6.02 -25.42
N LEU A 207 0.95 5.57 -24.75
CA LEU A 207 1.98 6.53 -24.45
C LEU A 207 2.58 7.07 -25.73
N GLU A 208 2.77 6.15 -26.66
CA GLU A 208 3.31 6.41 -27.93
C GLU A 208 2.31 7.30 -28.55
N LEU A 209 1.06 7.25 -28.11
CA LEU A 209 0.17 8.17 -28.75
C LEU A 209 0.26 9.48 -27.99
N GLU A 210 0.69 9.38 -26.75
CA GLU A 210 0.78 10.57 -26.00
C GLU A 210 1.83 11.40 -26.64
N VAL A 211 2.99 10.80 -26.89
CA VAL A 211 4.06 11.57 -27.48
C VAL A 211 3.64 12.54 -28.60
N ALA A 212 3.16 11.99 -29.72
CA ALA A 212 2.71 12.76 -30.91
C ALA A 212 1.71 13.90 -30.73
N PHE A 213 0.61 13.67 -30.00
CA PHE A 213 -0.39 14.73 -29.78
C PHE A 213 0.35 15.88 -29.14
N TRP A 214 1.15 15.56 -28.12
CA TRP A 214 1.95 16.55 -27.39
C TRP A 214 2.81 17.43 -28.33
N GLU A 215 3.27 16.86 -29.44
CA GLU A 215 4.08 17.61 -30.38
C GLU A 215 3.36 18.77 -30.97
N MSE A 216 2.04 18.63 -31.24
CA MSE A 216 1.35 19.77 -31.86
C MSE A 216 1.57 21.09 -31.09
O MSE A 216 1.58 22.16 -31.70
CB MSE A 216 -0.15 19.52 -32.05
CG MSE A 216 -0.49 18.43 -33.02
SE MSE A 216 -2.44 18.15 -33.15
CE MSE A 216 -2.86 17.81 -31.25
N SER A 217 1.79 21.00 -29.78
CA SER A 217 2.01 22.21 -28.98
C SER A 217 3.40 22.18 -28.28
N ARG A 218 4.35 21.45 -28.84
CA ARG A 218 5.69 21.28 -28.26
C ARG A 218 6.63 22.45 -28.47
N GLY A 219 6.76 23.30 -27.43
CA GLY A 219 7.64 24.45 -27.48
C GLY A 219 8.87 24.26 -28.38
N ARG B 4 -5.08 2.51 5.41
CA ARG B 4 -5.13 1.33 6.32
C ARG B 4 -4.21 0.20 5.81
N GLY B 5 -3.06 0.01 6.47
CA GLY B 5 -2.08 -1.00 6.09
C GLY B 5 -2.44 -2.49 6.00
N VAL B 6 -1.53 -3.30 5.45
CA VAL B 6 -1.75 -4.73 5.27
C VAL B 6 -2.04 -5.37 6.63
N ILE B 7 -1.07 -5.26 7.53
CA ILE B 7 -1.19 -5.83 8.85
C ILE B 7 -2.49 -5.53 9.61
N ASP B 8 -2.91 -4.26 9.56
CA ASP B 8 -4.08 -3.88 10.29
C ASP B 8 -5.40 -4.30 9.67
N THR B 9 -5.40 -4.50 8.36
CA THR B 9 -6.62 -4.99 7.72
C THR B 9 -6.69 -6.43 8.19
N TRP B 10 -5.51 -7.01 8.45
CA TRP B 10 -5.42 -8.38 8.98
C TRP B 10 -5.91 -8.47 10.43
N ILE B 11 -5.35 -7.60 11.30
CA ILE B 11 -5.75 -7.59 12.70
C ILE B 11 -7.26 -7.42 12.72
N ASP B 12 -7.76 -6.46 11.95
CA ASP B 12 -9.20 -6.22 11.86
C ASP B 12 -9.91 -7.49 11.37
N LYS B 13 -9.33 -8.15 10.36
CA LYS B 13 -9.90 -9.38 9.82
C LYS B 13 -10.07 -10.48 10.87
N HIS B 14 -9.09 -10.61 11.76
CA HIS B 14 -9.13 -11.64 12.80
C HIS B 14 -9.30 -10.99 14.18
N ARG B 15 -10.17 -9.99 14.26
CA ARG B 15 -10.37 -9.28 15.51
C ARG B 15 -10.70 -10.14 16.71
N SER B 16 -11.71 -10.99 16.59
CA SER B 16 -12.08 -11.81 17.74
C SER B 16 -10.88 -12.63 18.11
N ILE B 17 -9.97 -12.77 17.15
CA ILE B 17 -8.77 -13.53 17.43
C ILE B 17 -7.69 -12.67 18.11
N TYR B 18 -7.50 -11.43 17.67
CA TYR B 18 -6.44 -10.61 18.28
C TYR B 18 -6.78 -10.29 19.74
N THR B 19 -8.09 -10.15 20.00
CA THR B 19 -8.62 -9.84 21.35
C THR B 19 -8.42 -11.02 22.33
N ALA B 20 -8.69 -12.22 21.85
CA ALA B 20 -8.57 -13.41 22.67
C ALA B 20 -7.20 -13.55 23.30
N ALA B 21 -6.17 -13.02 22.63
CA ALA B 21 -4.80 -13.14 23.11
C ALA B 21 -4.31 -11.87 23.77
N THR B 22 -4.95 -10.74 23.45
CA THR B 22 -4.53 -9.47 24.03
C THR B 22 -5.35 -9.00 25.24
N ARG B 23 -6.42 -9.75 25.58
CA ARG B 23 -7.34 -9.49 26.71
C ARG B 23 -7.73 -10.85 27.31
N HIS B 24 -6.86 -11.84 27.13
CA HIS B 24 -7.08 -13.14 27.69
C HIS B 24 -7.53 -12.97 29.13
N ALA B 25 -8.11 -14.03 29.69
CA ALA B 25 -8.59 -13.98 31.08
C ALA B 25 -7.38 -13.69 31.99
N PHE B 26 -6.22 -14.30 31.68
CA PHE B 26 -5.04 -14.04 32.50
C PHE B 26 -4.66 -12.57 32.46
N VAL B 27 -4.66 -11.96 31.27
CA VAL B 27 -4.27 -10.56 31.20
C VAL B 27 -5.40 -9.73 31.76
N VAL B 28 -6.63 -10.19 31.57
CA VAL B 28 -7.78 -9.50 32.15
C VAL B 28 -7.73 -9.47 33.67
N SER B 29 -7.31 -10.58 34.27
CA SER B 29 -7.26 -10.59 35.73
C SER B 29 -5.97 -10.00 36.30
N ILE B 30 -4.95 -9.83 35.47
CA ILE B 30 -3.72 -9.20 35.97
C ILE B 30 -4.12 -7.75 36.23
N ARG B 31 -4.99 -7.19 35.37
CA ARG B 31 -5.42 -5.79 35.56
C ARG B 31 -6.46 -5.58 36.69
N ASP B 32 -7.58 -6.33 36.67
CA ASP B 32 -8.60 -6.21 37.70
C ASP B 32 -7.99 -6.63 39.04
N GLY B 33 -6.86 -7.34 38.94
CA GLY B 33 -6.13 -7.77 40.11
C GLY B 33 -6.29 -9.18 40.63
N SER B 34 -7.43 -9.79 40.35
CA SER B 34 -7.74 -11.14 40.82
C SER B 34 -6.63 -12.11 40.44
N VAL B 35 -5.67 -11.57 39.68
CA VAL B 35 -4.46 -12.25 39.22
C VAL B 35 -3.63 -12.51 40.47
N ASP B 36 -3.69 -13.77 40.93
CA ASP B 36 -3.04 -14.23 42.16
C ASP B 36 -1.64 -14.81 42.07
N LEU B 37 -0.93 -14.76 43.18
CA LEU B 37 0.42 -15.28 43.23
C LEU B 37 0.62 -16.60 42.49
N SER B 38 -0.32 -17.55 42.58
CA SER B 38 -0.17 -18.84 41.88
C SER B 38 -0.06 -18.91 40.35
N SER B 39 -1.00 -18.28 39.63
CA SER B 39 -0.99 -18.25 38.17
C SER B 39 0.26 -17.36 37.79
N PHE B 40 0.39 -16.21 38.46
CA PHE B 40 1.52 -15.37 38.25
C PHE B 40 2.73 -16.28 38.23
N ARG B 41 3.16 -16.78 39.38
CA ARG B 41 4.34 -17.62 39.42
C ARG B 41 4.53 -18.60 38.26
N THR B 42 3.44 -19.06 37.63
CA THR B 42 3.48 -19.98 36.49
C THR B 42 3.81 -19.28 35.18
N TRP B 43 3.24 -18.10 34.99
CA TRP B 43 3.55 -17.34 33.80
C TRP B 43 5.06 -17.01 33.92
N LEU B 44 5.47 -16.48 35.06
CA LEU B 44 6.86 -16.09 35.25
C LEU B 44 7.68 -17.24 34.68
N GLY B 45 7.38 -18.46 35.14
CA GLY B 45 8.09 -19.61 34.60
C GLY B 45 7.88 -19.91 33.13
N GLN B 46 6.66 -20.13 32.65
CA GLN B 46 6.45 -20.47 31.22
C GLN B 46 6.80 -19.33 30.22
N ASP B 47 6.94 -18.08 30.72
CA ASP B 47 7.33 -17.00 29.84
C ASP B 47 8.88 -16.90 29.80
N TYR B 48 9.54 -17.45 30.82
CA TYR B 48 11.03 -17.46 30.88
C TYR B 48 11.49 -18.38 29.76
N LEU B 49 10.96 -19.60 29.79
CA LEU B 49 11.17 -20.60 28.76
C LEU B 49 10.86 -20.10 27.38
N PHE B 50 9.80 -19.36 27.21
CA PHE B 50 9.50 -18.94 25.87
C PHE B 50 10.49 -17.89 25.33
N VAL B 51 10.90 -16.96 26.19
CA VAL B 51 11.80 -15.89 25.81
C VAL B 51 13.10 -16.50 25.43
N ARG B 52 13.55 -17.53 26.14
CA ARG B 52 14.80 -18.13 25.79
C ARG B 52 14.69 -18.64 24.34
N ARG B 53 14.01 -19.75 24.12
CA ARG B 53 13.92 -20.17 22.75
C ARG B 53 13.75 -18.94 21.77
N PHE B 54 13.07 -17.91 22.21
CA PHE B 54 12.87 -16.71 21.40
C PHE B 54 14.22 -15.99 21.08
N VAL B 55 15.21 -16.17 21.95
CA VAL B 55 16.54 -15.58 21.74
C VAL B 55 17.17 -16.18 20.44
N PRO B 56 17.26 -17.54 20.32
CA PRO B 56 17.85 -18.12 19.09
C PRO B 56 17.05 -17.70 17.88
N PHE B 57 15.80 -17.32 18.13
CA PHE B 57 14.92 -16.84 17.05
C PHE B 57 15.29 -15.36 16.74
N VAL B 58 15.48 -14.55 17.78
CA VAL B 58 15.84 -13.16 17.54
C VAL B 58 17.27 -13.14 16.96
N ALA B 59 18.10 -14.09 17.36
CA ALA B 59 19.44 -14.17 16.82
C ALA B 59 19.42 -14.53 15.33
N SER B 60 18.68 -15.57 14.95
CA SER B 60 18.68 -15.92 13.53
C SER B 60 18.06 -14.82 12.67
N VAL B 61 17.13 -14.03 13.22
CA VAL B 61 16.50 -12.97 12.41
C VAL B 61 17.56 -11.88 12.12
N LEU B 62 18.31 -11.53 13.16
CA LEU B 62 19.35 -10.52 13.08
C LEU B 62 20.31 -10.91 11.92
N ILE B 63 20.53 -12.20 11.76
CA ILE B 63 21.37 -12.69 10.69
C ILE B 63 20.68 -12.32 9.42
N ARG B 64 19.43 -12.80 9.22
CA ARG B 64 18.69 -12.47 8.02
C ARG B 64 18.67 -10.96 7.75
N ALA B 65 18.60 -10.15 8.80
CA ALA B 65 18.57 -8.71 8.60
C ALA B 65 20.00 -8.17 8.35
N CYS B 66 21.01 -8.99 8.61
CA CYS B 66 22.39 -8.56 8.42
C CYS B 66 22.92 -8.94 7.06
N LYS B 67 22.28 -9.91 6.41
CA LYS B 67 22.72 -10.37 5.09
C LYS B 67 21.65 -10.37 4.02
N ASP B 68 20.40 -10.17 4.41
CA ASP B 68 19.32 -10.19 3.45
C ASP B 68 18.47 -8.90 3.43
N SER B 69 19.20 -7.78 3.28
CA SER B 69 18.65 -6.43 3.19
C SER B 69 19.73 -5.35 3.10
N GLY B 70 19.48 -4.37 2.23
CA GLY B 70 20.42 -3.27 2.05
C GLY B 70 19.90 -2.16 2.92
N GLU B 71 18.72 -2.41 3.48
CA GLU B 71 18.08 -1.47 4.38
C GLU B 71 18.83 -1.57 5.71
N SER B 72 19.70 -0.58 5.90
CA SER B 72 20.59 -0.40 7.06
C SER B 72 19.96 -0.07 8.42
N SER B 73 18.75 0.49 8.39
CA SER B 73 18.02 0.81 9.62
C SER B 73 17.36 -0.48 10.16
N ASP B 74 16.95 -1.36 9.24
CA ASP B 74 16.34 -2.63 9.62
C ASP B 74 17.24 -3.35 10.66
N MSE B 75 18.49 -3.75 10.32
CA MSE B 75 19.39 -4.45 11.30
C MSE B 75 19.61 -3.80 12.67
O MSE B 75 19.74 -4.51 13.70
CB MSE B 75 20.80 -4.68 10.70
CG MSE B 75 21.81 -5.39 11.61
SE MSE B 75 22.84 -4.34 12.96
CE MSE B 75 23.99 -5.68 13.53
N GLU B 76 19.66 -2.47 12.68
CA GLU B 76 19.85 -1.76 13.92
C GLU B 76 18.75 -2.11 14.92
N VAL B 77 17.50 -2.05 14.46
CA VAL B 77 16.36 -2.39 15.30
C VAL B 77 16.43 -3.85 15.84
N VAL B 78 16.77 -4.80 14.98
CA VAL B 78 16.85 -6.17 15.42
C VAL B 78 18.02 -6.34 16.41
N LEU B 79 18.83 -5.30 16.58
CA LEU B 79 19.93 -5.38 17.52
C LEU B 79 19.47 -4.77 18.84
N GLY B 80 18.57 -3.81 18.74
CA GLY B 80 18.13 -3.20 19.96
C GLY B 80 17.14 -4.16 20.64
N GLY B 81 16.42 -4.94 19.82
CA GLY B 81 15.47 -5.90 20.39
C GLY B 81 16.22 -7.03 21.08
N ILE B 82 17.15 -7.70 20.40
CA ILE B 82 17.84 -8.78 21.09
C ILE B 82 18.70 -8.24 22.22
N ALA B 83 19.21 -7.01 22.09
CA ALA B 83 20.01 -6.45 23.18
C ALA B 83 19.15 -6.40 24.45
N SER B 84 17.98 -5.81 24.35
CA SER B 84 17.06 -5.78 25.50
C SER B 84 16.78 -7.19 26.05
N LEU B 85 16.83 -8.20 25.18
CA LEU B 85 16.53 -9.56 25.63
C LEU B 85 17.53 -10.06 26.65
N ASN B 86 18.71 -9.45 26.64
CA ASN B 86 19.77 -9.75 27.60
C ASN B 86 19.28 -9.17 28.92
N ASP B 87 18.72 -7.96 28.85
CA ASP B 87 18.19 -7.26 30.00
C ASP B 87 17.05 -8.14 30.54
N GLU B 88 15.96 -8.22 29.78
CA GLU B 88 14.81 -9.04 30.14
C GLU B 88 15.23 -10.33 30.87
N ILE B 89 16.25 -11.04 30.37
CA ILE B 89 16.76 -12.31 30.97
C ILE B 89 17.28 -12.04 32.37
N GLU B 90 17.92 -10.87 32.58
CA GLU B 90 18.38 -10.49 33.92
C GLU B 90 17.17 -10.16 34.84
N TRP B 91 16.17 -9.46 34.32
CA TRP B 91 14.97 -9.16 35.10
C TRP B 91 14.29 -10.50 35.59
N PHE B 92 14.19 -11.49 34.69
CA PHE B 92 13.62 -12.77 34.98
C PHE B 92 14.47 -13.48 36.04
N LYS B 93 15.79 -13.37 36.00
CA LYS B 93 16.60 -14.05 37.03
C LYS B 93 16.38 -13.44 38.43
N ARG B 94 16.25 -12.11 38.49
CA ARG B 94 15.98 -11.45 39.77
C ARG B 94 14.56 -11.87 40.26
N GLU B 95 13.62 -11.97 39.30
CA GLU B 95 12.26 -12.39 39.62
C GLU B 95 12.27 -13.77 40.23
N GLY B 96 13.01 -14.69 39.63
CA GLY B 96 13.06 -16.04 40.17
C GLY B 96 13.58 -16.06 41.59
N SER B 97 14.46 -15.11 41.89
CA SER B 97 15.07 -15.04 43.22
C SER B 97 14.09 -14.56 44.28
N LYS B 98 13.51 -13.40 44.04
CA LYS B 98 12.54 -12.81 44.94
C LYS B 98 11.26 -13.64 45.11
N TRP B 99 11.03 -14.60 44.22
CA TRP B 99 9.84 -15.41 44.32
C TRP B 99 10.18 -16.86 44.39
N ASP B 100 11.41 -17.12 44.74
CA ASP B 100 11.83 -18.50 44.94
C ASP B 100 11.38 -19.48 43.87
N VAL B 101 11.70 -19.20 42.59
CA VAL B 101 11.36 -20.15 41.56
C VAL B 101 12.69 -20.58 40.91
N ASP B 102 12.87 -21.90 40.75
CA ASP B 102 14.06 -22.54 40.17
C ASP B 102 13.81 -22.89 38.70
N PHE B 103 14.47 -22.18 37.80
CA PHE B 103 14.23 -22.44 36.38
C PHE B 103 14.72 -23.79 35.82
N SER B 104 15.67 -24.42 36.52
CA SER B 104 16.19 -25.68 36.09
C SER B 104 15.25 -26.89 36.35
N THR B 105 14.16 -26.67 37.07
CA THR B 105 13.22 -27.76 37.34
C THR B 105 11.85 -27.46 36.75
N VAL B 106 11.70 -26.29 36.15
CA VAL B 106 10.44 -25.95 35.52
C VAL B 106 10.21 -26.94 34.39
N VAL B 107 8.96 -27.27 34.08
CA VAL B 107 8.73 -28.15 32.94
C VAL B 107 7.86 -27.42 31.89
N PRO B 108 8.31 -27.40 30.63
CA PRO B 108 7.55 -26.71 29.58
C PRO B 108 6.15 -27.29 29.32
N GLN B 109 5.14 -26.68 29.89
CA GLN B 109 3.86 -27.27 29.65
C GLN B 109 3.57 -27.20 28.13
N ARG B 110 2.83 -28.20 27.68
CA ARG B 110 2.44 -28.34 26.31
C ARG B 110 2.34 -27.08 25.41
N ALA B 111 1.65 -26.03 25.84
CA ALA B 111 1.51 -24.84 24.99
C ALA B 111 2.92 -24.27 24.65
N ASN B 112 3.80 -24.26 25.65
CA ASN B 112 5.17 -23.79 25.61
C ASN B 112 6.06 -24.67 24.71
N GLN B 113 5.91 -26.00 24.81
CA GLN B 113 6.67 -26.91 23.97
C GLN B 113 6.29 -26.62 22.51
N GLU B 114 4.99 -26.50 22.20
CA GLU B 114 4.55 -26.19 20.82
C GLU B 114 5.14 -24.82 20.38
N TYR B 115 5.26 -23.87 21.30
CA TYR B 115 5.82 -22.55 20.91
C TYR B 115 7.29 -22.71 20.47
N GLY B 116 8.10 -23.27 21.36
CA GLY B 116 9.50 -23.49 21.09
C GLY B 116 9.68 -24.26 19.78
N ARG B 117 8.89 -25.30 19.60
CA ARG B 117 9.01 -26.14 18.36
C ARG B 117 8.82 -25.21 17.21
N PHE B 118 7.75 -24.42 17.30
CA PHE B 118 7.43 -23.41 16.31
C PHE B 118 8.64 -22.47 16.10
N LEU B 119 9.27 -22.04 17.19
CA LEU B 119 10.43 -21.19 17.02
C LEU B 119 11.44 -22.04 16.22
N GLU B 120 11.50 -23.34 16.48
CA GLU B 120 12.39 -24.19 15.71
C GLU B 120 12.03 -24.02 14.20
N ASP B 121 10.74 -24.10 13.90
CA ASP B 121 10.25 -24.01 12.53
C ASP B 121 10.64 -22.72 11.84
N LEU B 122 10.06 -21.61 12.28
CA LEU B 122 10.35 -20.31 11.68
C LEU B 122 11.77 -20.23 11.18
N MSE B 123 12.73 -20.67 11.99
CA MSE B 123 14.13 -20.68 11.58
C MSE B 123 14.35 -21.61 10.38
O MSE B 123 15.00 -22.64 10.51
CB MSE B 123 15.00 -21.08 12.79
CG MSE B 123 15.07 -19.91 13.77
SE MSE B 123 15.01 -20.29 15.61
CE MSE B 123 16.67 -21.21 15.97
N SER B 124 13.83 -21.23 9.22
CA SER B 124 13.90 -22.02 7.99
C SER B 124 14.00 -21.18 6.69
N SER B 125 15.08 -21.40 5.94
CA SER B 125 15.30 -20.64 4.72
C SER B 125 14.01 -20.66 3.89
N GLU B 126 13.13 -21.63 4.15
CA GLU B 126 11.84 -21.71 3.45
C GLU B 126 10.86 -20.54 3.72
N VAL B 127 11.04 -19.82 4.84
CA VAL B 127 10.16 -18.72 5.21
C VAL B 127 10.78 -17.40 4.69
N LYS B 128 10.01 -16.57 4.01
CA LYS B 128 10.56 -15.33 3.48
C LYS B 128 10.53 -14.21 4.50
N TYR B 129 10.97 -13.07 4.02
CA TYR B 129 11.09 -11.92 4.82
C TYR B 129 9.79 -11.18 5.18
N PRO B 130 8.81 -11.13 4.30
CA PRO B 130 7.71 -10.37 4.87
C PRO B 130 6.91 -11.18 5.86
N VAL B 131 6.80 -12.46 5.56
CA VAL B 131 6.11 -13.40 6.38
C VAL B 131 6.69 -13.42 7.77
N ILE B 132 8.03 -13.35 7.87
CA ILE B 132 8.62 -13.48 9.20
C ILE B 132 8.62 -12.23 10.10
N MSE B 133 8.91 -11.05 9.52
CA MSE B 133 8.89 -9.85 10.33
C MSE B 133 7.47 -9.77 10.91
O MSE B 133 7.25 -9.23 12.00
CB MSE B 133 9.14 -8.60 9.48
CG MSE B 133 10.55 -8.12 9.42
SE MSE B 133 11.45 -7.81 11.03
CE MSE B 133 10.08 -6.98 12.11
N THR B 134 6.50 -10.29 10.16
CA THR B 134 5.14 -10.28 10.67
C THR B 134 5.19 -11.09 11.97
N ALA B 135 5.77 -12.27 11.91
CA ALA B 135 5.84 -13.09 13.07
C ALA B 135 6.66 -12.42 14.21
N PHE B 136 7.64 -11.56 13.85
CA PHE B 136 8.46 -10.85 14.85
C PHE B 136 7.65 -9.67 15.47
N TRP B 137 6.93 -8.92 14.65
CA TRP B 137 6.12 -7.83 15.16
C TRP B 137 4.98 -8.27 16.13
N ALA B 138 4.24 -9.30 15.72
CA ALA B 138 3.11 -9.83 16.46
C ALA B 138 3.47 -10.38 17.84
N ILE B 139 4.58 -11.11 17.93
CA ILE B 139 4.95 -11.68 19.20
C ILE B 139 5.21 -10.49 20.15
N GLU B 140 5.83 -9.45 19.65
CA GLU B 140 6.11 -8.32 20.52
C GLU B 140 4.84 -7.57 20.78
N ALA B 141 4.07 -7.38 19.71
CA ALA B 141 2.83 -6.64 19.84
C ALA B 141 1.75 -7.26 20.75
N VAL B 142 1.80 -8.59 20.95
CA VAL B 142 0.82 -9.19 21.81
C VAL B 142 1.15 -8.74 23.23
N TYR B 143 2.42 -8.81 23.64
CA TYR B 143 2.68 -8.33 24.99
C TYR B 143 2.46 -6.81 25.07
N GLN B 144 3.25 -6.01 24.37
CA GLN B 144 2.98 -4.55 24.41
C GLN B 144 1.48 -4.28 24.59
N GLU B 145 0.59 -4.95 23.84
CA GLU B 145 -0.82 -4.66 24.07
C GLU B 145 -1.40 -5.15 25.43
N SER B 146 -1.10 -6.41 25.82
CA SER B 146 -1.63 -6.91 27.10
C SER B 146 -1.29 -5.91 28.22
N PHE B 147 -0.20 -5.18 27.99
CA PHE B 147 0.28 -4.21 28.96
C PHE B 147 0.21 -2.77 28.57
N ALA B 148 -0.56 -2.48 27.53
CA ALA B 148 -0.68 -1.12 27.04
C ALA B 148 -1.46 -0.22 27.97
N HIS B 149 -0.78 0.84 28.44
CA HIS B 149 -1.38 1.81 29.34
C HIS B 149 -1.93 1.17 30.62
N CYS B 150 -1.13 0.26 31.20
CA CYS B 150 -1.49 -0.42 32.43
C CYS B 150 -1.70 0.63 33.51
N LYS B 156 -4.92 -1.98 39.40
CA LYS B 156 -4.89 -2.96 40.50
C LYS B 156 -3.89 -4.11 40.40
N THR B 157 -2.81 -3.95 39.63
CA THR B 157 -1.80 -5.02 39.47
C THR B 157 -1.10 -5.43 40.77
N PRO B 158 -0.99 -6.76 41.02
CA PRO B 158 -0.32 -7.26 42.25
C PRO B 158 1.21 -7.00 42.25
N VAL B 159 1.80 -6.99 43.46
CA VAL B 159 3.21 -6.69 43.62
C VAL B 159 4.16 -7.45 42.72
N GLU B 160 3.80 -8.70 42.41
CA GLU B 160 4.65 -9.55 41.57
C GLU B 160 4.64 -9.05 40.13
N LEU B 161 3.48 -8.56 39.68
CA LEU B 161 3.27 -8.15 38.31
C LEU B 161 3.44 -6.70 37.91
N THR B 162 3.51 -5.77 38.87
CA THR B 162 3.61 -4.35 38.48
C THR B 162 4.71 -4.05 37.44
N GLY B 163 5.98 -4.37 37.80
CA GLY B 163 7.12 -4.16 36.92
C GLY B 163 7.00 -4.76 35.52
N ALA B 164 6.40 -5.95 35.41
CA ALA B 164 6.18 -6.62 34.12
C ALA B 164 5.43 -5.62 33.23
N CYS B 165 4.54 -4.83 33.84
CA CYS B 165 3.80 -3.78 33.14
C CYS B 165 4.88 -2.82 32.72
N HIS B 166 5.67 -2.41 33.71
CA HIS B 166 6.76 -1.49 33.49
C HIS B 166 7.65 -2.01 32.39
N ARG B 167 8.02 -3.30 32.53
CA ARG B 167 8.89 -4.03 31.57
C ARG B 167 8.39 -3.96 30.14
N TRP B 168 7.19 -4.47 29.90
CA TRP B 168 6.65 -4.47 28.53
C TRP B 168 5.81 -3.32 28.08
N GLY B 169 4.90 -2.91 28.95
CA GLY B 169 3.99 -1.80 28.66
C GLY B 169 4.51 -0.42 29.00
N ASN B 170 5.80 -0.28 29.31
CA ASN B 170 6.32 1.03 29.65
C ASN B 170 6.17 2.01 28.52
N ASP B 171 7.32 2.47 28.03
CA ASP B 171 7.39 3.42 26.97
C ASP B 171 8.38 3.08 25.84
N GLY B 172 9.63 2.81 26.21
CA GLY B 172 10.62 2.48 25.22
C GLY B 172 10.32 1.15 24.50
N PHE B 173 9.84 0.13 25.24
CA PHE B 173 9.50 -1.17 24.59
C PHE B 173 8.35 -0.88 23.61
N LYS B 174 7.44 0.02 23.99
CA LYS B 174 6.32 0.36 23.12
C LYS B 174 6.77 0.87 21.77
N GLN B 175 7.65 1.88 21.76
CA GLN B 175 8.12 2.45 20.52
C GLN B 175 9.00 1.42 19.81
N TYR B 176 9.56 0.48 20.55
CA TYR B 176 10.35 -0.55 19.90
C TYR B 176 9.36 -1.35 19.03
N CYS B 177 8.39 -1.96 19.69
CA CYS B 177 7.47 -2.75 18.97
C CYS B 177 6.96 -1.91 17.77
N SER B 178 6.80 -0.60 17.95
CA SER B 178 6.31 0.17 16.80
C SER B 178 7.36 0.30 15.69
N SER B 179 8.58 0.65 16.05
CA SER B 179 9.55 0.74 14.98
C SER B 179 9.71 -0.64 14.33
N VAL B 180 9.14 -1.70 14.93
CA VAL B 180 9.25 -3.05 14.31
C VAL B 180 8.05 -3.28 13.37
N LYS B 181 6.98 -2.58 13.66
CA LYS B 181 5.81 -2.65 12.81
C LYS B 181 6.21 -2.18 11.42
N ASN B 182 7.01 -1.14 11.38
CA ASN B 182 7.46 -0.57 10.10
C ASN B 182 8.35 -1.48 9.29
N ILE B 183 9.35 -2.09 9.92
CA ILE B 183 10.24 -2.96 9.17
C ILE B 183 9.47 -4.13 8.56
N ALA B 184 8.29 -4.42 9.10
CA ALA B 184 7.50 -5.54 8.58
C ALA B 184 6.44 -5.07 7.60
N GLU B 185 5.86 -3.91 7.88
CA GLU B 185 4.84 -3.30 7.03
C GLU B 185 5.44 -2.92 5.67
N ARG B 186 6.70 -2.48 5.66
CA ARG B 186 7.33 -2.13 4.38
C ARG B 186 7.39 -3.39 3.51
N CYS B 187 7.77 -4.51 4.13
CA CYS B 187 7.84 -5.80 3.43
C CYS B 187 6.50 -6.26 2.80
N LEU B 188 5.42 -6.21 3.56
CA LEU B 188 4.19 -6.70 3.01
C LEU B 188 3.85 -5.95 1.73
N GLU B 189 4.23 -4.68 1.60
CA GLU B 189 3.92 -3.97 0.35
C GLU B 189 4.71 -4.62 -0.82
N ASN B 190 5.90 -5.11 -0.50
CA ASN B 190 6.82 -5.79 -1.42
C ASN B 190 7.01 -7.33 -1.30
N ALA B 191 5.96 -8.15 -1.38
CA ALA B 191 6.16 -9.58 -1.23
C ALA B 191 5.20 -10.30 -2.11
N SER B 192 5.61 -11.47 -2.63
CA SER B 192 4.79 -12.31 -3.50
C SER B 192 3.57 -12.66 -2.72
N GLY B 193 2.58 -13.20 -3.43
CA GLY B 193 1.31 -13.63 -2.85
C GLY B 193 1.47 -14.86 -1.97
N GLU B 194 2.43 -15.69 -2.30
CA GLU B 194 2.62 -16.84 -1.47
C GLU B 194 3.20 -16.29 -0.17
N VAL B 195 3.87 -15.13 -0.23
CA VAL B 195 4.44 -14.58 0.99
C VAL B 195 3.32 -13.86 1.70
N LEU B 196 2.49 -13.20 0.89
CA LEU B 196 1.35 -12.53 1.48
C LEU B 196 0.43 -13.55 2.13
N GLY B 197 0.36 -14.75 1.59
CA GLY B 197 -0.51 -15.72 2.23
C GLY B 197 0.10 -16.23 3.53
N GLU B 198 1.35 -16.68 3.46
CA GLU B 198 2.05 -17.22 4.65
C GLU B 198 2.12 -16.23 5.82
N ALA B 199 2.40 -14.95 5.54
CA ALA B 199 2.50 -13.98 6.59
C ALA B 199 1.21 -13.86 7.41
N GLU B 200 0.09 -13.87 6.73
CA GLU B 200 -1.15 -13.76 7.44
C GLU B 200 -1.38 -15.02 8.29
N ASP B 201 -1.04 -16.18 7.71
CA ASP B 201 -1.21 -17.43 8.44
C ASP B 201 -0.37 -17.38 9.71
N VAL B 202 0.85 -16.87 9.58
CA VAL B 202 1.80 -16.74 10.70
C VAL B 202 1.29 -15.78 11.76
N LEU B 203 0.66 -14.69 11.35
CA LEU B 203 0.12 -13.74 12.31
C LEU B 203 -0.92 -14.51 13.17
N VAL B 204 -1.77 -15.25 12.47
CA VAL B 204 -2.79 -16.00 13.18
C VAL B 204 -2.17 -17.14 13.99
N ARG B 205 -1.10 -17.75 13.49
CA ARG B 205 -0.49 -18.82 14.27
C ARG B 205 0.06 -18.24 15.58
N VAL B 206 0.58 -17.00 15.52
CA VAL B 206 1.12 -16.36 16.70
C VAL B 206 0.01 -16.00 17.70
N LEU B 207 -1.02 -15.34 17.23
CA LEU B 207 -2.09 -14.93 18.14
C LEU B 207 -2.73 -16.16 18.83
N GLU B 208 -2.93 -17.27 18.09
CA GLU B 208 -3.56 -18.46 18.70
C GLU B 208 -2.61 -19.07 19.72
N LEU B 209 -1.31 -19.04 19.43
CA LEU B 209 -0.33 -19.60 20.34
C LEU B 209 -0.26 -18.76 21.64
N GLU B 210 -0.51 -17.45 21.55
CA GLU B 210 -0.46 -16.61 22.71
C GLU B 210 -1.68 -16.92 23.60
N VAL B 211 -2.82 -17.23 22.98
CA VAL B 211 -4.02 -17.52 23.74
C VAL B 211 -3.74 -18.74 24.61
N ALA B 212 -3.45 -19.87 23.96
CA ALA B 212 -3.11 -21.10 24.66
C ALA B 212 -2.00 -20.88 25.70
N PHE B 213 -0.97 -20.11 25.36
CA PHE B 213 0.09 -19.85 26.35
C PHE B 213 -0.43 -19.17 27.62
N TRP B 214 -1.42 -18.29 27.46
CA TRP B 214 -2.04 -17.58 28.58
C TRP B 214 -2.89 -18.58 29.42
N GLU B 215 -3.67 -19.48 28.75
CA GLU B 215 -4.52 -20.47 29.48
C GLU B 215 -3.61 -21.32 30.37
N MSE B 216 -2.50 -21.81 29.81
CA MSE B 216 -1.54 -22.58 30.60
C MSE B 216 -1.04 -21.79 31.85
O MSE B 216 -1.03 -22.30 32.97
CB MSE B 216 -0.33 -22.94 29.75
CG MSE B 216 0.85 -23.41 30.53
SE MSE B 216 2.55 -23.37 29.46
CE MSE B 216 2.61 -21.43 29.19
N SER B 217 -0.66 -20.54 31.64
CA SER B 217 -0.15 -19.77 32.76
C SER B 217 -1.23 -19.62 33.81
N ARG B 218 -2.42 -19.23 33.38
CA ARG B 218 -3.53 -19.04 34.28
C ARG B 218 -3.84 -20.34 35.05
N GLY B 219 -3.66 -21.46 34.37
CA GLY B 219 -3.90 -22.76 34.94
C GLY B 219 -4.94 -23.47 34.08
S SO4 C . 14.08 -13.85 1.75
O1 SO4 C . 15.19 -13.08 2.38
O2 SO4 C . 12.79 -13.14 1.89
O3 SO4 C . 14.30 -14.04 0.32
O4 SO4 C . 14.05 -15.15 2.41
CM2 HMH D . -4.70 14.16 -25.81
N1A HMH D . -5.01 12.98 -23.58
C2A HMH D . -5.32 14.04 -24.41
N3A HMH D . -6.19 14.98 -24.03
C4A HMH D . -6.82 14.95 -22.79
N4A HMH D . -7.73 15.91 -22.34
C5A HMH D . -6.53 13.91 -21.92
C6A HMH D . -5.59 12.89 -22.35
C7A HMH D . -7.23 13.97 -20.60
O1 HMH D . -6.81 12.95 -19.86
S SO4 E . 3.64 -24.42 12.79
O1 SO4 E . 2.79 -23.35 12.18
O2 SO4 E . 5.07 -24.23 12.48
O3 SO4 E . 3.50 -24.40 14.26
O4 SO4 E . 3.20 -25.73 12.28
S SO4 F . 7.96 20.26 -20.74
O1 SO4 F . 8.51 21.19 -19.74
O2 SO4 F . 6.85 20.92 -21.49
O3 SO4 F . 9.03 19.89 -21.68
O4 SO4 F . 7.46 19.05 -20.06
S SO4 G . 8.06 -16.11 -3.57
O1 SO4 G . 9.00 -17.21 -3.25
O2 SO4 G . 8.60 -14.82 -3.09
O3 SO4 G . 7.87 -16.00 -5.01
O4 SO4 G . 6.75 -16.41 -2.94
CM2 HMH H . 4.71 -16.08 25.26
N1A HMH H . 4.96 -14.00 23.95
C2A HMH H . 5.35 -14.72 24.99
N3A HMH H . 6.29 -14.27 25.85
C4A HMH H . 6.91 -13.05 25.68
N4A HMH H . 7.91 -12.57 26.58
C5A HMH H . 6.53 -12.25 24.58
C6A HMH H . 5.52 -12.76 23.70
C7A HMH H . 7.17 -10.92 24.40
O1 HMH H . 6.61 -10.27 23.25
N GLY A 5 2.46 -3.23 -9.26
CA GLY A 5 1.67 -4.31 -9.95
C GLY A 5 1.85 -4.46 -11.47
N VAL A 6 0.84 -5.06 -12.13
CA VAL A 6 0.88 -5.27 -13.58
C VAL A 6 1.08 -3.95 -14.33
N ILE A 7 0.09 -3.10 -14.31
CA ILE A 7 0.20 -1.83 -14.99
C ILE A 7 1.54 -1.16 -14.65
N ASP A 8 1.94 -1.14 -13.36
CA ASP A 8 3.23 -0.52 -13.03
C ASP A 8 4.42 -1.22 -13.76
N THR A 9 4.41 -2.54 -13.83
CA THR A 9 5.50 -3.26 -14.47
C THR A 9 5.71 -2.71 -15.86
N TRP A 10 4.62 -2.68 -16.60
CA TRP A 10 4.64 -2.19 -17.96
C TRP A 10 5.18 -0.76 -18.03
N ILE A 11 4.70 0.11 -17.14
CA ILE A 11 5.14 1.52 -17.08
C ILE A 11 6.68 1.58 -16.98
N ASP A 12 7.23 0.81 -16.03
CA ASP A 12 8.65 0.74 -15.78
C ASP A 12 9.39 0.26 -17.01
N LYS A 13 8.86 -0.80 -17.59
CA LYS A 13 9.42 -1.41 -18.79
C LYS A 13 9.38 -0.36 -19.89
N HIS A 14 8.37 0.52 -19.82
CA HIS A 14 8.20 1.52 -20.86
C HIS A 14 8.45 2.95 -20.38
N ARG A 15 9.30 3.11 -19.37
CA ARG A 15 9.56 4.43 -18.79
C ARG A 15 9.77 5.60 -19.76
N SER A 16 10.37 5.35 -20.91
CA SER A 16 10.64 6.43 -21.85
C SER A 16 9.42 6.84 -22.63
N ILE A 17 8.58 5.87 -23.01
CA ILE A 17 7.38 6.22 -23.71
C ILE A 17 6.40 6.91 -22.72
N TYR A 18 6.48 6.58 -21.44
CA TYR A 18 5.61 7.21 -20.44
C TYR A 18 6.08 8.67 -20.17
N THR A 19 7.40 8.85 -20.01
CA THR A 19 7.96 10.21 -19.80
C THR A 19 7.65 11.06 -21.05
N ALA A 20 8.01 10.55 -22.23
CA ALA A 20 7.77 11.25 -23.49
C ALA A 20 6.30 11.61 -23.71
N ALA A 21 5.40 10.76 -23.24
CA ALA A 21 3.97 11.00 -23.39
C ALA A 21 3.42 11.89 -22.29
N THR A 22 4.21 12.13 -21.26
CA THR A 22 3.70 12.95 -20.15
C THR A 22 4.35 14.35 -20.00
N ARG A 23 4.89 14.87 -21.09
CA ARG A 23 5.47 16.20 -21.12
C ARG A 23 4.28 17.15 -20.94
N HIS A 24 4.55 18.44 -20.75
CA HIS A 24 3.48 19.42 -20.49
C HIS A 24 2.58 19.69 -21.70
N ALA A 25 1.27 19.82 -21.46
CA ALA A 25 0.35 20.01 -22.59
C ALA A 25 0.73 21.22 -23.44
N PHE A 26 1.28 22.26 -22.81
CA PHE A 26 1.68 23.50 -23.52
C PHE A 26 2.73 24.21 -22.67
N VAL A 27 3.18 25.39 -23.11
CA VAL A 27 4.15 26.14 -22.34
C VAL A 27 3.87 27.64 -22.55
N VAL A 28 3.58 28.36 -21.47
CA VAL A 28 3.32 29.81 -21.52
C VAL A 28 4.67 30.37 -21.10
N SER A 29 5.32 31.18 -21.94
CA SER A 29 6.61 31.79 -21.64
C SER A 29 6.71 33.23 -22.17
N ILE A 30 7.80 33.92 -21.87
CA ILE A 30 7.95 35.30 -22.33
C ILE A 30 8.44 35.32 -23.75
N ARG A 31 7.83 36.12 -24.63
CA ARG A 31 8.33 36.18 -26.01
C ARG A 31 8.53 37.59 -26.47
N ASP A 32 9.78 37.91 -26.79
CA ASP A 32 10.08 39.24 -27.25
C ASP A 32 9.40 40.19 -26.28
N GLY A 33 9.64 40.00 -24.97
CA GLY A 33 9.00 40.92 -24.05
C GLY A 33 7.49 40.75 -23.90
N SER A 34 6.88 39.91 -24.73
CA SER A 34 5.44 39.68 -24.64
C SER A 34 4.99 38.27 -24.18
N VAL A 35 3.72 38.15 -23.76
CA VAL A 35 3.24 36.79 -23.41
C VAL A 35 2.57 36.13 -24.63
N ASP A 36 3.23 35.12 -25.19
CA ASP A 36 2.73 34.42 -26.38
C ASP A 36 1.79 33.24 -26.07
N LEU A 37 0.51 33.44 -26.32
CA LEU A 37 -0.45 32.39 -26.06
C LEU A 37 -0.49 31.26 -27.08
N SER A 38 0.59 31.04 -27.82
CA SER A 38 0.54 29.98 -28.87
C SER A 38 0.79 28.50 -28.51
N SER A 39 1.64 28.23 -27.52
CA SER A 39 1.83 26.83 -27.13
C SER A 39 0.50 26.36 -26.54
N PHE A 40 -0.11 27.18 -25.68
CA PHE A 40 -1.35 26.85 -25.03
C PHE A 40 -2.57 26.99 -25.95
N ARG A 41 -2.57 28.02 -26.80
CA ARG A 41 -3.75 28.21 -27.57
C ARG A 41 -3.83 27.14 -28.67
N THR A 42 -2.69 26.57 -29.00
CA THR A 42 -2.71 25.51 -29.99
C THR A 42 -3.27 24.25 -29.32
N TRP A 43 -2.89 24.04 -28.06
CA TRP A 43 -3.38 22.89 -27.28
C TRP A 43 -4.91 22.95 -26.93
N LEU A 44 -5.38 24.15 -26.61
CA LEU A 44 -6.77 24.34 -26.21
C LEU A 44 -7.67 23.90 -27.31
N GLY A 45 -7.32 24.29 -28.52
CA GLY A 45 -8.14 23.96 -29.68
C GLY A 45 -8.12 22.48 -30.06
N GLN A 46 -6.94 21.95 -30.21
CA GLN A 46 -6.85 20.55 -30.56
C GLN A 46 -7.48 19.66 -29.47
N ASP A 47 -7.20 19.95 -28.20
CA ASP A 47 -7.76 19.10 -27.16
C ASP A 47 -9.29 19.16 -27.03
N TYR A 48 -9.88 20.32 -27.31
CA TYR A 48 -11.34 20.39 -27.25
C TYR A 48 -11.96 19.37 -28.26
N LEU A 49 -11.27 19.18 -29.40
CA LEU A 49 -11.76 18.23 -30.43
C LEU A 49 -11.50 16.79 -30.00
N PHE A 50 -10.38 16.55 -29.34
CA PHE A 50 -10.09 15.18 -28.88
C PHE A 50 -11.15 14.75 -27.84
N VAL A 51 -11.46 15.68 -26.93
CA VAL A 51 -12.43 15.44 -25.86
C VAL A 51 -13.84 15.22 -26.39
N ARG A 52 -14.28 16.01 -27.38
CA ARG A 52 -15.60 15.78 -27.97
C ARG A 52 -15.64 14.36 -28.55
N ARG A 53 -14.48 13.84 -28.95
CA ARG A 53 -14.42 12.50 -29.48
C ARG A 53 -14.19 11.47 -28.35
N PHE A 54 -13.48 11.87 -27.30
CA PHE A 54 -13.25 10.97 -26.20
C PHE A 54 -14.60 10.69 -25.47
N VAL A 55 -15.52 11.66 -25.52
CA VAL A 55 -16.83 11.55 -24.90
C VAL A 55 -17.49 10.20 -25.22
N PRO A 56 -17.71 9.89 -26.51
CA PRO A 56 -18.35 8.59 -26.81
C PRO A 56 -17.47 7.35 -26.54
N PHE A 57 -16.17 7.50 -26.56
CA PHE A 57 -15.35 6.35 -26.23
C PHE A 57 -15.65 6.00 -24.72
N VAL A 58 -15.56 6.99 -23.82
CA VAL A 58 -15.80 6.69 -22.39
C VAL A 58 -17.23 6.26 -22.21
N ALA A 59 -18.04 6.44 -23.24
CA ALA A 59 -19.42 6.05 -23.12
C ALA A 59 -19.62 4.64 -23.61
N SER A 60 -18.73 4.15 -24.47
CA SER A 60 -18.88 2.80 -24.91
C SER A 60 -18.26 1.89 -23.83
N VAL A 61 -17.35 2.39 -23.00
CA VAL A 61 -16.83 1.48 -21.98
C VAL A 61 -17.86 1.41 -20.84
N LEU A 62 -18.65 2.48 -20.69
CA LEU A 62 -19.66 2.49 -19.65
C LEU A 62 -20.60 1.31 -19.95
N ILE A 63 -21.16 1.33 -21.17
CA ILE A 63 -22.07 0.31 -21.62
C ILE A 63 -21.47 -1.08 -21.45
N ARG A 64 -20.15 -1.17 -21.56
CA ARG A 64 -19.42 -2.44 -21.40
C ARG A 64 -19.22 -2.77 -19.93
N ALA A 65 -19.14 -1.74 -19.09
CA ALA A 65 -18.96 -1.96 -17.67
C ALA A 65 -20.31 -2.33 -17.03
N CYS A 66 -21.39 -1.75 -17.53
CA CYS A 66 -22.74 -2.03 -17.03
C CYS A 66 -23.11 -3.47 -17.32
N LYS A 67 -22.29 -4.17 -18.10
CA LYS A 67 -22.59 -5.57 -18.39
C LYS A 67 -21.53 -6.52 -17.87
N ASP A 68 -20.25 -6.32 -18.24
CA ASP A 68 -19.15 -7.18 -17.76
C ASP A 68 -18.79 -6.86 -16.33
N SER A 69 -19.46 -7.53 -15.39
CA SER A 69 -19.22 -7.33 -13.97
C SER A 69 -18.68 -8.54 -13.18
N GLY A 70 -17.36 -8.59 -12.95
CA GLY A 70 -16.78 -9.65 -12.15
C GLY A 70 -17.12 -9.20 -10.73
N GLU A 71 -16.47 -8.13 -10.28
CA GLU A 71 -16.72 -7.53 -8.97
C GLU A 71 -17.62 -6.32 -9.25
N SER A 72 -18.85 -6.38 -8.74
CA SER A 72 -19.82 -5.30 -8.91
C SER A 72 -19.15 -4.04 -8.41
N SER A 73 -19.26 -2.92 -9.17
CA SER A 73 -18.66 -1.63 -8.78
C SER A 73 -18.19 -0.68 -9.92
N ASP A 74 -17.66 -1.25 -10.99
CA ASP A 74 -17.13 -0.51 -12.11
C ASP A 74 -18.08 0.43 -12.84
N MSE A 75 -19.37 0.11 -12.89
CA MSE A 75 -20.26 1.00 -13.66
C MSE A 75 -20.09 2.43 -13.21
O MSE A 75 -19.57 3.27 -13.93
CB MSE A 75 -21.74 0.61 -13.51
CG MSE A 75 -22.74 1.28 -14.48
SE MSE A 75 -23.44 3.16 -14.25
CE MSE A 75 -24.72 2.78 -12.89
N GLU A 76 -20.53 2.67 -11.99
CA GLU A 76 -20.53 3.97 -11.41
C GLU A 76 -19.19 4.66 -11.57
N VAL A 77 -18.13 3.88 -11.69
CA VAL A 77 -16.86 4.50 -11.91
C VAL A 77 -16.93 5.18 -13.28
N VAL A 78 -16.95 4.43 -14.35
CA VAL A 78 -16.98 5.07 -15.66
C VAL A 78 -17.96 6.27 -15.63
N LEU A 79 -19.06 6.11 -14.90
CA LEU A 79 -20.08 7.17 -14.81
C LEU A 79 -19.67 8.56 -14.27
N GLY A 80 -18.97 8.60 -13.15
CA GLY A 80 -18.56 9.89 -12.60
C GLY A 80 -17.57 10.54 -13.57
N GLY A 81 -16.96 9.70 -14.40
CA GLY A 81 -16.00 10.17 -15.40
C GLY A 81 -16.67 10.90 -16.56
N ILE A 82 -17.77 10.33 -17.07
CA ILE A 82 -18.42 10.99 -18.18
C ILE A 82 -19.14 12.26 -17.70
N ALA A 83 -19.63 12.27 -16.46
CA ALA A 83 -20.33 13.44 -15.92
C ALA A 83 -19.41 14.63 -15.93
N SER A 84 -18.20 14.41 -15.44
CA SER A 84 -17.17 15.47 -15.41
C SER A 84 -16.98 16.10 -16.83
N LEU A 85 -17.17 15.29 -17.90
CA LEU A 85 -16.99 15.79 -19.27
C LEU A 85 -17.99 16.91 -19.57
N ASN A 86 -19.20 16.77 -19.05
CA ASN A 86 -20.21 17.82 -19.21
C ASN A 86 -19.60 19.16 -18.74
N ASP A 87 -18.99 19.11 -17.55
CA ASP A 87 -18.40 20.30 -16.95
C ASP A 87 -17.14 20.70 -17.67
N GLU A 88 -16.28 19.71 -17.94
CA GLU A 88 -15.05 20.03 -18.63
C GLU A 88 -15.35 20.61 -20.01
N ILE A 89 -16.33 20.04 -20.71
CA ILE A 89 -16.68 20.57 -22.01
C ILE A 89 -17.19 22.00 -21.86
N GLU A 90 -17.97 22.26 -20.81
CA GLU A 90 -18.44 23.61 -20.55
C GLU A 90 -17.25 24.52 -20.22
N TRP A 91 -16.27 24.00 -19.47
CA TRP A 91 -15.07 24.76 -19.14
C TRP A 91 -14.34 25.13 -20.47
N PHE A 92 -13.98 24.15 -21.28
CA PHE A 92 -13.31 24.43 -22.58
C PHE A 92 -13.98 25.61 -23.31
N LYS A 93 -15.31 25.63 -23.41
CA LYS A 93 -15.93 26.77 -24.13
C LYS A 93 -15.74 28.10 -23.39
N ARG A 94 -15.86 28.11 -22.06
CA ARG A 94 -15.63 29.35 -21.31
C ARG A 94 -14.18 29.81 -21.58
N GLU A 95 -13.25 28.89 -21.79
CA GLU A 95 -11.85 29.26 -22.08
C GLU A 95 -11.70 29.75 -23.50
N GLY A 96 -12.23 28.96 -24.42
CA GLY A 96 -12.16 29.33 -25.82
C GLY A 96 -12.66 30.75 -26.03
N SER A 97 -13.70 31.11 -25.31
CA SER A 97 -14.16 32.46 -25.53
C SER A 97 -13.29 33.55 -24.89
N LYS A 98 -12.52 33.20 -23.86
CA LYS A 98 -11.74 34.26 -23.23
C LYS A 98 -10.39 34.48 -23.90
N TRP A 99 -9.94 33.45 -24.63
CA TRP A 99 -8.68 33.48 -25.36
C TRP A 99 -8.86 33.52 -26.84
N ASP A 100 -10.10 33.71 -27.28
CA ASP A 100 -10.43 33.72 -28.69
C ASP A 100 -9.81 32.55 -29.44
N VAL A 101 -10.45 31.38 -29.40
CA VAL A 101 -9.98 30.20 -30.12
C VAL A 101 -11.20 29.49 -30.70
N ASP A 102 -11.87 30.13 -31.64
CA ASP A 102 -13.03 29.59 -32.32
C ASP A 102 -12.79 28.12 -32.61
N PHE A 103 -13.43 27.24 -31.86
CA PHE A 103 -13.23 25.82 -32.05
C PHE A 103 -13.74 25.30 -33.38
N SER A 104 -14.66 26.03 -34.01
CA SER A 104 -15.25 25.68 -35.29
C SER A 104 -14.22 25.72 -36.44
N THR A 105 -13.29 26.67 -36.39
CA THR A 105 -12.28 26.82 -37.42
C THR A 105 -11.01 26.03 -37.14
N VAL A 106 -10.94 25.36 -36.00
CA VAL A 106 -9.79 24.54 -35.67
C VAL A 106 -9.92 23.22 -36.48
N VAL A 107 -8.94 22.83 -37.29
CA VAL A 107 -9.03 21.54 -38.00
C VAL A 107 -8.09 20.57 -37.21
N PRO A 108 -8.52 19.32 -36.92
CA PRO A 108 -7.61 18.47 -36.17
C PRO A 108 -6.37 18.15 -37.01
N GLN A 109 -5.23 18.01 -36.34
CA GLN A 109 -4.01 17.66 -37.04
C GLN A 109 -3.85 16.15 -36.97
N ARG A 110 -2.87 15.63 -37.69
CA ARG A 110 -2.53 14.21 -37.77
C ARG A 110 -2.46 13.45 -36.43
N ALA A 111 -1.85 14.05 -35.42
CA ALA A 111 -1.78 13.32 -34.19
C ALA A 111 -3.22 13.11 -33.67
N ASN A 112 -4.07 14.13 -33.90
CA ASN A 112 -5.48 14.14 -33.51
C ASN A 112 -6.39 13.20 -34.33
N GLN A 113 -6.23 13.24 -35.65
CA GLN A 113 -7.01 12.40 -36.51
C GLN A 113 -6.74 10.97 -36.18
N GLU A 114 -5.46 10.63 -36.06
CA GLU A 114 -5.06 9.26 -35.72
C GLU A 114 -5.76 8.83 -34.42
N TYR A 115 -5.64 9.68 -33.41
CA TYR A 115 -6.24 9.45 -32.11
C TYR A 115 -7.75 9.22 -32.27
N GLY A 116 -8.41 10.15 -32.96
CA GLY A 116 -9.85 10.01 -33.14
C GLY A 116 -10.21 8.67 -33.77
N ARG A 117 -9.57 8.34 -34.88
CA ARG A 117 -9.85 7.06 -35.51
C ARG A 117 -9.58 5.92 -34.57
N PHE A 118 -8.53 6.04 -33.77
CA PHE A 118 -8.21 4.96 -32.82
C PHE A 118 -9.38 4.79 -31.80
N LEU A 119 -9.76 5.89 -31.14
CA LEU A 119 -10.88 5.80 -30.19
C LEU A 119 -12.05 5.04 -30.82
N GLU A 120 -12.29 5.24 -32.12
CA GLU A 120 -13.36 4.54 -32.79
C GLU A 120 -13.14 3.05 -32.83
N ASP A 121 -11.87 2.64 -32.98
CA ASP A 121 -11.53 1.22 -33.04
C ASP A 121 -11.67 0.59 -31.67
N LEU A 122 -11.76 1.44 -30.66
CA LEU A 122 -11.90 0.99 -29.29
C LEU A 122 -13.35 0.83 -28.87
N MSE A 123 -14.24 1.46 -29.63
CA MSE A 123 -15.66 1.43 -29.35
C MSE A 123 -16.43 0.16 -29.76
O MSE A 123 -17.64 0.02 -29.45
CB MSE A 123 -16.32 2.63 -30.02
CG MSE A 123 -15.93 3.95 -29.38
SE MSE A 123 -16.63 5.48 -30.34
CE MSE A 123 -18.45 5.36 -29.79
N SER A 124 -15.74 -0.74 -30.47
CA SER A 124 -16.35 -1.98 -30.98
C SER A 124 -16.44 -3.04 -29.89
N SER A 125 -17.59 -3.69 -29.78
CA SER A 125 -17.73 -4.71 -28.75
C SER A 125 -17.13 -6.02 -29.20
N GLU A 126 -15.82 -6.10 -29.06
CA GLU A 126 -15.00 -7.26 -29.40
C GLU A 126 -13.70 -7.15 -28.55
N VAL A 127 -13.32 -5.93 -28.18
CA VAL A 127 -12.11 -5.77 -27.35
C VAL A 127 -12.41 -6.18 -25.91
N LYS A 128 -11.43 -6.85 -25.32
CA LYS A 128 -11.47 -7.36 -23.95
C LYS A 128 -11.37 -6.29 -22.82
N TYR A 129 -12.16 -6.49 -21.79
CA TYR A 129 -12.20 -5.54 -20.70
C TYR A 129 -10.83 -5.12 -20.18
N PRO A 130 -9.98 -6.09 -19.80
CA PRO A 130 -8.67 -5.70 -19.29
C PRO A 130 -7.99 -4.68 -20.24
N VAL A 131 -8.10 -4.98 -21.52
CA VAL A 131 -7.55 -4.17 -22.62
C VAL A 131 -8.20 -2.82 -22.63
N ILE A 132 -9.51 -2.85 -22.76
CA ILE A 132 -10.31 -1.64 -22.82
C ILE A 132 -10.14 -0.77 -21.58
N MSE A 133 -9.80 -1.42 -20.47
CA MSE A 133 -9.57 -0.70 -19.21
C MSE A 133 -8.18 -0.03 -19.14
O MSE A 133 -8.02 1.01 -18.49
CB MSE A 133 -9.77 -1.63 -18.03
CG MSE A 133 -11.20 -1.56 -17.56
SE MSE A 133 -11.78 0.12 -16.91
CE MSE A 133 -10.31 0.43 -15.81
N THR A 134 -7.22 -0.64 -19.80
CA THR A 134 -5.88 -0.08 -19.88
C THR A 134 -5.98 1.29 -20.61
N ALA A 135 -6.64 1.29 -21.79
CA ALA A 135 -6.80 2.50 -22.56
C ALA A 135 -7.54 3.60 -21.77
N PHE A 136 -8.59 3.24 -21.03
CA PHE A 136 -9.33 4.27 -20.31
C PHE A 136 -8.42 4.78 -19.21
N TRP A 137 -7.76 3.87 -18.52
CA TRP A 137 -6.90 4.29 -17.49
C TRP A 137 -5.70 5.03 -18.09
N ALA A 138 -5.23 4.60 -19.27
CA ALA A 138 -4.07 5.25 -19.87
C ALA A 138 -4.39 6.68 -20.20
N ILE A 139 -5.35 6.86 -21.08
CA ILE A 139 -5.76 8.20 -21.47
C ILE A 139 -5.97 9.14 -20.25
N GLU A 140 -6.50 8.61 -19.12
CA GLU A 140 -6.69 9.45 -17.92
C GLU A 140 -5.33 9.72 -17.28
N ALA A 141 -4.65 8.64 -16.99
CA ALA A 141 -3.31 8.65 -16.40
C ALA A 141 -2.42 9.75 -16.97
N VAL A 142 -2.16 9.75 -18.27
CA VAL A 142 -1.30 10.77 -18.87
C VAL A 142 -1.73 12.22 -18.55
N TYR A 143 -3.02 12.42 -18.29
CA TYR A 143 -3.49 13.75 -17.94
C TYR A 143 -3.13 14.02 -16.48
N GLN A 144 -3.28 13.01 -15.62
CA GLN A 144 -2.90 13.20 -14.22
C GLN A 144 -1.39 13.44 -14.13
N GLU A 145 -0.61 12.64 -14.84
CA GLU A 145 0.84 12.81 -14.75
C GLU A 145 1.23 14.13 -15.41
N SER A 146 0.41 14.61 -16.33
CA SER A 146 0.77 15.85 -16.96
C SER A 146 0.63 17.02 -16.00
N PHE A 147 -0.56 17.29 -15.51
CA PHE A 147 -0.73 18.40 -14.56
C PHE A 147 -0.20 18.07 -13.17
N ALA A 148 0.54 16.98 -13.07
CA ALA A 148 1.11 16.58 -11.82
C ALA A 148 1.89 17.77 -11.21
N HIS A 149 1.34 18.36 -10.14
CA HIS A 149 1.99 19.50 -9.49
C HIS A 149 2.05 20.77 -10.37
N CYS A 150 1.01 21.01 -11.15
CA CYS A 150 1.05 22.16 -12.03
C CYS A 150 1.25 23.51 -11.33
N LEU A 151 0.80 23.68 -10.10
CA LEU A 151 0.97 24.95 -9.41
C LEU A 151 2.43 25.29 -9.06
N GLU A 152 3.03 24.42 -8.24
CA GLU A 152 4.39 24.59 -7.77
C GLU A 152 5.36 24.80 -8.93
N ASP A 153 5.29 23.94 -9.94
CA ASP A 153 6.16 24.10 -11.12
C ASP A 153 5.90 25.49 -11.70
N GLY A 154 4.62 25.80 -11.89
CA GLY A 154 4.24 27.09 -12.44
C GLY A 154 4.75 28.28 -11.64
N ASN A 155 4.75 28.17 -10.30
CA ASN A 155 5.21 29.26 -9.44
C ASN A 155 6.67 29.56 -9.75
N LYS A 156 7.43 28.53 -10.08
CA LYS A 156 8.87 28.73 -10.34
C LYS A 156 9.21 29.28 -11.72
N THR A 157 8.20 29.56 -12.53
CA THR A 157 8.43 30.06 -13.90
C THR A 157 7.80 31.43 -14.11
N PRO A 158 8.07 32.07 -15.26
CA PRO A 158 7.51 33.38 -15.62
C PRO A 158 5.99 33.34 -15.55
N VAL A 159 5.33 34.25 -16.23
CA VAL A 159 3.88 34.31 -16.23
C VAL A 159 3.29 32.93 -16.47
N GLU A 160 2.26 32.58 -15.69
CA GLU A 160 1.58 31.30 -15.86
C GLU A 160 0.06 31.46 -16.01
N LEU A 161 -0.61 30.45 -16.62
CA LEU A 161 -2.08 30.46 -16.81
C LEU A 161 -2.71 29.59 -15.71
N THR A 162 -3.96 29.80 -15.33
CA THR A 162 -4.46 29.04 -14.17
C THR A 162 -5.58 28.00 -14.31
N GLY A 163 -6.39 28.11 -15.36
CA GLY A 163 -7.53 27.22 -15.56
C GLY A 163 -7.27 25.73 -15.77
N ALA A 164 -6.48 25.39 -16.81
CA ALA A 164 -6.18 24.01 -17.15
C ALA A 164 -5.66 23.34 -15.91
N CYS A 165 -4.87 24.07 -15.13
CA CYS A 165 -4.35 23.57 -13.86
C CYS A 165 -5.48 23.33 -12.82
N HIS A 166 -6.50 24.17 -12.76
CA HIS A 166 -7.64 23.91 -11.83
C HIS A 166 -8.69 22.91 -12.39
N ARG A 167 -8.34 22.32 -13.54
CA ARG A 167 -9.17 21.37 -14.25
C ARG A 167 -8.65 19.94 -14.21
N TRP A 168 -7.33 19.78 -14.03
CA TRP A 168 -6.75 18.43 -14.02
C TRP A 168 -5.55 18.15 -13.11
N GLY A 169 -4.99 19.13 -12.41
CA GLY A 169 -3.85 18.79 -11.56
C GLY A 169 -4.21 18.64 -10.09
N ASN A 170 -5.52 18.60 -9.81
CA ASN A 170 -6.06 18.55 -8.45
C ASN A 170 -6.13 17.17 -7.77
N ASP A 171 -6.88 17.09 -6.68
CA ASP A 171 -6.96 15.82 -5.97
C ASP A 171 -8.20 15.01 -6.28
N GLY A 172 -9.25 15.69 -6.74
CA GLY A 172 -10.45 14.99 -7.11
C GLY A 172 -10.16 14.14 -8.34
N PHE A 173 -9.48 14.71 -9.33
CA PHE A 173 -9.16 13.94 -10.56
C PHE A 173 -8.06 12.90 -10.24
N LYS A 174 -7.09 13.29 -9.42
CA LYS A 174 -6.00 12.38 -9.01
C LYS A 174 -6.62 11.11 -8.41
N GLN A 175 -7.22 11.27 -7.24
CA GLN A 175 -7.81 10.14 -6.57
C GLN A 175 -8.57 9.31 -7.59
N TYR A 176 -9.28 9.98 -8.51
CA TYR A 176 -10.09 9.32 -9.58
C TYR A 176 -9.32 8.37 -10.50
N CYS A 177 -8.26 8.84 -11.14
CA CYS A 177 -7.47 7.98 -12.02
C CYS A 177 -7.03 6.74 -11.24
N SER A 178 -6.81 6.92 -9.95
CA SER A 178 -6.43 5.80 -9.12
C SER A 178 -7.68 4.89 -9.07
N SER A 179 -8.87 5.48 -8.91
CA SER A 179 -10.13 4.70 -8.90
C SER A 179 -10.24 3.89 -10.19
N VAL A 180 -9.88 4.49 -11.33
CA VAL A 180 -9.97 3.77 -12.59
C VAL A 180 -8.81 2.79 -12.70
N LYS A 181 -7.66 3.15 -12.17
CA LYS A 181 -6.51 2.27 -12.15
C LYS A 181 -6.82 0.99 -11.36
N ASN A 182 -7.43 1.11 -10.19
CA ASN A 182 -7.72 -0.12 -9.45
C ASN A 182 -8.39 -1.14 -10.34
N ILE A 183 -9.35 -0.71 -11.16
CA ILE A 183 -10.03 -1.62 -12.08
C ILE A 183 -9.04 -2.27 -13.07
N ALA A 184 -8.35 -1.45 -13.86
CA ALA A 184 -7.39 -1.99 -14.82
C ALA A 184 -6.34 -2.85 -14.12
N GLU A 185 -6.18 -2.63 -12.82
CA GLU A 185 -5.19 -3.40 -12.12
C GLU A 185 -5.83 -4.65 -11.53
N ARG A 186 -7.14 -4.77 -11.69
CA ARG A 186 -7.82 -5.96 -11.21
C ARG A 186 -7.71 -6.86 -12.39
N CYS A 187 -8.69 -6.76 -13.27
CA CYS A 187 -8.79 -7.54 -14.51
C CYS A 187 -7.52 -7.91 -15.29
N LEU A 188 -6.51 -7.06 -15.30
CA LEU A 188 -5.32 -7.45 -16.05
C LEU A 188 -4.67 -8.54 -15.21
N GLU A 189 -4.75 -8.33 -13.91
CA GLU A 189 -4.21 -9.23 -12.87
C GLU A 189 -4.54 -10.69 -13.13
N ASN A 190 -5.68 -10.91 -13.79
CA ASN A 190 -6.15 -12.27 -14.04
C ASN A 190 -6.75 -12.42 -15.41
N ALA A 191 -5.98 -12.12 -16.45
CA ALA A 191 -6.50 -12.21 -17.82
C ALA A 191 -5.57 -13.09 -18.66
N SER A 192 -6.09 -13.68 -19.75
CA SER A 192 -5.24 -14.51 -20.61
C SER A 192 -4.07 -13.72 -21.19
N GLY A 193 -3.09 -14.45 -21.73
CA GLY A 193 -1.89 -13.85 -22.28
C GLY A 193 -2.11 -13.10 -23.60
N GLU A 194 -2.86 -13.71 -24.52
CA GLU A 194 -3.16 -13.11 -25.80
C GLU A 194 -3.78 -11.76 -25.49
N VAL A 195 -4.56 -11.72 -24.41
CA VAL A 195 -5.23 -10.52 -23.94
C VAL A 195 -4.27 -9.60 -23.12
N LEU A 196 -3.52 -10.19 -22.21
CA LEU A 196 -2.58 -9.42 -21.39
C LEU A 196 -1.61 -8.69 -22.32
N GLY A 197 -1.26 -9.36 -23.42
CA GLY A 197 -0.39 -8.73 -24.37
C GLY A 197 -1.17 -7.64 -25.10
N GLU A 198 -2.44 -7.92 -25.41
CA GLU A 198 -3.25 -6.90 -26.11
C GLU A 198 -3.36 -5.60 -25.29
N ALA A 199 -3.76 -5.73 -24.03
CA ALA A 199 -3.91 -4.57 -23.20
C ALA A 199 -2.63 -3.73 -23.27
N GLU A 200 -1.47 -4.39 -23.20
CA GLU A 200 -0.20 -3.71 -23.18
C GLU A 200 0.10 -3.01 -24.50
N ASP A 201 -0.43 -3.53 -25.59
CA ASP A 201 -0.18 -2.92 -26.86
C ASP A 201 -0.97 -1.64 -26.90
N VAL A 202 -2.30 -1.76 -26.87
CA VAL A 202 -3.17 -0.60 -26.91
C VAL A 202 -2.63 0.52 -26.02
N LEU A 203 -1.97 0.17 -24.91
CA LEU A 203 -1.39 1.15 -24.01
C LEU A 203 -0.26 1.87 -24.78
N VAL A 204 0.55 1.09 -25.49
CA VAL A 204 1.65 1.64 -26.25
C VAL A 204 1.10 2.62 -27.28
N ARG A 205 0.12 2.18 -28.09
CA ARG A 205 -0.43 3.08 -29.10
C ARG A 205 -0.92 4.41 -28.51
N VAL A 206 -1.57 4.33 -27.35
CA VAL A 206 -2.06 5.48 -26.67
C VAL A 206 -0.89 6.45 -26.33
N LEU A 207 0.16 5.95 -25.68
CA LEU A 207 1.26 6.81 -25.27
C LEU A 207 1.88 7.45 -26.53
N GLU A 208 2.07 6.62 -27.55
CA GLU A 208 2.64 7.10 -28.81
C GLU A 208 1.75 8.14 -29.47
N LEU A 209 0.44 7.89 -29.47
CA LEU A 209 -0.53 8.81 -30.03
C LEU A 209 -0.51 10.14 -29.23
N GLU A 210 -0.11 10.09 -27.96
CA GLU A 210 -0.04 11.26 -27.10
C GLU A 210 1.22 12.09 -27.49
N VAL A 211 2.32 11.40 -27.77
CA VAL A 211 3.56 12.08 -28.19
C VAL A 211 3.22 12.95 -29.41
N ALA A 212 2.59 12.31 -30.38
CA ALA A 212 2.17 12.95 -31.60
C ALA A 212 1.24 14.17 -31.36
N PHE A 213 0.23 14.00 -30.50
CA PHE A 213 -0.74 15.04 -30.13
C PHE A 213 0.00 16.22 -29.52
N TRP A 214 0.84 15.88 -28.56
CA TRP A 214 1.67 16.82 -27.84
C TRP A 214 2.63 17.61 -28.77
N GLU A 215 3.34 16.92 -29.64
CA GLU A 215 4.23 17.59 -30.56
C GLU A 215 3.49 18.67 -31.30
N MSE A 216 2.15 18.70 -31.19
CA MSE A 216 1.43 19.78 -31.89
C MSE A 216 1.67 21.16 -31.25
O MSE A 216 1.60 22.17 -31.95
CB MSE A 216 -0.07 19.52 -32.02
CG MSE A 216 -0.45 18.40 -32.97
SE MSE A 216 -2.40 18.19 -33.11
CE MSE A 216 -2.87 17.85 -31.22
N SER A 217 1.99 21.23 -29.95
CA SER A 217 2.21 22.54 -29.34
C SER A 217 3.35 22.64 -28.29
N ARG A 218 4.41 21.86 -28.46
CA ARG A 218 5.56 21.84 -27.56
C ARG A 218 6.35 23.15 -27.25
N GLY A 219 7.43 22.99 -26.50
CA GLY A 219 8.32 24.11 -26.27
C GLY A 219 9.44 24.09 -27.34
N ARG B 4 -6.37 0.71 5.18
CA ARG B 4 -5.33 0.41 6.21
C ARG B 4 -4.16 -0.29 5.57
N GLY B 5 -3.15 -0.61 6.36
CA GLY B 5 -1.97 -1.32 5.89
C GLY B 5 -2.09 -2.84 6.11
N VAL B 6 -1.05 -3.58 5.74
CA VAL B 6 -1.01 -5.04 5.89
C VAL B 6 -1.30 -5.61 7.29
N ILE B 7 -0.36 -5.47 8.22
CA ILE B 7 -0.61 -6.03 9.55
C ILE B 7 -1.86 -5.41 10.10
N ASP B 8 -2.05 -4.15 9.73
CA ASP B 8 -3.20 -3.43 10.15
C ASP B 8 -4.53 -4.04 9.72
N THR B 9 -4.63 -4.48 8.48
CA THR B 9 -5.89 -5.12 7.98
C THR B 9 -6.03 -6.58 8.44
N TRP B 10 -4.90 -7.26 8.68
CA TRP B 10 -4.93 -8.63 9.19
C TRP B 10 -5.48 -8.72 10.62
N ILE B 11 -5.02 -7.81 11.49
CA ILE B 11 -5.45 -7.81 12.87
C ILE B 11 -6.95 -7.58 12.91
N ASP B 12 -7.46 -6.90 11.90
CA ASP B 12 -8.89 -6.66 11.78
C ASP B 12 -9.59 -7.90 11.21
N LYS B 13 -8.95 -8.66 10.33
CA LYS B 13 -9.58 -9.89 9.82
C LYS B 13 -9.58 -10.95 10.93
N HIS B 14 -8.93 -10.68 12.06
CA HIS B 14 -8.92 -11.68 13.14
C HIS B 14 -8.98 -11.07 14.54
N ARG B 15 -9.76 -10.00 14.73
CA ARG B 15 -9.87 -9.34 16.05
C ARG B 15 -10.13 -10.26 17.24
N SER B 16 -10.84 -11.36 17.03
CA SER B 16 -11.14 -12.25 18.15
C SER B 16 -9.89 -12.87 18.77
N ILE B 17 -9.01 -13.38 17.93
CA ILE B 17 -7.75 -13.96 18.43
C ILE B 17 -6.88 -12.86 19.07
N TYR B 18 -6.87 -11.65 18.48
CA TYR B 18 -6.02 -10.52 18.94
C TYR B 18 -6.47 -9.97 20.31
N THR B 19 -7.71 -9.47 20.35
CA THR B 19 -8.28 -8.92 21.58
C THR B 19 -8.01 -9.96 22.68
N ALA B 20 -8.33 -11.22 22.42
CA ALA B 20 -8.10 -12.27 23.39
C ALA B 20 -6.61 -12.59 23.53
N ALA B 21 -5.76 -12.00 22.69
CA ALA B 21 -4.36 -12.36 22.81
C ALA B 21 -3.70 -11.62 23.92
N THR B 22 -4.06 -10.35 24.01
CA THR B 22 -3.52 -9.49 24.99
C THR B 22 -4.71 -9.21 25.91
N ARG B 23 -5.48 -10.25 26.27
CA ARG B 23 -6.70 -10.19 27.17
C ARG B 23 -7.22 -11.58 27.69
N HIS B 24 -6.41 -12.67 27.67
CA HIS B 24 -6.91 -13.94 28.19
C HIS B 24 -6.98 -13.71 29.70
N ALA B 25 -7.81 -14.49 30.35
CA ALA B 25 -8.02 -14.39 31.80
C ALA B 25 -6.71 -14.26 32.63
N PHE B 26 -5.57 -14.61 32.05
CA PHE B 26 -4.36 -14.46 32.86
C PHE B 26 -4.00 -12.98 32.99
N VAL B 27 -4.21 -12.20 31.91
CA VAL B 27 -3.87 -10.78 31.93
C VAL B 27 -4.98 -9.97 32.55
N VAL B 28 -6.24 -10.34 32.32
CA VAL B 28 -7.33 -9.63 32.99
C VAL B 28 -6.97 -9.64 34.47
N SER B 29 -6.39 -10.76 34.90
CA SER B 29 -5.97 -11.01 36.28
C SER B 29 -4.85 -10.07 36.73
N ILE B 30 -3.89 -9.83 35.84
CA ILE B 30 -2.75 -8.94 36.08
C ILE B 30 -3.25 -7.51 35.88
N ARG B 31 -4.56 -7.39 35.68
CA ARG B 31 -5.22 -6.10 35.51
C ARG B 31 -6.09 -5.78 36.74
N ASP B 32 -6.94 -6.74 37.14
CA ASP B 32 -7.84 -6.57 38.27
C ASP B 32 -7.71 -7.52 39.46
N GLY B 33 -6.86 -8.55 39.37
CA GLY B 33 -6.66 -9.47 40.46
C GLY B 33 -7.49 -10.75 40.55
N SER B 34 -7.04 -11.76 39.80
CA SER B 34 -7.65 -13.11 39.75
C SER B 34 -6.50 -14.15 39.57
N VAL B 35 -5.29 -13.65 39.27
CA VAL B 35 -4.12 -14.48 39.13
C VAL B 35 -3.51 -14.52 40.53
N ASP B 36 -3.17 -15.69 41.05
CA ASP B 36 -2.55 -15.76 42.37
C ASP B 36 -1.02 -16.05 42.28
N LEU B 37 -0.36 -16.25 43.42
CA LEU B 37 1.10 -16.44 43.41
C LEU B 37 1.55 -17.79 42.87
N SER B 38 0.61 -18.73 42.66
CA SER B 38 1.03 -20.03 42.15
C SER B 38 1.14 -20.17 40.63
N SER B 39 0.31 -19.43 39.88
CA SER B 39 0.42 -19.47 38.43
C SER B 39 1.46 -18.42 38.00
N PHE B 40 1.59 -17.33 38.77
CA PHE B 40 2.62 -16.33 38.44
C PHE B 40 3.92 -17.12 38.35
N ARG B 41 4.13 -18.08 39.25
CA ARG B 41 5.31 -18.93 39.22
C ARG B 41 5.32 -19.87 37.98
N THR B 42 4.13 -20.35 37.56
CA THR B 42 4.01 -21.21 36.38
C THR B 42 4.39 -20.30 35.17
N TRP B 43 3.88 -19.07 35.20
CA TRP B 43 4.18 -18.11 34.15
C TRP B 43 5.68 -17.69 34.14
N LEU B 44 6.17 -17.12 35.25
CA LEU B 44 7.55 -16.67 35.35
C LEU B 44 8.47 -17.79 34.85
N GLY B 45 8.04 -19.03 35.10
CA GLY B 45 8.82 -20.19 34.69
C GLY B 45 8.74 -20.46 33.19
N GLN B 46 7.61 -20.98 32.74
CA GLN B 46 7.43 -21.30 31.32
C GLN B 46 7.88 -20.17 30.39
N ASP B 47 7.66 -18.90 30.80
CA ASP B 47 8.01 -17.80 29.93
C ASP B 47 9.49 -17.52 29.83
N TYR B 48 10.22 -17.74 30.92
CA TYR B 48 11.67 -17.54 30.90
C TYR B 48 12.23 -18.63 29.96
N LEU B 49 11.77 -19.85 30.14
CA LEU B 49 12.21 -20.96 29.31
C LEU B 49 11.91 -20.62 27.85
N PHE B 50 10.76 -19.99 27.62
CA PHE B 50 10.41 -19.57 26.29
C PHE B 50 11.41 -18.41 25.94
N VAL B 51 11.69 -17.52 26.88
CA VAL B 51 12.64 -16.45 26.58
C VAL B 51 14.07 -17.00 26.32
N ARG B 52 14.37 -18.23 26.76
CA ARG B 52 15.69 -18.79 26.49
C ARG B 52 15.74 -19.43 25.11
N ARG B 53 14.59 -19.87 24.60
CA ARG B 53 14.61 -20.42 23.25
C ARG B 53 14.32 -19.25 22.26
N PHE B 54 13.69 -18.17 22.73
CA PHE B 54 13.36 -17.02 21.86
C PHE B 54 14.68 -16.28 21.47
N VAL B 55 15.64 -16.17 22.40
CA VAL B 55 16.95 -15.53 22.17
C VAL B 55 17.60 -15.94 20.82
N PRO B 56 17.84 -17.26 20.58
CA PRO B 56 18.44 -17.70 19.30
C PRO B 56 17.48 -17.64 18.12
N PHE B 57 16.20 -17.41 18.40
CA PHE B 57 15.25 -17.25 17.31
C PHE B 57 15.45 -15.85 16.68
N VAL B 58 15.40 -14.82 17.50
CA VAL B 58 15.55 -13.44 17.04
C VAL B 58 16.89 -13.26 16.30
N ALA B 59 17.96 -13.72 16.91
CA ALA B 59 19.25 -13.63 16.26
C ALA B 59 19.09 -14.05 14.78
N SER B 60 18.08 -14.87 14.50
CA SER B 60 17.93 -15.30 13.12
C SER B 60 17.29 -14.15 12.30
N VAL B 61 16.29 -13.48 12.85
CA VAL B 61 15.69 -12.37 12.11
C VAL B 61 16.79 -11.31 11.90
N LEU B 62 17.75 -11.25 12.82
CA LEU B 62 18.82 -10.27 12.76
C LEU B 62 19.77 -10.59 11.62
N ILE B 63 20.03 -11.88 11.41
CA ILE B 63 20.91 -12.38 10.33
C ILE B 63 20.20 -12.08 9.00
N ARG B 64 18.88 -11.95 8.99
CA ARG B 64 18.21 -11.56 7.75
C ARG B 64 18.11 -10.03 7.69
N ALA B 65 17.98 -9.36 8.83
CA ALA B 65 17.83 -7.93 8.81
C ALA B 65 19.11 -7.37 8.24
N CYS B 66 20.18 -8.16 8.27
CA CYS B 66 21.49 -7.80 7.76
C CYS B 66 21.70 -8.23 6.29
N LYS B 67 20.75 -8.99 5.74
CA LYS B 67 20.81 -9.43 4.33
C LYS B 67 19.59 -8.90 3.54
N ASP B 68 18.63 -9.78 3.24
CA ASP B 68 17.43 -9.44 2.46
C ASP B 68 16.47 -8.41 3.03
N SER B 69 16.80 -7.15 2.82
CA SER B 69 15.98 -6.03 3.26
C SER B 69 16.54 -4.71 2.75
N GLY B 70 15.79 -4.08 1.86
CA GLY B 70 16.18 -2.78 1.34
C GLY B 70 16.15 -1.77 2.49
N GLU B 71 16.89 -2.06 3.54
CA GLU B 71 17.03 -1.16 4.67
C GLU B 71 18.08 -1.69 5.63
N SER B 72 19.29 -1.16 5.45
CA SER B 72 20.48 -1.49 6.22
C SER B 72 20.28 -1.28 7.74
N SER B 73 19.37 -0.38 8.11
CA SER B 73 19.12 -0.14 9.53
C SER B 73 18.26 -1.24 10.23
N ASP B 74 17.85 -2.28 9.49
CA ASP B 74 17.07 -3.36 10.14
C ASP B 74 17.96 -4.05 11.20
N MSE B 75 19.26 -4.17 10.92
CA MSE B 75 20.19 -4.81 11.87
C MSE B 75 20.07 -4.08 13.22
O MSE B 75 19.82 -4.72 14.22
CB MSE B 75 21.64 -4.74 11.37
CG MSE B 75 22.65 -5.34 12.35
SE MSE B 75 24.49 -5.42 11.75
CE MSE B 75 25.23 -4.09 12.90
N GLU B 76 20.22 -2.75 13.20
CA GLU B 76 20.13 -1.93 14.40
C GLU B 76 18.81 -2.13 15.22
N VAL B 77 17.67 -2.23 14.55
CA VAL B 77 16.41 -2.46 15.27
C VAL B 77 16.35 -3.90 15.90
N VAL B 78 16.51 -4.95 15.10
CA VAL B 78 16.47 -6.29 15.66
C VAL B 78 17.61 -6.45 16.69
N LEU B 79 18.78 -5.90 16.40
CA LEU B 79 19.89 -6.00 17.32
C LEU B 79 19.53 -5.34 18.65
N GLY B 80 18.75 -4.27 18.62
CA GLY B 80 18.42 -3.61 19.88
C GLY B 80 17.47 -4.46 20.71
N GLY B 81 16.56 -5.15 20.02
CA GLY B 81 15.60 -6.01 20.70
C GLY B 81 16.36 -7.17 21.35
N ILE B 82 17.30 -7.77 20.64
CA ILE B 82 18.00 -8.88 21.26
C ILE B 82 18.86 -8.33 22.39
N ALA B 83 19.36 -7.10 22.27
CA ALA B 83 20.16 -6.52 23.36
C ALA B 83 19.30 -6.49 24.63
N SER B 84 18.11 -5.91 24.50
CA SER B 84 17.16 -5.86 25.61
C SER B 84 16.89 -7.27 26.22
N LEU B 85 17.03 -8.31 25.41
CA LEU B 85 16.76 -9.67 25.90
C LEU B 85 17.76 -10.12 26.95
N ASN B 86 18.96 -9.56 26.88
CA ASN B 86 20.00 -9.86 27.84
C ASN B 86 19.58 -9.30 29.22
N ASP B 87 19.09 -8.07 29.21
CA ASP B 87 18.65 -7.37 30.42
C ASP B 87 17.36 -8.02 30.96
N GLU B 88 16.60 -8.58 30.05
CA GLU B 88 15.34 -9.25 30.36
C GLU B 88 15.62 -10.56 31.07
N ILE B 89 16.55 -11.35 30.55
CA ILE B 89 16.94 -12.65 31.15
C ILE B 89 17.46 -12.35 32.56
N GLU B 90 18.33 -11.34 32.68
CA GLU B 90 18.81 -10.95 34.01
C GLU B 90 17.61 -10.58 34.91
N TRP B 91 16.62 -9.86 34.36
CA TRP B 91 15.41 -9.51 35.12
C TRP B 91 14.62 -10.81 35.56
N PHE B 92 14.56 -11.83 34.69
CA PHE B 92 13.84 -13.04 35.01
C PHE B 92 14.54 -13.76 36.17
N LYS B 93 15.86 -13.86 36.13
CA LYS B 93 16.57 -14.56 37.22
C LYS B 93 16.39 -13.90 38.60
N ARG B 94 16.59 -12.59 38.64
CA ARG B 94 16.37 -11.86 39.90
C ARG B 94 14.90 -12.07 40.31
N GLU B 95 14.05 -12.43 39.34
CA GLU B 95 12.62 -12.67 39.64
C GLU B 95 12.46 -14.03 40.27
N GLY B 96 13.09 -15.03 39.69
CA GLY B 96 12.95 -16.37 40.24
C GLY B 96 13.36 -16.41 41.70
N SER B 97 14.20 -15.46 42.08
CA SER B 97 14.67 -15.38 43.46
C SER B 97 13.86 -14.42 44.32
N LYS B 98 13.20 -13.45 43.72
CA LYS B 98 12.36 -12.54 44.46
C LYS B 98 10.89 -13.01 44.44
N TRP B 99 10.68 -14.32 44.17
CA TRP B 99 9.37 -14.96 44.15
C TRP B 99 9.42 -16.50 44.18
N ASP B 100 10.55 -17.08 44.57
CA ASP B 100 10.68 -18.57 44.64
C ASP B 100 10.24 -19.35 43.39
N VAL B 101 10.82 -19.00 42.24
CA VAL B 101 10.54 -19.71 41.03
C VAL B 101 11.94 -20.15 40.57
N ASP B 102 12.27 -21.42 40.83
CA ASP B 102 13.55 -21.99 40.44
C ASP B 102 13.50 -22.35 38.97
N PHE B 103 14.02 -21.48 38.10
CA PHE B 103 13.89 -21.81 36.68
C PHE B 103 14.42 -23.16 36.29
N SER B 104 15.61 -23.52 36.75
CA SER B 104 16.18 -24.81 36.38
C SER B 104 15.06 -25.81 36.47
N THR B 105 14.75 -26.28 37.68
CA THR B 105 13.70 -27.30 37.85
C THR B 105 12.41 -27.19 37.01
N VAL B 106 11.95 -25.99 36.64
CA VAL B 106 10.72 -25.88 35.83
C VAL B 106 10.54 -26.93 34.72
N VAL B 107 9.32 -27.45 34.56
CA VAL B 107 9.04 -28.43 33.49
C VAL B 107 8.22 -27.74 32.36
N PRO B 108 8.70 -27.78 31.12
CA PRO B 108 7.88 -27.11 30.11
C PRO B 108 6.54 -27.78 29.86
N GLN B 109 5.47 -27.00 29.75
CA GLN B 109 4.23 -27.66 29.49
C GLN B 109 4.14 -27.65 27.98
N ARG B 110 3.20 -28.43 27.47
CA ARG B 110 3.01 -28.57 26.05
C ARG B 110 2.66 -27.26 25.30
N ALA B 111 2.03 -26.26 25.93
CA ALA B 111 1.72 -25.01 25.19
C ALA B 111 3.08 -24.35 24.83
N ASN B 112 4.01 -24.41 25.79
CA ASN B 112 5.34 -23.87 25.69
C ASN B 112 6.16 -24.64 24.65
N GLN B 113 6.09 -25.97 24.68
CA GLN B 113 6.84 -26.77 23.70
C GLN B 113 6.30 -26.54 22.29
N GLU B 114 4.98 -26.42 22.11
CA GLU B 114 4.40 -26.12 20.78
C GLU B 114 4.98 -24.76 20.30
N TYR B 115 4.84 -23.69 21.09
CA TYR B 115 5.39 -22.35 20.69
C TYR B 115 6.90 -22.50 20.25
N GLY B 116 7.68 -23.24 21.03
CA GLY B 116 9.09 -23.45 20.72
C GLY B 116 9.30 -24.10 19.35
N ARG B 117 8.49 -25.10 19.05
CA ARG B 117 8.56 -25.83 17.78
C ARG B 117 8.29 -24.84 16.67
N PHE B 118 7.36 -23.92 16.93
CA PHE B 118 6.97 -22.89 15.98
C PHE B 118 8.16 -21.93 15.74
N LEU B 119 8.74 -21.43 16.82
CA LEU B 119 9.91 -20.55 16.69
C LEU B 119 10.99 -21.24 15.87
N GLU B 120 11.21 -22.52 16.14
CA GLU B 120 12.22 -23.23 15.41
C GLU B 120 11.80 -23.39 13.96
N ASP B 121 10.54 -23.68 13.75
CA ASP B 121 10.06 -23.85 12.39
C ASP B 121 10.31 -22.54 11.63
N LEU B 122 10.52 -21.44 12.33
CA LEU B 122 10.76 -20.14 11.66
C LEU B 122 12.26 -19.79 11.52
N MSE B 123 13.11 -20.55 12.20
CA MSE B 123 14.56 -20.33 12.12
C MSE B 123 15.11 -20.94 10.81
O MSE B 123 16.20 -20.59 10.34
CB MSE B 123 15.23 -20.98 13.33
CG MSE B 123 14.95 -20.18 14.59
SE MSE B 123 15.84 -20.94 16.09
CE MSE B 123 17.69 -20.51 15.70
N SER B 124 14.29 -21.82 10.23
CA SER B 124 14.56 -22.54 8.99
C SER B 124 15.21 -21.71 7.89
N SER B 125 15.68 -22.41 6.85
CA SER B 125 16.34 -21.76 5.74
C SER B 125 15.40 -21.46 4.55
N GLU B 126 14.09 -21.58 4.76
CA GLU B 126 13.12 -21.32 3.68
C GLU B 126 11.94 -20.31 3.95
N VAL B 127 11.89 -19.66 5.11
CA VAL B 127 10.78 -18.74 5.30
C VAL B 127 11.18 -17.32 4.83
N LYS B 128 10.35 -16.60 4.08
CA LYS B 128 10.71 -15.27 3.62
C LYS B 128 10.80 -14.25 4.80
N TYR B 129 11.57 -13.18 4.56
CA TYR B 129 11.79 -12.14 5.52
C TYR B 129 10.51 -11.52 6.20
N PRO B 130 9.50 -11.07 5.42
CA PRO B 130 8.26 -10.49 5.95
C PRO B 130 7.60 -11.40 7.03
N VAL B 131 7.45 -12.67 6.65
CA VAL B 131 6.88 -13.70 7.53
C VAL B 131 7.65 -13.73 8.86
N ILE B 132 8.93 -14.09 8.85
CA ILE B 132 9.64 -14.09 10.11
C ILE B 132 9.64 -12.72 10.74
N MSE B 133 9.53 -11.66 9.92
CA MSE B 133 9.52 -10.30 10.47
C MSE B 133 8.21 -10.12 11.17
O MSE B 133 8.15 -9.47 12.21
CB MSE B 133 9.66 -9.25 9.36
CG MSE B 133 11.03 -8.64 9.21
SE MSE B 133 11.93 -8.15 10.83
CE MSE B 133 10.65 -6.91 11.45
N THR B 134 7.16 -10.67 10.56
CA THR B 134 5.82 -10.59 11.13
C THR B 134 5.71 -11.30 12.49
N ALA B 135 6.15 -12.55 12.54
CA ALA B 135 6.16 -13.29 13.82
C ALA B 135 6.80 -12.41 14.94
N PHE B 136 8.12 -12.24 14.82
CA PHE B 136 8.91 -11.48 15.75
C PHE B 136 8.11 -10.31 16.31
N TRP B 137 7.63 -9.44 15.42
CA TRP B 137 6.83 -8.34 15.83
C TRP B 137 5.64 -8.80 16.68
N ALA B 138 4.82 -9.69 16.11
CA ALA B 138 3.64 -10.22 16.77
C ALA B 138 3.95 -10.71 18.18
N ILE B 139 5.03 -11.44 18.33
CA ILE B 139 5.39 -11.96 19.63
C ILE B 139 5.67 -10.81 20.63
N GLU B 140 6.39 -9.79 20.17
CA GLU B 140 6.73 -8.65 21.02
C GLU B 140 5.45 -7.87 21.26
N ALA B 141 4.73 -7.60 20.17
CA ALA B 141 3.50 -6.82 20.29
C ALA B 141 2.47 -7.44 21.25
N VAL B 142 2.27 -8.76 21.20
CA VAL B 142 1.31 -9.36 22.10
C VAL B 142 1.67 -8.94 23.54
N TYR B 143 2.95 -8.98 23.92
CA TYR B 143 3.26 -8.52 25.28
C TYR B 143 3.02 -7.02 25.45
N GLN B 144 3.31 -6.23 24.41
CA GLN B 144 3.10 -4.77 24.48
C GLN B 144 1.63 -4.40 24.72
N GLU B 145 0.69 -4.92 23.94
CA GLU B 145 -0.69 -4.52 24.22
C GLU B 145 -1.30 -5.17 25.50
N SER B 146 -0.85 -6.38 25.85
CA SER B 146 -1.35 -7.04 27.07
C SER B 146 -0.97 -6.23 28.30
N PHE B 147 0.29 -5.78 28.34
CA PHE B 147 0.79 -5.06 29.48
C PHE B 147 0.61 -3.54 29.59
N ALA B 148 0.22 -2.85 28.52
CA ALA B 148 0.07 -1.39 28.57
C ALA B 148 -1.22 -0.86 29.19
N HIS B 149 -1.18 0.45 29.49
CA HIS B 149 -2.27 1.25 30.10
C HIS B 149 -2.54 1.03 31.63
N CYS B 150 -1.45 0.75 32.38
CA CYS B 150 -1.41 0.54 33.84
C CYS B 150 -0.04 0.72 34.46
N LYS B 156 -5.50 -2.87 42.49
CA LYS B 156 -5.47 -4.32 42.38
C LYS B 156 -4.21 -4.87 41.70
N THR B 157 -3.25 -3.99 41.42
CA THR B 157 -1.97 -4.40 40.81
C THR B 157 -1.11 -5.17 41.83
N PRO B 158 -1.10 -6.53 41.76
CA PRO B 158 -0.29 -7.31 42.72
C PRO B 158 1.24 -7.05 42.56
N VAL B 159 1.95 -7.02 43.68
CA VAL B 159 3.38 -6.70 43.70
C VAL B 159 4.25 -7.49 42.74
N GLU B 160 3.91 -8.76 42.55
CA GLU B 160 4.68 -9.65 41.67
C GLU B 160 4.80 -9.06 40.28
N LEU B 161 3.78 -8.30 39.86
CA LEU B 161 3.76 -7.78 38.49
C LEU B 161 3.68 -6.28 38.24
N THR B 162 3.85 -5.49 39.29
CA THR B 162 3.76 -4.01 39.22
C THR B 162 4.82 -3.27 38.37
N GLY B 163 5.62 -4.07 37.65
CA GLY B 163 6.66 -3.61 36.74
C GLY B 163 6.44 -4.20 35.36
N ALA B 164 5.76 -5.36 35.30
CA ALA B 164 5.40 -6.06 34.05
C ALA B 164 4.40 -5.17 33.31
N CYS B 165 3.67 -4.33 34.08
CA CYS B 165 2.72 -3.36 33.53
C CYS B 165 3.70 -2.39 32.85
N HIS B 166 4.94 -2.33 33.35
CA HIS B 166 5.97 -1.44 32.82
C HIS B 166 6.74 -2.01 31.64
N ARG B 167 7.51 -3.07 31.92
CA ARG B 167 8.33 -3.77 30.91
C ARG B 167 7.74 -3.58 29.54
N TRP B 168 6.44 -3.83 29.46
CA TRP B 168 5.79 -3.76 28.16
C TRP B 168 4.70 -2.72 28.01
N GLY B 169 4.39 -1.95 29.05
CA GLY B 169 3.39 -0.92 28.94
C GLY B 169 3.94 0.45 28.50
N ASN B 170 5.19 0.73 28.88
CA ASN B 170 5.82 2.00 28.55
C ASN B 170 5.86 2.34 27.06
N ASP B 171 5.63 3.62 26.76
CA ASP B 171 5.64 4.13 25.42
C ASP B 171 6.78 3.64 24.52
N GLY B 172 7.98 3.53 25.10
CA GLY B 172 9.11 3.08 24.34
C GLY B 172 8.76 1.81 23.57
N PHE B 173 8.44 0.76 24.35
CA PHE B 173 8.11 -0.52 23.74
C PHE B 173 7.03 -0.31 22.72
N LYS B 174 6.20 0.70 22.96
CA LYS B 174 5.17 1.02 21.99
C LYS B 174 5.83 1.52 20.71
N GLN B 175 6.83 2.40 20.83
CA GLN B 175 7.51 2.93 19.66
C GLN B 175 8.30 1.86 18.86
N TYR B 176 9.08 1.05 19.58
CA TYR B 176 9.88 -0.03 18.99
C TYR B 176 8.94 -0.97 18.16
N CYS B 177 7.94 -1.55 18.81
CA CYS B 177 7.03 -2.43 18.10
C CYS B 177 6.48 -1.83 16.78
N SER B 178 5.98 -0.60 16.84
CA SER B 178 5.44 0.08 15.70
C SER B 178 6.56 0.20 14.65
N SER B 179 7.68 0.75 15.06
CA SER B 179 8.73 0.85 14.06
C SER B 179 9.07 -0.58 13.66
N VAL B 180 8.64 -1.57 14.44
CA VAL B 180 8.93 -2.95 14.00
C VAL B 180 7.85 -3.37 13.00
N LYS B 181 6.66 -2.84 13.16
CA LYS B 181 5.57 -3.15 12.25
C LYS B 181 5.79 -2.44 10.92
N ASN B 182 6.40 -1.28 11.01
CA ASN B 182 6.68 -0.46 9.83
C ASN B 182 7.45 -1.21 8.74
N ILE B 183 8.50 -1.90 9.17
CA ILE B 183 9.33 -2.71 8.27
C ILE B 183 8.50 -3.91 7.71
N ALA B 184 7.85 -4.63 8.61
CA ALA B 184 7.07 -5.79 8.14
C ALA B 184 6.05 -5.27 7.14
N GLU B 185 5.38 -4.19 7.51
CA GLU B 185 4.41 -3.56 6.64
C GLU B 185 5.01 -3.22 5.26
N ARG B 186 6.27 -2.77 5.26
CA ARG B 186 6.96 -2.41 4.04
C ARG B 186 7.24 -3.65 3.16
N CYS B 187 8.26 -4.41 3.58
CA CYS B 187 8.61 -5.60 2.84
C CYS B 187 7.36 -6.49 2.52
N LEU B 188 6.16 -6.16 3.02
CA LEU B 188 4.98 -6.97 2.75
C LEU B 188 4.18 -6.24 1.71
N GLU B 189 4.12 -4.90 1.83
CA GLU B 189 3.39 -4.07 0.89
C GLU B 189 4.09 -4.16 -0.47
N ASN B 190 5.30 -4.71 -0.40
CA ASN B 190 6.13 -4.90 -1.53
C ASN B 190 6.35 -6.42 -1.76
N ALA B 191 5.48 -7.25 -1.16
CA ALA B 191 5.55 -8.72 -1.26
C ALA B 191 4.48 -9.36 -2.14
N SER B 192 4.69 -10.63 -2.51
CA SER B 192 3.75 -11.40 -3.35
C SER B 192 2.52 -11.81 -2.57
N GLY B 193 1.53 -12.32 -3.31
CA GLY B 193 0.27 -12.81 -2.75
C GLY B 193 0.46 -14.10 -1.95
N GLU B 194 1.36 -14.95 -2.44
CA GLU B 194 1.70 -16.18 -1.74
C GLU B 194 2.53 -15.83 -0.51
N VAL B 195 3.48 -14.89 -0.65
CA VAL B 195 4.34 -14.49 0.49
C VAL B 195 3.38 -13.88 1.47
N LEU B 196 2.42 -13.15 0.93
CA LEU B 196 1.39 -12.54 1.79
C LEU B 196 0.64 -13.62 2.57
N GLY B 197 0.44 -14.77 1.98
CA GLY B 197 -0.30 -15.82 2.70
C GLY B 197 0.44 -16.48 3.88
N GLU B 198 1.73 -16.79 3.72
CA GLU B 198 2.47 -17.40 4.82
C GLU B 198 2.60 -16.45 6.03
N ALA B 199 2.71 -15.15 5.79
CA ALA B 199 2.86 -14.23 6.89
C ALA B 199 1.55 -14.11 7.68
N GLU B 200 0.44 -14.02 6.95
CA GLU B 200 -0.85 -13.89 7.60
C GLU B 200 -1.13 -15.13 8.44
N ASP B 201 -0.86 -16.30 7.87
CA ASP B 201 -1.11 -17.52 8.60
C ASP B 201 -0.24 -17.56 9.87
N VAL B 202 0.97 -17.02 9.76
CA VAL B 202 1.93 -16.98 10.88
C VAL B 202 1.45 -15.96 11.92
N LEU B 203 0.84 -14.87 11.46
CA LEU B 203 0.32 -13.88 12.41
C LEU B 203 -0.75 -14.62 13.23
N VAL B 204 -1.59 -15.36 12.54
CA VAL B 204 -2.63 -16.09 13.24
C VAL B 204 -2.06 -17.20 14.13
N ARG B 205 -0.97 -17.84 13.70
CA ARG B 205 -0.40 -18.88 14.54
C ARG B 205 0.15 -18.28 15.85
N VAL B 206 0.81 -17.12 15.77
CA VAL B 206 1.40 -16.47 16.95
C VAL B 206 0.27 -16.10 17.93
N LEU B 207 -0.80 -15.56 17.41
CA LEU B 207 -1.86 -15.12 18.30
C LEU B 207 -2.59 -16.30 19.00
N GLU B 208 -2.78 -17.43 18.27
CA GLU B 208 -3.45 -18.60 18.88
C GLU B 208 -2.51 -19.31 19.81
N LEU B 209 -1.23 -19.22 19.53
CA LEU B 209 -0.22 -19.87 20.36
C LEU B 209 -0.01 -19.05 21.65
N GLU B 210 -0.23 -17.73 21.58
CA GLU B 210 -0.04 -16.85 22.70
C GLU B 210 -1.29 -16.96 23.57
N VAL B 211 -2.44 -17.04 22.93
CA VAL B 211 -3.68 -17.17 23.66
C VAL B 211 -3.62 -18.51 24.36
N ALA B 212 -2.84 -19.44 23.84
CA ALA B 212 -2.75 -20.76 24.49
C ALA B 212 -1.76 -20.70 25.66
N PHE B 213 -0.69 -19.91 25.52
CA PHE B 213 0.32 -19.73 26.56
C PHE B 213 -0.28 -19.13 27.83
N TRP B 214 -1.17 -18.17 27.67
CA TRP B 214 -1.83 -17.51 28.80
C TRP B 214 -2.66 -18.53 29.60
N GLU B 215 -3.32 -19.48 28.90
CA GLU B 215 -4.15 -20.52 29.54
C GLU B 215 -3.33 -21.45 30.43
N MSE B 216 -2.22 -21.96 29.90
CA MSE B 216 -1.33 -22.79 30.70
C MSE B 216 -0.80 -22.00 31.92
O MSE B 216 -0.75 -22.51 33.04
CB MSE B 216 -0.17 -23.27 29.85
CG MSE B 216 1.08 -23.63 30.60
SE MSE B 216 2.69 -23.70 29.43
CE MSE B 216 2.67 -21.84 28.84
N SER B 217 -0.46 -20.73 31.73
CA SER B 217 0.03 -19.93 32.83
C SER B 217 -1.03 -19.85 33.94
N ARG B 218 -2.26 -19.53 33.53
CA ARG B 218 -3.39 -19.44 34.44
C ARG B 218 -3.43 -20.66 35.41
N GLY B 219 -3.20 -21.85 34.85
CA GLY B 219 -3.22 -23.06 35.64
C GLY B 219 -4.58 -23.67 35.48
S SO4 C . 13.87 -14.50 1.44
O1 SO4 C . 15.14 -13.84 1.80
O2 SO4 C . 12.76 -13.58 1.77
O3 SO4 C . 13.75 -14.88 0.02
O4 SO4 C . 13.78 -15.75 2.24
CM2 HMH D . -4.05 14.38 -25.00
N1A HMH D . -5.16 12.98 -23.16
C2A HMH D . -5.12 14.14 -23.93
N3A HMH D . -6.03 15.10 -23.74
C4A HMH D . -7.04 14.99 -22.78
N4A HMH D . -7.99 15.97 -22.56
C5A HMH D . -7.14 13.85 -21.98
C6A HMH D . -6.17 12.81 -22.18
C7A HMH D . -8.30 13.88 -21.00
O1 HMH D . -8.41 12.76 -20.23
S SO4 E . 4.30 -24.58 13.22
O1 SO4 E . 3.45 -23.43 12.81
O2 SO4 E . 5.64 -24.42 12.63
O3 SO4 E . 4.40 -24.66 14.69
O4 SO4 E . 3.66 -25.82 12.71
S SO4 F . 8.13 20.66 -21.39
O1 SO4 F . 6.79 21.00 -21.96
O2 SO4 F . 9.16 21.22 -22.27
O3 SO4 F . 8.29 21.23 -20.03
O4 SO4 F . 8.32 19.20 -21.26
S SO4 G . 6.96 -15.04 -4.27
O1 SO4 G . 8.01 -16.05 -4.01
O2 SO4 G . 7.57 -13.68 -4.16
O3 SO4 G . 6.35 -15.22 -5.62
O4 SO4 G . 5.91 -15.24 -3.26
CM2 HMH H . 4.93 -15.86 25.24
N1A HMH H . 5.67 -13.63 24.41
C2A HMH H . 5.86 -14.65 25.25
N3A HMH H . 6.87 -14.63 26.12
C4A HMH H . 7.74 -13.59 26.20
N4A HMH H . 8.77 -13.58 27.10
C5A HMH H . 7.59 -12.48 25.38
C6A HMH H . 6.52 -12.52 24.43
C7A HMH H . 8.60 -11.37 25.54
O1 HMH H . 8.30 -10.35 24.63
N GLY A 5 2.02 -2.77 -9.13
CA GLY A 5 1.55 -4.09 -9.70
C GLY A 5 1.81 -4.36 -11.17
N VAL A 6 0.83 -4.95 -11.86
CA VAL A 6 0.97 -5.23 -13.29
C VAL A 6 1.21 -3.95 -14.07
N ILE A 7 0.13 -3.24 -14.38
CA ILE A 7 0.26 -2.00 -15.13
C ILE A 7 1.46 -1.19 -14.66
N ASP A 8 1.65 -1.05 -13.34
CA ASP A 8 2.80 -0.29 -12.86
C ASP A 8 4.11 -0.87 -13.44
N THR A 9 4.21 -2.20 -13.51
CA THR A 9 5.43 -2.77 -14.03
C THR A 9 5.51 -2.57 -15.50
N TRP A 10 4.34 -2.42 -16.11
CA TRP A 10 4.35 -2.20 -17.52
C TRP A 10 4.89 -0.80 -17.89
N ILE A 11 4.66 0.18 -17.01
CA ILE A 11 5.14 1.56 -17.22
C ILE A 11 6.69 1.60 -17.12
N ASP A 12 7.24 0.81 -16.20
CA ASP A 12 8.67 0.72 -15.97
C ASP A 12 9.38 0.31 -17.26
N LYS A 13 8.90 -0.80 -17.80
CA LYS A 13 9.41 -1.37 -19.03
C LYS A 13 9.35 -0.30 -20.12
N HIS A 14 8.27 0.50 -20.08
CA HIS A 14 8.06 1.52 -21.08
C HIS A 14 8.36 2.90 -20.52
N ARG A 15 9.22 2.92 -19.51
CA ARG A 15 9.58 4.15 -18.81
C ARG A 15 9.83 5.43 -19.63
N SER A 16 10.59 5.31 -20.71
CA SER A 16 10.90 6.50 -21.49
C SER A 16 9.74 7.01 -22.32
N ILE A 17 8.98 6.06 -22.90
CA ILE A 17 7.83 6.44 -23.69
C ILE A 17 6.74 6.99 -22.76
N TYR A 18 6.78 6.60 -21.49
CA TYR A 18 5.80 7.12 -20.54
C TYR A 18 6.24 8.55 -20.16
N THR A 19 7.53 8.73 -19.91
CA THR A 19 8.04 10.07 -19.59
C THR A 19 7.81 10.95 -20.80
N ALA A 20 8.18 10.45 -21.98
CA ALA A 20 7.98 11.18 -23.23
C ALA A 20 6.54 11.64 -23.31
N ALA A 21 5.61 10.72 -23.09
CA ALA A 21 4.20 11.06 -23.14
C ALA A 21 3.75 11.91 -21.97
N THR A 22 4.46 11.88 -20.86
CA THR A 22 3.92 12.69 -19.75
C THR A 22 4.49 14.07 -19.53
N ARG A 23 4.92 14.74 -20.61
CA ARG A 23 5.42 16.09 -20.55
C ARG A 23 4.23 17.07 -20.56
N HIS A 24 4.52 18.35 -20.34
CA HIS A 24 3.49 19.39 -20.24
C HIS A 24 2.73 19.61 -21.53
N ALA A 25 1.40 19.77 -21.41
CA ALA A 25 0.57 19.91 -22.60
C ALA A 25 0.74 21.20 -23.39
N PHE A 26 1.17 22.29 -22.76
CA PHE A 26 1.36 23.58 -23.46
C PHE A 26 2.25 24.44 -22.58
N VAL A 27 3.12 25.26 -23.17
CA VAL A 27 3.98 26.11 -22.35
C VAL A 27 3.51 27.53 -22.66
N VAL A 28 3.62 28.43 -21.69
CA VAL A 28 3.19 29.84 -21.85
C VAL A 28 4.48 30.66 -21.81
N SER A 29 4.73 31.55 -22.78
CA SER A 29 5.96 32.27 -22.68
C SER A 29 5.98 33.76 -22.99
N ILE A 30 7.15 34.35 -22.73
CA ILE A 30 7.29 35.76 -22.99
C ILE A 30 8.16 35.91 -24.22
N ARG A 31 7.64 36.61 -25.21
CA ARG A 31 8.40 36.91 -26.40
C ARG A 31 8.31 38.41 -26.58
N ASP A 32 9.49 39.04 -26.69
CA ASP A 32 9.64 40.49 -26.88
C ASP A 32 8.58 41.34 -26.18
N GLY A 33 8.55 41.19 -24.86
CA GLY A 33 7.66 41.95 -24.03
C GLY A 33 6.19 41.60 -23.89
N SER A 34 5.78 40.42 -24.39
CA SER A 34 4.39 39.96 -24.31
C SER A 34 4.25 38.51 -23.93
N VAL A 35 3.14 38.17 -23.30
CA VAL A 35 2.92 36.76 -22.96
C VAL A 35 2.46 36.02 -24.24
N ASP A 36 3.20 34.99 -24.64
CA ASP A 36 2.87 34.26 -25.88
C ASP A 36 2.12 32.93 -25.59
N LEU A 37 0.90 32.91 -26.09
CA LEU A 37 -0.05 31.84 -25.91
C LEU A 37 -0.13 30.84 -27.05
N SER A 38 0.83 30.93 -27.99
CA SER A 38 0.79 30.07 -29.18
C SER A 38 0.62 28.56 -28.87
N SER A 39 1.40 28.03 -27.94
CA SER A 39 1.25 26.62 -27.61
C SER A 39 -0.06 26.38 -26.84
N PHE A 40 -0.35 27.25 -25.87
CA PHE A 40 -1.56 27.09 -25.11
C PHE A 40 -2.79 27.15 -26.06
N ARG A 41 -2.82 28.12 -26.99
CA ARG A 41 -4.00 28.21 -27.81
C ARG A 41 -4.13 27.04 -28.81
N THR A 42 -3.01 26.49 -29.23
CA THR A 42 -3.06 25.35 -30.14
C THR A 42 -3.67 24.18 -29.35
N TRP A 43 -3.14 23.95 -28.16
CA TRP A 43 -3.63 22.87 -27.28
C TRP A 43 -5.15 22.95 -26.97
N LEU A 44 -5.64 24.14 -26.66
CA LEU A 44 -7.05 24.33 -26.32
C LEU A 44 -7.93 23.93 -27.49
N GLY A 45 -7.67 24.57 -28.62
CA GLY A 45 -8.43 24.29 -29.82
C GLY A 45 -8.29 22.81 -30.12
N GLN A 46 -7.07 22.34 -30.20
CA GLN A 46 -6.93 20.92 -30.46
C GLN A 46 -7.55 20.06 -29.35
N ASP A 47 -6.99 20.11 -28.14
CA ASP A 47 -7.54 19.25 -27.09
C ASP A 47 -9.07 19.30 -26.86
N TYR A 48 -9.71 20.37 -27.32
CA TYR A 48 -11.17 20.39 -27.19
C TYR A 48 -11.82 19.38 -28.18
N LEU A 49 -11.48 19.53 -29.46
CA LEU A 49 -12.07 18.64 -30.50
C LEU A 49 -11.87 17.18 -30.12
N PHE A 50 -10.75 16.83 -29.50
CA PHE A 50 -10.56 15.44 -29.08
C PHE A 50 -11.64 15.15 -27.99
N VAL A 51 -11.63 15.94 -26.93
CA VAL A 51 -12.60 15.78 -25.85
C VAL A 51 -13.98 15.43 -26.43
N ARG A 52 -14.44 16.14 -27.47
CA ARG A 52 -15.73 15.81 -28.10
C ARG A 52 -15.71 14.36 -28.58
N ARG A 53 -14.61 13.94 -29.21
CA ARG A 53 -14.50 12.56 -29.66
C ARG A 53 -14.30 11.59 -28.47
N PHE A 54 -13.70 12.09 -27.39
CA PHE A 54 -13.50 11.25 -26.23
C PHE A 54 -14.87 10.91 -25.55
N VAL A 55 -15.78 11.88 -25.54
CA VAL A 55 -17.11 11.73 -24.97
C VAL A 55 -17.74 10.37 -25.33
N PRO A 56 -18.00 10.11 -26.63
CA PRO A 56 -18.61 8.80 -26.92
C PRO A 56 -17.69 7.59 -26.61
N PHE A 57 -16.39 7.77 -26.65
CA PHE A 57 -15.54 6.63 -26.30
C PHE A 57 -15.88 6.27 -24.80
N VAL A 58 -16.02 7.29 -23.94
CA VAL A 58 -16.36 7.06 -22.53
C VAL A 58 -17.79 6.46 -22.43
N ALA A 59 -18.69 6.84 -23.35
CA ALA A 59 -20.02 6.29 -23.37
C ALA A 59 -19.86 4.79 -23.62
N SER A 60 -19.15 4.44 -24.69
CA SER A 60 -18.97 3.04 -24.98
C SER A 60 -18.30 2.29 -23.85
N VAL A 61 -17.52 2.95 -23.00
CA VAL A 61 -16.92 2.15 -21.92
C VAL A 61 -18.03 1.92 -20.86
N LEU A 62 -18.67 3.01 -20.45
CA LEU A 62 -19.75 2.99 -19.49
C LEU A 62 -20.62 1.75 -19.73
N ILE A 63 -20.95 1.51 -21.01
CA ILE A 63 -21.78 0.38 -21.37
C ILE A 63 -21.07 -0.93 -20.99
N ARG A 64 -19.97 -1.24 -21.67
CA ARG A 64 -19.20 -2.46 -21.35
C ARG A 64 -19.06 -2.61 -19.83
N ALA A 65 -19.21 -1.51 -19.10
CA ALA A 65 -19.07 -1.53 -17.64
C ALA A 65 -20.37 -1.98 -16.98
N CYS A 66 -21.48 -1.56 -17.56
CA CYS A 66 -22.82 -1.86 -17.06
C CYS A 66 -23.38 -3.17 -17.61
N LYS A 67 -22.60 -3.93 -18.37
CA LYS A 67 -23.11 -5.20 -18.88
C LYS A 67 -22.20 -6.35 -18.50
N ASP A 68 -20.92 -6.20 -18.78
CA ASP A 68 -19.96 -7.24 -18.44
C ASP A 68 -20.09 -7.70 -16.97
N SER A 69 -19.47 -8.84 -16.66
CA SER A 69 -19.46 -9.43 -15.34
C SER A 69 -18.07 -9.54 -14.71
N GLY A 70 -18.00 -9.09 -13.45
CA GLY A 70 -16.77 -9.10 -12.67
C GLY A 70 -17.12 -8.25 -11.44
N GLU A 71 -17.35 -6.95 -11.68
CA GLU A 71 -17.73 -5.96 -10.64
C GLU A 71 -18.69 -4.96 -11.30
N SER A 72 -20.00 -5.13 -11.13
CA SER A 72 -20.92 -4.21 -11.78
C SER A 72 -20.48 -2.75 -11.56
N SER A 73 -20.31 -2.43 -10.29
CA SER A 73 -19.88 -1.15 -9.77
C SER A 73 -18.80 -0.44 -10.61
N ASP A 74 -18.90 -0.62 -11.91
CA ASP A 74 -17.99 0.01 -12.86
C ASP A 74 -18.78 1.21 -13.30
N MSE A 75 -20.08 1.07 -13.20
CA MSE A 75 -20.98 2.17 -13.57
C MSE A 75 -20.53 3.46 -12.92
O MSE A 75 -19.89 4.29 -13.56
CB MSE A 75 -22.41 1.87 -13.12
CG MSE A 75 -23.30 3.10 -13.14
SE MSE A 75 -25.08 2.53 -13.00
CE MSE A 75 -24.92 1.22 -14.35
N GLU A 76 -20.89 3.59 -11.65
CA GLU A 76 -20.60 4.77 -10.83
C GLU A 76 -19.34 5.50 -11.33
N VAL A 77 -18.22 4.80 -11.25
CA VAL A 77 -16.91 5.29 -11.64
C VAL A 77 -16.87 5.84 -13.08
N VAL A 78 -17.35 5.06 -14.03
CA VAL A 78 -17.30 5.51 -15.40
C VAL A 78 -18.26 6.69 -15.57
N LEU A 79 -19.42 6.59 -14.95
CA LEU A 79 -20.44 7.64 -15.02
C LEU A 79 -19.91 8.92 -14.35
N GLY A 80 -19.16 8.80 -13.26
CA GLY A 80 -18.63 9.98 -12.62
C GLY A 80 -17.58 10.55 -13.58
N GLY A 81 -17.00 9.64 -14.36
CA GLY A 81 -15.98 10.03 -15.35
C GLY A 81 -16.62 10.73 -16.55
N ILE A 82 -17.73 10.19 -17.06
CA ILE A 82 -18.34 10.83 -18.19
C ILE A 82 -19.07 12.08 -17.72
N ALA A 83 -19.62 12.06 -16.51
CA ALA A 83 -20.33 13.22 -15.97
C ALA A 83 -19.51 14.47 -16.03
N SER A 84 -18.30 14.37 -15.50
CA SER A 84 -17.36 15.51 -15.48
C SER A 84 -17.15 16.15 -16.90
N LEU A 85 -17.30 15.34 -17.98
CA LEU A 85 -17.08 15.86 -19.34
C LEU A 85 -18.05 17.02 -19.62
N ASN A 86 -19.25 16.90 -19.10
CA ASN A 86 -20.26 17.96 -19.23
C ASN A 86 -19.63 19.28 -18.75
N ASP A 87 -19.04 19.23 -17.55
CA ASP A 87 -18.42 20.38 -16.92
C ASP A 87 -17.34 20.91 -17.84
N GLU A 88 -16.46 19.99 -18.25
CA GLU A 88 -15.35 20.31 -19.13
C GLU A 88 -15.66 21.03 -20.43
N ILE A 89 -16.59 20.47 -21.18
CA ILE A 89 -16.98 21.08 -22.42
C ILE A 89 -17.36 22.52 -22.18
N GLU A 90 -18.13 22.76 -21.12
CA GLU A 90 -18.55 24.11 -20.79
C GLU A 90 -17.33 24.94 -20.41
N TRP A 91 -16.44 24.40 -19.56
CA TRP A 91 -15.25 25.13 -19.18
C TRP A 91 -14.47 25.44 -20.47
N PHE A 92 -14.57 24.55 -21.47
CA PHE A 92 -13.87 24.75 -22.76
C PHE A 92 -14.51 25.89 -23.51
N LYS A 93 -15.83 25.89 -23.53
CA LYS A 93 -16.56 26.97 -24.23
C LYS A 93 -16.20 28.33 -23.61
N ARG A 94 -16.22 28.41 -22.28
CA ARG A 94 -15.86 29.64 -21.56
C ARG A 94 -14.41 30.04 -21.93
N GLU A 95 -13.47 29.10 -21.91
CA GLU A 95 -12.08 29.40 -22.30
C GLU A 95 -11.99 29.85 -23.75
N GLY A 96 -12.84 29.30 -24.60
CA GLY A 96 -12.82 29.65 -26.00
C GLY A 96 -13.15 31.11 -26.15
N SER A 97 -14.14 31.51 -25.38
CA SER A 97 -14.58 32.89 -25.43
C SER A 97 -13.59 33.91 -24.86
N LYS A 98 -13.10 33.68 -23.64
CA LYS A 98 -12.17 34.65 -23.07
C LYS A 98 -10.87 34.70 -23.87
N TRP A 99 -10.28 33.54 -24.17
CA TRP A 99 -9.02 33.48 -24.91
C TRP A 99 -9.09 33.70 -26.39
N ASP A 100 -10.28 33.94 -26.91
CA ASP A 100 -10.51 34.16 -28.31
C ASP A 100 -10.10 33.00 -29.23
N VAL A 101 -10.46 31.78 -28.87
CA VAL A 101 -10.17 30.66 -29.74
C VAL A 101 -11.55 30.36 -30.31
N ASP A 102 -11.60 29.94 -31.56
CA ASP A 102 -12.86 29.69 -32.21
C ASP A 102 -12.90 28.21 -32.55
N PHE A 103 -13.56 27.46 -31.69
CA PHE A 103 -13.63 26.03 -31.85
C PHE A 103 -14.20 25.55 -33.17
N SER A 104 -15.16 26.28 -33.74
CA SER A 104 -15.74 25.87 -35.00
C SER A 104 -14.85 26.31 -36.14
N THR A 105 -14.02 27.34 -35.93
CA THR A 105 -13.12 27.68 -37.03
C THR A 105 -11.80 26.95 -36.78
N VAL A 106 -11.70 26.23 -35.66
CA VAL A 106 -10.46 25.48 -35.36
C VAL A 106 -10.15 24.52 -36.47
N VAL A 107 -8.91 24.39 -36.92
CA VAL A 107 -8.67 23.41 -38.01
C VAL A 107 -8.26 22.11 -37.30
N PRO A 108 -9.12 21.05 -37.32
CA PRO A 108 -8.60 19.89 -36.57
C PRO A 108 -7.40 19.18 -37.23
N GLN A 109 -6.21 19.33 -36.63
CA GLN A 109 -5.00 18.76 -37.25
C GLN A 109 -4.83 17.22 -37.43
N ARG A 110 -3.80 16.81 -38.20
CA ARG A 110 -3.52 15.40 -38.52
C ARG A 110 -3.41 14.40 -37.39
N ALA A 111 -2.70 14.75 -36.30
CA ALA A 111 -2.60 13.89 -35.11
C ALA A 111 -4.02 13.82 -34.39
N ASN A 112 -4.70 14.96 -34.24
CA ASN A 112 -6.02 14.96 -33.59
C ASN A 112 -6.94 14.01 -34.39
N GLN A 113 -6.89 14.09 -35.71
CA GLN A 113 -7.74 13.20 -36.53
C GLN A 113 -7.39 11.73 -36.32
N GLU A 114 -6.10 11.41 -36.33
CA GLU A 114 -5.75 10.03 -36.15
C GLU A 114 -6.28 9.41 -34.85
N TYR A 115 -6.20 10.20 -33.78
CA TYR A 115 -6.63 9.83 -32.45
C TYR A 115 -8.13 9.56 -32.41
N GLY A 116 -8.88 10.45 -33.04
CA GLY A 116 -10.32 10.30 -33.06
C GLY A 116 -10.70 9.06 -33.86
N ARG A 117 -9.88 8.71 -34.84
CA ARG A 117 -10.18 7.54 -35.64
C ARG A 117 -9.83 6.36 -34.81
N PHE A 118 -8.79 6.48 -34.00
CA PHE A 118 -8.41 5.36 -33.11
C PHE A 118 -9.51 5.21 -32.00
N LEU A 119 -9.99 6.33 -31.47
CA LEU A 119 -11.05 6.24 -30.47
C LEU A 119 -12.23 5.48 -31.08
N GLU A 120 -12.63 5.86 -32.29
CA GLU A 120 -13.76 5.18 -32.89
C GLU A 120 -13.42 3.74 -32.84
N ASP A 121 -12.22 3.44 -33.32
CA ASP A 121 -11.80 2.07 -33.30
C ASP A 121 -12.20 1.40 -31.99
N LEU A 122 -11.52 1.71 -30.91
CA LEU A 122 -11.88 1.16 -29.61
C LEU A 122 -13.37 1.09 -29.27
N MSE A 123 -14.25 1.44 -30.22
CA MSE A 123 -15.68 1.35 -29.96
C MSE A 123 -16.28 0.09 -30.66
O MSE A 123 -17.21 0.18 -31.51
CB MSE A 123 -16.38 2.65 -30.38
CG MSE A 123 -16.03 3.84 -29.47
SE MSE A 123 -16.25 5.58 -30.25
CE MSE A 123 -18.01 6.13 -29.68
N SER A 124 -15.76 -1.07 -30.27
CA SER A 124 -16.25 -2.34 -30.85
C SER A 124 -16.28 -3.47 -29.82
N SER A 125 -17.13 -4.45 -30.10
CA SER A 125 -17.36 -5.63 -29.25
C SER A 125 -16.22 -6.66 -29.15
N GLU A 126 -15.44 -6.74 -30.22
CA GLU A 126 -14.34 -7.69 -30.21
C GLU A 126 -13.26 -7.26 -29.21
N VAL A 127 -12.84 -6.01 -29.26
CA VAL A 127 -11.83 -5.56 -28.30
C VAL A 127 -12.40 -5.95 -26.99
N LYS A 128 -11.62 -6.66 -26.19
CA LYS A 128 -12.08 -7.09 -24.88
C LYS A 128 -12.15 -5.92 -23.85
N TYR A 129 -13.28 -5.82 -23.17
CA TYR A 129 -13.54 -4.73 -22.23
C TYR A 129 -12.30 -4.33 -21.41
N PRO A 130 -11.61 -5.32 -20.80
CA PRO A 130 -10.42 -5.00 -20.00
C PRO A 130 -9.48 -4.13 -20.79
N VAL A 131 -9.20 -4.60 -22.00
CA VAL A 131 -8.33 -3.87 -22.89
C VAL A 131 -8.79 -2.43 -22.93
N ILE A 132 -10.08 -2.25 -23.20
CA ILE A 132 -10.69 -0.93 -23.28
C ILE A 132 -10.46 -0.15 -22.00
N MSE A 133 -10.70 -0.78 -20.86
CA MSE A 133 -10.49 -0.07 -19.60
C MSE A 133 -9.07 0.49 -19.49
O MSE A 133 -8.88 1.67 -19.19
CB MSE A 133 -10.71 -1.01 -18.41
CG MSE A 133 -12.15 -1.32 -18.17
SE MSE A 133 -13.33 0.15 -17.88
CE MSE A 133 -12.38 1.03 -16.46
N THR A 134 -8.07 -0.38 -19.67
CA THR A 134 -6.70 0.08 -19.61
C THR A 134 -6.53 1.35 -20.50
N ALA A 135 -6.89 1.21 -21.79
CA ALA A 135 -6.76 2.31 -22.72
C ALA A 135 -7.40 3.59 -22.18
N PHE A 136 -8.63 3.46 -21.67
CA PHE A 136 -9.38 4.57 -21.12
C PHE A 136 -8.54 5.14 -19.99
N TRP A 137 -8.22 4.31 -19.00
CA TRP A 137 -7.43 4.80 -17.90
C TRP A 137 -6.20 5.58 -18.38
N ALA A 138 -5.50 5.01 -19.37
CA ALA A 138 -4.24 5.58 -19.87
C ALA A 138 -4.35 7.00 -20.31
N ILE A 139 -5.48 7.32 -20.93
CA ILE A 139 -5.78 8.64 -21.42
C ILE A 139 -5.94 9.60 -20.22
N GLU A 140 -6.84 9.26 -19.27
CA GLU A 140 -7.09 10.06 -18.08
C GLU A 140 -5.79 10.19 -17.26
N ALA A 141 -5.12 9.06 -17.09
CA ALA A 141 -3.89 9.02 -16.31
C ALA A 141 -2.72 9.84 -16.89
N VAL A 142 -2.45 9.81 -18.20
CA VAL A 142 -1.30 10.59 -18.68
C VAL A 142 -1.49 12.07 -18.30
N TYR A 143 -2.72 12.58 -18.37
CA TYR A 143 -2.93 13.96 -18.01
C TYR A 143 -2.87 14.17 -16.49
N GLN A 144 -3.21 13.17 -15.69
CA GLN A 144 -3.07 13.37 -14.25
C GLN A 144 -1.57 13.49 -14.00
N GLU A 145 -0.80 12.72 -14.75
CA GLU A 145 0.64 12.75 -14.56
C GLU A 145 1.22 14.07 -15.03
N SER A 146 0.96 14.40 -16.29
CA SER A 146 1.48 15.62 -16.88
C SER A 146 1.10 16.87 -16.05
N PHE A 147 -0.18 17.04 -15.78
CA PHE A 147 -0.59 18.20 -14.99
C PHE A 147 -0.18 18.10 -13.54
N ALA A 148 0.61 17.07 -13.20
CA ALA A 148 1.08 16.89 -11.85
C ALA A 148 2.13 17.98 -11.46
N HIS A 149 2.09 18.41 -10.20
CA HIS A 149 3.02 19.46 -9.73
C HIS A 149 2.91 20.75 -10.53
N CYS A 150 1.80 20.93 -11.23
CA CYS A 150 1.64 22.09 -12.07
C CYS A 150 1.56 23.40 -11.31
N LEU A 151 1.22 23.34 -10.03
CA LEU A 151 1.15 24.53 -9.22
C LEU A 151 2.60 24.79 -8.76
N GLU A 152 3.29 23.71 -8.51
CA GLU A 152 4.67 23.73 -8.07
C GLU A 152 5.53 24.44 -9.12
N ASP A 153 5.75 23.76 -10.25
CA ASP A 153 6.54 24.31 -11.35
C ASP A 153 5.92 25.62 -11.88
N GLY A 154 4.62 25.77 -11.66
CA GLY A 154 3.93 26.96 -12.12
C GLY A 154 4.52 28.20 -11.47
N ASN A 155 4.14 28.46 -10.23
CA ASN A 155 4.62 29.63 -9.50
C ASN A 155 6.13 29.70 -9.45
N LYS A 156 6.80 28.65 -9.93
CA LYS A 156 8.27 28.60 -9.96
C LYS A 156 8.74 29.06 -11.32
N THR A 157 7.81 29.61 -12.09
CA THR A 157 8.09 30.10 -13.43
C THR A 157 7.78 31.58 -13.43
N PRO A 158 8.41 32.33 -14.33
CA PRO A 158 8.06 33.77 -14.31
C PRO A 158 6.58 33.95 -14.59
N VAL A 159 6.08 33.27 -15.62
CA VAL A 159 4.69 33.46 -15.97
C VAL A 159 3.95 32.13 -16.07
N GLU A 160 2.62 32.18 -16.23
CA GLU A 160 1.83 30.97 -16.32
C GLU A 160 0.31 31.14 -16.30
N LEU A 161 -0.40 30.13 -16.85
CA LEU A 161 -1.87 30.07 -16.85
C LEU A 161 -2.25 28.95 -15.85
N THR A 162 -3.33 29.16 -15.10
CA THR A 162 -3.71 28.21 -14.06
C THR A 162 -4.97 27.42 -14.35
N GLY A 163 -5.68 27.80 -15.41
CA GLY A 163 -6.93 27.14 -15.73
C GLY A 163 -6.86 25.62 -15.85
N ALA A 164 -6.09 25.13 -16.82
CA ALA A 164 -5.98 23.68 -17.06
C ALA A 164 -5.38 22.97 -15.87
N CYS A 165 -4.32 23.55 -15.33
CA CYS A 165 -3.65 23.02 -14.17
C CYS A 165 -4.68 22.65 -13.10
N HIS A 166 -5.61 23.55 -12.77
CA HIS A 166 -6.63 23.23 -11.77
C HIS A 166 -7.42 21.94 -12.12
N ARG A 167 -7.70 21.78 -13.42
CA ARG A 167 -8.51 20.68 -13.97
C ARG A 167 -7.93 19.30 -13.91
N TRP A 168 -6.69 19.19 -14.29
CA TRP A 168 -6.08 17.87 -14.34
C TRP A 168 -4.89 17.65 -13.43
N GLY A 169 -4.59 18.60 -12.52
CA GLY A 169 -3.44 18.45 -11.63
C GLY A 169 -3.74 18.40 -10.13
N ASN A 170 -5.01 18.23 -9.75
CA ASN A 170 -5.43 18.18 -8.34
C ASN A 170 -5.61 16.74 -7.84
N ASP A 171 -5.39 16.50 -6.53
CA ASP A 171 -5.60 15.18 -5.92
C ASP A 171 -6.86 14.47 -6.31
N GLY A 172 -7.95 15.20 -6.43
CA GLY A 172 -9.16 14.54 -6.85
C GLY A 172 -8.83 13.71 -8.10
N PHE A 173 -8.52 14.40 -9.20
CA PHE A 173 -8.21 13.71 -10.46
C PHE A 173 -7.21 12.57 -10.30
N LYS A 174 -6.29 12.77 -9.36
CA LYS A 174 -5.30 11.76 -9.08
C LYS A 174 -6.00 10.54 -8.47
N GLN A 175 -6.81 10.76 -7.43
CA GLN A 175 -7.50 9.63 -6.80
C GLN A 175 -8.36 8.93 -7.80
N TYR A 176 -9.12 9.69 -8.59
CA TYR A 176 -9.99 9.07 -9.63
C TYR A 176 -9.14 8.18 -10.56
N CYS A 177 -7.89 8.57 -10.79
CA CYS A 177 -7.03 7.81 -11.67
C CYS A 177 -6.58 6.46 -11.06
N SER A 178 -6.24 6.46 -9.79
CA SER A 178 -5.82 5.23 -9.15
C SER A 178 -6.89 4.13 -9.28
N SER A 179 -8.14 4.50 -8.99
CA SER A 179 -9.27 3.55 -9.04
C SER A 179 -9.45 2.95 -10.39
N VAL A 180 -9.69 3.78 -11.40
CA VAL A 180 -9.85 3.25 -12.74
C VAL A 180 -8.68 2.28 -13.02
N LYS A 181 -7.50 2.58 -12.46
CA LYS A 181 -6.35 1.69 -12.64
C LYS A 181 -6.67 0.28 -12.06
N ASN A 182 -7.23 0.23 -10.85
CA ASN A 182 -7.60 -1.04 -10.24
C ASN A 182 -8.57 -1.77 -11.15
N ILE A 183 -9.68 -1.11 -11.50
CA ILE A 183 -10.62 -1.76 -12.40
C ILE A 183 -9.89 -2.35 -13.62
N ALA A 184 -9.41 -1.52 -14.54
CA ALA A 184 -8.69 -2.10 -15.66
C ALA A 184 -7.74 -3.17 -15.10
N GLU A 185 -7.14 -2.88 -13.95
CA GLU A 185 -6.19 -3.82 -13.33
C GLU A 185 -6.75 -5.23 -13.07
N ARG A 186 -7.99 -5.32 -12.59
CA ARG A 186 -8.67 -6.59 -12.32
C ARG A 186 -9.03 -7.27 -13.62
N CYS A 187 -9.42 -6.48 -14.60
CA CYS A 187 -9.72 -7.02 -15.92
C CYS A 187 -8.49 -7.70 -16.48
N LEU A 188 -7.35 -7.15 -16.14
CA LEU A 188 -6.06 -7.61 -16.64
C LEU A 188 -5.52 -8.77 -15.84
N GLU A 189 -5.89 -8.82 -14.57
CA GLU A 189 -5.44 -9.88 -13.70
C GLU A 189 -6.23 -11.16 -14.00
N ASN A 190 -7.44 -11.00 -14.52
CA ASN A 190 -8.28 -12.13 -14.85
C ASN A 190 -8.06 -12.52 -16.30
N ALA A 191 -7.44 -11.61 -17.05
CA ALA A 191 -7.18 -11.75 -18.46
C ALA A 191 -6.29 -12.91 -18.89
N SER A 192 -6.44 -13.34 -20.15
CA SER A 192 -5.58 -14.37 -20.71
C SER A 192 -4.35 -13.64 -21.29
N GLY A 193 -3.41 -14.41 -21.83
CA GLY A 193 -2.20 -13.83 -22.38
C GLY A 193 -2.48 -13.20 -23.73
N GLU A 194 -3.52 -13.72 -24.38
CA GLU A 194 -3.95 -13.24 -25.66
C GLU A 194 -4.47 -11.81 -25.48
N VAL A 195 -5.40 -11.65 -24.54
CA VAL A 195 -6.02 -10.35 -24.25
C VAL A 195 -5.05 -9.27 -23.72
N LEU A 196 -4.11 -9.66 -22.86
CA LEU A 196 -3.13 -8.72 -22.33
C LEU A 196 -2.37 -8.14 -23.53
N GLY A 197 -2.20 -8.99 -24.54
CA GLY A 197 -1.49 -8.61 -25.73
C GLY A 197 -2.12 -7.41 -26.39
N GLU A 198 -3.43 -7.48 -26.64
CA GLU A 198 -4.17 -6.36 -27.21
C GLU A 198 -4.08 -5.13 -26.31
N ALA A 199 -4.22 -5.42 -25.00
CA ALA A 199 -4.21 -4.44 -23.93
C ALA A 199 -2.93 -3.67 -23.86
N GLU A 200 -1.82 -4.33 -24.20
CA GLU A 200 -0.55 -3.67 -24.10
C GLU A 200 -0.43 -2.78 -25.34
N ASP A 201 -0.52 -3.37 -26.51
CA ASP A 201 -0.41 -2.55 -27.73
C ASP A 201 -1.35 -1.33 -27.69
N VAL A 202 -2.54 -1.43 -27.09
CA VAL A 202 -3.41 -0.27 -27.04
C VAL A 202 -2.84 0.76 -26.04
N LEU A 203 -2.03 0.28 -25.08
CA LEU A 203 -1.38 1.11 -24.10
C LEU A 203 -0.24 1.80 -24.86
N VAL A 204 0.56 1.01 -25.57
CA VAL A 204 1.67 1.58 -26.31
C VAL A 204 1.06 2.56 -27.29
N ARG A 205 0.02 2.14 -28.02
CA ARG A 205 -0.59 3.06 -28.96
C ARG A 205 -0.95 4.37 -28.27
N VAL A 206 -1.59 4.28 -27.11
CA VAL A 206 -1.92 5.46 -26.38
C VAL A 206 -0.65 6.26 -25.93
N LEU A 207 0.38 5.59 -25.40
CA LEU A 207 1.53 6.37 -24.95
C LEU A 207 2.11 7.10 -26.18
N GLU A 208 2.31 6.34 -27.25
CA GLU A 208 2.85 6.87 -28.48
C GLU A 208 2.00 7.98 -29.03
N LEU A 209 0.68 7.76 -29.07
CA LEU A 209 -0.26 8.76 -29.60
C LEU A 209 -0.24 10.02 -28.71
N GLU A 210 -0.13 9.85 -27.39
CA GLU A 210 -0.10 11.00 -26.51
C GLU A 210 1.17 11.76 -26.83
N VAL A 211 2.27 11.06 -27.14
CA VAL A 211 3.51 11.76 -27.49
C VAL A 211 3.37 12.60 -28.78
N ALA A 212 2.87 11.99 -29.86
CA ALA A 212 2.65 12.71 -31.13
C ALA A 212 1.64 13.85 -31.02
N PHE A 213 0.67 13.70 -30.11
CA PHE A 213 -0.36 14.74 -29.88
C PHE A 213 0.36 15.92 -29.24
N TRP A 214 1.18 15.59 -28.25
CA TRP A 214 1.98 16.58 -27.52
C TRP A 214 2.85 17.46 -28.46
N GLU A 215 3.30 16.89 -29.57
CA GLU A 215 4.14 17.60 -30.52
C GLU A 215 3.40 18.45 -31.51
N MSE A 216 2.10 18.66 -31.31
CA MSE A 216 1.39 19.55 -32.21
C MSE A 216 1.39 20.97 -31.63
O MSE A 216 1.05 21.93 -32.35
CB MSE A 216 -0.05 19.15 -32.44
CG MSE A 216 -0.26 17.76 -32.95
SE MSE A 216 -2.20 17.69 -33.13
CE MSE A 216 -2.73 17.70 -31.21
N SER A 217 1.75 21.14 -30.36
CA SER A 217 1.75 22.48 -29.82
C SER A 217 2.90 22.95 -28.92
N ARG A 218 3.96 22.13 -28.74
CA ARG A 218 5.14 22.48 -27.89
C ARG A 218 5.74 23.96 -28.01
N GLY A 219 6.61 24.35 -27.07
CA GLY A 219 7.18 25.69 -27.12
C GLY A 219 8.57 25.98 -26.56
N ARG B 4 -5.41 2.12 4.68
CA ARG B 4 -4.82 1.20 5.68
C ARG B 4 -3.86 0.11 5.19
N GLY B 5 -2.86 -0.20 5.99
CA GLY B 5 -1.85 -1.20 5.66
C GLY B 5 -2.16 -2.69 5.90
N VAL B 6 -1.19 -3.55 5.56
CA VAL B 6 -1.30 -5.01 5.69
C VAL B 6 -1.61 -5.60 7.08
N ILE B 7 -0.76 -5.32 8.05
CA ILE B 7 -0.99 -5.89 9.38
C ILE B 7 -2.29 -5.52 10.09
N ASP B 8 -2.60 -4.23 10.13
CA ASP B 8 -3.81 -3.79 10.79
C ASP B 8 -5.07 -4.40 10.16
N THR B 9 -5.09 -4.47 8.84
CA THR B 9 -6.24 -5.08 8.11
C THR B 9 -6.31 -6.56 8.50
N TRP B 10 -5.16 -7.19 8.73
CA TRP B 10 -5.11 -8.57 9.18
C TRP B 10 -5.61 -8.67 10.63
N ILE B 11 -5.22 -7.70 11.45
CA ILE B 11 -5.64 -7.67 12.84
C ILE B 11 -7.13 -7.34 12.89
N ASP B 12 -7.59 -6.43 12.02
CA ASP B 12 -9.00 -6.10 11.99
C ASP B 12 -9.78 -7.37 11.63
N LYS B 13 -9.35 -8.07 10.57
CA LYS B 13 -10.03 -9.31 10.21
C LYS B 13 -10.17 -10.18 11.46
N HIS B 14 -9.11 -10.94 11.79
CA HIS B 14 -9.11 -11.86 12.95
C HIS B 14 -9.25 -11.14 14.28
N ARG B 15 -10.20 -10.22 14.39
CA ARG B 15 -10.34 -9.46 15.61
C ARG B 15 -10.46 -10.18 16.94
N SER B 16 -11.26 -11.24 17.06
CA SER B 16 -11.41 -11.86 18.38
C SER B 16 -10.17 -12.65 18.78
N ILE B 17 -9.47 -13.21 17.79
CA ILE B 17 -8.26 -13.94 18.12
C ILE B 17 -7.23 -12.94 18.69
N TYR B 18 -7.18 -11.73 18.13
CA TYR B 18 -6.20 -10.75 18.59
C TYR B 18 -6.52 -10.28 20.01
N THR B 19 -7.82 -10.07 20.26
CA THR B 19 -8.27 -9.63 21.59
C THR B 19 -8.12 -10.81 22.58
N ALA B 20 -8.37 -12.01 22.09
CA ALA B 20 -8.21 -13.17 22.96
C ALA B 20 -6.75 -13.22 23.44
N ALA B 21 -5.80 -12.93 22.56
CA ALA B 21 -4.39 -13.03 22.93
C ALA B 21 -3.89 -11.87 23.76
N THR B 22 -4.58 -10.72 23.65
CA THR B 22 -4.19 -9.54 24.38
C THR B 22 -4.99 -9.34 25.68
N ARG B 23 -6.31 -9.54 25.65
CA ARG B 23 -7.18 -9.40 26.84
C ARG B 23 -7.60 -10.76 27.36
N HIS B 24 -6.64 -11.67 27.40
CA HIS B 24 -6.85 -12.99 27.90
C HIS B 24 -7.17 -12.88 29.39
N ALA B 25 -8.07 -13.72 29.84
CA ALA B 25 -8.49 -13.71 31.26
C ALA B 25 -7.26 -13.53 32.15
N PHE B 26 -6.13 -14.17 31.80
CA PHE B 26 -4.95 -13.97 32.64
C PHE B 26 -4.50 -12.51 32.60
N VAL B 27 -4.50 -11.90 31.41
CA VAL B 27 -4.06 -10.51 31.34
C VAL B 27 -5.06 -9.72 32.14
N VAL B 28 -6.30 -10.20 32.20
CA VAL B 28 -7.29 -9.52 33.02
C VAL B 28 -7.04 -9.84 34.50
N SER B 29 -6.55 -11.03 34.80
CA SER B 29 -6.30 -11.45 36.20
C SER B 29 -5.18 -10.66 36.86
N ILE B 30 -4.26 -10.14 36.05
CA ILE B 30 -3.15 -9.33 36.57
C ILE B 30 -3.71 -7.93 36.80
N ARG B 31 -4.60 -7.49 35.89
CA ARG B 31 -5.17 -6.15 36.03
C ARG B 31 -6.12 -5.98 37.23
N ASP B 32 -6.90 -7.02 37.58
CA ASP B 32 -7.79 -6.92 38.73
C ASP B 32 -7.05 -7.31 40.03
N GLY B 33 -5.76 -7.66 39.89
CA GLY B 33 -4.94 -8.02 41.02
C GLY B 33 -5.52 -9.10 41.88
N SER B 34 -5.44 -10.34 41.42
CA SER B 34 -5.93 -11.46 42.19
C SER B 34 -5.10 -12.73 41.94
N VAL B 35 -4.34 -12.76 40.85
CA VAL B 35 -3.48 -13.89 40.49
C VAL B 35 -2.69 -14.48 41.67
N ASP B 36 -2.57 -15.80 41.71
CA ASP B 36 -1.82 -16.40 42.82
C ASP B 36 -0.38 -16.77 42.50
N LEU B 37 0.44 -16.89 43.54
CA LEU B 37 1.86 -17.24 43.38
C LEU B 37 2.02 -18.39 42.34
N SER B 38 1.40 -19.54 42.60
CA SER B 38 1.47 -20.72 41.73
C SER B 38 1.18 -20.31 40.27
N SER B 39 0.18 -19.47 40.05
CA SER B 39 -0.14 -19.00 38.70
C SER B 39 0.92 -17.97 38.25
N PHE B 40 1.30 -17.08 39.15
CA PHE B 40 2.32 -16.09 38.80
C PHE B 40 3.61 -16.87 38.57
N ARG B 41 3.97 -17.76 39.49
CA ARG B 41 5.17 -18.57 39.34
C ARG B 41 5.11 -19.42 38.05
N THR B 42 3.89 -19.70 37.56
CA THR B 42 3.69 -20.46 36.32
C THR B 42 3.88 -19.52 35.13
N TRP B 43 3.39 -18.30 35.28
CA TRP B 43 3.58 -17.36 34.22
C TRP B 43 5.07 -17.01 34.14
N LEU B 44 5.84 -17.34 35.17
CA LEU B 44 7.26 -17.01 35.20
C LEU B 44 8.17 -18.13 34.73
N GLY B 45 8.22 -19.25 35.45
CA GLY B 45 9.11 -20.34 35.03
C GLY B 45 8.94 -20.67 33.56
N GLN B 46 7.70 -20.74 33.10
CA GLN B 46 7.46 -21.10 31.69
C GLN B 46 7.97 -20.01 30.73
N ASP B 47 7.71 -18.73 31.03
CA ASP B 47 8.16 -17.68 30.12
C ASP B 47 9.66 -17.60 30.03
N TYR B 48 10.35 -18.00 31.10
CA TYR B 48 11.80 -17.99 31.06
C TYR B 48 12.31 -18.97 29.98
N LEU B 49 11.81 -20.21 30.01
CA LEU B 49 12.23 -21.21 29.03
C LEU B 49 11.87 -20.73 27.63
N PHE B 50 10.72 -20.08 27.51
CA PHE B 50 10.31 -19.55 26.24
C PHE B 50 11.32 -18.45 25.85
N VAL B 51 11.59 -17.50 26.73
CA VAL B 51 12.57 -16.48 26.32
C VAL B 51 13.87 -17.14 25.82
N ARG B 52 14.38 -18.18 26.49
CA ARG B 52 15.60 -18.80 26.00
C ARG B 52 15.43 -19.23 24.54
N ARG B 53 14.19 -19.56 24.15
CA ARG B 53 13.92 -19.95 22.77
C ARG B 53 13.71 -18.74 21.81
N PHE B 54 13.18 -17.67 22.32
CA PHE B 54 12.93 -16.47 21.55
C PHE B 54 14.26 -15.72 21.21
N VAL B 55 15.29 -15.95 22.01
CA VAL B 55 16.63 -15.36 21.82
C VAL B 55 17.23 -15.77 20.42
N PRO B 56 17.25 -17.09 20.10
CA PRO B 56 17.82 -17.48 18.79
C PRO B 56 16.94 -17.13 17.61
N PHE B 57 15.63 -17.29 17.76
CA PHE B 57 14.75 -16.87 16.65
C PHE B 57 15.09 -15.41 16.24
N VAL B 58 15.15 -14.51 17.22
CA VAL B 58 15.43 -13.10 16.87
C VAL B 58 16.86 -12.96 16.32
N ALA B 59 17.75 -13.84 16.75
CA ALA B 59 19.12 -13.81 16.26
C ALA B 59 19.06 -14.20 14.78
N SER B 60 18.15 -15.11 14.43
CA SER B 60 18.08 -15.52 13.05
C SER B 60 17.45 -14.35 12.27
N VAL B 61 16.48 -13.66 12.86
CA VAL B 61 15.84 -12.53 12.22
C VAL B 61 16.90 -11.45 11.94
N LEU B 62 17.82 -11.26 12.88
CA LEU B 62 18.85 -10.25 12.76
C LEU B 62 19.82 -10.57 11.61
N ILE B 63 20.13 -11.86 11.45
CA ILE B 63 21.03 -12.36 10.39
C ILE B 63 20.21 -12.24 9.09
N ARG B 64 18.98 -12.73 9.07
CA ARG B 64 18.17 -12.57 7.87
C ARG B 64 18.10 -11.06 7.52
N ALA B 65 18.36 -10.20 8.52
CA ALA B 65 18.30 -8.76 8.28
C ALA B 65 19.62 -8.29 7.64
N CYS B 66 20.75 -8.64 8.24
CA CYS B 66 22.09 -8.27 7.73
C CYS B 66 22.33 -8.78 6.30
N LYS B 67 21.41 -9.61 5.80
CA LYS B 67 21.52 -10.21 4.46
C LYS B 67 20.27 -10.08 3.56
N ASP B 68 19.05 -10.29 4.08
CA ASP B 68 17.84 -10.31 3.22
C ASP B 68 16.88 -9.14 3.07
N SER B 69 17.28 -7.97 3.54
CA SER B 69 16.47 -6.77 3.38
C SER B 69 17.29 -5.80 2.49
N GLY B 70 16.62 -5.01 1.66
CA GLY B 70 17.35 -4.07 0.84
C GLY B 70 17.28 -2.78 1.62
N GLU B 71 17.64 -2.86 2.90
CA GLU B 71 17.61 -1.70 3.81
C GLU B 71 18.44 -1.94 5.07
N SER B 72 19.54 -1.19 5.18
CA SER B 72 20.49 -1.27 6.27
C SER B 72 19.93 -0.88 7.65
N SER B 73 18.87 -0.07 7.67
CA SER B 73 18.27 0.33 8.93
C SER B 73 17.67 -0.85 9.73
N ASP B 74 17.17 -1.89 9.04
CA ASP B 74 16.59 -3.05 9.73
C ASP B 74 17.57 -3.64 10.78
N MSE B 75 18.82 -3.92 10.39
CA MSE B 75 19.86 -4.51 11.29
C MSE B 75 19.95 -4.07 12.74
O MSE B 75 19.94 -4.88 13.67
CB MSE B 75 21.25 -4.31 10.70
CG MSE B 75 22.32 -5.23 11.29
SE MSE B 75 23.75 -4.30 12.23
CE MSE B 75 23.15 -4.57 14.02
N GLU B 76 20.09 -2.74 12.92
CA GLU B 76 20.25 -2.20 14.24
C GLU B 76 18.94 -2.21 15.08
N VAL B 77 17.77 -2.15 14.44
CA VAL B 77 16.52 -2.21 15.20
C VAL B 77 16.40 -3.63 15.86
N VAL B 78 16.86 -4.67 15.17
CA VAL B 78 16.77 -6.01 15.73
C VAL B 78 17.81 -6.13 16.86
N LEU B 79 19.07 -5.82 16.56
CA LEU B 79 20.11 -5.89 17.59
C LEU B 79 19.65 -5.20 18.88
N GLY B 80 18.84 -4.16 18.77
CA GLY B 80 18.41 -3.48 19.97
C GLY B 80 17.45 -4.40 20.73
N GLY B 81 16.59 -5.07 19.96
CA GLY B 81 15.64 -6.00 20.56
C GLY B 81 16.36 -7.21 21.10
N ILE B 82 17.46 -7.65 20.49
CA ILE B 82 18.11 -8.79 21.10
C ILE B 82 18.82 -8.24 22.33
N ALA B 83 19.24 -6.97 22.26
CA ALA B 83 19.86 -6.37 23.43
C ALA B 83 18.79 -6.38 24.52
N SER B 84 17.54 -6.59 24.12
CA SER B 84 16.41 -6.66 25.06
C SER B 84 16.68 -7.81 26.01
N LEU B 85 16.95 -8.98 25.43
CA LEU B 85 17.16 -10.20 26.19
C LEU B 85 18.34 -10.18 27.19
N ASN B 86 19.24 -9.20 27.05
CA ASN B 86 20.32 -9.08 28.03
C ASN B 86 19.68 -8.71 29.41
N ASP B 87 19.10 -7.50 29.61
CA ASP B 87 18.53 -7.17 30.94
C ASP B 87 17.35 -8.07 31.34
N GLU B 88 16.61 -8.52 30.34
CA GLU B 88 15.45 -9.38 30.54
C GLU B 88 15.76 -10.71 31.19
N ILE B 89 16.67 -11.48 30.60
CA ILE B 89 17.05 -12.77 31.20
C ILE B 89 17.55 -12.46 32.60
N GLU B 90 18.48 -11.49 32.73
CA GLU B 90 18.97 -11.09 34.06
C GLU B 90 17.77 -10.74 34.96
N TRP B 91 16.78 -10.03 34.43
CA TRP B 91 15.58 -9.70 35.21
C TRP B 91 14.77 -11.00 35.61
N PHE B 92 14.69 -12.00 34.73
CA PHE B 92 13.95 -13.21 35.08
C PHE B 92 14.64 -13.84 36.27
N LYS B 93 15.96 -13.95 36.21
CA LYS B 93 16.74 -14.58 37.27
C LYS B 93 16.59 -13.96 38.68
N ARG B 94 16.35 -12.66 38.75
CA ARG B 94 16.12 -11.97 40.03
C ARG B 94 14.65 -12.23 40.51
N GLU B 95 13.67 -11.94 39.65
CA GLU B 95 12.26 -12.23 40.01
C GLU B 95 12.23 -13.70 40.44
N GLY B 96 13.00 -14.54 39.77
CA GLY B 96 13.05 -15.95 40.12
C GLY B 96 13.52 -16.15 41.55
N SER B 97 14.68 -15.59 41.87
CA SER B 97 15.22 -15.73 43.23
C SER B 97 14.51 -14.80 44.22
N LYS B 98 13.55 -14.05 43.73
CA LYS B 98 12.77 -13.19 44.57
C LYS B 98 11.48 -13.91 44.90
N TRP B 99 10.81 -14.43 43.86
CA TRP B 99 9.54 -15.09 44.10
C TRP B 99 9.52 -16.58 44.25
N ASP B 100 10.60 -17.16 44.77
CA ASP B 100 10.55 -18.59 45.02
C ASP B 100 10.39 -19.48 43.78
N VAL B 101 10.78 -18.96 42.61
CA VAL B 101 10.70 -19.75 41.41
C VAL B 101 12.15 -20.20 41.12
N ASP B 102 12.37 -21.51 41.11
CA ASP B 102 13.67 -22.15 40.85
C ASP B 102 13.78 -22.42 39.37
N PHE B 103 14.25 -21.44 38.60
CA PHE B 103 14.30 -21.64 37.17
C PHE B 103 14.88 -22.95 36.69
N SER B 104 15.70 -23.57 37.51
CA SER B 104 16.30 -24.84 37.16
C SER B 104 15.38 -26.00 37.61
N THR B 105 14.09 -25.71 37.81
CA THR B 105 13.15 -26.80 38.13
C THR B 105 11.81 -26.69 37.37
N VAL B 106 11.73 -25.82 36.39
CA VAL B 106 10.49 -25.70 35.63
C VAL B 106 10.31 -26.77 34.59
N VAL B 107 9.14 -27.40 34.55
CA VAL B 107 8.87 -28.43 33.53
C VAL B 107 8.13 -27.75 32.36
N PRO B 108 8.67 -27.85 31.13
CA PRO B 108 7.92 -27.17 30.08
C PRO B 108 6.59 -27.86 29.83
N GLN B 109 5.54 -27.07 29.68
CA GLN B 109 4.30 -27.70 29.43
C GLN B 109 4.12 -27.65 27.92
N ARG B 110 3.17 -28.43 27.45
CA ARG B 110 2.87 -28.54 26.05
C ARG B 110 2.61 -27.22 25.28
N ALA B 111 1.92 -26.23 25.86
CA ALA B 111 1.68 -24.99 25.10
C ALA B 111 3.06 -24.35 24.77
N ASN B 112 3.96 -24.41 25.75
CA ASN B 112 5.31 -23.88 25.68
C ASN B 112 6.16 -24.67 24.68
N GLN B 113 6.09 -26.01 24.73
CA GLN B 113 6.86 -26.83 23.80
C GLN B 113 6.36 -26.57 22.38
N GLU B 114 5.04 -26.45 22.17
CA GLU B 114 4.50 -26.14 20.83
C GLU B 114 5.05 -24.75 20.39
N TYR B 115 4.98 -23.74 21.27
CA TYR B 115 5.50 -22.38 20.92
C TYR B 115 7.04 -22.44 20.59
N GLY B 116 7.74 -23.39 21.19
CA GLY B 116 9.17 -23.52 20.97
C GLY B 116 9.47 -24.20 19.64
N ARG B 117 8.80 -25.31 19.39
CA ARG B 117 9.02 -26.08 18.14
C ARG B 117 8.80 -25.12 17.02
N PHE B 118 7.77 -24.31 17.16
CA PHE B 118 7.43 -23.28 16.19
C PHE B 118 8.61 -22.29 15.97
N LEU B 119 9.08 -21.66 17.04
CA LEU B 119 10.21 -20.74 16.90
C LEU B 119 11.34 -21.47 16.18
N GLU B 120 11.73 -22.62 16.71
CA GLU B 120 12.76 -23.38 16.08
C GLU B 120 12.32 -23.58 14.60
N ASP B 121 11.05 -23.91 14.35
CA ASP B 121 10.63 -24.13 12.94
C ASP B 121 10.87 -22.89 12.11
N LEU B 122 10.98 -21.73 12.75
CA LEU B 122 11.25 -20.51 11.99
C LEU B 122 12.76 -20.22 12.09
N MSE B 123 13.57 -21.24 12.03
CA MSE B 123 15.01 -20.97 12.07
C MSE B 123 15.65 -21.53 10.82
O MSE B 123 16.87 -21.38 10.58
CB MSE B 123 15.60 -21.50 13.35
CG MSE B 123 15.12 -20.63 14.54
SE MSE B 123 15.96 -21.03 16.18
CE MSE B 123 17.82 -20.56 15.79
N SER B 124 14.76 -22.08 9.99
CA SER B 124 15.03 -22.69 8.68
C SER B 124 15.19 -21.59 7.61
N SER B 125 15.22 -21.99 6.34
CA SER B 125 15.37 -21.03 5.24
C SER B 125 14.12 -20.90 4.38
N GLU B 126 13.29 -21.94 4.38
CA GLU B 126 12.04 -21.93 3.61
C GLU B 126 11.12 -20.72 3.92
N VAL B 127 11.22 -20.17 5.15
CA VAL B 127 10.38 -19.04 5.51
C VAL B 127 11.09 -17.81 5.06
N LYS B 128 10.36 -16.80 4.59
CA LYS B 128 10.93 -15.57 4.10
C LYS B 128 10.96 -14.47 5.19
N TYR B 129 11.77 -13.46 4.92
CA TYR B 129 11.98 -12.34 5.81
C TYR B 129 10.66 -11.60 6.18
N PRO B 130 9.74 -11.36 5.21
CA PRO B 130 8.50 -10.65 5.56
C PRO B 130 7.65 -11.46 6.55
N VAL B 131 7.82 -12.78 6.50
CA VAL B 131 7.10 -13.69 7.37
C VAL B 131 7.80 -13.76 8.74
N ILE B 132 9.09 -14.04 8.75
CA ILE B 132 9.79 -14.07 10.04
C ILE B 132 9.71 -12.70 10.72
N MSE B 133 9.62 -11.62 9.92
CA MSE B 133 9.57 -10.29 10.50
C MSE B 133 8.25 -10.11 11.18
O MSE B 133 8.17 -9.50 12.25
CB MSE B 133 9.73 -9.20 9.43
CG MSE B 133 11.16 -8.73 9.19
SE MSE B 133 12.28 -8.41 10.71
CE MSE B 133 11.15 -7.17 11.58
N THR B 134 7.21 -10.62 10.53
CA THR B 134 5.87 -10.55 11.09
C THR B 134 5.76 -11.32 12.40
N ALA B 135 6.24 -12.55 12.42
CA ALA B 135 6.26 -13.33 13.65
C ALA B 135 7.00 -12.56 14.79
N PHE B 136 8.22 -12.10 14.49
CA PHE B 136 9.01 -11.38 15.45
C PHE B 136 8.19 -10.21 15.99
N TRP B 137 7.64 -9.40 15.08
CA TRP B 137 6.81 -8.32 15.53
C TRP B 137 5.64 -8.80 16.42
N ALA B 138 4.87 -9.77 15.92
CA ALA B 138 3.70 -10.27 16.66
C ALA B 138 4.00 -10.73 18.08
N ILE B 139 5.10 -11.42 18.27
CA ILE B 139 5.44 -11.91 19.59
C ILE B 139 5.72 -10.77 20.61
N GLU B 140 6.49 -9.78 20.19
CA GLU B 140 6.83 -8.65 21.09
C GLU B 140 5.57 -7.89 21.45
N ALA B 141 4.78 -7.55 20.44
CA ALA B 141 3.55 -6.82 20.69
C ALA B 141 2.62 -7.53 21.71
N VAL B 142 2.87 -8.80 22.01
CA VAL B 142 2.00 -9.45 22.96
C VAL B 142 2.32 -9.04 24.36
N TYR B 143 3.60 -8.94 24.66
CA TYR B 143 3.94 -8.55 26.00
C TYR B 143 3.77 -7.08 26.14
N GLN B 144 3.86 -6.40 24.99
CA GLN B 144 3.73 -4.95 24.96
C GLN B 144 2.26 -4.57 24.96
N GLU B 145 1.45 -5.24 24.13
CA GLU B 145 0.04 -4.94 24.08
C GLU B 145 -0.79 -5.49 25.26
N SER B 146 -0.33 -6.58 25.88
CA SER B 146 -1.05 -7.14 27.03
C SER B 146 -0.61 -6.45 28.34
N PHE B 147 0.68 -6.17 28.43
CA PHE B 147 1.26 -5.57 29.60
C PHE B 147 1.45 -4.09 29.42
N ALA B 148 0.42 -3.37 28.93
CA ALA B 148 0.52 -1.93 28.75
C ALA B 148 -0.51 -1.21 29.59
N HIS B 149 -0.10 -0.05 30.12
CA HIS B 149 -0.92 0.83 30.95
C HIS B 149 -1.07 0.46 32.46
N CYS B 150 -0.73 -0.76 32.87
CA CYS B 150 -0.88 -1.03 34.29
C CYS B 150 0.10 -0.20 35.09
N LYS B 156 -4.80 -1.44 39.16
CA LYS B 156 -4.59 -2.70 39.87
C LYS B 156 -3.70 -3.75 39.20
N THR B 157 -2.54 -4.00 39.81
CA THR B 157 -1.54 -5.00 39.37
C THR B 157 -0.88 -5.55 40.62
N PRO B 158 -0.71 -6.89 40.68
CA PRO B 158 -0.07 -7.53 41.86
C PRO B 158 1.44 -7.20 42.04
N VAL B 159 1.94 -7.34 43.28
CA VAL B 159 3.31 -6.99 43.59
C VAL B 159 4.38 -7.79 42.88
N GLU B 160 4.13 -9.08 42.71
CA GLU B 160 5.06 -9.99 42.04
C GLU B 160 5.19 -9.57 40.58
N LEU B 161 4.09 -9.03 40.05
CA LEU B 161 3.98 -8.65 38.64
C LEU B 161 4.23 -7.20 38.33
N THR B 162 4.28 -6.40 39.38
CA THR B 162 4.53 -4.99 39.22
C THR B 162 5.78 -4.70 38.32
N GLY B 163 6.74 -5.63 38.26
CA GLY B 163 7.88 -5.42 37.39
C GLY B 163 7.56 -5.77 35.94
N ALA B 164 6.83 -6.87 35.76
CA ALA B 164 6.46 -7.29 34.43
C ALA B 164 5.73 -6.14 33.71
N CYS B 165 4.87 -5.44 34.46
CA CYS B 165 4.10 -4.30 33.95
C CYS B 165 4.95 -3.14 33.39
N HIS B 166 6.08 -2.85 34.01
CA HIS B 166 6.91 -1.78 33.48
C HIS B 166 7.85 -2.33 32.44
N ARG B 167 8.24 -3.61 32.61
CA ARG B 167 9.14 -4.34 31.68
C ARG B 167 8.61 -4.19 30.27
N TRP B 168 7.32 -4.48 30.09
CA TRP B 168 6.70 -4.39 28.77
C TRP B 168 5.65 -3.32 28.56
N GLY B 169 5.51 -2.41 29.53
CA GLY B 169 4.54 -1.31 29.36
C GLY B 169 5.14 0.08 29.20
N ASN B 170 6.44 0.21 29.04
CA ASN B 170 6.98 1.57 28.90
C ASN B 170 7.00 2.05 27.46
N ASP B 171 7.34 3.31 27.28
CA ASP B 171 7.37 3.87 25.95
C ASP B 171 8.49 3.30 25.10
N GLY B 172 9.66 3.09 25.68
CA GLY B 172 10.75 2.55 24.93
C GLY B 172 10.30 1.28 24.17
N PHE B 173 9.73 0.31 24.89
CA PHE B 173 9.27 -0.96 24.28
C PHE B 173 8.04 -0.70 23.40
N LYS B 174 7.14 0.18 23.82
CA LYS B 174 5.98 0.46 22.98
C LYS B 174 6.42 1.04 21.65
N GLN B 175 7.34 2.00 21.68
CA GLN B 175 7.79 2.63 20.45
C GLN B 175 8.61 1.60 19.67
N TYR B 176 9.28 0.70 20.39
CA TYR B 176 10.08 -0.33 19.73
C TYR B 176 9.11 -1.19 18.84
N CYS B 177 7.96 -1.55 19.36
CA CYS B 177 7.05 -2.32 18.59
C CYS B 177 6.65 -1.64 17.26
N SER B 178 6.45 -0.33 17.28
CA SER B 178 6.10 0.41 16.06
C SER B 178 7.24 0.30 15.07
N SER B 179 8.45 0.56 15.53
CA SER B 179 9.58 0.50 14.62
C SER B 179 9.70 -0.90 14.00
N VAL B 180 9.40 -1.95 14.77
CA VAL B 180 9.49 -3.31 14.22
C VAL B 180 8.29 -3.53 13.28
N LYS B 181 7.15 -3.00 13.67
CA LYS B 181 5.97 -3.12 12.85
C LYS B 181 6.17 -2.36 11.55
N ASN B 182 6.74 -1.16 11.68
CA ASN B 182 7.01 -0.31 10.51
C ASN B 182 7.93 -0.97 9.48
N ILE B 183 8.76 -1.90 9.94
CA ILE B 183 9.64 -2.67 9.08
C ILE B 183 8.82 -3.87 8.56
N ALA B 184 7.88 -4.35 9.36
CA ALA B 184 7.13 -5.50 8.87
C ALA B 184 6.21 -5.07 7.74
N GLU B 185 5.54 -3.93 7.92
CA GLU B 185 4.64 -3.38 6.92
C GLU B 185 5.36 -3.08 5.59
N ARG B 186 6.56 -2.50 5.65
CA ARG B 186 7.30 -2.20 4.41
C ARG B 186 7.51 -3.48 3.60
N CYS B 187 8.22 -4.44 4.18
CA CYS B 187 8.47 -5.71 3.49
C CYS B 187 7.18 -6.39 2.95
N LEU B 188 6.03 -6.19 3.61
CA LEU B 188 4.83 -6.88 3.18
C LEU B 188 4.20 -6.16 2.03
N GLU B 189 4.30 -4.83 2.02
CA GLU B 189 3.70 -4.02 0.96
C GLU B 189 4.40 -4.25 -0.38
N ASN B 190 5.55 -4.91 -0.31
CA ASN B 190 6.34 -5.25 -1.47
C ASN B 190 6.48 -6.78 -1.68
N ALA B 191 5.64 -7.56 -0.98
CA ALA B 191 5.68 -9.03 -1.08
C ALA B 191 4.65 -9.61 -2.01
N SER B 192 4.93 -10.80 -2.54
CA SER B 192 4.03 -11.51 -3.47
C SER B 192 2.81 -12.01 -2.73
N GLY B 193 1.72 -12.26 -3.46
CA GLY B 193 0.47 -12.76 -2.88
C GLY B 193 0.65 -14.06 -2.08
N GLU B 194 1.51 -14.93 -2.58
CA GLU B 194 1.79 -16.16 -1.85
C GLU B 194 2.47 -15.81 -0.54
N VAL B 195 3.37 -14.82 -0.53
CA VAL B 195 4.12 -14.43 0.70
C VAL B 195 3.16 -13.80 1.71
N LEU B 196 2.22 -13.01 1.19
CA LEU B 196 1.24 -12.39 2.04
C LEU B 196 0.45 -13.48 2.78
N GLY B 197 0.11 -14.55 2.09
CA GLY B 197 -0.64 -15.61 2.75
C GLY B 197 0.15 -16.33 3.84
N GLU B 198 1.45 -16.57 3.59
CA GLU B 198 2.30 -17.23 4.58
C GLU B 198 2.48 -16.34 5.83
N ALA B 199 2.50 -15.02 5.64
CA ALA B 199 2.70 -14.15 6.77
C ALA B 199 1.43 -14.00 7.62
N GLU B 200 0.30 -13.87 6.95
CA GLU B 200 -0.95 -13.70 7.69
C GLU B 200 -1.23 -14.96 8.52
N ASP B 201 -0.84 -16.11 7.97
CA ASP B 201 -1.07 -17.36 8.67
C ASP B 201 -0.18 -17.54 9.90
N VAL B 202 1.04 -17.04 9.80
CA VAL B 202 2.04 -17.13 10.87
C VAL B 202 1.73 -16.13 11.98
N LEU B 203 1.05 -15.02 11.63
CA LEU B 203 0.63 -14.00 12.61
C LEU B 203 -0.53 -14.63 13.44
N VAL B 204 -1.45 -15.30 12.76
CA VAL B 204 -2.54 -15.91 13.51
C VAL B 204 -2.04 -16.98 14.49
N ARG B 205 -1.03 -17.73 14.06
CA ARG B 205 -0.45 -18.77 14.91
C ARG B 205 0.09 -18.15 16.23
N VAL B 206 1.14 -17.31 16.18
CA VAL B 206 1.73 -16.67 17.37
C VAL B 206 0.52 -16.33 18.26
N LEU B 207 -0.53 -15.78 17.67
CA LEU B 207 -1.67 -15.44 18.53
C LEU B 207 -2.28 -16.72 19.16
N GLU B 208 -2.47 -17.78 18.36
CA GLU B 208 -3.02 -19.05 18.90
C GLU B 208 -2.12 -19.58 19.99
N LEU B 209 -0.81 -19.63 19.72
CA LEU B 209 0.19 -20.09 20.70
C LEU B 209 0.20 -19.24 21.98
N GLU B 210 -0.12 -17.94 21.84
CA GLU B 210 -0.13 -17.04 22.96
C GLU B 210 -1.32 -17.39 23.84
N VAL B 211 -2.44 -17.72 23.20
CA VAL B 211 -3.66 -18.12 23.89
C VAL B 211 -3.35 -19.31 24.79
N ALA B 212 -2.72 -20.36 24.22
CA ALA B 212 -2.35 -21.56 24.96
C ALA B 212 -1.41 -21.30 26.18
N PHE B 213 -0.48 -20.35 26.03
CA PHE B 213 0.45 -19.95 27.05
C PHE B 213 -0.31 -19.21 28.15
N TRP B 214 -0.94 -18.09 27.80
CA TRP B 214 -1.72 -17.29 28.75
C TRP B 214 -2.66 -18.17 29.54
N GLU B 215 -3.62 -18.78 28.82
CA GLU B 215 -4.61 -19.64 29.44
C GLU B 215 -3.92 -20.68 30.25
N MSE B 216 -2.75 -21.11 29.78
CA MSE B 216 -2.01 -22.05 30.58
C MSE B 216 -1.59 -21.37 31.90
O MSE B 216 -1.92 -21.82 32.97
CB MSE B 216 -0.76 -22.53 29.88
CG MSE B 216 -0.11 -23.63 30.60
SE MSE B 216 1.55 -22.65 31.19
CE MSE B 216 1.61 -20.95 30.35
N SER B 217 -0.85 -20.26 31.83
CA SER B 217 -0.46 -19.63 33.07
C SER B 217 -1.65 -19.34 33.95
N ARG B 218 -2.72 -18.84 33.35
CA ARG B 218 -3.93 -18.49 34.08
C ARG B 218 -4.48 -19.65 34.86
N GLY B 219 -4.42 -20.82 34.24
CA GLY B 219 -4.90 -22.05 34.83
C GLY B 219 -6.06 -22.63 34.02
S SO4 C . 13.18 -12.70 1.46
O1 SO4 C . 14.51 -13.13 1.97
O2 SO4 C . 13.14 -11.20 1.31
O3 SO4 C . 12.94 -13.47 0.21
O4 SO4 C . 12.15 -13.12 2.41
CM2 HMH D . -4.71 13.94 -25.82
N1A HMH D . -5.13 13.00 -23.50
C2A HMH D . -5.41 13.93 -24.48
N3A HMH D . -6.32 14.89 -24.26
C4A HMH D . -7.02 14.98 -23.08
N4A HMH D . -7.98 15.96 -22.83
C5A HMH D . -6.79 14.09 -22.07
C6A HMH D . -5.79 13.05 -22.29
C7A HMH D . -7.60 14.32 -20.82
O1 HMH D . -7.24 13.42 -19.92
S SO4 E . 4.60 -25.00 13.35
O1 SO4 E . 3.64 -24.33 12.46
O2 SO4 E . 5.96 -24.78 12.83
O3 SO4 E . 4.45 -24.51 14.72
O4 SO4 E . 4.29 -26.44 13.33
S SO4 F . 8.53 19.62 -20.35
O1 SO4 F . 8.93 20.75 -19.47
O2 SO4 F . 8.23 20.19 -21.67
O3 SO4 F . 9.66 18.65 -20.46
O4 SO4 F . 7.36 18.92 -19.80
S SO4 G . 7.69 -15.70 -3.69
O1 SO4 G . 8.59 -16.86 -3.48
O2 SO4 G . 8.42 -14.44 -3.38
O3 SO4 G . 7.25 -15.62 -5.10
O4 SO4 G . 6.49 -15.85 -2.87
CM2 HMH H . 4.50 -16.04 25.04
N1A HMH H . 5.10 -13.80 24.17
C2A HMH H . 5.38 -14.81 24.99
N3A HMH H . 6.42 -14.75 25.81
C4A HMH H . 7.26 -13.70 25.83
N4A HMH H . 8.36 -13.66 26.70
C5A HMH H . 7.02 -12.59 25.02
C6A HMH H . 5.90 -12.66 24.13
C7A HMH H . 7.99 -11.45 25.12
O1 HMH H . 7.64 -10.44 24.28
N GLY A 5 0.78 -4.02 -10.00
CA GLY A 5 -0.21 -4.80 -10.80
C GLY A 5 0.33 -5.10 -12.19
N VAL A 6 -0.55 -5.47 -13.10
CA VAL A 6 -0.09 -5.73 -14.45
C VAL A 6 0.04 -4.39 -15.18
N ILE A 7 -0.63 -3.35 -14.70
CA ILE A 7 -0.56 -2.01 -15.31
C ILE A 7 0.79 -1.40 -14.99
N ASP A 8 1.19 -1.50 -13.72
CA ASP A 8 2.47 -0.96 -13.32
C ASP A 8 3.74 -1.75 -13.80
N THR A 9 3.55 -2.81 -14.56
CA THR A 9 4.71 -3.46 -15.10
C THR A 9 4.74 -2.99 -16.54
N TRP A 10 3.61 -2.44 -16.98
CA TRP A 10 3.53 -1.93 -18.33
C TRP A 10 4.14 -0.52 -18.36
N ILE A 11 3.63 0.38 -17.51
CA ILE A 11 4.15 1.75 -17.47
C ILE A 11 5.63 1.71 -17.17
N ASP A 12 6.10 0.57 -16.66
CA ASP A 12 7.46 0.27 -16.21
C ASP A 12 8.47 -0.21 -17.25
N LYS A 13 8.05 -1.18 -18.01
CA LYS A 13 8.86 -1.71 -19.06
C LYS A 13 9.16 -0.45 -19.88
N HIS A 14 8.18 -0.02 -20.69
CA HIS A 14 8.27 1.14 -21.56
C HIS A 14 8.36 2.46 -20.80
N ARG A 15 9.10 2.51 -19.70
CA ARG A 15 9.17 3.74 -18.90
C ARG A 15 9.75 4.98 -19.62
N SER A 16 10.16 4.81 -20.87
CA SER A 16 10.75 5.89 -21.62
C SER A 16 9.74 6.75 -22.35
N ILE A 17 8.93 6.10 -23.20
CA ILE A 17 7.91 6.81 -23.95
C ILE A 17 6.86 7.37 -22.97
N TYR A 18 6.73 6.73 -21.82
CA TYR A 18 5.78 7.20 -20.83
C TYR A 18 6.15 8.64 -20.34
N THR A 19 7.42 8.87 -20.01
CA THR A 19 7.79 10.24 -19.58
C THR A 19 7.50 11.24 -20.72
N ALA A 20 7.67 10.80 -21.98
CA ALA A 20 7.39 11.66 -23.14
C ALA A 20 5.89 11.70 -23.54
N ALA A 21 5.03 11.13 -22.70
CA ALA A 21 3.60 11.12 -23.03
C ALA A 21 2.93 12.15 -22.14
N THR A 22 3.48 12.27 -20.95
CA THR A 22 3.02 13.13 -19.88
C THR A 22 3.90 14.38 -19.71
N ARG A 23 4.70 14.77 -20.71
CA ARG A 23 5.49 15.99 -20.64
C ARG A 23 4.46 17.13 -20.79
N HIS A 24 4.77 18.33 -20.29
CA HIS A 24 3.79 19.40 -20.33
C HIS A 24 3.23 19.52 -21.73
N ALA A 25 1.92 19.80 -21.80
CA ALA A 25 1.22 19.82 -23.06
C ALA A 25 1.03 21.18 -23.65
N PHE A 26 1.73 22.17 -23.10
CA PHE A 26 1.76 23.55 -23.61
C PHE A 26 2.51 24.37 -22.58
N VAL A 27 2.69 25.65 -22.91
CA VAL A 27 3.32 26.59 -22.02
C VAL A 27 3.08 27.97 -22.60
N VAL A 28 3.22 29.01 -21.77
CA VAL A 28 3.02 30.39 -22.17
C VAL A 28 4.25 31.22 -21.66
N SER A 29 5.38 31.10 -22.37
CA SER A 29 6.60 31.79 -21.99
C SER A 29 6.62 33.23 -22.48
N ILE A 30 7.59 34.00 -22.02
CA ILE A 30 7.70 35.40 -22.43
C ILE A 30 8.27 35.43 -23.81
N ARG A 31 7.70 36.22 -24.72
CA ARG A 31 8.30 36.29 -26.04
C ARG A 31 8.45 37.68 -26.54
N ASP A 32 9.68 38.03 -26.88
CA ASP A 32 9.96 39.35 -27.41
C ASP A 32 9.25 40.37 -26.55
N GLY A 33 9.23 40.14 -25.24
CA GLY A 33 8.56 41.08 -24.36
C GLY A 33 7.07 40.82 -24.07
N SER A 34 6.41 40.00 -24.89
CA SER A 34 4.99 39.73 -24.64
C SER A 34 4.67 38.35 -24.13
N VAL A 35 3.39 38.18 -23.79
CA VAL A 35 2.93 36.86 -23.38
C VAL A 35 2.46 36.06 -24.63
N ASP A 36 3.15 34.98 -24.96
CA ASP A 36 2.75 34.24 -26.16
C ASP A 36 1.71 33.14 -25.86
N LEU A 37 0.47 33.38 -26.26
CA LEU A 37 -0.62 32.43 -26.03
C LEU A 37 -0.72 31.30 -27.06
N SER A 38 0.14 31.36 -28.05
CA SER A 38 0.15 30.38 -29.16
C SER A 38 0.29 28.87 -28.85
N SER A 39 1.12 28.48 -27.89
CA SER A 39 1.26 27.07 -27.57
C SER A 39 -0.03 26.70 -26.82
N PHE A 40 -0.55 27.68 -26.08
CA PHE A 40 -1.74 27.48 -25.33
C PHE A 40 -2.97 27.50 -26.31
N ARG A 41 -3.13 28.57 -27.08
CA ARG A 41 -4.28 28.64 -27.97
C ARG A 41 -4.33 27.44 -28.94
N THR A 42 -3.17 27.03 -29.44
CA THR A 42 -3.17 25.88 -30.35
C THR A 42 -3.85 24.72 -29.61
N TRP A 43 -3.47 24.51 -28.33
CA TRP A 43 -4.04 23.43 -27.53
C TRP A 43 -5.56 23.53 -27.19
N LEU A 44 -5.97 24.69 -26.75
CA LEU A 44 -7.35 24.94 -26.34
C LEU A 44 -8.34 24.60 -27.43
N GLY A 45 -8.02 24.96 -28.66
CA GLY A 45 -8.89 24.67 -29.78
C GLY A 45 -8.90 23.19 -30.13
N GLN A 46 -7.70 22.61 -30.23
CA GLN A 46 -7.60 21.21 -30.64
C GLN A 46 -7.97 20.26 -29.55
N ASP A 47 -7.74 20.67 -28.33
CA ASP A 47 -8.11 19.81 -27.20
C ASP A 47 -9.61 19.78 -27.07
N TYR A 48 -10.24 20.86 -27.47
CA TYR A 48 -11.72 20.91 -27.42
C TYR A 48 -12.39 20.00 -28.46
N LEU A 49 -11.81 19.97 -29.66
CA LEU A 49 -12.41 19.07 -30.63
C LEU A 49 -12.03 17.75 -30.06
N PHE A 50 -10.84 17.60 -29.45
CA PHE A 50 -10.53 16.32 -28.87
C PHE A 50 -11.55 15.88 -27.79
N VAL A 51 -12.05 16.81 -26.97
CA VAL A 51 -13.02 16.38 -25.94
C VAL A 51 -14.32 15.94 -26.61
N ARG A 52 -14.72 16.55 -27.71
CA ARG A 52 -15.97 16.14 -28.36
C ARG A 52 -15.91 14.71 -28.87
N ARG A 53 -14.78 14.29 -29.42
CA ARG A 53 -14.64 12.91 -29.87
C ARG A 53 -14.48 11.97 -28.69
N PHE A 54 -14.02 12.51 -27.56
CA PHE A 54 -13.85 11.70 -26.36
C PHE A 54 -15.17 11.32 -25.64
N VAL A 55 -16.12 12.24 -25.59
CA VAL A 55 -17.40 12.00 -24.96
C VAL A 55 -18.08 10.69 -25.44
N PRO A 56 -18.23 10.47 -26.76
CA PRO A 56 -18.88 9.16 -27.06
C PRO A 56 -18.02 7.93 -26.73
N PHE A 57 -16.71 8.08 -26.74
CA PHE A 57 -15.88 6.91 -26.41
C PHE A 57 -16.17 6.51 -24.92
N VAL A 58 -16.27 7.51 -24.02
CA VAL A 58 -16.60 7.27 -22.61
C VAL A 58 -18.04 6.66 -22.52
N ALA A 59 -18.95 7.14 -23.37
CA ALA A 59 -20.31 6.61 -23.42
C ALA A 59 -20.24 5.11 -23.70
N SER A 60 -19.39 4.72 -24.65
CA SER A 60 -19.28 3.33 -25.00
C SER A 60 -18.69 2.61 -23.83
N VAL A 61 -17.72 3.19 -23.17
CA VAL A 61 -17.14 2.48 -22.04
C VAL A 61 -18.22 2.22 -20.95
N LEU A 62 -19.29 3.00 -20.99
CA LEU A 62 -20.34 2.87 -20.01
C LEU A 62 -21.27 1.66 -20.40
N ILE A 63 -21.70 1.65 -21.66
CA ILE A 63 -22.53 0.60 -22.19
C ILE A 63 -21.88 -0.77 -21.94
N ARG A 64 -20.59 -0.88 -22.23
CA ARG A 64 -19.83 -2.12 -21.95
C ARG A 64 -19.74 -2.44 -20.43
N ALA A 65 -19.54 -1.42 -19.60
CA ALA A 65 -19.39 -1.62 -18.16
C ALA A 65 -20.66 -2.17 -17.50
N CYS A 66 -21.81 -1.97 -18.13
CA CYS A 66 -23.07 -2.47 -17.59
C CYS A 66 -23.34 -3.93 -17.95
N LYS A 67 -23.10 -4.30 -19.20
CA LYS A 67 -23.31 -5.67 -19.63
C LYS A 67 -22.09 -6.47 -19.25
N ASP A 68 -20.93 -6.00 -19.66
CA ASP A 68 -19.67 -6.66 -19.35
C ASP A 68 -19.34 -6.34 -17.85
N SER A 69 -20.35 -6.53 -16.98
CA SER A 69 -20.23 -6.21 -15.53
C SER A 69 -19.85 -7.24 -14.47
N GLY A 70 -18.56 -7.50 -14.30
CA GLY A 70 -18.11 -8.44 -13.27
C GLY A 70 -18.20 -7.75 -11.91
N GLU A 71 -18.07 -6.43 -11.91
CA GLU A 71 -18.18 -5.62 -10.70
C GLU A 71 -19.29 -4.62 -10.98
N SER A 72 -20.25 -4.56 -10.07
CA SER A 72 -21.38 -3.65 -10.21
C SER A 72 -20.97 -2.16 -10.17
N SER A 73 -20.08 -1.83 -9.26
CA SER A 73 -19.64 -0.44 -9.07
C SER A 73 -18.99 0.30 -10.27
N ASP A 74 -18.40 -0.44 -11.22
CA ASP A 74 -17.81 0.20 -12.38
C ASP A 74 -18.83 1.07 -13.06
N MSE A 75 -20.06 0.59 -13.13
CA MSE A 75 -21.06 1.39 -13.81
C MSE A 75 -20.96 2.84 -13.28
O MSE A 75 -20.69 3.77 -14.05
CB MSE A 75 -22.45 0.80 -13.60
CG MSE A 75 -23.43 1.25 -14.63
SE MSE A 75 -24.92 2.19 -13.88
CE MSE A 75 -26.04 0.58 -13.43
N GLU A 76 -21.08 3.02 -11.95
CA GLU A 76 -21.06 4.34 -11.33
C GLU A 76 -19.75 5.09 -11.59
N VAL A 77 -18.65 4.34 -11.54
CA VAL A 77 -17.36 4.91 -11.77
C VAL A 77 -17.36 5.52 -13.18
N VAL A 78 -17.43 4.67 -14.20
CA VAL A 78 -17.38 5.17 -15.53
C VAL A 78 -18.44 6.23 -15.85
N LEU A 79 -19.55 6.23 -15.12
CA LEU A 79 -20.58 7.25 -15.37
C LEU A 79 -20.04 8.59 -14.87
N GLY A 80 -19.44 8.64 -13.69
CA GLY A 80 -18.94 9.91 -13.21
C GLY A 80 -18.14 10.58 -14.34
N GLY A 81 -17.03 9.96 -14.71
CA GLY A 81 -16.20 10.52 -15.77
C GLY A 81 -16.99 11.36 -16.80
N ILE A 82 -18.13 10.86 -17.26
CA ILE A 82 -18.81 11.65 -18.27
C ILE A 82 -19.46 12.97 -17.82
N ALA A 83 -20.02 13.02 -16.61
CA ALA A 83 -20.60 14.26 -16.09
C ALA A 83 -19.47 15.27 -15.91
N SER A 84 -18.33 14.77 -15.47
CA SER A 84 -17.14 15.62 -15.34
C SER A 84 -16.82 16.19 -16.77
N LEU A 85 -16.99 15.34 -17.81
CA LEU A 85 -16.71 15.77 -19.20
C LEU A 85 -17.75 16.84 -19.61
N ASN A 86 -18.96 16.74 -19.07
CA ASN A 86 -20.00 17.75 -19.35
C ASN A 86 -19.53 19.14 -18.85
N ASP A 87 -18.99 19.19 -17.64
CA ASP A 87 -18.54 20.44 -17.06
C ASP A 87 -17.43 20.98 -17.93
N GLU A 88 -16.64 20.04 -18.41
CA GLU A 88 -15.52 20.33 -19.28
C GLU A 88 -15.71 21.05 -20.61
N ILE A 89 -16.55 20.50 -21.46
CA ILE A 89 -16.77 21.16 -22.72
C ILE A 89 -17.40 22.54 -22.46
N GLU A 90 -18.07 22.76 -21.32
CA GLU A 90 -18.65 24.09 -21.09
C GLU A 90 -17.57 25.04 -20.57
N TRP A 91 -16.59 24.51 -19.83
CA TRP A 91 -15.52 25.35 -19.36
C TRP A 91 -14.59 25.54 -20.57
N PHE A 92 -14.71 24.65 -21.57
CA PHE A 92 -13.85 24.76 -22.76
C PHE A 92 -14.37 25.90 -23.56
N LYS A 93 -15.68 25.96 -23.66
CA LYS A 93 -16.31 27.06 -24.40
C LYS A 93 -16.03 28.40 -23.71
N ARG A 94 -16.20 28.47 -22.40
CA ARG A 94 -15.89 29.71 -21.66
C ARG A 94 -14.44 30.13 -21.99
N GLU A 95 -13.48 29.18 -21.97
CA GLU A 95 -12.09 29.50 -22.35
C GLU A 95 -12.03 30.03 -23.78
N GLY A 96 -12.72 29.30 -24.66
CA GLY A 96 -12.75 29.63 -26.06
C GLY A 96 -12.88 31.12 -26.36
N SER A 97 -13.84 31.74 -25.72
CA SER A 97 -14.07 33.14 -25.95
C SER A 97 -12.97 34.05 -25.44
N LYS A 98 -12.94 34.13 -24.11
CA LYS A 98 -12.00 34.99 -23.39
C LYS A 98 -10.55 34.84 -23.82
N TRP A 99 -10.20 33.71 -24.45
CA TRP A 99 -8.84 33.48 -24.91
C TRP A 99 -8.73 33.57 -26.38
N ASP A 100 -9.87 33.87 -27.00
CA ASP A 100 -10.07 33.97 -28.42
C ASP A 100 -9.75 32.73 -29.27
N VAL A 101 -10.00 31.52 -28.75
CA VAL A 101 -9.80 30.37 -29.62
C VAL A 101 -11.17 29.92 -30.08
N ASP A 102 -11.43 30.21 -31.35
CA ASP A 102 -12.67 29.92 -32.08
C ASP A 102 -12.83 28.44 -32.38
N PHE A 103 -13.73 27.80 -31.65
CA PHE A 103 -13.95 26.38 -31.80
C PHE A 103 -14.61 26.06 -33.13
N SER A 104 -15.58 26.85 -33.54
CA SER A 104 -16.23 26.59 -34.80
C SER A 104 -15.24 26.49 -35.95
N THR A 105 -14.29 27.43 -36.05
CA THR A 105 -13.33 27.39 -37.16
C THR A 105 -12.02 26.64 -36.92
N VAL A 106 -11.86 25.97 -35.77
CA VAL A 106 -10.62 25.20 -35.54
C VAL A 106 -10.46 24.02 -36.50
N VAL A 107 -9.30 23.93 -37.16
CA VAL A 107 -9.02 22.87 -38.14
C VAL A 107 -8.32 21.67 -37.47
N PRO A 108 -8.94 20.47 -37.43
CA PRO A 108 -8.12 19.46 -36.75
C PRO A 108 -6.78 19.03 -37.44
N GLN A 109 -5.94 18.34 -36.67
CA GLN A 109 -4.66 17.88 -37.19
C GLN A 109 -4.58 16.34 -37.23
N ARG A 110 -3.58 15.81 -37.95
CA ARG A 110 -3.30 14.36 -38.18
C ARG A 110 -3.37 13.42 -36.94
N ALA A 111 -2.38 13.58 -36.04
CA ALA A 111 -2.23 12.81 -34.81
C ALA A 111 -3.63 12.79 -34.11
N ASN A 112 -4.14 14.00 -33.89
CA ASN A 112 -5.43 14.20 -33.29
C ASN A 112 -6.43 13.24 -33.96
N GLN A 113 -6.46 13.19 -35.29
CA GLN A 113 -7.40 12.26 -35.90
C GLN A 113 -6.95 10.83 -35.89
N GLU A 114 -5.65 10.60 -35.81
CA GLU A 114 -5.21 9.20 -35.73
C GLU A 114 -5.72 8.69 -34.37
N TYR A 115 -5.62 9.55 -33.36
CA TYR A 115 -6.04 9.28 -32.01
C TYR A 115 -7.56 8.94 -32.02
N GLY A 116 -8.37 9.78 -32.64
CA GLY A 116 -9.80 9.50 -32.70
C GLY A 116 -10.08 8.15 -33.36
N ARG A 117 -9.35 7.83 -34.44
CA ARG A 117 -9.58 6.53 -35.07
C ARG A 117 -9.15 5.40 -34.11
N PHE A 118 -8.09 5.63 -33.34
CA PHE A 118 -7.62 4.64 -32.37
C PHE A 118 -8.78 4.38 -31.39
N LEU A 119 -9.32 5.46 -30.83
CA LEU A 119 -10.43 5.28 -29.91
C LEU A 119 -11.54 4.47 -30.56
N GLU A 120 -11.98 4.90 -31.74
CA GLU A 120 -13.00 4.15 -32.42
C GLU A 120 -12.63 2.68 -32.44
N ASP A 121 -11.38 2.40 -32.80
CA ASP A 121 -10.94 1.01 -32.91
C ASP A 121 -11.33 0.31 -31.61
N LEU A 122 -11.21 1.03 -30.51
CA LEU A 122 -11.50 0.49 -29.22
C LEU A 122 -12.96 0.40 -28.85
N MSE A 123 -13.81 0.99 -29.69
CA MSE A 123 -15.22 0.93 -29.43
C MSE A 123 -15.97 -0.32 -29.95
O MSE A 123 -16.92 -0.73 -29.32
CB MSE A 123 -15.89 2.19 -29.96
CG MSE A 123 -15.48 3.43 -29.17
SE MSE A 123 -16.15 5.04 -29.93
CE MSE A 123 -18.03 4.71 -29.61
N SER A 124 -15.59 -0.93 -31.07
CA SER A 124 -16.39 -2.08 -31.58
C SER A 124 -16.62 -3.08 -30.47
N SER A 125 -17.79 -3.68 -30.50
CA SER A 125 -18.09 -4.68 -29.49
C SER A 125 -17.06 -5.80 -29.56
N GLU A 126 -16.30 -5.83 -30.66
CA GLU A 126 -15.32 -6.91 -30.78
C GLU A 126 -14.10 -6.80 -29.84
N VAL A 127 -13.85 -5.61 -29.30
CA VAL A 127 -12.75 -5.38 -28.41
C VAL A 127 -13.04 -5.79 -27.00
N LYS A 128 -12.07 -6.46 -26.39
CA LYS A 128 -12.23 -6.96 -25.04
C LYS A 128 -12.27 -5.92 -23.89
N TYR A 129 -13.13 -6.20 -22.93
CA TYR A 129 -13.30 -5.28 -21.82
C TYR A 129 -11.97 -4.85 -21.18
N PRO A 130 -11.06 -5.81 -20.87
CA PRO A 130 -9.78 -5.44 -20.23
C PRO A 130 -8.98 -4.49 -21.10
N VAL A 131 -9.29 -4.52 -22.41
CA VAL A 131 -8.62 -3.65 -23.33
C VAL A 131 -9.19 -2.24 -23.15
N ILE A 132 -10.51 -2.12 -23.23
CA ILE A 132 -11.21 -0.83 -23.11
C ILE A 132 -10.77 -0.08 -21.88
N MSE A 133 -10.82 -0.76 -20.74
CA MSE A 133 -10.43 -0.13 -19.50
C MSE A 133 -8.97 0.30 -19.49
O MSE A 133 -8.61 1.28 -18.84
CB MSE A 133 -10.66 -1.06 -18.33
CG MSE A 133 -12.09 -1.35 -18.09
SE MSE A 133 -13.22 0.16 -17.83
CE MSE A 133 -12.17 1.03 -16.48
N THR A 134 -8.13 -0.48 -20.16
CA THR A 134 -6.73 -0.14 -20.19
C THR A 134 -6.54 1.22 -20.96
N ALA A 135 -7.18 1.35 -22.11
CA ALA A 135 -7.13 2.60 -22.85
C ALA A 135 -7.79 3.75 -22.02
N PHE A 136 -9.05 3.60 -21.64
CA PHE A 136 -9.75 4.61 -20.87
C PHE A 136 -8.91 4.90 -19.65
N TRP A 137 -8.31 3.89 -19.03
CA TRP A 137 -7.47 4.23 -17.89
C TRP A 137 -6.40 5.16 -18.41
N ALA A 138 -5.76 4.76 -19.51
CA ALA A 138 -4.62 5.52 -20.06
C ALA A 138 -4.84 6.98 -20.30
N ILE A 139 -5.81 7.28 -21.14
CA ILE A 139 -6.20 8.64 -21.45
C ILE A 139 -6.49 9.48 -20.17
N GLU A 140 -7.11 8.93 -19.13
CA GLU A 140 -7.33 9.80 -17.97
C GLU A 140 -6.02 10.00 -17.21
N ALA A 141 -5.26 8.93 -17.04
CA ALA A 141 -4.01 9.01 -16.30
C ALA A 141 -2.91 9.82 -16.99
N VAL A 142 -2.82 9.86 -18.32
CA VAL A 142 -1.71 10.65 -18.87
C VAL A 142 -2.00 12.13 -18.63
N TYR A 143 -3.27 12.49 -18.61
CA TYR A 143 -3.58 13.86 -18.37
C TYR A 143 -3.20 14.22 -16.96
N GLN A 144 -3.31 13.24 -16.05
CA GLN A 144 -2.90 13.44 -14.67
C GLN A 144 -1.37 13.53 -14.52
N GLU A 145 -0.63 12.59 -15.09
CA GLU A 145 0.82 12.68 -14.91
C GLU A 145 1.40 13.92 -15.59
N SER A 146 0.79 14.39 -16.68
CA SER A 146 1.33 15.56 -17.34
C SER A 146 0.97 16.85 -16.57
N PHE A 147 -0.16 16.86 -15.87
CA PHE A 147 -0.52 18.04 -15.10
C PHE A 147 -0.13 17.99 -13.64
N ALA A 148 0.72 17.04 -13.27
CA ALA A 148 1.18 16.90 -11.92
C ALA A 148 2.26 17.96 -11.53
N HIS A 149 2.28 18.37 -10.27
CA HIS A 149 3.23 19.41 -9.79
C HIS A 149 3.05 20.76 -10.49
N CYS A 150 2.01 20.86 -11.30
CA CYS A 150 1.75 22.04 -12.09
C CYS A 150 1.57 23.32 -11.31
N LEU A 151 0.84 23.27 -10.21
CA LEU A 151 0.61 24.45 -9.44
C LEU A 151 1.95 24.94 -8.92
N GLU A 152 2.67 24.02 -8.28
CA GLU A 152 3.99 24.28 -7.74
C GLU A 152 4.96 24.62 -8.89
N ASP A 153 4.94 23.86 -9.98
CA ASP A 153 5.80 24.12 -11.18
C ASP A 153 5.52 25.55 -11.73
N GLY A 154 4.24 25.86 -11.89
CA GLY A 154 3.81 27.14 -12.43
C GLY A 154 3.97 28.36 -11.52
N ASN A 155 3.69 28.20 -10.22
CA ASN A 155 3.81 29.32 -9.28
C ASN A 155 5.28 29.67 -9.37
N LYS A 156 6.02 28.72 -9.96
CA LYS A 156 7.45 28.75 -10.19
C LYS A 156 7.91 29.38 -11.51
N THR A 157 7.01 29.52 -12.49
CA THR A 157 7.37 30.15 -13.77
C THR A 157 7.19 31.67 -13.61
N PRO A 158 7.45 32.47 -14.66
CA PRO A 158 7.26 33.92 -14.45
C PRO A 158 5.85 34.38 -14.86
N VAL A 159 5.14 33.50 -15.58
CA VAL A 159 3.77 33.80 -15.98
C VAL A 159 2.95 32.50 -16.06
N GLU A 160 1.85 32.40 -15.32
CA GLU A 160 1.03 31.19 -15.34
C GLU A 160 -0.49 31.40 -15.60
N LEU A 161 -1.14 30.40 -16.26
CA LEU A 161 -2.60 30.39 -16.51
C LEU A 161 -3.07 29.31 -15.53
N THR A 162 -4.22 29.48 -14.89
CA THR A 162 -4.63 28.52 -13.86
C THR A 162 -5.65 27.43 -14.23
N GLY A 163 -6.42 27.69 -15.27
CA GLY A 163 -7.44 26.74 -15.70
C GLY A 163 -7.01 25.27 -15.86
N ALA A 164 -6.04 24.98 -16.74
CA ALA A 164 -5.63 23.57 -16.98
C ALA A 164 -5.05 22.89 -15.77
N CYS A 165 -4.24 23.60 -15.03
CA CYS A 165 -3.65 23.07 -13.84
C CYS A 165 -4.77 22.78 -12.79
N HIS A 166 -5.80 23.63 -12.72
CA HIS A 166 -6.90 23.37 -11.77
C HIS A 166 -7.63 22.05 -12.15
N ARG A 167 -7.81 21.83 -13.47
CA ARG A 167 -8.55 20.68 -14.05
C ARG A 167 -7.97 19.30 -13.86
N TRP A 168 -6.73 19.16 -14.24
CA TRP A 168 -6.10 17.84 -14.16
C TRP A 168 -4.98 17.73 -13.09
N GLY A 169 -4.69 18.82 -12.37
CA GLY A 169 -3.64 18.72 -11.36
C GLY A 169 -4.11 18.49 -9.91
N ASN A 170 -5.41 18.58 -9.67
CA ASN A 170 -6.01 18.43 -8.34
C ASN A 170 -6.06 16.98 -7.85
N ASP A 171 -6.26 16.79 -6.55
CA ASP A 171 -6.26 15.45 -5.96
C ASP A 171 -7.45 14.57 -6.29
N GLY A 172 -8.61 15.18 -6.53
CA GLY A 172 -9.74 14.36 -6.93
C GLY A 172 -9.37 13.64 -8.24
N PHE A 173 -9.04 14.41 -9.28
CA PHE A 173 -8.70 13.74 -10.55
C PHE A 173 -7.65 12.65 -10.31
N LYS A 174 -6.74 12.92 -9.37
CA LYS A 174 -5.72 11.93 -9.02
C LYS A 174 -6.43 10.63 -8.52
N GLN A 175 -7.52 10.80 -7.77
CA GLN A 175 -8.24 9.66 -7.24
C GLN A 175 -9.23 9.13 -8.23
N TYR A 176 -9.62 9.93 -9.19
CA TYR A 176 -10.49 9.40 -10.21
C TYR A 176 -9.64 8.38 -10.96
N CYS A 177 -8.52 8.84 -11.50
CA CYS A 177 -7.62 7.97 -12.26
C CYS A 177 -7.23 6.74 -11.48
N SER A 178 -7.25 6.88 -10.16
CA SER A 178 -6.91 5.74 -9.34
C SER A 178 -8.05 4.72 -9.28
N SER A 179 -9.31 5.17 -9.20
CA SER A 179 -10.43 4.22 -9.17
C SER A 179 -10.63 3.71 -10.60
N VAL A 180 -10.32 4.55 -11.58
CA VAL A 180 -10.46 4.07 -12.92
C VAL A 180 -9.26 3.12 -12.94
N LYS A 181 -8.16 3.52 -12.31
CA LYS A 181 -7.01 2.62 -12.23
C LYS A 181 -7.43 1.26 -11.66
N ASN A 182 -7.68 1.16 -10.35
CA ASN A 182 -8.04 -0.14 -9.76
C ASN A 182 -8.98 -0.98 -10.61
N ILE A 183 -10.07 -0.39 -11.06
CA ILE A 183 -10.98 -1.13 -11.92
C ILE A 183 -10.16 -1.64 -13.04
N ALA A 184 -9.36 -0.77 -13.67
CA ALA A 184 -8.51 -1.25 -14.76
C ALA A 184 -7.83 -2.48 -14.19
N GLU A 185 -6.73 -2.23 -13.49
CA GLU A 185 -5.94 -3.27 -12.86
C GLU A 185 -6.63 -4.61 -12.62
N ARG A 186 -7.72 -4.58 -11.87
CA ARG A 186 -8.45 -5.80 -11.50
C ARG A 186 -8.83 -6.66 -12.68
N CYS A 187 -9.15 -6.05 -13.81
CA CYS A 187 -9.48 -6.79 -15.02
C CYS A 187 -8.26 -7.52 -15.56
N LEU A 188 -7.11 -6.88 -15.40
CA LEU A 188 -5.86 -7.41 -15.92
C LEU A 188 -5.29 -8.49 -15.03
N GLU A 189 -5.46 -8.37 -13.72
CA GLU A 189 -4.99 -9.42 -12.83
C GLU A 189 -5.93 -10.62 -12.87
N ASN A 190 -6.90 -10.62 -13.78
CA ASN A 190 -7.80 -11.77 -13.87
C ASN A 190 -8.04 -12.25 -15.30
N ALA A 191 -7.25 -11.86 -16.30
CA ALA A 191 -7.58 -12.34 -17.63
C ALA A 191 -6.50 -13.11 -18.37
N SER A 192 -6.76 -13.44 -19.65
CA SER A 192 -5.83 -14.20 -20.49
C SER A 192 -4.50 -13.59 -20.94
N GLY A 193 -3.55 -14.49 -21.22
CA GLY A 193 -2.24 -14.09 -21.70
C GLY A 193 -2.49 -13.32 -22.99
N GLU A 194 -3.53 -13.71 -23.72
CA GLU A 194 -3.88 -13.01 -24.95
C GLU A 194 -4.28 -11.59 -24.61
N VAL A 195 -5.44 -11.44 -24.00
CA VAL A 195 -5.93 -10.13 -23.64
C VAL A 195 -4.80 -9.27 -22.98
N LEU A 196 -3.96 -9.91 -22.17
CA LEU A 196 -2.86 -9.21 -21.54
C LEU A 196 -1.93 -8.69 -22.65
N GLY A 197 -1.76 -9.49 -23.70
CA GLY A 197 -0.94 -9.05 -24.80
C GLY A 197 -1.60 -7.88 -25.54
N GLU A 198 -2.88 -8.02 -25.87
CA GLU A 198 -3.61 -6.93 -26.57
C GLU A 198 -3.65 -5.59 -25.79
N ALA A 199 -3.91 -5.70 -24.49
CA ALA A 199 -4.00 -4.54 -23.63
C ALA A 199 -2.70 -3.76 -23.64
N GLU A 200 -1.58 -4.45 -23.87
CA GLU A 200 -0.29 -3.81 -23.86
C GLU A 200 -0.11 -3.01 -25.16
N ASP A 201 -0.35 -3.63 -26.30
CA ASP A 201 -0.19 -2.87 -27.54
C ASP A 201 -1.09 -1.64 -27.53
N VAL A 202 -2.15 -1.68 -26.72
CA VAL A 202 -3.05 -0.55 -26.65
C VAL A 202 -2.51 0.53 -25.69
N LEU A 203 -1.90 0.13 -24.56
CA LEU A 203 -1.32 1.10 -23.65
C LEU A 203 -0.28 1.86 -24.49
N VAL A 204 0.40 1.09 -25.33
CA VAL A 204 1.45 1.62 -26.16
C VAL A 204 0.88 2.48 -27.28
N ARG A 205 -0.17 2.03 -27.96
CA ARG A 205 -0.71 2.86 -29.00
C ARG A 205 -1.17 4.18 -28.38
N VAL A 206 -1.46 4.15 -27.09
CA VAL A 206 -1.85 5.32 -26.41
C VAL A 206 -0.62 6.21 -26.04
N LEU A 207 0.48 5.61 -25.59
CA LEU A 207 1.60 6.49 -25.23
C LEU A 207 2.14 7.12 -26.53
N GLU A 208 2.38 6.30 -27.54
CA GLU A 208 2.85 6.81 -28.84
C GLU A 208 2.03 8.01 -29.22
N LEU A 209 0.73 7.76 -29.40
CA LEU A 209 -0.26 8.78 -29.78
C LEU A 209 -0.23 9.98 -28.81
N GLU A 210 -0.10 9.73 -27.51
CA GLU A 210 -0.06 10.84 -26.58
C GLU A 210 1.27 11.53 -26.86
N VAL A 211 2.37 10.78 -27.04
CA VAL A 211 3.62 11.51 -27.35
C VAL A 211 3.51 12.25 -28.70
N ALA A 212 2.93 11.62 -29.72
CA ALA A 212 2.72 12.29 -31.03
C ALA A 212 1.83 13.52 -30.89
N PHE A 213 0.88 13.45 -29.97
CA PHE A 213 -0.07 14.57 -29.70
C PHE A 213 0.71 15.58 -28.86
N TRP A 214 1.43 15.07 -27.88
CA TRP A 214 2.22 15.90 -26.99
C TRP A 214 3.02 16.93 -27.80
N GLU A 215 3.46 16.48 -28.97
CA GLU A 215 4.23 17.31 -29.85
C GLU A 215 3.56 18.37 -30.62
N MSE A 216 2.35 18.14 -31.14
CA MSE A 216 1.72 19.16 -31.99
C MSE A 216 1.97 20.59 -31.55
O MSE A 216 2.44 21.43 -32.37
CB MSE A 216 0.22 18.96 -32.15
CG MSE A 216 -0.20 17.71 -32.90
SE MSE A 216 -2.16 17.81 -33.14
CE MSE A 216 -2.76 17.76 -31.24
N SER A 217 1.71 20.90 -30.28
CA SER A 217 1.90 22.27 -29.81
C SER A 217 3.06 22.51 -28.84
N ARG A 218 4.15 21.75 -28.95
CA ARG A 218 5.32 21.93 -28.06
C ARG A 218 5.79 23.42 -27.96
N GLY A 219 6.41 23.78 -26.84
CA GLY A 219 6.87 25.16 -26.68
C GLY A 219 7.31 25.86 -27.95
N ARG B 4 -6.69 1.79 6.36
CA ARG B 4 -6.27 0.74 7.36
C ARG B 4 -5.29 -0.12 6.57
N GLY B 5 -4.15 -0.46 7.17
CA GLY B 5 -3.10 -1.20 6.44
C GLY B 5 -3.06 -2.72 6.30
N VAL B 6 -1.92 -3.23 5.82
CA VAL B 6 -1.69 -4.65 5.62
C VAL B 6 -1.80 -5.38 6.95
N ILE B 7 -0.83 -5.14 7.83
CA ILE B 7 -0.89 -5.77 9.12
C ILE B 7 -2.07 -5.20 9.88
N ASP B 8 -2.16 -3.88 9.84
CA ASP B 8 -3.24 -3.18 10.49
C ASP B 8 -4.55 -3.88 10.17
N THR B 9 -4.80 -4.15 8.89
CA THR B 9 -6.05 -4.83 8.45
C THR B 9 -6.13 -6.21 9.04
N TRP B 10 -5.25 -7.10 8.61
CA TRP B 10 -5.22 -8.45 9.16
C TRP B 10 -5.54 -8.49 10.66
N ILE B 11 -5.09 -7.49 11.42
CA ILE B 11 -5.36 -7.48 12.83
C ILE B 11 -6.86 -7.32 12.99
N ASP B 12 -7.43 -6.30 12.35
CA ASP B 12 -8.87 -6.08 12.46
C ASP B 12 -9.71 -7.13 11.77
N LYS B 13 -9.28 -7.61 10.59
CA LYS B 13 -10.06 -8.61 9.90
C LYS B 13 -9.81 -9.92 10.64
N HIS B 14 -9.03 -9.85 11.72
CA HIS B 14 -8.78 -11.04 12.54
C HIS B 14 -8.96 -10.63 14.00
N ARG B 15 -9.51 -9.44 14.16
CA ARG B 15 -9.73 -8.82 15.45
C ARG B 15 -10.25 -9.75 16.51
N SER B 16 -11.06 -10.73 16.14
CA SER B 16 -11.56 -11.64 17.18
C SER B 16 -10.44 -12.23 18.00
N ILE B 17 -9.70 -13.11 17.35
CA ILE B 17 -8.61 -13.81 17.99
C ILE B 17 -7.56 -12.82 18.48
N TYR B 18 -7.57 -11.59 17.95
CA TYR B 18 -6.58 -10.64 18.42
C TYR B 18 -6.99 -10.19 19.84
N THR B 19 -8.29 -9.89 20.00
CA THR B 19 -8.86 -9.47 21.30
C THR B 19 -8.55 -10.59 22.34
N ALA B 20 -8.71 -11.84 21.91
CA ALA B 20 -8.45 -12.93 22.84
C ALA B 20 -6.99 -12.93 23.30
N ALA B 21 -6.05 -12.56 22.43
CA ALA B 21 -4.65 -12.60 22.80
C ALA B 21 -4.16 -11.36 23.50
N THR B 22 -4.93 -10.29 23.40
CA THR B 22 -4.46 -9.07 24.03
C THR B 22 -5.34 -8.60 25.19
N ARG B 23 -6.35 -9.39 25.54
CA ARG B 23 -7.31 -9.13 26.65
C ARG B 23 -7.77 -10.44 27.24
N HIS B 24 -6.81 -11.37 27.40
CA HIS B 24 -7.08 -12.67 27.97
C HIS B 24 -7.26 -12.48 29.47
N ALA B 25 -7.93 -13.44 30.08
CA ALA B 25 -8.21 -13.35 31.52
C ALA B 25 -6.93 -13.40 32.39
N PHE B 26 -5.92 -14.17 32.01
CA PHE B 26 -4.72 -14.17 32.84
C PHE B 26 -4.10 -12.78 32.92
N VAL B 27 -4.02 -12.06 31.79
CA VAL B 27 -3.36 -10.76 31.87
C VAL B 27 -4.20 -9.89 32.73
N VAL B 28 -5.52 -9.86 32.46
CA VAL B 28 -6.46 -9.07 33.27
C VAL B 28 -6.21 -9.43 34.73
N SER B 29 -6.23 -10.72 35.06
CA SER B 29 -5.97 -11.23 36.41
C SER B 29 -4.84 -10.49 37.09
N ILE B 30 -3.92 -9.96 36.28
CA ILE B 30 -2.79 -9.19 36.79
C ILE B 30 -3.30 -7.77 37.18
N ARG B 31 -3.99 -7.11 36.26
CA ARG B 31 -4.49 -5.76 36.53
C ARG B 31 -5.72 -5.76 37.47
N ASP B 32 -6.41 -6.92 37.62
CA ASP B 32 -7.58 -7.00 38.50
C ASP B 32 -7.16 -7.42 39.93
N GLY B 33 -5.90 -7.84 40.05
CA GLY B 33 -5.36 -8.22 41.34
C GLY B 33 -5.75 -9.60 41.80
N SER B 34 -6.46 -10.35 40.98
CA SER B 34 -6.82 -11.70 41.45
C SER B 34 -5.70 -12.73 41.15
N VAL B 35 -4.81 -12.38 40.21
CA VAL B 35 -3.68 -13.24 39.86
C VAL B 35 -2.89 -13.42 41.15
N ASP B 36 -2.60 -14.66 41.49
CA ASP B 36 -1.85 -14.97 42.69
C ASP B 36 -0.48 -15.64 42.47
N LEU B 37 0.20 -15.93 43.58
CA LEU B 37 1.54 -16.49 43.57
C LEU B 37 1.55 -17.74 42.68
N SER B 38 0.36 -18.35 42.47
CA SER B 38 0.39 -19.51 41.60
C SER B 38 0.20 -19.25 40.12
N SER B 39 -0.39 -18.10 39.78
CA SER B 39 -0.67 -17.70 38.40
C SER B 39 0.54 -16.91 37.87
N PHE B 40 1.08 -16.12 38.77
CA PHE B 40 2.25 -15.34 38.58
C PHE B 40 3.40 -16.30 38.39
N ARG B 41 3.46 -17.39 39.19
CA ARG B 41 4.55 -18.36 39.03
C ARG B 41 4.32 -19.39 37.85
N THR B 42 3.13 -19.46 37.24
CA THR B 42 3.00 -20.37 36.11
C THR B 42 3.65 -19.60 34.96
N TRP B 43 3.12 -18.43 34.70
CA TRP B 43 3.65 -17.56 33.68
C TRP B 43 5.18 -17.27 33.94
N LEU B 44 5.55 -16.80 35.14
CA LEU B 44 6.95 -16.46 35.36
C LEU B 44 7.83 -17.66 35.01
N GLY B 45 7.72 -18.77 35.73
CA GLY B 45 8.58 -19.91 35.38
C GLY B 45 8.43 -20.24 33.90
N GLN B 46 7.26 -20.03 33.35
CA GLN B 46 7.05 -20.37 31.96
C GLN B 46 7.53 -19.30 30.96
N ASP B 47 6.96 -18.11 30.97
CA ASP B 47 7.46 -17.16 30.02
C ASP B 47 8.99 -17.15 30.06
N TYR B 48 9.60 -17.43 31.21
CA TYR B 48 11.08 -17.42 31.29
C TYR B 48 11.72 -18.23 30.22
N LEU B 49 11.26 -19.48 30.13
CA LEU B 49 11.63 -20.49 29.18
C LEU B 49 11.23 -20.16 27.73
N PHE B 50 10.13 -19.48 27.51
CA PHE B 50 9.80 -19.13 26.16
C PHE B 50 10.87 -18.07 25.71
N VAL B 51 11.03 -16.98 26.46
CA VAL B 51 11.98 -15.97 26.06
C VAL B 51 13.31 -16.63 25.79
N ARG B 52 13.76 -17.54 26.66
CA ARG B 52 15.03 -18.14 26.40
C ARG B 52 15.10 -18.76 25.02
N ARG B 53 13.96 -19.15 24.43
CA ARG B 53 13.96 -19.68 23.05
C ARG B 53 13.71 -18.59 21.96
N PHE B 54 13.03 -17.53 22.34
CA PHE B 54 12.72 -16.41 21.45
C PHE B 54 13.96 -15.48 21.30
N VAL B 55 15.07 -15.95 21.83
CA VAL B 55 16.35 -15.23 21.78
C VAL B 55 17.18 -15.87 20.60
N PRO B 56 17.12 -17.23 20.41
CA PRO B 56 17.90 -17.82 19.29
C PRO B 56 17.14 -17.68 17.99
N PHE B 57 15.86 -17.36 18.13
CA PHE B 57 15.00 -17.11 16.97
C PHE B 57 15.24 -15.66 16.42
N VAL B 58 15.25 -14.67 17.30
CA VAL B 58 15.46 -13.28 16.87
C VAL B 58 16.88 -13.11 16.30
N ALA B 59 17.81 -13.92 16.76
CA ALA B 59 19.16 -13.87 16.26
C ALA B 59 19.10 -14.26 14.78
N SER B 60 18.16 -15.15 14.44
CA SER B 60 18.10 -15.56 13.06
C SER B 60 17.41 -14.44 12.26
N VAL B 61 16.55 -13.65 12.89
CA VAL B 61 15.90 -12.55 12.19
C VAL B 61 16.99 -11.51 11.89
N LEU B 62 17.89 -11.32 12.85
CA LEU B 62 18.93 -10.34 12.72
C LEU B 62 19.92 -10.75 11.59
N ILE B 63 20.15 -12.05 11.46
CA ILE B 63 21.04 -12.58 10.41
C ILE B 63 20.33 -12.37 9.07
N ARG B 64 19.03 -12.62 8.99
CA ARG B 64 18.35 -12.36 7.72
C ARG B 64 18.36 -10.84 7.46
N ALA B 65 18.36 -10.05 8.53
CA ALA B 65 18.33 -8.61 8.37
C ALA B 65 19.64 -8.19 7.67
N CYS B 66 20.78 -8.63 8.20
CA CYS B 66 22.10 -8.31 7.64
C CYS B 66 22.33 -8.84 6.21
N LYS B 67 21.56 -9.85 5.81
CA LYS B 67 21.63 -10.46 4.49
C LYS B 67 20.41 -10.05 3.63
N ASP B 68 19.29 -10.76 3.81
CA ASP B 68 18.05 -10.55 3.04
C ASP B 68 17.81 -9.15 2.53
N SER B 69 17.46 -8.23 3.43
CA SER B 69 17.23 -6.85 3.01
C SER B 69 18.54 -6.12 2.63
N GLY B 70 18.41 -5.09 1.79
CA GLY B 70 19.58 -4.33 1.43
C GLY B 70 19.74 -3.39 2.60
N GLU B 71 18.62 -3.22 3.28
CA GLU B 71 18.48 -2.35 4.43
C GLU B 71 19.29 -2.78 5.67
N SER B 72 20.44 -2.13 5.88
CA SER B 72 21.26 -2.51 7.03
C SER B 72 20.73 -1.85 8.31
N SER B 73 19.89 -0.86 8.12
CA SER B 73 19.27 -0.22 9.25
C SER B 73 18.28 -1.25 9.86
N ASP B 74 17.82 -2.23 9.06
CA ASP B 74 16.90 -3.25 9.63
C ASP B 74 17.71 -3.79 10.83
N MSE B 75 19.02 -4.06 10.60
CA MSE B 75 19.95 -4.57 11.65
C MSE B 75 19.72 -3.81 12.95
O MSE B 75 19.52 -4.43 14.03
CB MSE B 75 21.41 -4.32 11.23
CG MSE B 75 22.43 -4.68 12.30
SE MSE B 75 24.18 -3.95 12.04
CE MSE B 75 24.02 -2.44 13.24
N GLU B 76 19.75 -2.47 12.84
CA GLU B 76 19.55 -1.65 13.99
C GLU B 76 18.15 -1.77 14.57
N VAL B 77 17.10 -1.78 13.77
CA VAL B 77 15.88 -1.94 14.52
C VAL B 77 15.75 -3.27 15.26
N VAL B 78 16.36 -4.34 14.72
CA VAL B 78 16.30 -5.67 15.33
C VAL B 78 17.37 -5.92 16.38
N LEU B 79 18.58 -5.42 16.17
CA LEU B 79 19.68 -5.65 17.10
C LEU B 79 19.22 -5.01 18.38
N GLY B 80 18.49 -3.91 18.24
CA GLY B 80 18.02 -3.24 19.43
C GLY B 80 17.01 -4.22 20.04
N GLY B 81 16.26 -4.88 19.14
CA GLY B 81 15.32 -5.86 19.63
C GLY B 81 16.05 -6.74 20.65
N ILE B 82 17.03 -7.55 20.21
CA ILE B 82 17.76 -8.43 21.14
C ILE B 82 18.32 -7.76 22.38
N ALA B 83 18.59 -6.45 22.31
CA ALA B 83 19.09 -5.72 23.48
C ALA B 83 18.11 -5.72 24.63
N SER B 84 16.85 -5.44 24.34
CA SER B 84 15.87 -5.42 25.38
C SER B 84 15.81 -6.85 25.81
N LEU B 85 15.84 -7.76 24.83
CA LEU B 85 15.76 -9.13 25.21
C LEU B 85 16.82 -9.43 26.26
N ASN B 86 18.07 -9.01 26.06
CA ASN B 86 19.07 -9.32 27.08
C ASN B 86 18.63 -8.79 28.47
N ASP B 87 18.11 -7.58 28.51
CA ASP B 87 17.65 -7.03 29.78
C ASP B 87 16.43 -7.85 30.30
N GLU B 88 15.64 -8.42 29.40
CA GLU B 88 14.47 -9.27 29.73
C GLU B 88 15.02 -10.39 30.64
N ILE B 89 16.03 -11.15 30.16
CA ILE B 89 16.67 -12.30 30.84
C ILE B 89 17.26 -12.00 32.22
N GLU B 90 17.90 -10.83 32.38
CA GLU B 90 18.46 -10.44 33.69
C GLU B 90 17.31 -10.21 34.71
N TRP B 91 16.18 -9.67 34.25
CA TRP B 91 15.03 -9.50 35.15
C TRP B 91 14.44 -10.92 35.62
N PHE B 92 14.33 -11.90 34.71
CA PHE B 92 13.85 -13.21 35.08
C PHE B 92 14.88 -13.81 36.05
N LYS B 93 16.17 -13.64 35.75
CA LYS B 93 17.22 -14.22 36.62
C LYS B 93 16.99 -13.83 38.09
N ARG B 94 16.83 -12.53 38.33
CA ARG B 94 16.58 -12.05 39.68
C ARG B 94 15.21 -12.54 40.18
N GLU B 95 14.30 -12.93 39.28
CA GLU B 95 12.98 -13.35 39.78
C GLU B 95 13.02 -14.73 40.36
N GLY B 96 13.72 -15.63 39.70
CA GLY B 96 13.82 -16.97 40.25
C GLY B 96 14.29 -16.96 41.70
N SER B 97 15.25 -16.10 42.00
CA SER B 97 15.78 -16.05 43.36
C SER B 97 14.78 -15.43 44.33
N LYS B 98 14.32 -14.23 44.02
CA LYS B 98 13.33 -13.54 44.82
C LYS B 98 12.15 -14.43 45.16
N TRP B 99 11.57 -15.13 44.17
CA TRP B 99 10.38 -15.92 44.43
C TRP B 99 10.48 -17.40 44.48
N ASP B 100 11.68 -17.93 44.69
CA ASP B 100 11.79 -19.37 44.83
C ASP B 100 11.37 -20.28 43.69
N VAL B 101 11.88 -20.02 42.47
CA VAL B 101 11.62 -20.91 41.35
C VAL B 101 13.00 -21.38 40.87
N ASP B 102 13.34 -22.64 41.09
CA ASP B 102 14.64 -23.12 40.64
C ASP B 102 14.45 -23.49 39.17
N PHE B 103 14.94 -22.61 38.29
CA PHE B 103 14.78 -22.80 36.85
C PHE B 103 15.41 -24.09 36.28
N SER B 104 16.55 -24.46 36.84
CA SER B 104 17.24 -25.65 36.39
C SER B 104 16.29 -26.80 36.42
N THR B 105 15.50 -26.84 37.48
CA THR B 105 14.55 -27.92 37.63
C THR B 105 13.12 -27.65 37.15
N VAL B 106 12.92 -27.15 35.93
CA VAL B 106 11.56 -26.88 35.41
C VAL B 106 11.29 -27.62 34.11
N VAL B 107 10.09 -28.22 34.03
CA VAL B 107 9.58 -28.99 32.89
C VAL B 107 8.63 -28.13 32.02
N PRO B 108 8.79 -28.17 30.69
CA PRO B 108 7.87 -27.34 29.93
C PRO B 108 6.39 -27.68 29.74
N GLN B 109 5.65 -26.65 29.40
CA GLN B 109 4.27 -26.85 29.24
C GLN B 109 3.84 -26.87 27.75
N ARG B 110 2.54 -27.09 27.54
CA ARG B 110 1.94 -27.22 26.23
C ARG B 110 1.66 -26.04 25.31
N ALA B 111 0.95 -25.01 25.75
CA ALA B 111 0.74 -23.94 24.82
C ALA B 111 2.16 -23.41 24.42
N ASN B 112 3.11 -23.67 25.32
CA ASN B 112 4.50 -23.30 25.22
C ASN B 112 5.26 -24.08 24.17
N GLN B 113 5.05 -25.43 24.17
CA GLN B 113 5.69 -26.36 23.21
C GLN B 113 5.27 -26.15 21.76
N GLU B 114 3.96 -25.98 21.51
CA GLU B 114 3.47 -25.62 20.17
C GLU B 114 4.28 -24.30 19.81
N TYR B 115 4.18 -23.27 20.64
CA TYR B 115 4.94 -22.00 20.41
C TYR B 115 6.49 -22.26 20.10
N GLY B 116 7.20 -22.93 21.00
CA GLY B 116 8.60 -23.25 20.81
C GLY B 116 8.98 -23.87 19.46
N ARG B 117 8.45 -25.04 19.14
CA ARG B 117 8.75 -25.73 17.85
C ARG B 117 8.37 -24.80 16.72
N PHE B 118 7.41 -23.92 16.99
CA PHE B 118 6.95 -22.94 16.00
C PHE B 118 8.13 -21.99 15.76
N LEU B 119 8.87 -21.67 16.81
CA LEU B 119 10.04 -20.81 16.67
C LEU B 119 11.12 -21.58 15.87
N GLU B 120 11.19 -22.89 16.06
CA GLU B 120 12.16 -23.67 15.32
C GLU B 120 11.81 -23.59 13.84
N ASP B 121 10.52 -23.57 13.57
CA ASP B 121 10.02 -23.49 12.21
C ASP B 121 10.36 -22.17 11.47
N LEU B 122 10.30 -21.02 12.12
CA LEU B 122 10.57 -19.76 11.43
C LEU B 122 12.07 -19.34 11.32
N MSE B 123 12.96 -19.99 12.07
CA MSE B 123 14.37 -19.63 12.05
C MSE B 123 15.15 -20.13 10.80
O MSE B 123 16.33 -19.75 10.54
CB MSE B 123 15.00 -20.20 13.28
CG MSE B 123 14.53 -19.57 14.53
SE MSE B 123 15.38 -20.57 15.85
CE MSE B 123 17.27 -20.34 15.42
N SER B 124 14.44 -21.00 10.08
CA SER B 124 14.89 -21.67 8.89
C SER B 124 15.32 -20.76 7.75
N SER B 125 16.62 -20.80 7.44
CA SER B 125 17.26 -20.05 6.37
C SER B 125 16.35 -19.94 5.16
N GLU B 126 15.50 -20.95 4.91
CA GLU B 126 14.57 -20.91 3.79
C GLU B 126 13.33 -20.08 4.01
N VAL B 127 12.90 -19.96 5.28
CA VAL B 127 11.72 -19.19 5.66
C VAL B 127 11.94 -17.76 5.18
N LYS B 128 10.95 -17.17 4.52
CA LYS B 128 11.06 -15.82 3.99
C LYS B 128 11.16 -14.67 5.02
N TYR B 129 12.00 -13.68 4.71
CA TYR B 129 12.23 -12.53 5.58
C TYR B 129 10.92 -11.77 5.91
N PRO B 130 9.95 -11.71 4.97
CA PRO B 130 8.78 -10.96 5.43
C PRO B 130 7.89 -11.84 6.35
N VAL B 131 8.19 -13.13 6.37
CA VAL B 131 7.44 -14.05 7.20
C VAL B 131 7.89 -13.95 8.65
N ILE B 132 9.19 -14.03 8.87
CA ILE B 132 9.69 -13.91 10.22
C ILE B 132 9.49 -12.52 10.83
N MSE B 133 9.31 -11.49 9.98
CA MSE B 133 9.14 -10.13 10.49
C MSE B 133 7.70 -9.87 10.98
O MSE B 133 7.48 -9.34 12.09
CB MSE B 133 9.49 -9.10 9.42
CG MSE B 133 10.96 -8.85 9.13
SE MSE B 133 12.14 -8.38 10.58
CE MSE B 133 10.99 -7.14 11.46
N THR B 134 6.72 -10.20 10.15
CA THR B 134 5.34 -10.03 10.56
C THR B 134 5.21 -10.87 11.83
N ALA B 135 5.77 -12.06 11.80
CA ALA B 135 5.68 -12.87 12.96
C ALA B 135 6.40 -12.12 14.13
N PHE B 136 7.65 -11.67 13.90
CA PHE B 136 8.44 -10.93 14.89
C PHE B 136 7.64 -9.73 15.52
N TRP B 137 6.94 -8.95 14.69
CA TRP B 137 6.13 -7.85 15.21
C TRP B 137 4.97 -8.26 16.18
N ALA B 138 4.15 -9.19 15.70
CA ALA B 138 2.99 -9.69 16.42
C ALA B 138 3.36 -10.29 17.76
N ILE B 139 4.45 -11.03 17.78
CA ILE B 139 4.87 -11.66 19.00
C ILE B 139 5.11 -10.57 20.03
N GLU B 140 5.77 -9.49 19.64
CA GLU B 140 6.05 -8.43 20.61
C GLU B 140 4.83 -7.63 20.92
N ALA B 141 4.08 -7.34 19.86
CA ALA B 141 2.87 -6.54 20.02
C ALA B 141 1.89 -7.05 21.09
N VAL B 142 1.77 -8.38 21.23
CA VAL B 142 0.90 -9.02 22.18
C VAL B 142 1.43 -8.82 23.62
N TYR B 143 2.73 -9.02 23.87
CA TYR B 143 3.19 -8.79 25.23
C TYR B 143 3.19 -7.34 25.59
N GLN B 144 3.65 -6.53 24.64
CA GLN B 144 3.68 -5.09 24.85
C GLN B 144 2.25 -4.68 25.03
N GLU B 145 1.32 -5.33 24.32
CA GLU B 145 -0.06 -5.01 24.48
C GLU B 145 -0.66 -5.47 25.84
N SER B 146 -0.26 -6.65 26.33
CA SER B 146 -0.76 -7.18 27.62
C SER B 146 -0.19 -6.55 28.93
N PHE B 147 1.11 -6.36 29.00
CA PHE B 147 1.63 -5.80 30.23
C PHE B 147 1.23 -4.35 30.17
N ALA B 148 0.91 -3.89 28.97
CA ALA B 148 0.42 -2.56 28.78
C ALA B 148 -0.59 -2.33 29.87
N HIS B 149 -0.58 -1.12 30.41
CA HIS B 149 -1.46 -0.65 31.48
C HIS B 149 -0.76 -0.93 32.82
N CYS B 150 -0.26 -2.16 33.00
CA CYS B 150 0.47 -2.53 34.22
C CYS B 150 2.00 -2.50 33.98
N LYS B 156 -4.32 -3.18 39.72
CA LYS B 156 -4.17 -4.21 40.74
C LYS B 156 -3.07 -5.28 40.47
N THR B 157 -1.88 -4.83 40.07
CA THR B 157 -0.72 -5.68 39.79
C THR B 157 -0.01 -5.93 41.12
N PRO B 158 0.28 -7.22 41.42
CA PRO B 158 0.95 -7.61 42.67
C PRO B 158 2.49 -7.64 42.63
N VAL B 159 3.10 -7.16 43.73
CA VAL B 159 4.56 -7.04 43.89
C VAL B 159 5.38 -8.08 43.16
N GLU B 160 4.78 -9.23 42.88
CA GLU B 160 5.45 -10.30 42.15
C GLU B 160 5.63 -9.82 40.72
N LEU B 161 4.56 -9.24 40.17
CA LEU B 161 4.52 -8.78 38.77
C LEU B 161 4.96 -7.37 38.47
N THR B 162 5.40 -6.64 39.49
CA THR B 162 5.81 -5.26 39.27
C THR B 162 6.95 -5.08 38.24
N GLY B 163 8.00 -5.88 38.29
CA GLY B 163 9.07 -5.71 37.32
C GLY B 163 8.57 -6.00 35.92
N ALA B 164 7.83 -7.11 35.82
CA ALA B 164 7.25 -7.56 34.60
C ALA B 164 6.46 -6.39 34.01
N CYS B 165 5.32 -6.10 34.64
CA CYS B 165 4.41 -5.02 34.23
C CYS B 165 5.17 -3.71 33.86
N HIS B 166 6.39 -3.58 34.38
CA HIS B 166 7.22 -2.46 34.03
C HIS B 166 8.05 -2.83 32.80
N ARG B 167 8.47 -4.11 32.71
CA ARG B 167 9.27 -4.63 31.56
C ARG B 167 8.57 -4.25 30.29
N TRP B 168 7.39 -4.84 30.08
CA TRP B 168 6.67 -4.64 28.82
C TRP B 168 5.68 -3.53 28.68
N GLY B 169 5.41 -2.81 29.75
CA GLY B 169 4.45 -1.73 29.63
C GLY B 169 5.12 -0.37 29.44
N ASN B 170 6.36 -0.24 29.88
CA ASN B 170 7.00 1.08 29.76
C ASN B 170 6.81 1.53 28.32
N ASP B 171 6.91 2.84 28.09
CA ASP B 171 6.71 3.39 26.76
C ASP B 171 7.89 3.25 25.78
N GLY B 172 9.05 2.82 26.24
CA GLY B 172 10.15 2.68 25.30
C GLY B 172 10.03 1.32 24.58
N PHE B 173 9.13 0.44 25.04
CA PHE B 173 8.97 -0.90 24.41
C PHE B 173 7.92 -0.76 23.31
N LYS B 174 7.28 0.40 23.29
CA LYS B 174 6.28 0.71 22.29
C LYS B 174 6.97 1.24 21.03
N GLN B 175 7.85 2.23 21.15
CA GLN B 175 8.53 2.71 19.95
C GLN B 175 9.30 1.50 19.27
N TYR B 176 9.91 0.67 20.13
CA TYR B 176 10.64 -0.53 19.79
C TYR B 176 9.88 -1.52 18.89
N CYS B 177 8.57 -1.59 19.08
CA CYS B 177 7.80 -2.52 18.36
C CYS B 177 7.10 -1.86 17.16
N SER B 178 6.84 -0.55 17.27
CA SER B 178 6.22 0.18 16.18
C SER B 178 7.29 0.23 15.08
N SER B 179 8.54 0.17 15.51
CA SER B 179 9.64 0.22 14.55
C SER B 179 9.79 -1.15 13.86
N VAL B 180 9.59 -2.23 14.61
CA VAL B 180 9.66 -3.58 14.03
C VAL B 180 8.49 -3.67 13.02
N LYS B 181 7.35 -3.16 13.46
CA LYS B 181 6.14 -3.13 12.66
C LYS B 181 6.45 -2.53 11.30
N ASN B 182 7.25 -1.48 11.31
CA ASN B 182 7.67 -0.84 10.05
C ASN B 182 8.53 -1.79 9.24
N ILE B 183 9.54 -2.40 9.84
CA ILE B 183 10.31 -3.31 9.02
C ILE B 183 9.31 -4.36 8.49
N ALA B 184 8.57 -5.00 9.38
CA ALA B 184 7.66 -6.05 8.92
C ALA B 184 6.79 -5.47 7.81
N GLU B 185 6.18 -4.33 8.10
CA GLU B 185 5.30 -3.66 7.15
C GLU B 185 6.00 -3.29 5.82
N ARG B 186 7.27 -2.92 5.88
CA ARG B 186 8.00 -2.54 4.66
C ARG B 186 8.27 -3.80 3.88
N CYS B 187 8.81 -4.80 4.56
CA CYS B 187 9.06 -6.10 3.93
C CYS B 187 7.76 -6.65 3.33
N LEU B 188 6.66 -6.46 4.06
CA LEU B 188 5.39 -7.00 3.61
C LEU B 188 4.85 -6.36 2.39
N GLU B 189 5.09 -5.07 2.21
CA GLU B 189 4.52 -4.34 1.09
C GLU B 189 5.06 -4.55 -0.34
N ASN B 190 6.00 -5.45 -0.48
CA ASN B 190 6.58 -5.85 -1.74
C ASN B 190 6.11 -7.28 -2.02
N ALA B 191 6.23 -8.09 -0.96
CA ALA B 191 5.89 -9.50 -0.92
C ALA B 191 4.81 -9.80 -1.91
N SER B 192 4.96 -10.95 -2.57
CA SER B 192 4.03 -11.44 -3.58
C SER B 192 2.93 -12.10 -2.82
N GLY B 193 1.77 -12.29 -3.45
CA GLY B 193 0.62 -12.95 -2.82
C GLY B 193 1.07 -14.24 -2.13
N GLU B 194 2.12 -14.82 -2.68
CA GLU B 194 2.65 -16.01 -2.08
C GLU B 194 2.99 -15.74 -0.63
N VAL B 195 3.43 -14.51 -0.34
CA VAL B 195 3.84 -14.12 1.01
C VAL B 195 2.73 -13.43 1.87
N LEU B 196 1.91 -12.56 1.24
CA LEU B 196 0.84 -11.89 1.97
C LEU B 196 0.07 -13.02 2.66
N GLY B 197 -0.33 -14.01 1.87
CA GLY B 197 -1.09 -15.14 2.40
C GLY B 197 -0.41 -15.88 3.53
N GLU B 198 0.85 -16.28 3.38
CA GLU B 198 1.54 -17.01 4.44
C GLU B 198 1.66 -16.06 5.63
N ALA B 199 1.69 -14.76 5.33
CA ALA B 199 1.80 -13.79 6.38
C ALA B 199 0.53 -13.59 7.18
N GLU B 200 -0.60 -13.36 6.56
CA GLU B 200 -1.80 -13.17 7.35
C GLU B 200 -2.03 -14.44 8.16
N ASP B 201 -1.83 -15.59 7.51
CA ASP B 201 -2.03 -16.90 8.19
C ASP B 201 -1.06 -17.07 9.31
N VAL B 202 0.12 -16.50 9.11
CA VAL B 202 1.15 -16.52 10.11
C VAL B 202 0.83 -15.47 11.19
N LEU B 203 -0.04 -14.53 10.87
CA LEU B 203 -0.43 -13.51 11.84
C LEU B 203 -1.67 -14.02 12.62
N VAL B 204 -2.43 -14.92 12.00
CA VAL B 204 -3.60 -15.50 12.66
C VAL B 204 -2.89 -16.56 13.48
N ARG B 205 -1.83 -17.19 12.96
CA ARG B 205 -1.15 -18.17 13.81
C ARG B 205 -0.68 -17.45 15.08
N VAL B 206 0.10 -16.37 15.00
CA VAL B 206 0.50 -15.76 16.26
C VAL B 206 -0.65 -15.54 17.22
N LEU B 207 -1.74 -14.91 16.77
CA LEU B 207 -2.90 -14.62 17.64
C LEU B 207 -3.52 -15.83 18.39
N GLU B 208 -3.52 -17.02 17.75
CA GLU B 208 -4.11 -18.22 18.36
C GLU B 208 -3.18 -18.78 19.44
N LEU B 209 -1.90 -18.95 19.13
CA LEU B 209 -0.88 -19.46 20.06
C LEU B 209 -0.79 -18.55 21.31
N GLU B 210 -1.08 -17.28 21.11
CA GLU B 210 -1.02 -16.32 22.18
C GLU B 210 -2.21 -16.59 23.11
N VAL B 211 -3.39 -16.65 22.50
CA VAL B 211 -4.61 -16.90 23.24
C VAL B 211 -4.36 -18.13 24.03
N ALA B 212 -3.63 -19.09 23.49
CA ALA B 212 -3.42 -20.35 24.23
C ALA B 212 -2.43 -20.08 25.33
N PHE B 213 -1.37 -19.33 25.05
CA PHE B 213 -0.40 -19.08 26.16
C PHE B 213 -1.07 -18.33 27.30
N TRP B 214 -2.15 -17.65 26.99
CA TRP B 214 -2.79 -16.88 28.02
C TRP B 214 -3.70 -17.82 28.79
N GLU B 215 -4.26 -18.79 28.08
CA GLU B 215 -5.12 -19.78 28.72
C GLU B 215 -4.25 -20.58 29.66
N MSE B 216 -3.17 -21.21 29.16
CA MSE B 216 -2.20 -21.96 29.98
C MSE B 216 -1.64 -21.14 31.17
O MSE B 216 -1.10 -21.69 32.14
CB MSE B 216 -1.00 -22.40 29.14
CG MSE B 216 0.25 -22.74 29.93
SE MSE B 216 1.96 -22.48 28.89
CE MSE B 216 2.31 -20.70 29.47
N SER B 217 -1.71 -19.83 31.09
CA SER B 217 -1.18 -19.14 32.21
C SER B 217 -2.15 -19.08 33.38
N ARG B 218 -3.32 -19.68 33.23
CA ARG B 218 -4.32 -19.71 34.30
C ARG B 218 -4.18 -20.91 35.27
N GLY B 219 -4.22 -22.15 34.76
CA GLY B 219 -4.10 -23.32 35.63
C GLY B 219 -5.18 -24.42 35.58
S SO4 C . 14.08 -13.71 1.86
O1 SO4 C . 15.20 -12.76 1.91
O2 SO4 C . 12.78 -12.98 1.68
O3 SO4 C . 14.22 -14.68 0.76
O4 SO4 C . 14.10 -14.44 3.14
CM2 HMH D . -4.91 14.04 -25.28
N1A HMH D . -6.43 13.45 -23.29
C2A HMH D . -5.97 14.36 -24.22
N3A HMH D . -6.47 15.59 -24.21
C4A HMH D . -7.46 15.99 -23.31
N4A HMH D . -7.94 17.29 -23.37
C5A HMH D . -7.98 15.13 -22.33
C6A HMH D . -7.43 13.78 -22.33
C7A HMH D . -9.06 15.70 -21.41
O1 HMH D . -9.55 14.80 -20.51
S SO4 E . 3.50 -24.29 11.89
O1 SO4 E . 2.47 -23.22 11.84
O2 SO4 E . 4.79 -23.74 11.44
O3 SO4 E . 3.68 -24.78 13.27
O4 SO4 E . 3.09 -25.44 11.02
S SO4 F . 8.56 19.98 -20.93
O1 SO4 F . 9.08 20.85 -19.86
O2 SO4 F . 8.27 20.82 -22.11
O3 SO4 F . 9.55 18.95 -21.30
O4 SO4 F . 7.37 19.28 -20.45
S SO4 G . 7.11 -15.10 -3.96
O1 SO4 G . 8.12 -16.18 -3.83
O2 SO4 G . 7.81 -13.79 -4.15
O3 SO4 G . 6.21 -15.38 -5.11
O4 SO4 G . 6.33 -15.07 -2.71
CM2 HMH H . 4.51 -15.85 25.25
N1A HMH H . 5.50 -14.20 23.71
C2A HMH H . 5.44 -14.68 24.94
N3A HMH H . 6.19 -14.16 25.92
C4A HMH H . 7.08 -13.10 25.70
N4A HMH H . 7.89 -12.55 26.72
C5A HMH H . 7.20 -12.55 24.42
C6A HMH H . 6.37 -13.14 23.42
C7A HMH H . 8.22 -11.39 24.23
O1 HMH H . 8.37 -10.86 22.92
N GLY A 5 2.74 -4.48 -10.54
CA GLY A 5 1.57 -5.18 -11.18
C GLY A 5 1.69 -5.07 -12.68
N VAL A 6 0.67 -5.54 -13.41
CA VAL A 6 0.62 -5.54 -14.89
C VAL A 6 0.77 -4.11 -15.47
N ILE A 7 -0.32 -3.34 -15.49
CA ILE A 7 -0.28 -1.96 -16.02
C ILE A 7 1.05 -1.38 -15.65
N ASP A 8 1.21 -1.19 -14.36
CA ASP A 8 2.43 -0.67 -13.82
C ASP A 8 3.62 -1.28 -14.60
N THR A 9 4.04 -2.49 -14.23
CA THR A 9 5.10 -3.17 -14.93
C THR A 9 5.22 -2.70 -16.38
N TRP A 10 4.09 -2.58 -17.08
CA TRP A 10 4.15 -2.11 -18.46
C TRP A 10 4.75 -0.70 -18.57
N ILE A 11 4.36 0.22 -17.69
CA ILE A 11 4.89 1.60 -17.71
C ILE A 11 6.41 1.53 -17.55
N ASP A 12 6.85 0.71 -16.58
CA ASP A 12 8.26 0.51 -16.28
C ASP A 12 8.85 -0.26 -17.46
N LYS A 13 8.02 -1.13 -18.00
CA LYS A 13 8.41 -1.93 -19.13
C LYS A 13 8.37 -0.99 -20.36
N HIS A 14 7.93 0.27 -20.16
CA HIS A 14 7.88 1.25 -21.25
C HIS A 14 8.13 2.70 -20.81
N ARG A 15 8.99 2.86 -19.81
CA ARG A 15 9.31 4.19 -19.25
C ARG A 15 9.66 5.28 -20.26
N SER A 16 10.23 4.89 -21.38
CA SER A 16 10.63 5.85 -22.37
C SER A 16 9.45 6.55 -23.04
N ILE A 17 8.47 5.79 -23.46
CA ILE A 17 7.32 6.41 -24.08
C ILE A 17 6.46 7.14 -23.00
N TYR A 18 6.37 6.58 -21.80
CA TYR A 18 5.60 7.20 -20.73
C TYR A 18 6.16 8.60 -20.34
N THR A 19 7.47 8.68 -20.11
CA THR A 19 8.10 9.97 -19.80
C THR A 19 7.81 10.88 -20.99
N ALA A 20 8.21 10.43 -22.18
CA ALA A 20 7.98 11.19 -23.41
C ALA A 20 6.54 11.69 -23.40
N ALA A 21 5.61 10.79 -23.10
CA ALA A 21 4.21 11.18 -23.06
C ALA A 21 3.82 12.06 -21.87
N THR A 22 4.45 11.90 -20.72
CA THR A 22 3.92 12.73 -19.63
C THR A 22 4.52 14.09 -19.37
N ARG A 23 4.66 14.91 -20.42
CA ARG A 23 5.12 16.29 -20.37
C ARG A 23 3.84 17.20 -20.25
N HIS A 24 4.03 18.48 -19.88
CA HIS A 24 2.93 19.44 -19.71
C HIS A 24 2.24 19.76 -21.00
N ALA A 25 0.95 19.44 -21.07
CA ALA A 25 0.21 19.64 -22.31
C ALA A 25 0.77 20.87 -23.02
N PHE A 26 0.96 21.97 -22.27
CA PHE A 26 1.48 23.22 -22.84
C PHE A 26 2.43 23.91 -21.87
N VAL A 27 3.22 24.82 -22.42
CA VAL A 27 4.19 25.58 -21.64
C VAL A 27 4.28 26.95 -22.25
N VAL A 28 3.63 27.92 -21.61
CA VAL A 28 3.59 29.36 -21.96
C VAL A 28 4.96 29.87 -21.51
N SER A 29 5.52 30.85 -22.25
CA SER A 29 6.83 31.43 -21.95
C SER A 29 7.05 32.86 -22.55
N ILE A 30 7.82 33.68 -21.85
CA ILE A 30 8.08 35.04 -22.35
C ILE A 30 8.79 34.96 -23.68
N ARG A 31 8.35 35.74 -24.66
CA ARG A 31 8.97 35.74 -25.99
C ARG A 31 9.06 37.16 -26.43
N ASP A 32 10.29 37.68 -26.41
CA ASP A 32 10.49 39.03 -26.78
C ASP A 32 9.68 39.86 -25.80
N GLY A 33 10.03 39.84 -24.51
CA GLY A 33 9.31 40.69 -23.63
C GLY A 33 7.80 40.43 -23.44
N SER A 34 7.31 39.21 -23.71
CA SER A 34 5.89 38.99 -23.52
C SER A 34 5.52 37.54 -23.35
N VAL A 35 4.23 37.34 -23.10
CA VAL A 35 3.64 36.03 -22.87
C VAL A 35 3.21 35.46 -24.21
N ASP A 36 3.86 34.41 -24.63
CA ASP A 36 3.54 33.75 -25.88
C ASP A 36 2.52 32.62 -25.55
N LEU A 37 1.35 32.71 -26.17
CA LEU A 37 0.26 31.77 -25.97
C LEU A 37 0.36 30.62 -26.95
N SER A 38 1.50 30.62 -27.60
CA SER A 38 1.89 29.63 -28.59
C SER A 38 1.45 28.20 -28.32
N SER A 39 2.14 27.63 -27.37
CA SER A 39 1.89 26.26 -26.98
C SER A 39 0.46 26.11 -26.44
N PHE A 40 -0.01 27.12 -25.69
CA PHE A 40 -1.32 27.09 -25.09
C PHE A 40 -2.50 27.08 -26.10
N ARG A 41 -2.48 27.94 -27.12
CA ARG A 41 -3.64 27.92 -27.98
C ARG A 41 -3.73 26.65 -28.77
N THR A 42 -2.57 26.10 -29.07
CA THR A 42 -2.55 24.89 -29.84
C THR A 42 -3.32 23.78 -29.11
N TRP A 43 -2.78 23.42 -27.96
CA TRP A 43 -3.36 22.41 -27.11
C TRP A 43 -4.88 22.59 -26.82
N LEU A 44 -5.27 23.80 -26.41
CA LEU A 44 -6.65 24.11 -26.06
C LEU A 44 -7.51 23.70 -27.19
N GLY A 45 -7.10 24.08 -28.40
CA GLY A 45 -7.86 23.71 -29.59
C GLY A 45 -7.77 22.22 -29.87
N GLN A 46 -6.57 21.74 -30.01
CA GLN A 46 -6.42 20.32 -30.20
C GLN A 46 -7.05 19.50 -29.02
N ASP A 47 -6.65 19.83 -27.80
CA ASP A 47 -7.19 19.07 -26.69
C ASP A 47 -8.70 19.09 -26.69
N TYR A 48 -9.27 20.26 -26.95
CA TYR A 48 -10.69 20.29 -26.98
C TYR A 48 -11.26 19.33 -28.04
N LEU A 49 -11.07 19.64 -29.34
CA LEU A 49 -11.66 18.73 -30.37
C LEU A 49 -11.39 17.32 -29.90
N PHE A 50 -10.32 17.12 -29.15
CA PHE A 50 -10.11 15.78 -28.65
C PHE A 50 -11.17 15.40 -27.58
N VAL A 51 -11.90 16.39 -27.07
CA VAL A 51 -12.93 16.20 -26.05
C VAL A 51 -14.30 15.86 -26.68
N ARG A 52 -14.69 16.55 -27.75
CA ARG A 52 -15.98 16.22 -28.35
C ARG A 52 -16.00 14.80 -28.84
N ARG A 53 -14.88 14.35 -29.39
CA ARG A 53 -14.72 12.99 -29.86
C ARG A 53 -14.56 12.04 -28.69
N PHE A 54 -14.09 12.58 -27.56
CA PHE A 54 -13.89 11.78 -26.37
C PHE A 54 -15.21 11.40 -25.62
N VAL A 55 -16.18 12.31 -25.59
CA VAL A 55 -17.42 12.05 -24.94
C VAL A 55 -18.15 10.78 -25.47
N PRO A 56 -18.33 10.61 -26.80
CA PRO A 56 -19.04 9.34 -27.12
C PRO A 56 -18.20 8.07 -26.82
N PHE A 57 -16.88 8.20 -26.75
CA PHE A 57 -16.05 7.02 -26.46
C PHE A 57 -16.31 6.58 -24.98
N VAL A 58 -16.28 7.53 -24.04
CA VAL A 58 -16.57 7.25 -22.63
C VAL A 58 -18.02 6.64 -22.54
N ALA A 59 -18.94 7.18 -23.33
CA ALA A 59 -20.29 6.67 -23.37
C ALA A 59 -20.27 5.19 -23.72
N SER A 60 -19.45 4.83 -24.71
CA SER A 60 -19.38 3.47 -25.12
C SER A 60 -18.92 2.74 -23.91
N VAL A 61 -17.81 3.19 -23.34
CA VAL A 61 -17.28 2.54 -22.15
C VAL A 61 -18.34 2.31 -21.04
N LEU A 62 -19.27 3.23 -20.92
CA LEU A 62 -20.29 3.19 -19.89
C LEU A 62 -21.19 1.94 -20.13
N ILE A 63 -21.40 1.68 -21.42
CA ILE A 63 -22.19 0.55 -21.86
C ILE A 63 -21.39 -0.71 -21.54
N ARG A 64 -20.36 -1.02 -22.33
CA ARG A 64 -19.55 -2.22 -21.98
C ARG A 64 -19.50 -2.52 -20.46
N ALA A 65 -19.45 -1.47 -19.63
CA ALA A 65 -19.37 -1.64 -18.18
C ALA A 65 -20.67 -2.17 -17.56
N CYS A 66 -21.83 -1.73 -18.05
CA CYS A 66 -23.12 -2.19 -17.52
C CYS A 66 -23.45 -3.64 -17.89
N LYS A 67 -23.07 -4.06 -19.09
CA LYS A 67 -23.34 -5.42 -19.53
C LYS A 67 -22.16 -6.30 -19.17
N ASP A 68 -21.00 -5.94 -19.68
CA ASP A 68 -19.78 -6.69 -19.42
C ASP A 68 -19.34 -6.42 -17.95
N SER A 69 -20.28 -6.55 -16.99
CA SER A 69 -19.95 -6.25 -15.59
C SER A 69 -19.67 -7.34 -14.55
N GLY A 70 -18.39 -7.71 -14.41
CA GLY A 70 -17.99 -8.71 -13.42
C GLY A 70 -18.02 -8.05 -12.04
N GLU A 71 -17.87 -6.72 -12.02
CA GLU A 71 -17.93 -5.93 -10.79
C GLU A 71 -19.03 -4.92 -11.06
N SER A 72 -20.19 -5.17 -10.46
CA SER A 72 -21.32 -4.29 -10.63
C SER A 72 -20.82 -2.82 -10.41
N SER A 73 -19.80 -2.68 -9.56
CA SER A 73 -19.23 -1.36 -9.22
C SER A 73 -18.35 -0.58 -10.23
N ASP A 74 -18.15 -1.11 -11.42
CA ASP A 74 -17.33 -0.46 -12.43
C ASP A 74 -18.13 0.64 -13.11
N MSE A 75 -19.41 0.36 -13.33
CA MSE A 75 -20.23 1.30 -14.07
C MSE A 75 -20.27 2.66 -13.44
O MSE A 75 -20.42 3.68 -14.13
CB MSE A 75 -21.67 0.76 -14.21
CG MSE A 75 -22.58 1.65 -15.05
SE MSE A 75 -24.37 1.80 -14.32
CE MSE A 75 -24.71 -0.07 -14.25
N GLU A 76 -20.12 2.71 -12.13
CA GLU A 76 -20.26 3.95 -11.45
C GLU A 76 -19.08 4.90 -11.52
N VAL A 77 -17.87 4.37 -11.47
CA VAL A 77 -16.69 5.22 -11.56
C VAL A 77 -16.63 5.82 -12.98
N VAL A 78 -17.16 5.07 -13.93
CA VAL A 78 -17.14 5.51 -15.31
C VAL A 78 -18.14 6.66 -15.46
N LEU A 79 -19.27 6.51 -14.77
CA LEU A 79 -20.32 7.51 -14.79
C LEU A 79 -19.82 8.84 -14.21
N GLY A 80 -19.03 8.78 -13.16
CA GLY A 80 -18.50 10.00 -12.59
C GLY A 80 -17.49 10.51 -13.61
N GLY A 81 -16.85 9.55 -14.29
CA GLY A 81 -15.85 9.90 -15.31
C GLY A 81 -16.48 10.65 -16.47
N ILE A 82 -17.67 10.22 -16.92
CA ILE A 82 -18.28 10.90 -18.01
C ILE A 82 -18.97 12.21 -17.56
N ALA A 83 -19.34 12.31 -16.28
CA ALA A 83 -19.98 13.52 -15.75
C ALA A 83 -18.88 14.57 -15.61
N SER A 84 -17.69 14.08 -15.29
CA SER A 84 -16.51 14.96 -15.21
C SER A 84 -16.38 15.64 -16.60
N LEU A 85 -16.59 14.87 -17.67
CA LEU A 85 -16.50 15.42 -19.03
C LEU A 85 -17.60 16.44 -19.33
N ASN A 86 -18.70 16.40 -18.59
CA ASN A 86 -19.74 17.43 -18.79
C ASN A 86 -19.17 18.76 -18.30
N ASP A 87 -18.41 18.70 -17.20
CA ASP A 87 -17.80 19.89 -16.64
C ASP A 87 -16.62 20.36 -17.51
N GLU A 88 -15.92 19.43 -18.17
CA GLU A 88 -14.80 19.85 -19.02
C GLU A 88 -15.29 20.61 -20.25
N ILE A 89 -16.28 20.08 -20.97
CA ILE A 89 -16.76 20.77 -22.15
C ILE A 89 -17.16 22.20 -21.86
N GLU A 90 -18.01 22.38 -20.85
CA GLU A 90 -18.41 23.72 -20.45
C GLU A 90 -17.18 24.59 -20.18
N TRP A 91 -16.23 24.07 -19.40
CA TRP A 91 -15.00 24.78 -19.11
C TRP A 91 -14.28 25.15 -20.45
N PHE A 92 -13.94 24.17 -21.29
CA PHE A 92 -13.31 24.46 -22.61
C PHE A 92 -14.03 25.62 -23.34
N LYS A 93 -15.36 25.62 -23.40
CA LYS A 93 -16.03 26.76 -24.10
C LYS A 93 -15.83 28.11 -23.40
N ARG A 94 -16.00 28.16 -22.07
CA ARG A 94 -15.76 29.42 -21.34
C ARG A 94 -14.34 29.89 -21.69
N GLU A 95 -13.39 28.95 -21.81
CA GLU A 95 -12.00 29.29 -22.18
C GLU A 95 -11.89 29.76 -23.61
N GLY A 96 -12.71 29.16 -24.48
CA GLY A 96 -12.70 29.53 -25.88
C GLY A 96 -13.07 30.98 -26.00
N SER A 97 -14.06 31.34 -25.22
CA SER A 97 -14.49 32.73 -25.31
C SER A 97 -13.54 33.76 -24.67
N LYS A 98 -12.92 33.44 -23.54
CA LYS A 98 -12.05 34.42 -22.89
C LYS A 98 -10.71 34.59 -23.61
N TRP A 99 -10.27 33.54 -24.31
CA TRP A 99 -9.02 33.58 -25.06
C TRP A 99 -9.27 33.81 -26.51
N ASP A 100 -10.52 34.16 -26.83
CA ASP A 100 -10.95 34.41 -28.15
C ASP A 100 -10.44 33.36 -29.14
N VAL A 101 -10.83 32.11 -28.89
CA VAL A 101 -10.49 30.92 -29.69
C VAL A 101 -11.80 30.33 -30.20
N ASP A 102 -12.02 30.46 -31.49
CA ASP A 102 -13.24 30.01 -32.14
C ASP A 102 -13.12 28.57 -32.59
N PHE A 103 -13.65 27.67 -31.77
CA PHE A 103 -13.58 26.24 -32.01
C PHE A 103 -14.11 25.80 -33.35
N SER A 104 -15.00 26.58 -33.96
CA SER A 104 -15.55 26.27 -35.27
C SER A 104 -14.45 26.49 -36.33
N THR A 105 -13.32 27.08 -35.97
CA THR A 105 -12.29 27.23 -37.00
C THR A 105 -11.08 26.32 -36.77
N VAL A 106 -11.01 25.61 -35.63
CA VAL A 106 -9.86 24.73 -35.41
C VAL A 106 -9.85 23.61 -36.44
N VAL A 107 -8.67 23.09 -36.78
CA VAL A 107 -8.59 21.98 -37.73
C VAL A 107 -7.78 20.83 -37.06
N PRO A 108 -8.39 19.63 -36.89
CA PRO A 108 -7.65 18.53 -36.26
C PRO A 108 -6.40 18.18 -37.07
N GLN A 109 -5.28 17.99 -36.38
CA GLN A 109 -4.04 17.62 -37.05
C GLN A 109 -3.79 16.13 -36.86
N ARG A 110 -2.96 15.59 -37.74
CA ARG A 110 -2.55 14.18 -37.77
C ARG A 110 -2.45 13.40 -36.44
N ALA A 111 -1.82 13.98 -35.44
CA ALA A 111 -1.71 13.21 -34.22
C ALA A 111 -3.13 12.98 -33.68
N ASN A 112 -3.95 14.03 -33.79
CA ASN A 112 -5.35 14.09 -33.37
C ASN A 112 -6.34 13.21 -34.22
N GLN A 113 -6.25 13.31 -35.54
CA GLN A 113 -7.13 12.52 -36.38
C GLN A 113 -6.85 11.06 -36.15
N GLU A 114 -5.58 10.72 -36.04
CA GLU A 114 -5.17 9.33 -35.80
C GLU A 114 -5.81 8.89 -34.47
N TYR A 115 -5.57 9.70 -33.45
CA TYR A 115 -6.08 9.49 -32.14
C TYR A 115 -7.59 9.29 -32.33
N GLY A 116 -8.18 10.14 -33.16
CA GLY A 116 -9.63 10.01 -33.38
C GLY A 116 -10.05 8.64 -33.89
N ARG A 117 -9.22 8.05 -34.75
CA ARG A 117 -9.56 6.75 -35.30
C ARG A 117 -9.28 5.59 -34.35
N PHE A 118 -8.22 5.66 -33.55
CA PHE A 118 -7.90 4.57 -32.63
C PHE A 118 -8.98 4.52 -31.51
N LEU A 119 -9.68 5.64 -31.29
CA LEU A 119 -10.76 5.66 -30.30
C LEU A 119 -11.99 4.96 -30.92
N GLU A 120 -12.24 5.18 -32.21
CA GLU A 120 -13.37 4.53 -32.86
C GLU A 120 -13.19 3.03 -32.94
N ASP A 121 -11.94 2.60 -33.16
CA ASP A 121 -11.60 1.17 -33.24
C ASP A 121 -11.91 0.50 -31.91
N LEU A 122 -11.69 1.24 -30.84
CA LEU A 122 -11.96 0.75 -29.51
C LEU A 122 -13.43 0.80 -29.10
N MSE A 123 -14.30 1.36 -29.95
CA MSE A 123 -15.71 1.42 -29.59
C MSE A 123 -16.56 0.19 -29.99
O MSE A 123 -17.74 0.07 -29.56
CB MSE A 123 -16.34 2.67 -30.20
CG MSE A 123 -15.86 3.97 -29.59
SE MSE A 123 -16.82 5.51 -30.27
CE MSE A 123 -18.56 4.85 -29.88
N SER A 124 -15.97 -0.69 -30.80
CA SER A 124 -16.64 -1.89 -31.31
C SER A 124 -16.77 -2.97 -30.27
N SER A 125 -17.89 -3.68 -30.32
CA SER A 125 -18.07 -4.74 -29.35
C SER A 125 -17.02 -5.83 -29.48
N GLU A 126 -16.26 -5.83 -30.58
CA GLU A 126 -15.27 -6.87 -30.74
C GLU A 126 -14.04 -6.76 -29.78
N VAL A 127 -13.82 -5.60 -29.18
CA VAL A 127 -12.71 -5.39 -28.27
C VAL A 127 -12.99 -5.82 -26.85
N LYS A 128 -12.02 -6.52 -26.28
CA LYS A 128 -12.18 -7.03 -24.92
C LYS A 128 -12.22 -5.95 -23.81
N TYR A 129 -13.13 -6.16 -22.87
CA TYR A 129 -13.29 -5.20 -21.80
C TYR A 129 -11.97 -4.73 -21.19
N PRO A 130 -11.06 -5.66 -20.83
CA PRO A 130 -9.75 -5.32 -20.22
C PRO A 130 -8.89 -4.39 -21.06
N VAL A 131 -9.16 -4.39 -22.37
CA VAL A 131 -8.42 -3.57 -23.31
C VAL A 131 -9.05 -2.17 -23.37
N ILE A 132 -10.38 -2.10 -23.30
CA ILE A 132 -11.08 -0.83 -23.33
C ILE A 132 -10.81 -0.08 -22.03
N MSE A 133 -10.77 -0.82 -20.92
CA MSE A 133 -10.49 -0.16 -19.64
C MSE A 133 -9.05 0.27 -19.51
O MSE A 133 -8.73 1.35 -19.00
CB MSE A 133 -10.79 -1.07 -18.47
CG MSE A 133 -12.23 -1.33 -18.27
SE MSE A 133 -13.30 0.18 -17.82
CE MSE A 133 -12.16 0.97 -16.49
N THR A 134 -8.15 -0.62 -19.91
CA THR A 134 -6.73 -0.33 -19.84
C THR A 134 -6.45 0.95 -20.68
N ALA A 135 -6.90 0.94 -21.94
CA ALA A 135 -6.66 2.10 -22.77
C ALA A 135 -7.27 3.34 -22.11
N PHE A 136 -8.31 3.14 -21.30
CA PHE A 136 -9.03 4.23 -20.67
C PHE A 136 -8.28 4.80 -19.47
N TRP A 137 -7.67 3.95 -18.67
CA TRP A 137 -6.96 4.47 -17.56
C TRP A 137 -5.80 5.34 -18.10
N ALA A 138 -5.05 4.77 -19.06
CA ALA A 138 -3.87 5.40 -19.64
C ALA A 138 -4.10 6.82 -20.13
N ILE A 139 -5.23 7.01 -20.80
CA ILE A 139 -5.57 8.32 -21.31
C ILE A 139 -5.75 9.36 -20.18
N GLU A 140 -6.68 9.06 -19.24
CA GLU A 140 -7.00 9.95 -18.12
C GLU A 140 -5.73 10.22 -17.30
N ALA A 141 -4.94 9.18 -17.15
CA ALA A 141 -3.74 9.33 -16.37
C ALA A 141 -2.49 9.91 -17.06
N VAL A 142 -2.32 9.89 -18.39
CA VAL A 142 -1.06 10.50 -18.80
C VAL A 142 -1.06 11.98 -18.33
N TYR A 143 -2.25 12.62 -18.26
CA TYR A 143 -2.39 14.00 -17.78
C TYR A 143 -2.38 14.10 -16.23
N GLN A 144 -2.76 13.05 -15.52
CA GLN A 144 -2.67 13.17 -14.08
C GLN A 144 -1.18 13.40 -13.95
N GLU A 145 -0.40 12.65 -14.72
CA GLU A 145 1.04 12.80 -14.63
C GLU A 145 1.51 14.13 -15.25
N SER A 146 1.08 14.44 -16.48
CA SER A 146 1.54 15.64 -17.12
C SER A 146 1.08 16.95 -16.44
N PHE A 147 0.10 16.87 -15.53
CA PHE A 147 -0.38 18.05 -14.82
C PHE A 147 -0.12 18.09 -13.33
N ALA A 148 0.39 17.01 -12.73
CA ALA A 148 0.62 17.06 -11.32
C ALA A 148 1.76 18.05 -11.04
N HIS A 149 1.78 18.62 -9.85
CA HIS A 149 2.82 19.64 -9.50
C HIS A 149 2.63 20.95 -10.25
N CYS A 150 1.52 21.13 -10.95
CA CYS A 150 1.35 22.35 -11.70
C CYS A 150 1.12 23.59 -10.82
N LEU A 151 0.94 23.39 -9.53
CA LEU A 151 0.78 24.55 -8.67
C LEU A 151 2.17 25.16 -8.49
N GLU A 152 3.04 24.36 -7.87
CA GLU A 152 4.43 24.68 -7.54
C GLU A 152 5.33 24.96 -8.77
N ASP A 153 5.13 24.23 -9.86
CA ASP A 153 5.94 24.45 -11.09
C ASP A 153 5.66 25.81 -11.80
N GLY A 154 4.39 26.05 -12.12
CA GLY A 154 4.03 27.30 -12.79
C GLY A 154 4.51 28.54 -12.01
N ASN A 155 4.58 28.41 -10.68
CA ASN A 155 5.01 29.49 -9.79
C ASN A 155 6.52 29.67 -9.96
N LYS A 156 7.20 28.65 -10.47
CA LYS A 156 8.67 28.80 -10.64
C LYS A 156 9.07 29.52 -11.92
N THR A 157 8.15 29.61 -12.89
CA THR A 157 8.42 30.32 -14.15
C THR A 157 7.90 31.73 -13.88
N PRO A 158 8.12 32.67 -14.82
CA PRO A 158 7.67 34.07 -14.67
C PRO A 158 6.18 34.32 -14.91
N VAL A 159 5.56 33.46 -15.71
CA VAL A 159 4.18 33.61 -16.02
C VAL A 159 3.56 32.23 -16.20
N GLU A 160 2.33 32.06 -15.72
CA GLU A 160 1.63 30.80 -15.82
C GLU A 160 0.13 30.99 -15.91
N LEU A 161 -0.53 30.14 -16.73
CA LEU A 161 -1.99 30.16 -16.83
C LEU A 161 -2.43 29.05 -15.88
N THR A 162 -3.49 29.29 -15.13
CA THR A 162 -3.94 28.35 -14.09
C THR A 162 -5.13 27.47 -14.46
N GLY A 163 -5.91 27.90 -15.44
CA GLY A 163 -7.10 27.16 -15.81
C GLY A 163 -6.93 25.65 -15.94
N ALA A 164 -6.11 25.20 -16.91
CA ALA A 164 -5.91 23.77 -17.14
C ALA A 164 -5.47 23.11 -15.87
N CYS A 165 -4.49 23.72 -15.20
CA CYS A 165 -3.99 23.21 -13.94
C CYS A 165 -5.12 22.97 -12.93
N HIS A 166 -6.06 23.90 -12.77
CA HIS A 166 -7.21 23.67 -11.88
C HIS A 166 -7.95 22.33 -12.27
N ARG A 167 -8.00 22.03 -13.60
CA ARG A 167 -8.68 20.83 -14.14
C ARG A 167 -8.12 19.46 -13.78
N TRP A 168 -6.85 19.24 -14.05
CA TRP A 168 -6.24 17.91 -13.79
C TRP A 168 -5.13 17.86 -12.72
N GLY A 169 -4.88 18.96 -12.01
CA GLY A 169 -3.84 18.91 -10.99
C GLY A 169 -4.27 18.50 -9.56
N ASN A 170 -5.56 18.64 -9.23
CA ASN A 170 -6.10 18.32 -7.92
C ASN A 170 -6.08 16.81 -7.62
N ASP A 171 -6.29 16.46 -6.36
CA ASP A 171 -6.25 15.08 -5.90
C ASP A 171 -7.41 14.22 -6.33
N GLY A 172 -8.60 14.78 -6.44
CA GLY A 172 -9.69 13.94 -6.90
C GLY A 172 -9.37 13.35 -8.29
N PHE A 173 -8.59 14.06 -9.11
CA PHE A 173 -8.31 13.51 -10.45
C PHE A 173 -7.24 12.42 -10.34
N LYS A 174 -6.32 12.66 -9.41
CA LYS A 174 -5.26 11.74 -9.11
C LYS A 174 -5.96 10.47 -8.53
N GLN A 175 -6.86 10.66 -7.58
CA GLN A 175 -7.55 9.51 -7.00
C GLN A 175 -8.43 8.85 -7.98
N TYR A 176 -9.22 9.63 -8.71
CA TYR A 176 -10.10 9.07 -9.76
C TYR A 176 -9.26 8.14 -10.66
N CYS A 177 -8.04 8.57 -10.97
CA CYS A 177 -7.15 7.81 -11.83
C CYS A 177 -6.72 6.46 -11.23
N SER A 178 -6.38 6.47 -9.93
CA SER A 178 -5.99 5.25 -9.27
C SER A 178 -7.18 4.27 -9.34
N SER A 179 -8.41 4.81 -9.31
CA SER A 179 -9.66 4.03 -9.35
C SER A 179 -9.96 3.36 -10.68
N VAL A 180 -9.61 4.00 -11.79
CA VAL A 180 -9.79 3.30 -13.03
C VAL A 180 -8.59 2.34 -13.16
N LYS A 181 -7.46 2.76 -12.60
CA LYS A 181 -6.23 1.97 -12.65
C LYS A 181 -6.44 0.62 -11.97
N ASN A 182 -7.11 0.68 -10.83
CA ASN A 182 -7.38 -0.50 -10.05
C ASN A 182 -8.52 -1.34 -10.62
N ILE A 183 -9.32 -0.79 -11.52
CA ILE A 183 -10.33 -1.62 -12.19
C ILE A 183 -9.55 -2.32 -13.34
N ALA A 184 -8.71 -1.57 -14.05
CA ALA A 184 -7.96 -2.18 -15.15
C ALA A 184 -6.92 -3.20 -14.65
N GLU A 185 -6.38 -2.95 -13.46
CA GLU A 185 -5.34 -3.82 -12.90
C GLU A 185 -5.80 -5.26 -12.69
N ARG A 186 -7.08 -5.42 -12.36
CA ARG A 186 -7.66 -6.73 -12.11
C ARG A 186 -7.83 -7.54 -13.39
N CYS A 187 -8.49 -6.93 -14.37
CA CYS A 187 -8.69 -7.57 -15.64
C CYS A 187 -7.35 -8.16 -16.00
N LEU A 188 -6.36 -7.29 -16.08
CA LEU A 188 -5.03 -7.71 -16.42
C LEU A 188 -4.54 -8.85 -15.53
N GLU A 189 -4.75 -8.73 -14.22
CA GLU A 189 -4.28 -9.77 -13.30
C GLU A 189 -5.13 -11.07 -13.37
N ASN A 190 -6.24 -11.03 -14.09
CA ASN A 190 -7.09 -12.22 -14.22
C ASN A 190 -7.42 -12.44 -15.70
N ALA A 191 -6.51 -11.99 -16.57
CA ALA A 191 -6.69 -12.09 -18.01
C ALA A 191 -5.71 -13.08 -18.64
N SER A 192 -6.10 -13.73 -19.74
CA SER A 192 -5.20 -14.66 -20.43
C SER A 192 -3.93 -13.94 -20.90
N GLY A 193 -2.94 -14.72 -21.35
CA GLY A 193 -1.69 -14.16 -21.85
C GLY A 193 -1.92 -13.31 -23.12
N GLU A 194 -2.87 -13.72 -23.96
CA GLU A 194 -3.14 -13.00 -25.19
C GLU A 194 -3.78 -11.65 -24.91
N VAL A 195 -4.83 -11.64 -24.08
CA VAL A 195 -5.49 -10.40 -23.74
C VAL A 195 -4.48 -9.42 -23.06
N LEU A 196 -3.57 -9.96 -22.27
CA LEU A 196 -2.56 -9.16 -21.59
C LEU A 196 -1.63 -8.52 -22.63
N GLY A 197 -1.08 -9.34 -23.51
CA GLY A 197 -0.21 -8.80 -24.53
C GLY A 197 -0.95 -7.74 -25.32
N GLU A 198 -2.26 -7.89 -25.47
CA GLU A 198 -3.04 -6.90 -26.21
C GLU A 198 -3.16 -5.59 -25.38
N ALA A 199 -3.59 -5.73 -24.13
CA ALA A 199 -3.73 -4.57 -23.29
C ALA A 199 -2.43 -3.77 -23.28
N GLU A 200 -1.28 -4.45 -23.35
CA GLU A 200 -0.01 -3.77 -23.32
C GLU A 200 0.22 -3.04 -24.64
N ASP A 201 -0.13 -3.65 -25.76
CA ASP A 201 0.10 -2.97 -27.01
C ASP A 201 -0.82 -1.76 -27.08
N VAL A 202 -2.13 -1.94 -26.92
CA VAL A 202 -3.04 -0.83 -27.02
C VAL A 202 -2.50 0.41 -26.32
N LEU A 203 -2.07 0.25 -25.06
CA LEU A 203 -1.49 1.29 -24.23
C LEU A 203 -0.27 1.90 -24.94
N VAL A 204 0.52 1.05 -25.58
CA VAL A 204 1.69 1.53 -26.28
C VAL A 204 1.17 2.56 -27.26
N ARG A 205 0.12 2.22 -28.02
CA ARG A 205 -0.42 3.20 -28.95
C ARG A 205 -0.75 4.52 -28.24
N VAL A 206 -1.78 4.50 -27.41
CA VAL A 206 -2.18 5.67 -26.68
C VAL A 206 -0.99 6.65 -26.45
N LEU A 207 0.00 6.25 -25.66
CA LEU A 207 1.14 7.07 -25.31
C LEU A 207 1.77 7.64 -26.60
N GLU A 208 1.96 6.78 -27.58
CA GLU A 208 2.53 7.19 -28.88
C GLU A 208 1.64 8.18 -29.62
N LEU A 209 0.33 7.98 -29.52
CA LEU A 209 -0.61 8.89 -30.14
C LEU A 209 -0.69 10.21 -29.31
N GLU A 210 -0.30 10.18 -28.04
CA GLU A 210 -0.35 11.35 -27.14
C GLU A 210 0.93 12.20 -27.17
N VAL A 211 1.98 11.69 -27.83
CA VAL A 211 3.25 12.40 -28.01
C VAL A 211 3.07 13.18 -29.31
N ALA A 212 2.53 12.47 -30.30
CA ALA A 212 2.25 13.02 -31.60
C ALA A 212 1.28 14.22 -31.44
N PHE A 213 0.28 14.07 -30.56
CA PHE A 213 -0.74 15.07 -30.22
C PHE A 213 -0.04 16.27 -29.61
N TRP A 214 0.83 15.95 -28.67
CA TRP A 214 1.63 16.91 -27.94
C TRP A 214 2.53 17.79 -28.87
N GLU A 215 3.19 17.18 -29.84
CA GLU A 215 4.02 17.89 -30.81
C GLU A 215 3.23 19.01 -31.41
N MSE A 216 1.92 18.82 -31.61
CA MSE A 216 1.17 19.91 -32.23
C MSE A 216 1.40 21.19 -31.40
O MSE A 216 1.58 22.25 -31.97
CB MSE A 216 -0.33 19.63 -32.34
CG MSE A 216 -0.61 18.38 -33.09
SE MSE A 216 -2.54 18.10 -33.17
CE MSE A 216 -2.91 17.72 -31.27
N SER A 217 1.46 21.07 -30.07
CA SER A 217 1.63 22.26 -29.25
C SER A 217 3.00 22.57 -28.62
N ARG A 218 4.04 21.75 -28.84
CA ARG A 218 5.35 22.02 -28.22
C ARG A 218 5.75 23.53 -28.14
N GLY A 219 6.39 23.91 -27.01
CA GLY A 219 6.79 25.30 -26.84
C GLY A 219 7.26 25.98 -28.12
N ARG B 4 -4.74 2.51 5.45
CA ARG B 4 -4.69 1.52 6.58
C ARG B 4 -3.77 0.31 6.28
N GLY B 5 -2.72 0.15 7.10
CA GLY B 5 -1.73 -0.92 6.98
C GLY B 5 -2.25 -2.34 6.74
N VAL B 6 -1.49 -3.12 5.96
CA VAL B 6 -1.83 -4.48 5.62
C VAL B 6 -1.98 -5.31 6.90
N ILE B 7 -1.01 -5.15 7.78
CA ILE B 7 -0.99 -5.87 9.03
C ILE B 7 -2.19 -5.62 9.95
N ASP B 8 -2.39 -4.35 10.31
CA ASP B 8 -3.50 -4.04 11.16
C ASP B 8 -4.84 -4.39 10.48
N THR B 9 -4.87 -4.36 9.15
CA THR B 9 -6.10 -4.77 8.38
C THR B 9 -6.37 -6.25 8.65
N TRP B 10 -5.29 -7.03 8.79
CA TRP B 10 -5.37 -8.46 9.12
C TRP B 10 -5.81 -8.65 10.57
N ILE B 11 -5.31 -7.80 11.47
CA ILE B 11 -5.66 -7.91 12.86
C ILE B 11 -7.17 -7.73 12.92
N ASP B 12 -7.69 -6.78 12.14
CA ASP B 12 -9.11 -6.52 12.05
C ASP B 12 -9.83 -7.78 11.55
N LYS B 13 -9.24 -8.46 10.57
CA LYS B 13 -9.80 -9.71 10.03
C LYS B 13 -9.76 -10.86 11.05
N HIS B 14 -8.96 -10.73 12.11
CA HIS B 14 -8.93 -11.79 13.12
C HIS B 14 -9.05 -11.16 14.49
N ARG B 15 -9.94 -10.17 14.62
CA ARG B 15 -10.09 -9.46 15.88
C ARG B 15 -10.17 -10.26 17.20
N SER B 16 -11.03 -11.27 17.29
CA SER B 16 -11.15 -12.00 18.58
C SER B 16 -9.96 -12.91 18.91
N ILE B 17 -9.24 -13.39 17.91
CA ILE B 17 -8.07 -14.18 18.26
C ILE B 17 -7.07 -13.21 18.93
N TYR B 18 -7.02 -11.96 18.44
CA TYR B 18 -6.09 -10.94 18.94
C TYR B 18 -6.60 -10.57 20.36
N THR B 19 -7.91 -10.66 20.50
CA THR B 19 -8.59 -10.35 21.78
C THR B 19 -8.21 -11.42 22.78
N ALA B 20 -8.32 -12.67 22.35
CA ALA B 20 -7.96 -13.82 23.15
C ALA B 20 -6.51 -13.70 23.72
N ALA B 21 -5.55 -13.28 22.89
CA ALA B 21 -4.15 -13.21 23.33
C ALA B 21 -3.70 -11.91 23.99
N THR B 22 -4.48 -10.83 23.79
CA THR B 22 -4.12 -9.56 24.37
C THR B 22 -5.04 -9.10 25.52
N ARG B 23 -6.10 -9.86 25.82
CA ARG B 23 -7.10 -9.62 26.90
C ARG B 23 -7.48 -11.00 27.48
N HIS B 24 -6.49 -11.88 27.57
CA HIS B 24 -6.67 -13.20 28.10
C HIS B 24 -6.88 -13.18 29.62
N ALA B 25 -7.61 -14.18 30.09
CA ALA B 25 -7.94 -14.33 31.52
C ALA B 25 -6.68 -14.16 32.41
N PHE B 26 -5.52 -14.50 31.90
CA PHE B 26 -4.36 -14.30 32.76
C PHE B 26 -4.08 -12.79 32.82
N VAL B 27 -4.26 -12.08 31.68
CA VAL B 27 -3.99 -10.65 31.64
C VAL B 27 -5.13 -9.92 32.33
N VAL B 28 -6.32 -10.53 32.36
CA VAL B 28 -7.43 -9.94 33.09
C VAL B 28 -7.11 -10.06 34.59
N SER B 29 -6.55 -11.19 34.98
CA SER B 29 -6.21 -11.48 36.38
C SER B 29 -5.04 -10.66 36.94
N ILE B 30 -4.20 -10.17 36.02
CA ILE B 30 -3.04 -9.35 36.38
C ILE B 30 -3.56 -7.93 36.64
N ARG B 31 -4.59 -7.55 35.87
CA ARG B 31 -5.18 -6.21 36.02
C ARG B 31 -6.08 -6.06 37.27
N ASP B 32 -7.19 -6.81 37.33
CA ASP B 32 -8.07 -6.74 38.48
C ASP B 32 -7.34 -7.16 39.76
N GLY B 33 -6.03 -7.31 39.61
CA GLY B 33 -5.18 -7.67 40.73
C GLY B 33 -5.60 -8.96 41.38
N SER B 34 -6.20 -9.87 40.63
CA SER B 34 -6.56 -11.14 41.26
C SER B 34 -5.53 -12.29 41.16
N VAL B 35 -4.94 -12.51 39.96
CA VAL B 35 -3.96 -13.57 39.72
C VAL B 35 -3.25 -14.10 40.97
N ASP B 36 -3.27 -15.40 41.18
CA ASP B 36 -2.60 -15.96 42.36
C ASP B 36 -1.08 -16.09 42.19
N LEU B 37 -0.38 -16.39 43.29
CA LEU B 37 1.07 -16.47 43.22
C LEU B 37 1.50 -17.80 42.59
N SER B 38 0.64 -18.81 42.66
CA SER B 38 1.02 -20.07 42.07
C SER B 38 1.02 -20.03 40.53
N SER B 39 0.13 -19.22 39.96
CA SER B 39 0.07 -19.05 38.49
C SER B 39 1.12 -18.00 38.05
N PHE B 40 1.26 -16.89 38.78
CA PHE B 40 2.27 -15.89 38.42
C PHE B 40 3.60 -16.63 38.34
N ARG B 41 3.82 -17.64 39.20
CA ARG B 41 5.06 -18.41 39.13
C ARG B 41 5.09 -19.30 37.86
N THR B 42 4.01 -20.06 37.63
CA THR B 42 3.97 -20.91 36.47
C THR B 42 4.39 -20.05 35.26
N TRP B 43 3.82 -18.86 35.18
CA TRP B 43 4.17 -17.95 34.11
C TRP B 43 5.71 -17.60 34.11
N LEU B 44 6.24 -17.18 35.25
CA LEU B 44 7.65 -16.81 35.35
C LEU B 44 8.60 -17.91 34.85
N GLY B 45 8.26 -19.16 35.18
CA GLY B 45 9.11 -20.28 34.78
C GLY B 45 8.92 -20.64 33.31
N GLN B 46 7.68 -20.83 32.88
CA GLN B 46 7.44 -21.20 31.49
C GLN B 46 7.99 -20.09 30.57
N ASP B 47 7.81 -18.82 30.98
CA ASP B 47 8.30 -17.74 30.14
C ASP B 47 9.80 -17.64 30.12
N TYR B 48 10.47 -18.07 31.18
CA TYR B 48 11.91 -18.04 31.15
C TYR B 48 12.41 -19.02 30.06
N LEU B 49 11.85 -20.22 30.04
CA LEU B 49 12.24 -21.22 29.06
C LEU B 49 11.84 -20.71 27.68
N PHE B 50 10.71 -20.02 27.62
CA PHE B 50 10.28 -19.44 26.40
C PHE B 50 11.32 -18.34 25.98
N VAL B 51 11.44 -17.28 26.77
CA VAL B 51 12.41 -16.25 26.39
C VAL B 51 13.74 -16.91 25.95
N ARG B 52 14.22 -17.98 26.63
CA ARG B 52 15.46 -18.56 26.19
C ARG B 52 15.39 -19.05 24.72
N ARG B 53 14.19 -19.37 24.22
CA ARG B 53 14.07 -19.80 22.82
C ARG B 53 13.75 -18.71 21.74
N PHE B 54 13.05 -17.67 22.11
CA PHE B 54 12.68 -16.57 21.22
C PHE B 54 13.93 -15.75 20.70
N VAL B 55 14.92 -15.63 21.56
CA VAL B 55 16.15 -14.90 21.26
C VAL B 55 16.85 -15.43 19.90
N PRO B 56 17.07 -16.76 19.78
CA PRO B 56 17.71 -17.23 18.54
C PRO B 56 16.87 -16.88 17.34
N PHE B 57 15.56 -17.08 17.47
CA PHE B 57 14.68 -16.66 16.38
C PHE B 57 15.02 -15.17 16.08
N VAL B 58 15.00 -14.32 17.09
CA VAL B 58 15.25 -12.90 16.84
C VAL B 58 16.67 -12.75 16.31
N ALA B 59 17.55 -13.63 16.76
CA ALA B 59 18.87 -13.58 16.28
C ALA B 59 18.64 -13.85 14.79
N SER B 60 17.96 -14.95 14.49
CA SER B 60 17.79 -15.34 13.11
C SER B 60 17.19 -14.19 12.28
N VAL B 61 16.38 -13.36 12.89
CA VAL B 61 15.77 -12.24 12.20
C VAL B 61 16.82 -11.15 11.78
N LEU B 62 17.80 -10.83 12.63
CA LEU B 62 18.80 -9.80 12.33
C LEU B 62 19.65 -10.32 11.14
N ILE B 63 20.37 -11.44 11.34
CA ILE B 63 21.20 -12.04 10.31
C ILE B 63 20.42 -11.82 9.00
N ARG B 64 19.12 -12.16 8.91
CA ARG B 64 18.41 -11.83 7.68
C ARG B 64 18.35 -10.31 7.47
N ALA B 65 18.03 -9.56 8.53
CA ALA B 65 17.92 -8.12 8.44
C ALA B 65 19.27 -7.56 8.01
N CYS B 66 20.31 -8.40 8.03
CA CYS B 66 21.67 -8.01 7.64
C CYS B 66 22.07 -8.61 6.28
N LYS B 67 21.33 -9.62 5.82
CA LYS B 67 21.56 -10.28 4.53
C LYS B 67 20.50 -9.85 3.51
N ASP B 68 19.27 -9.55 3.93
CA ASP B 68 18.20 -9.16 2.99
C ASP B 68 16.91 -8.57 3.57
N SER B 69 17.05 -7.69 4.54
CA SER B 69 15.93 -7.04 5.20
C SER B 69 15.27 -5.98 4.30
N GLY B 70 15.48 -4.71 4.65
CA GLY B 70 14.90 -3.65 3.85
C GLY B 70 15.59 -2.29 3.88
N GLU B 71 16.50 -2.16 4.81
CA GLU B 71 17.23 -0.94 4.98
C GLU B 71 18.34 -1.38 5.91
N SER B 72 19.46 -0.64 5.86
CA SER B 72 20.63 -0.91 6.68
C SER B 72 20.25 -0.82 8.17
N SER B 73 19.31 0.07 8.50
CA SER B 73 18.87 0.23 9.88
C SER B 73 18.05 -1.00 10.42
N ASP B 74 17.63 -1.92 9.56
CA ASP B 74 16.87 -3.09 10.06
C ASP B 74 17.76 -3.84 11.08
N MSE B 75 19.05 -4.04 10.76
CA MSE B 75 19.96 -4.75 11.68
C MSE B 75 19.92 -4.09 13.05
O MSE B 75 19.86 -4.78 14.07
CB MSE B 75 21.41 -4.71 11.19
CG MSE B 75 22.40 -5.34 12.17
SE MSE B 75 24.28 -5.30 11.74
CE MSE B 75 24.80 -3.82 12.83
N GLU B 76 19.94 -2.75 13.09
CA GLU B 76 19.90 -2.05 14.34
C GLU B 76 18.49 -1.97 14.97
N VAL B 77 17.44 -1.86 14.16
CA VAL B 77 16.16 -1.83 14.80
C VAL B 77 15.90 -3.18 15.51
N VAL B 78 16.42 -4.26 14.93
CA VAL B 78 16.28 -5.61 15.46
C VAL B 78 17.35 -5.93 16.48
N LEU B 79 18.59 -5.59 16.17
CA LEU B 79 19.69 -5.90 17.04
C LEU B 79 19.43 -5.38 18.43
N GLY B 80 18.68 -4.29 18.56
CA GLY B 80 18.43 -3.71 19.89
C GLY B 80 17.48 -4.53 20.77
N GLY B 81 16.55 -5.22 20.12
CA GLY B 81 15.61 -6.08 20.84
C GLY B 81 16.47 -7.16 21.48
N ILE B 82 17.51 -7.59 20.76
CA ILE B 82 18.39 -8.62 21.29
C ILE B 82 19.02 -8.07 22.58
N ALA B 83 19.65 -6.88 22.54
CA ALA B 83 20.25 -6.32 23.77
C ALA B 83 19.19 -6.32 24.88
N SER B 84 18.01 -5.86 24.53
CA SER B 84 16.85 -5.85 25.44
C SER B 84 16.70 -7.26 26.08
N LEU B 85 16.78 -8.27 25.24
CA LEU B 85 16.58 -9.66 25.67
C LEU B 85 17.60 -10.20 26.66
N ASN B 86 18.81 -9.64 26.62
CA ASN B 86 19.87 -10.04 27.54
C ASN B 86 19.45 -9.60 28.93
N ASP B 87 18.80 -8.45 28.97
CA ASP B 87 18.36 -7.89 30.22
C ASP B 87 17.38 -8.85 30.86
N GLU B 88 16.26 -9.07 30.21
CA GLU B 88 15.24 -9.99 30.73
C GLU B 88 15.86 -11.28 31.27
N ILE B 89 16.77 -11.87 30.54
CA ILE B 89 17.42 -13.11 31.02
C ILE B 89 18.18 -12.85 32.35
N GLU B 90 18.44 -11.58 32.66
CA GLU B 90 19.07 -11.18 33.94
C GLU B 90 17.92 -10.81 34.90
N TRP B 91 16.89 -10.13 34.38
CA TRP B 91 15.72 -9.79 35.19
C TRP B 91 14.98 -11.12 35.63
N PHE B 92 14.49 -11.92 34.67
CA PHE B 92 13.80 -13.15 35.00
C PHE B 92 14.44 -13.88 36.17
N LYS B 93 15.77 -13.82 36.27
CA LYS B 93 16.42 -14.53 37.38
C LYS B 93 16.27 -13.90 38.79
N ARG B 94 16.28 -12.58 38.86
CA ARG B 94 16.07 -11.88 40.14
C ARG B 94 14.60 -12.19 40.62
N GLU B 95 13.61 -11.91 39.78
CA GLU B 95 12.22 -12.24 40.13
C GLU B 95 12.20 -13.73 40.52
N GLY B 96 12.97 -14.54 39.78
CA GLY B 96 13.03 -15.96 40.08
C GLY B 96 13.35 -16.19 41.56
N SER B 97 14.42 -15.56 42.02
CA SER B 97 14.84 -15.69 43.41
C SER B 97 13.85 -14.90 44.27
N LYS B 98 13.48 -13.72 43.82
CA LYS B 98 12.47 -12.93 44.51
C LYS B 98 11.26 -13.84 44.78
N TRP B 99 10.33 -13.93 43.83
CA TRP B 99 9.15 -14.77 44.01
C TRP B 99 9.39 -16.25 44.11
N ASP B 100 10.60 -16.68 44.46
CA ASP B 100 10.84 -18.10 44.63
C ASP B 100 10.59 -19.07 43.46
N VAL B 101 11.34 -18.95 42.36
CA VAL B 101 11.19 -19.95 41.32
C VAL B 101 12.60 -20.36 40.87
N ASP B 102 12.83 -21.68 40.83
CA ASP B 102 14.09 -22.30 40.40
C ASP B 102 13.92 -22.61 38.93
N PHE B 103 14.44 -21.78 38.05
CA PHE B 103 14.20 -22.11 36.64
C PHE B 103 14.74 -23.47 36.14
N SER B 104 15.76 -24.02 36.80
CA SER B 104 16.32 -25.28 36.35
C SER B 104 15.41 -26.50 36.59
N THR B 105 14.29 -26.31 37.28
CA THR B 105 13.39 -27.47 37.48
C THR B 105 12.02 -27.22 36.85
N VAL B 106 11.80 -26.03 36.32
CA VAL B 106 10.53 -25.76 35.65
C VAL B 106 10.41 -26.71 34.48
N VAL B 107 9.20 -27.17 34.15
CA VAL B 107 9.06 -28.02 32.97
C VAL B 107 8.04 -27.40 31.99
N PRO B 108 8.45 -27.18 30.73
CA PRO B 108 7.53 -26.58 29.76
C PRO B 108 6.16 -27.26 29.61
N GLN B 109 5.08 -26.57 29.83
CA GLN B 109 3.90 -27.36 29.62
C GLN B 109 3.73 -27.34 28.10
N ARG B 110 2.65 -27.97 27.68
CA ARG B 110 2.29 -28.09 26.29
C ARG B 110 2.15 -26.86 25.37
N ALA B 111 1.46 -25.79 25.77
CA ALA B 111 1.28 -24.63 24.89
C ALA B 111 2.58 -23.77 24.76
N ASN B 112 3.66 -24.25 25.37
CA ASN B 112 4.93 -23.59 25.40
C ASN B 112 5.82 -24.27 24.39
N GLN B 113 5.85 -25.63 24.48
CA GLN B 113 6.64 -26.45 23.57
C GLN B 113 6.14 -26.29 22.15
N GLU B 114 4.81 -26.24 21.98
CA GLU B 114 4.19 -25.97 20.68
C GLU B 114 4.63 -24.53 20.19
N TYR B 115 4.49 -23.50 21.02
CA TYR B 115 4.94 -22.12 20.61
C TYR B 115 6.47 -22.24 20.23
N GLY B 116 7.26 -22.83 21.13
CA GLY B 116 8.67 -23.06 20.86
C GLY B 116 8.89 -23.61 19.46
N ARG B 117 8.35 -24.79 19.17
CA ARG B 117 8.50 -25.44 17.83
C ARG B 117 8.04 -24.54 16.70
N PHE B 118 7.11 -23.64 16.97
CA PHE B 118 6.61 -22.72 15.93
C PHE B 118 7.77 -21.77 15.61
N LEU B 119 8.52 -21.43 16.66
CA LEU B 119 9.68 -20.54 16.55
C LEU B 119 10.88 -21.26 15.92
N GLU B 120 11.31 -22.34 16.55
CA GLU B 120 12.44 -23.06 16.01
C GLU B 120 12.10 -23.27 14.52
N ASP B 121 10.90 -23.73 14.21
CA ASP B 121 10.55 -23.98 12.79
C ASP B 121 10.74 -22.73 11.93
N LEU B 122 10.70 -21.55 12.54
CA LEU B 122 10.86 -20.29 11.79
C LEU B 122 12.36 -19.93 11.62
N MSE B 123 13.21 -20.67 12.30
CA MSE B 123 14.66 -20.48 12.20
C MSE B 123 15.21 -21.13 10.92
O MSE B 123 16.42 -21.21 10.69
CB MSE B 123 15.33 -21.10 13.41
CG MSE B 123 15.01 -20.27 14.67
SE MSE B 123 15.91 -20.99 16.15
CE MSE B 123 17.75 -20.50 15.75
N SER B 124 14.26 -21.52 10.07
CA SER B 124 14.49 -22.18 8.79
C SER B 124 15.03 -21.25 7.70
N SER B 125 16.28 -21.50 7.28
CA SER B 125 17.00 -20.74 6.24
C SER B 125 16.12 -20.28 5.08
N GLU B 126 15.13 -21.09 4.71
CA GLU B 126 14.21 -20.79 3.61
C GLU B 126 12.95 -20.06 4.00
N VAL B 127 12.67 -19.96 5.31
CA VAL B 127 11.47 -19.26 5.69
C VAL B 127 11.74 -17.86 5.22
N LYS B 128 10.78 -17.22 4.57
CA LYS B 128 10.97 -15.89 4.05
C LYS B 128 11.02 -14.77 5.12
N TYR B 129 11.78 -13.73 4.78
CA TYR B 129 12.02 -12.57 5.64
C TYR B 129 10.74 -11.77 5.97
N PRO B 130 9.79 -11.61 5.02
CA PRO B 130 8.64 -10.82 5.45
C PRO B 130 7.78 -11.63 6.44
N VAL B 131 8.04 -12.92 6.48
CA VAL B 131 7.32 -13.84 7.35
C VAL B 131 7.93 -13.86 8.75
N ILE B 132 9.23 -14.09 8.84
CA ILE B 132 9.86 -14.07 10.15
C ILE B 132 9.73 -12.70 10.80
N MSE B 133 9.61 -11.64 9.99
CA MSE B 133 9.48 -10.29 10.54
C MSE B 133 8.12 -10.17 11.15
O MSE B 133 7.93 -9.45 12.14
CB MSE B 133 9.64 -9.23 9.44
CG MSE B 133 11.07 -8.77 9.17
SE MSE B 133 12.20 -8.37 10.66
CE MSE B 133 11.06 -7.12 11.48
N THR B 134 7.15 -10.85 10.51
CA THR B 134 5.79 -10.86 11.03
C THR B 134 5.76 -11.55 12.40
N ALA B 135 6.27 -12.76 12.46
CA ALA B 135 6.35 -13.49 13.74
C ALA B 135 7.10 -12.67 14.82
N PHE B 136 8.22 -12.06 14.43
CA PHE B 136 9.01 -11.28 15.35
C PHE B 136 8.18 -10.10 15.87
N TRP B 137 7.57 -9.34 14.96
CA TRP B 137 6.71 -8.26 15.39
C TRP B 137 5.52 -8.70 16.31
N ALA B 138 4.74 -9.68 15.84
CA ALA B 138 3.57 -10.14 16.59
C ALA B 138 3.86 -10.63 18.00
N ILE B 139 4.97 -11.33 18.18
CA ILE B 139 5.27 -11.84 19.50
C ILE B 139 5.55 -10.68 20.48
N GLU B 140 6.25 -9.66 19.98
CA GLU B 140 6.57 -8.53 20.85
C GLU B 140 5.31 -7.73 21.04
N ALA B 141 4.62 -7.47 19.93
CA ALA B 141 3.40 -6.67 20.00
C ALA B 141 2.32 -7.22 20.92
N VAL B 142 2.11 -8.55 20.87
CA VAL B 142 1.10 -9.12 21.73
C VAL B 142 1.43 -8.59 23.11
N TYR B 143 2.66 -8.75 23.60
CA TYR B 143 2.93 -8.21 24.92
C TYR B 143 2.77 -6.67 25.04
N GLN B 144 3.00 -5.92 23.98
CA GLN B 144 2.78 -4.45 24.06
C GLN B 144 1.30 -4.23 24.47
N GLU B 145 0.31 -4.80 23.77
CA GLU B 145 -1.03 -4.52 24.28
C GLU B 145 -1.25 -5.09 25.73
N SER B 146 -0.54 -6.18 26.10
CA SER B 146 -0.66 -6.80 27.46
C SER B 146 -0.09 -6.00 28.68
N PHE B 147 0.68 -4.95 28.39
CA PHE B 147 1.26 -4.11 29.45
C PHE B 147 1.21 -2.59 29.16
N ALA B 148 0.26 -2.23 28.32
CA ALA B 148 0.10 -0.82 27.95
C ALA B 148 -0.67 -0.21 29.13
N HIS B 149 -0.30 1.01 29.57
CA HIS B 149 -0.97 1.72 30.68
C HIS B 149 -0.91 1.27 32.18
N CYS B 150 0.27 1.39 32.78
CA CYS B 150 0.46 1.07 34.17
C CYS B 150 1.93 1.36 34.32
N LYS B 156 -4.62 -0.58 38.23
CA LYS B 156 -4.65 -1.29 39.49
C LYS B 156 -3.68 -2.47 39.45
N THR B 157 -2.46 -2.32 38.90
CA THR B 157 -1.51 -3.46 38.83
C THR B 157 -0.72 -3.86 40.10
N PRO B 158 -1.05 -5.02 40.67
CA PRO B 158 -0.31 -5.41 41.88
C PRO B 158 1.24 -5.29 41.82
N VAL B 159 1.86 -5.59 42.95
CA VAL B 159 3.31 -5.56 43.16
C VAL B 159 4.10 -6.64 42.42
N GLU B 160 3.59 -7.88 42.43
CA GLU B 160 4.32 -8.92 41.74
C GLU B 160 4.35 -8.62 40.25
N LEU B 161 3.38 -7.85 39.77
CA LEU B 161 3.31 -7.57 38.35
C LEU B 161 3.76 -6.24 37.77
N THR B 162 3.98 -5.19 38.57
CA THR B 162 4.42 -3.88 38.00
C THR B 162 5.68 -3.94 37.15
N GLY B 163 6.66 -4.75 37.58
CA GLY B 163 7.87 -4.91 36.81
C GLY B 163 7.53 -5.09 35.33
N ALA B 164 6.68 -6.07 35.04
CA ALA B 164 6.23 -6.33 33.67
C ALA B 164 5.79 -5.06 32.96
N CYS B 165 5.15 -4.12 33.72
CA CYS B 165 4.65 -2.80 33.26
C CYS B 165 5.85 -1.93 33.03
N HIS B 166 7.02 -2.48 33.31
CA HIS B 166 8.22 -1.76 33.08
C HIS B 166 8.97 -2.57 32.03
N ARG B 167 9.51 -3.73 32.42
CA ARG B 167 10.21 -4.60 31.49
C ARG B 167 9.44 -4.71 30.20
N TRP B 168 8.10 -4.75 30.28
CA TRP B 168 7.29 -4.86 29.08
C TRP B 168 6.19 -3.86 28.90
N GLY B 169 5.88 -3.14 29.97
CA GLY B 169 4.79 -2.19 29.87
C GLY B 169 5.13 -0.78 29.45
N ASN B 170 6.32 -0.30 29.78
CA ASN B 170 6.72 1.08 29.48
C ASN B 170 6.48 1.59 28.10
N ASP B 171 6.59 2.91 27.96
CA ASP B 171 6.37 3.57 26.69
C ASP B 171 7.54 3.38 25.73
N GLY B 172 8.68 2.95 26.24
CA GLY B 172 9.76 2.75 25.32
C GLY B 172 9.38 1.47 24.57
N PHE B 173 8.45 0.70 25.13
CA PHE B 173 8.10 -0.56 24.46
C PHE B 173 7.22 -0.31 23.27
N LYS B 174 6.20 0.53 23.42
CA LYS B 174 5.40 0.83 22.25
C LYS B 174 6.27 1.34 21.09
N GLN B 175 7.35 2.09 21.38
CA GLN B 175 8.18 2.62 20.32
C GLN B 175 9.12 1.55 19.72
N TYR B 176 9.77 0.78 20.58
CA TYR B 176 10.65 -0.28 20.09
C TYR B 176 9.74 -1.20 19.36
N CYS B 177 8.61 -1.47 20.00
CA CYS B 177 7.67 -2.34 19.40
C CYS B 177 7.42 -1.88 18.01
N SER B 178 6.99 -0.63 17.86
CA SER B 178 6.68 -0.18 16.50
C SER B 178 7.80 -0.12 15.48
N SER B 179 9.00 -0.58 15.80
CA SER B 179 10.05 -0.45 14.80
C SER B 179 10.18 -1.70 13.94
N VAL B 180 9.90 -2.84 14.54
CA VAL B 180 9.90 -4.10 13.81
C VAL B 180 8.76 -3.99 12.76
N LYS B 181 7.60 -3.57 13.25
CA LYS B 181 6.39 -3.40 12.48
C LYS B 181 6.52 -2.70 11.14
N ASN B 182 6.95 -1.45 11.16
CA ASN B 182 7.18 -0.68 9.92
C ASN B 182 8.08 -1.44 8.98
N ILE B 183 9.02 -2.22 9.53
CA ILE B 183 9.88 -3.06 8.72
C ILE B 183 8.97 -4.18 8.18
N ALA B 184 8.33 -4.92 9.08
CA ALA B 184 7.47 -6.03 8.63
C ALA B 184 6.50 -5.45 7.60
N GLU B 185 5.78 -4.42 8.01
CA GLU B 185 4.83 -3.71 7.16
C GLU B 185 5.51 -3.33 5.83
N ARG B 186 6.63 -2.60 5.89
CA ARG B 186 7.38 -2.21 4.68
C ARG B 186 7.70 -3.47 3.85
N CYS B 187 8.26 -4.49 4.49
CA CYS B 187 8.55 -5.75 3.78
C CYS B 187 7.31 -6.40 3.12
N LEU B 188 6.13 -6.24 3.75
CA LEU B 188 4.95 -6.91 3.25
C LEU B 188 4.33 -6.19 2.12
N GLU B 189 4.47 -4.85 2.10
CA GLU B 189 3.87 -4.05 1.05
C GLU B 189 4.57 -4.30 -0.31
N ASN B 190 5.66 -5.05 -0.24
CA ASN B 190 6.42 -5.43 -1.42
C ASN B 190 6.49 -6.97 -1.66
N ALA B 191 5.66 -7.73 -0.94
CA ALA B 191 5.67 -9.19 -1.08
C ALA B 191 4.58 -9.73 -1.97
N SER B 192 4.75 -10.96 -2.45
CA SER B 192 3.78 -11.64 -3.33
C SER B 192 2.58 -12.06 -2.50
N GLY B 193 1.73 -12.85 -3.16
CA GLY B 193 0.52 -13.42 -2.54
C GLY B 193 0.87 -14.58 -1.58
N GLU B 194 1.69 -15.49 -2.06
CA GLU B 194 2.13 -16.61 -1.25
C GLU B 194 2.93 -16.13 -0.02
N VAL B 195 3.83 -15.14 -0.16
CA VAL B 195 4.61 -14.73 1.01
C VAL B 195 3.66 -14.10 1.99
N LEU B 196 2.79 -13.27 1.44
CA LEU B 196 1.73 -12.64 2.23
C LEU B 196 0.93 -13.76 2.94
N GLY B 197 0.60 -14.80 2.19
CA GLY B 197 -0.18 -15.88 2.83
C GLY B 197 0.55 -16.59 3.98
N GLU B 198 1.85 -16.87 3.83
CA GLU B 198 2.59 -17.49 4.93
C GLU B 198 2.71 -16.53 6.13
N ALA B 199 2.77 -15.22 5.89
CA ALA B 199 2.92 -14.29 6.99
C ALA B 199 1.61 -14.16 7.77
N GLU B 200 0.51 -14.05 7.03
CA GLU B 200 -0.78 -13.91 7.69
C GLU B 200 -1.01 -15.20 8.49
N ASP B 201 -0.65 -16.35 7.91
CA ASP B 201 -0.84 -17.59 8.62
C ASP B 201 0.02 -17.64 9.91
N VAL B 202 1.25 -17.13 9.85
CA VAL B 202 2.17 -17.11 11.02
C VAL B 202 1.68 -16.14 12.08
N LEU B 203 1.06 -15.03 11.65
CA LEU B 203 0.54 -14.06 12.60
C LEU B 203 -0.65 -14.69 13.37
N VAL B 204 -1.64 -15.19 12.64
CA VAL B 204 -2.76 -15.79 13.37
C VAL B 204 -2.23 -16.90 14.28
N ARG B 205 -1.24 -17.64 13.78
CA ARG B 205 -0.65 -18.73 14.51
C ARG B 205 0.08 -18.27 15.80
N VAL B 206 0.72 -17.08 15.77
CA VAL B 206 1.43 -16.54 16.95
C VAL B 206 0.34 -16.17 17.99
N LEU B 207 -0.72 -15.55 17.55
CA LEU B 207 -1.73 -15.12 18.52
C LEU B 207 -2.45 -16.30 19.23
N GLU B 208 -2.57 -17.45 18.54
CA GLU B 208 -3.24 -18.60 19.18
C GLU B 208 -2.31 -19.31 20.08
N LEU B 209 -1.02 -19.24 19.76
CA LEU B 209 -0.01 -19.87 20.58
C LEU B 209 0.12 -19.08 21.89
N GLU B 210 -0.13 -17.76 21.84
CA GLU B 210 -0.04 -16.93 23.01
C GLU B 210 -1.26 -17.25 23.86
N VAL B 211 -2.41 -17.42 23.19
CA VAL B 211 -3.66 -17.75 23.84
C VAL B 211 -3.41 -18.96 24.72
N ALA B 212 -2.79 -19.98 24.10
CA ALA B 212 -2.44 -21.23 24.75
C ALA B 212 -1.44 -21.07 25.96
N PHE B 213 -0.40 -20.26 25.79
CA PHE B 213 0.58 -19.98 26.82
C PHE B 213 -0.10 -19.37 28.04
N TRP B 214 -0.92 -18.34 27.81
CA TRP B 214 -1.64 -17.66 28.90
C TRP B 214 -2.53 -18.68 29.66
N GLU B 215 -3.16 -19.64 28.94
CA GLU B 215 -4.04 -20.66 29.54
C GLU B 215 -3.25 -21.63 30.43
N MSE B 216 -2.15 -22.16 29.90
CA MSE B 216 -1.27 -23.03 30.69
C MSE B 216 -0.73 -22.19 31.86
O MSE B 216 -1.00 -22.48 33.03
CB MSE B 216 -0.13 -23.54 29.84
CG MSE B 216 1.09 -23.90 30.59
SE MSE B 216 2.76 -23.67 29.53
CE MSE B 216 2.95 -21.72 29.68
N SER B 217 0.02 -21.13 31.58
CA SER B 217 0.49 -20.28 32.70
C SER B 217 -0.63 -20.07 33.73
N ARG B 218 -1.88 -20.07 33.27
CA ARG B 218 -2.99 -19.91 34.19
C ARG B 218 -3.26 -21.23 34.97
N GLY B 219 -3.75 -22.26 34.27
CA GLY B 219 -4.03 -23.56 34.85
C GLY B 219 -4.60 -24.69 33.94
S SO4 C . 13.64 -14.06 1.28
O1 SO4 C . 14.90 -13.35 1.52
O2 SO4 C . 12.52 -13.19 1.67
O3 SO4 C . 13.44 -14.45 -0.14
O4 SO4 C . 13.71 -15.28 2.09
CM2 HMH D . -5.27 14.75 -25.57
N1A HMH D . -4.97 13.89 -23.27
C2A HMH D . -5.72 14.64 -24.10
N3A HMH D . -6.85 15.28 -23.62
C4A HMH D . -7.28 15.19 -22.28
N4A HMH D . -8.39 15.82 -21.76
C5A HMH D . -6.49 14.42 -21.41
C6A HMH D . -5.32 13.75 -21.96
C7A HMH D . -6.89 14.32 -19.95
O1 HMH D . -5.91 13.52 -19.28
S SO4 E . 4.44 -24.73 13.26
O1 SO4 E . 3.59 -23.61 12.77
O2 SO4 E . 5.80 -24.61 12.68
O3 SO4 E . 4.50 -24.71 14.72
O4 SO4 E . 3.81 -25.99 12.81
S SO4 F . 7.95 20.26 -20.74
O1 SO4 F . 8.50 21.20 -19.73
O2 SO4 F . 9.02 19.90 -21.68
O3 SO4 F . 7.46 19.04 -20.04
O4 SO4 F . 6.84 20.92 -21.49
S SO4 G . 7.01 -14.94 -4.15
O1 SO4 G . 8.00 -16.01 -3.91
O2 SO4 G . 7.73 -13.62 -4.18
O3 SO4 G . 6.29 -15.16 -5.44
O4 SO4 G . 6.05 -14.97 -3.03
CM2 HMH H . 5.05 -16.18 25.45
N1A HMH H . 5.40 -13.92 24.48
C2A HMH H . 5.75 -14.83 25.39
N3A HMH H . 6.71 -14.58 26.28
C4A HMH H . 7.38 -13.38 26.32
N4A HMH H . 8.39 -13.10 27.24
C5A HMH H . 7.05 -12.40 25.42
C6A HMH H . 6.03 -12.68 24.46
C7A HMH H . 7.81 -11.11 25.56
O1 HMH H . 7.36 -10.24 24.63
N GLY A 5 2.68 -3.41 -9.11
CA GLY A 5 1.46 -4.10 -9.67
C GLY A 5 1.60 -4.47 -11.14
N VAL A 6 0.50 -4.83 -11.80
CA VAL A 6 0.57 -5.17 -13.22
C VAL A 6 0.71 -3.88 -14.03
N ILE A 7 0.16 -2.80 -13.55
CA ILE A 7 0.36 -1.61 -14.34
C ILE A 7 1.68 -1.03 -13.92
N ASP A 8 1.99 -1.05 -12.63
CA ASP A 8 3.29 -0.48 -12.23
C ASP A 8 4.53 -1.10 -13.01
N THR A 9 4.43 -2.34 -13.47
CA THR A 9 5.61 -2.94 -14.12
C THR A 9 5.74 -2.47 -15.52
N TRP A 10 4.60 -2.14 -16.11
CA TRP A 10 4.64 -1.69 -17.48
C TRP A 10 5.14 -0.27 -17.68
N ILE A 11 4.92 0.62 -16.72
CA ILE A 11 5.40 2.01 -16.80
C ILE A 11 6.94 2.01 -16.97
N ASP A 12 7.64 1.29 -16.10
CA ASP A 12 9.09 1.23 -16.18
C ASP A 12 9.52 0.71 -17.55
N LYS A 13 9.01 -0.49 -17.84
CA LYS A 13 9.25 -1.17 -19.08
C LYS A 13 9.11 -0.17 -20.25
N HIS A 14 8.11 0.71 -20.20
CA HIS A 14 7.91 1.67 -21.29
C HIS A 14 8.06 3.16 -20.93
N ARG A 15 9.04 3.48 -20.08
CA ARG A 15 9.26 4.86 -19.62
C ARG A 15 9.43 5.93 -20.67
N SER A 16 10.55 5.90 -21.36
CA SER A 16 10.88 6.91 -22.36
C SER A 16 9.67 7.40 -23.16
N ILE A 17 8.97 6.47 -23.82
CA ILE A 17 7.82 6.89 -24.60
C ILE A 17 6.66 7.29 -23.70
N TYR A 18 6.62 6.79 -22.47
CA TYR A 18 5.54 7.15 -21.59
C TYR A 18 5.87 8.58 -21.07
N THR A 19 7.16 8.84 -20.91
CA THR A 19 7.59 10.19 -20.47
C THR A 19 7.36 11.27 -21.59
N ALA A 20 7.79 10.97 -22.80
CA ALA A 20 7.60 11.94 -23.91
C ALA A 20 6.09 12.16 -24.00
N ALA A 21 5.36 11.05 -23.93
CA ALA A 21 3.91 11.05 -23.98
C ALA A 21 3.23 11.91 -22.94
N THR A 22 3.96 12.38 -21.93
CA THR A 22 3.35 13.31 -20.99
C THR A 22 4.24 14.54 -20.66
N ARG A 23 4.92 15.05 -21.66
CA ARG A 23 5.66 16.25 -21.41
C ARG A 23 4.54 17.26 -21.32
N HIS A 24 4.84 18.52 -21.06
CA HIS A 24 3.76 19.51 -20.89
C HIS A 24 2.75 19.67 -22.01
N ALA A 25 1.47 19.91 -21.67
CA ALA A 25 0.46 20.01 -22.72
C ALA A 25 0.72 21.27 -23.54
N PHE A 26 1.31 22.27 -22.91
CA PHE A 26 1.64 23.55 -23.58
C PHE A 26 2.66 24.27 -22.69
N VAL A 27 3.18 25.40 -23.16
CA VAL A 27 4.13 26.18 -22.38
C VAL A 27 3.71 27.63 -22.62
N VAL A 28 3.46 28.40 -21.57
CA VAL A 28 3.06 29.81 -21.66
C VAL A 28 4.35 30.52 -21.33
N SER A 29 5.01 31.14 -22.32
CA SER A 29 6.27 31.82 -22.12
C SER A 29 6.24 33.31 -22.54
N ILE A 30 7.29 34.06 -22.18
CA ILE A 30 7.35 35.48 -22.55
C ILE A 30 8.17 35.58 -23.78
N ARG A 31 7.68 36.29 -24.80
CA ARG A 31 8.43 36.46 -26.04
C ARG A 31 8.41 37.93 -26.45
N ASP A 32 9.59 38.49 -26.69
CA ASP A 32 9.74 39.90 -27.10
C ASP A 32 8.94 40.81 -26.21
N GLY A 33 8.99 40.56 -24.91
CA GLY A 33 8.24 41.42 -24.02
C GLY A 33 6.79 41.05 -23.76
N SER A 34 6.23 40.13 -24.55
CA SER A 34 4.85 39.73 -24.31
C SER A 34 4.67 38.28 -23.95
N VAL A 35 3.45 37.95 -23.59
CA VAL A 35 3.18 36.56 -23.28
C VAL A 35 2.82 35.78 -24.56
N ASP A 36 3.62 34.78 -24.90
CA ASP A 36 3.32 34.02 -26.11
C ASP A 36 2.24 32.98 -25.75
N LEU A 37 1.06 33.21 -26.26
CA LEU A 37 -0.09 32.36 -26.02
C LEU A 37 -0.33 31.41 -27.15
N SER A 38 0.58 31.33 -28.11
CA SER A 38 0.34 30.47 -29.29
C SER A 38 0.28 28.96 -29.01
N SER A 39 1.05 28.45 -28.06
CA SER A 39 1.02 27.02 -27.79
C SER A 39 -0.22 26.70 -26.95
N PHE A 40 -0.61 27.65 -26.10
CA PHE A 40 -1.75 27.44 -25.28
C PHE A 40 -3.01 27.41 -26.24
N ARG A 41 -3.12 28.36 -27.15
CA ARG A 41 -4.31 28.38 -28.01
C ARG A 41 -4.52 27.16 -28.96
N THR A 42 -3.44 26.52 -29.40
CA THR A 42 -3.58 25.34 -30.27
C THR A 42 -3.97 24.13 -29.40
N TRP A 43 -3.36 24.01 -28.23
CA TRP A 43 -3.69 22.91 -27.33
C TRP A 43 -5.22 22.92 -26.99
N LEU A 44 -5.73 24.09 -26.64
CA LEU A 44 -7.14 24.24 -26.29
C LEU A 44 -7.97 23.80 -27.47
N GLY A 45 -7.62 24.39 -28.60
CA GLY A 45 -8.29 24.10 -29.84
C GLY A 45 -8.18 22.62 -30.14
N GLN A 46 -6.96 22.15 -30.25
CA GLN A 46 -6.85 20.73 -30.53
C GLN A 46 -7.52 19.87 -29.45
N ASP A 47 -7.14 20.04 -28.19
CA ASP A 47 -7.75 19.18 -27.16
C ASP A 47 -9.28 19.28 -27.00
N TYR A 48 -9.88 20.41 -27.33
CA TYR A 48 -11.35 20.45 -27.24
C TYR A 48 -11.90 19.36 -28.20
N LEU A 49 -11.13 19.09 -29.27
CA LEU A 49 -11.57 18.07 -30.24
C LEU A 49 -11.10 16.71 -29.75
N PHE A 50 -9.98 16.66 -29.06
CA PHE A 50 -9.64 15.34 -28.53
C PHE A 50 -10.78 14.91 -27.57
N VAL A 51 -10.91 15.66 -26.48
CA VAL A 51 -11.89 15.43 -25.43
C VAL A 51 -13.21 15.11 -26.09
N ARG A 52 -13.37 15.51 -27.36
CA ARG A 52 -14.61 15.16 -28.05
C ARG A 52 -14.77 13.80 -28.71
N ARG A 53 -13.67 13.09 -28.92
CA ARG A 53 -13.79 11.72 -29.46
C ARG A 53 -13.76 10.84 -28.15
N PHE A 54 -13.09 11.26 -27.07
CA PHE A 54 -13.02 10.54 -25.77
C PHE A 54 -14.41 10.25 -25.08
N VAL A 55 -15.34 11.22 -25.07
CA VAL A 55 -16.63 10.97 -24.45
C VAL A 55 -17.36 9.72 -25.04
N PRO A 56 -17.36 9.56 -26.38
CA PRO A 56 -18.04 8.35 -26.87
C PRO A 56 -17.33 7.00 -26.55
N PHE A 57 -16.02 6.91 -26.70
CA PHE A 57 -15.37 5.69 -26.28
C PHE A 57 -15.58 5.47 -24.71
N VAL A 58 -15.52 6.52 -23.88
CA VAL A 58 -15.69 6.31 -22.41
C VAL A 58 -17.10 5.77 -22.22
N ALA A 59 -18.01 6.21 -23.08
CA ALA A 59 -19.35 5.76 -22.98
C ALA A 59 -19.27 4.26 -23.17
N SER A 60 -18.56 3.85 -24.20
CA SER A 60 -18.42 2.45 -24.50
C SER A 60 -17.92 1.65 -23.27
N VAL A 61 -16.73 1.99 -22.79
CA VAL A 61 -16.16 1.38 -21.61
C VAL A 61 -17.27 1.20 -20.52
N LEU A 62 -18.10 2.23 -20.31
CA LEU A 62 -19.19 2.20 -19.33
C LEU A 62 -20.09 0.98 -19.68
N ILE A 63 -20.52 0.90 -20.93
CA ILE A 63 -21.33 -0.21 -21.37
C ILE A 63 -20.60 -1.53 -21.03
N ARG A 64 -19.29 -1.63 -21.23
CA ARG A 64 -18.57 -2.85 -20.89
C ARG A 64 -18.74 -3.00 -19.38
N ALA A 65 -18.09 -2.13 -18.62
CA ALA A 65 -18.20 -2.12 -17.15
C ALA A 65 -19.47 -2.78 -16.61
N CYS A 66 -20.58 -2.47 -17.31
CA CYS A 66 -21.90 -2.98 -16.99
C CYS A 66 -22.18 -4.44 -17.28
N LYS A 67 -21.64 -4.97 -18.37
CA LYS A 67 -21.84 -6.38 -18.64
C LYS A 67 -20.67 -7.25 -18.21
N ASP A 68 -19.42 -6.84 -18.51
CA ASP A 68 -18.22 -7.62 -18.12
C ASP A 68 -17.94 -7.32 -16.64
N SER A 69 -19.08 -7.31 -15.92
CA SER A 69 -19.24 -7.00 -14.50
C SER A 69 -18.57 -7.84 -13.42
N GLY A 70 -17.29 -8.16 -13.56
CA GLY A 70 -16.61 -8.90 -12.50
C GLY A 70 -16.86 -8.13 -11.20
N GLU A 71 -16.91 -6.79 -11.29
CA GLU A 71 -17.16 -5.91 -10.13
C GLU A 71 -18.34 -4.98 -10.45
N SER A 72 -19.32 -4.97 -9.57
CA SER A 72 -20.52 -4.17 -9.72
C SER A 72 -20.21 -2.67 -9.67
N SER A 73 -19.22 -2.29 -8.85
CA SER A 73 -18.85 -0.88 -8.71
C SER A 73 -18.09 -0.24 -9.88
N ASP A 74 -17.52 -1.06 -10.77
CA ASP A 74 -16.77 -0.60 -11.93
C ASP A 74 -17.57 0.50 -12.57
N MSE A 75 -18.84 0.21 -12.78
CA MSE A 75 -19.68 1.17 -13.44
C MSE A 75 -19.59 2.54 -12.79
O MSE A 75 -19.61 3.55 -13.49
CB MSE A 75 -21.12 0.67 -13.44
CG MSE A 75 -22.10 1.81 -13.62
SE MSE A 75 -23.82 1.43 -13.11
CE MSE A 75 -24.76 2.18 -14.60
N GLU A 76 -19.50 2.60 -11.46
CA GLU A 76 -19.39 3.88 -10.77
C GLU A 76 -18.10 4.63 -11.01
N VAL A 77 -17.02 3.90 -10.94
CA VAL A 77 -15.77 4.59 -11.09
C VAL A 77 -15.74 5.04 -12.51
N VAL A 78 -16.18 4.13 -13.37
CA VAL A 78 -16.17 4.39 -14.79
C VAL A 78 -17.19 5.40 -15.11
N LEU A 79 -18.41 5.26 -14.62
CA LEU A 79 -19.44 6.28 -14.86
C LEU A 79 -18.88 7.57 -14.26
N GLY A 80 -18.06 7.42 -13.22
CA GLY A 80 -17.43 8.58 -12.61
C GLY A 80 -16.56 9.31 -13.63
N GLY A 81 -15.95 8.56 -14.55
CA GLY A 81 -15.11 9.21 -15.53
C GLY A 81 -15.92 10.10 -16.43
N ILE A 82 -16.93 9.54 -17.09
CA ILE A 82 -17.79 10.28 -17.99
C ILE A 82 -18.57 11.30 -17.20
N ALA A 83 -18.23 11.43 -15.92
CA ALA A 83 -18.90 12.42 -15.11
C ALA A 83 -18.20 13.81 -15.19
N SER A 84 -16.93 13.90 -14.82
CA SER A 84 -16.25 15.20 -14.90
C SER A 84 -15.99 15.54 -16.38
N LEU A 85 -16.10 14.53 -17.25
CA LEU A 85 -15.94 14.83 -18.66
C LEU A 85 -16.93 15.87 -18.99
N ASN A 86 -18.16 15.75 -18.46
CA ASN A 86 -19.22 16.74 -18.69
C ASN A 86 -18.69 18.08 -18.13
N ASP A 87 -18.18 18.07 -16.92
CA ASP A 87 -17.62 19.27 -16.33
C ASP A 87 -16.45 19.75 -17.27
N GLU A 88 -15.67 18.81 -17.82
CA GLU A 88 -14.55 19.17 -18.69
C GLU A 88 -15.11 19.95 -19.90
N ILE A 89 -16.14 19.46 -20.62
CA ILE A 89 -16.65 20.22 -21.79
C ILE A 89 -16.98 21.68 -21.52
N GLU A 90 -17.67 21.93 -20.39
CA GLU A 90 -18.01 23.30 -19.97
C GLU A 90 -16.75 24.12 -19.58
N TRP A 91 -15.79 23.49 -18.96
CA TRP A 91 -14.58 24.18 -18.58
C TRP A 91 -13.88 24.75 -19.82
N PHE A 92 -13.61 23.82 -20.76
CA PHE A 92 -12.96 24.02 -22.04
C PHE A 92 -13.65 25.12 -22.81
N LYS A 93 -14.98 25.00 -22.99
CA LYS A 93 -15.67 26.00 -23.73
C LYS A 93 -15.43 27.37 -23.06
N ARG A 94 -15.45 27.45 -21.72
CA ARG A 94 -15.17 28.75 -21.08
C ARG A 94 -13.75 29.25 -21.42
N GLU A 95 -12.75 28.40 -21.34
CA GLU A 95 -11.39 28.88 -21.64
C GLU A 95 -11.46 29.48 -23.01
N GLY A 96 -12.09 28.77 -23.92
CA GLY A 96 -12.28 29.29 -25.25
C GLY A 96 -12.93 30.67 -25.20
N SER A 97 -14.09 30.76 -24.62
CA SER A 97 -14.66 32.10 -24.61
C SER A 97 -13.87 33.22 -23.78
N LYS A 98 -12.87 32.89 -22.95
CA LYS A 98 -12.18 33.95 -22.22
C LYS A 98 -10.99 34.29 -23.07
N TRP A 99 -10.28 33.26 -23.50
CA TRP A 99 -9.15 33.48 -24.39
C TRP A 99 -9.55 33.78 -25.81
N ASP A 100 -10.83 34.10 -26.05
CA ASP A 100 -11.39 34.37 -27.37
C ASP A 100 -11.06 33.35 -28.47
N VAL A 101 -10.90 32.06 -28.13
CA VAL A 101 -10.58 31.06 -29.16
C VAL A 101 -11.80 30.51 -29.90
N ASP A 102 -12.01 30.94 -31.14
CA ASP A 102 -13.19 30.44 -31.87
C ASP A 102 -13.00 29.03 -32.28
N PHE A 103 -13.90 28.18 -31.76
CA PHE A 103 -13.88 26.74 -32.00
C PHE A 103 -14.42 26.27 -33.34
N SER A 104 -14.83 27.17 -34.19
CA SER A 104 -15.29 26.75 -35.48
C SER A 104 -14.15 26.79 -36.49
N THR A 105 -12.99 27.27 -36.10
CA THR A 105 -11.94 27.28 -37.11
C THR A 105 -10.80 26.30 -36.84
N VAL A 106 -10.77 25.65 -35.66
CA VAL A 106 -9.67 24.75 -35.39
C VAL A 106 -9.49 23.67 -36.44
N VAL A 107 -8.25 23.42 -36.85
CA VAL A 107 -8.04 22.37 -37.81
C VAL A 107 -7.57 21.10 -37.06
N PRO A 108 -8.39 20.02 -37.07
CA PRO A 108 -7.91 18.83 -36.36
C PRO A 108 -6.77 18.21 -37.13
N GLN A 109 -5.58 18.73 -36.87
CA GLN A 109 -4.34 18.28 -37.49
C GLN A 109 -4.26 16.74 -37.40
N ARG A 110 -3.51 16.12 -38.33
CA ARG A 110 -3.34 14.65 -38.41
C ARG A 110 -3.29 13.94 -37.07
N ALA A 111 -2.55 14.50 -36.11
CA ALA A 111 -2.51 13.93 -34.77
C ALA A 111 -3.99 13.77 -34.22
N ASN A 112 -4.87 14.74 -34.45
CA ASN A 112 -6.27 14.59 -33.99
C ASN A 112 -7.01 13.51 -34.81
N GLN A 113 -6.30 13.08 -35.85
CA GLN A 113 -6.86 12.07 -36.68
C GLN A 113 -6.43 10.70 -36.23
N GLU A 114 -5.14 10.44 -36.13
CA GLU A 114 -4.71 9.09 -35.69
C GLU A 114 -5.29 8.71 -34.29
N TYR A 115 -5.23 9.63 -33.34
CA TYR A 115 -5.73 9.39 -32.02
C TYR A 115 -7.24 9.21 -32.13
N GLY A 116 -7.92 10.07 -32.88
CA GLY A 116 -9.38 9.91 -32.98
C GLY A 116 -9.84 8.59 -33.55
N ARG A 117 -9.33 8.26 -34.74
CA ARG A 117 -9.68 6.99 -35.35
C ARG A 117 -9.39 5.84 -34.45
N PHE A 118 -8.33 5.93 -33.63
CA PHE A 118 -8.01 4.82 -32.74
C PHE A 118 -9.09 4.73 -31.63
N LEU A 119 -9.69 5.88 -31.28
CA LEU A 119 -10.78 5.83 -30.30
C LEU A 119 -11.95 5.06 -30.93
N GLU A 120 -12.25 5.30 -32.21
CA GLU A 120 -13.32 4.58 -32.86
C GLU A 120 -13.09 3.08 -32.86
N ASP A 121 -11.81 2.71 -32.91
CA ASP A 121 -11.45 1.29 -32.92
C ASP A 121 -11.52 0.71 -31.53
N LEU A 122 -11.15 1.53 -30.56
CA LEU A 122 -11.17 1.17 -29.13
C LEU A 122 -12.63 0.93 -28.68
N MSE A 123 -13.56 1.33 -29.52
CA MSE A 123 -14.99 1.12 -29.24
C MSE A 123 -15.51 -0.15 -29.94
O MSE A 123 -16.14 -0.07 -30.98
CB MSE A 123 -15.78 2.32 -29.74
CG MSE A 123 -15.40 3.61 -28.98
SE MSE A 123 -15.96 5.15 -29.91
CE MSE A 123 -17.87 4.94 -29.64
N SER A 124 -15.21 -1.34 -29.41
CA SER A 124 -15.71 -2.59 -29.99
C SER A 124 -15.58 -3.86 -29.16
N SER A 125 -16.69 -4.59 -29.07
CA SER A 125 -16.80 -5.86 -28.32
C SER A 125 -15.76 -6.99 -28.58
N GLU A 126 -15.09 -6.91 -29.73
CA GLU A 126 -14.07 -7.89 -30.10
C GLU A 126 -12.71 -7.69 -29.36
N VAL A 127 -12.65 -6.58 -28.59
CA VAL A 127 -11.49 -6.19 -27.79
C VAL A 127 -11.84 -6.51 -26.34
N LYS A 128 -10.98 -7.29 -25.68
CA LYS A 128 -11.21 -7.70 -24.29
C LYS A 128 -11.41 -6.58 -23.21
N TYR A 129 -12.39 -6.84 -22.36
CA TYR A 129 -12.70 -5.90 -21.32
C TYR A 129 -11.46 -5.26 -20.70
N PRO A 130 -10.43 -6.06 -20.36
CA PRO A 130 -9.16 -5.58 -19.74
C PRO A 130 -8.36 -4.60 -20.60
N VAL A 131 -8.37 -4.84 -21.90
CA VAL A 131 -7.66 -4.03 -22.88
C VAL A 131 -8.22 -2.67 -22.75
N ILE A 132 -9.55 -2.57 -22.80
CA ILE A 132 -10.19 -1.29 -22.67
C ILE A 132 -9.76 -0.56 -21.43
N MSE A 133 -9.99 -1.19 -20.28
CA MSE A 133 -9.64 -0.57 -19.01
C MSE A 133 -8.23 0.04 -18.99
O MSE A 133 -8.03 1.13 -18.47
CB MSE A 133 -9.85 -1.55 -17.88
CG MSE A 133 -11.33 -1.73 -17.61
SE MSE A 133 -12.41 -0.14 -17.74
CE MSE A 133 -11.41 0.91 -16.41
N THR A 134 -7.29 -0.67 -19.58
CA THR A 134 -5.93 -0.18 -19.71
C THR A 134 -5.97 1.18 -20.49
N ALA A 135 -6.57 1.17 -21.70
CA ALA A 135 -6.64 2.37 -22.48
C ALA A 135 -7.23 3.55 -21.67
N PHE A 136 -8.53 3.49 -21.39
CA PHE A 136 -9.23 4.52 -20.65
C PHE A 136 -8.35 5.02 -19.49
N TRP A 137 -7.84 4.10 -18.70
CA TRP A 137 -7.01 4.49 -17.63
C TRP A 137 -5.82 5.33 -18.16
N ALA A 138 -5.03 4.72 -19.06
CA ALA A 138 -3.83 5.34 -19.62
C ALA A 138 -4.08 6.75 -20.10
N ILE A 139 -5.17 6.89 -20.82
CA ILE A 139 -5.54 8.18 -21.34
C ILE A 139 -5.71 9.19 -20.18
N GLU A 140 -6.41 8.79 -19.10
CA GLU A 140 -6.64 9.67 -17.94
C GLU A 140 -5.33 10.00 -17.24
N ALA A 141 -4.57 8.94 -17.05
CA ALA A 141 -3.27 8.95 -16.40
C ALA A 141 -2.19 9.77 -17.17
N VAL A 142 -2.31 10.00 -18.47
CA VAL A 142 -1.27 10.81 -19.10
C VAL A 142 -1.53 12.30 -18.81
N TYR A 143 -2.75 12.60 -18.36
CA TYR A 143 -3.13 13.95 -17.99
C TYR A 143 -2.95 14.16 -16.48
N GLN A 144 -3.27 13.17 -15.65
CA GLN A 144 -3.02 13.39 -14.23
C GLN A 144 -1.50 13.50 -14.09
N GLU A 145 -0.79 12.75 -14.91
CA GLU A 145 0.67 12.79 -14.86
C GLU A 145 1.22 14.18 -15.18
N SER A 146 1.02 14.56 -16.44
CA SER A 146 1.52 15.79 -16.98
C SER A 146 1.15 17.06 -16.17
N PHE A 147 0.33 16.91 -15.13
CA PHE A 147 -0.08 18.02 -14.28
C PHE A 147 0.18 17.86 -12.77
N ALA A 148 0.64 16.71 -12.31
CA ALA A 148 0.82 16.63 -10.88
C ALA A 148 1.81 17.73 -10.43
N HIS A 149 1.45 18.45 -9.37
CA HIS A 149 2.31 19.57 -8.88
C HIS A 149 2.33 20.81 -9.83
N CYS A 150 1.40 20.86 -10.77
CA CYS A 150 1.41 21.95 -11.73
C CYS A 150 1.35 23.36 -11.16
N LEU A 151 0.41 23.62 -10.26
CA LEU A 151 0.23 24.92 -9.67
C LEU A 151 1.46 25.27 -8.88
N GLU A 152 2.05 24.28 -8.18
CA GLU A 152 3.27 24.53 -7.39
C GLU A 152 4.43 24.92 -8.30
N ASP A 153 4.57 24.28 -9.44
CA ASP A 153 5.70 24.64 -10.33
C ASP A 153 5.42 25.90 -11.16
N GLY A 154 4.15 26.08 -11.55
CA GLY A 154 3.77 27.25 -12.34
C GLY A 154 3.94 28.51 -11.49
N ASN A 155 3.89 28.31 -10.16
CA ASN A 155 4.04 29.43 -9.24
C ASN A 155 5.47 29.89 -9.35
N LYS A 156 6.28 29.06 -10.02
CA LYS A 156 7.70 29.34 -10.23
C LYS A 156 8.01 29.95 -11.61
N THR A 157 7.13 29.80 -12.61
CA THR A 157 7.43 30.45 -13.88
C THR A 157 6.91 31.89 -13.78
N PRO A 158 7.58 32.83 -14.46
CA PRO A 158 7.24 34.27 -14.47
C PRO A 158 5.80 34.55 -14.88
N VAL A 159 5.23 33.62 -15.64
CA VAL A 159 3.85 33.75 -16.08
C VAL A 159 3.16 32.39 -15.96
N GLU A 160 1.92 32.38 -15.48
CA GLU A 160 1.17 31.14 -15.33
C GLU A 160 -0.34 31.33 -15.61
N LEU A 161 -0.92 30.42 -16.42
CA LEU A 161 -2.37 30.44 -16.73
C LEU A 161 -2.86 29.39 -15.76
N THR A 162 -3.98 29.63 -15.08
CA THR A 162 -4.38 28.75 -14.01
C THR A 162 -5.50 27.71 -14.25
N GLY A 163 -6.26 27.90 -15.32
CA GLY A 163 -7.38 27.01 -15.63
C GLY A 163 -7.07 25.52 -15.81
N ALA A 164 -6.22 25.18 -16.80
CA ALA A 164 -5.91 23.77 -17.08
C ALA A 164 -5.42 23.06 -15.86
N CYS A 165 -4.41 23.65 -15.21
CA CYS A 165 -3.87 23.08 -13.99
C CYS A 165 -4.98 22.80 -12.96
N HIS A 166 -5.95 23.70 -12.80
CA HIS A 166 -7.08 23.44 -11.88
C HIS A 166 -7.87 22.15 -12.32
N ARG A 167 -8.09 22.01 -13.64
CA ARG A 167 -8.85 20.89 -14.25
C ARG A 167 -8.29 19.52 -13.88
N TRP A 168 -7.05 19.25 -14.28
CA TRP A 168 -6.44 17.93 -14.02
C TRP A 168 -5.35 17.92 -12.96
N GLY A 169 -5.01 19.06 -12.38
CA GLY A 169 -3.98 19.02 -11.36
C GLY A 169 -4.63 18.93 -9.98
N ASN A 170 -5.93 19.17 -9.90
CA ASN A 170 -6.59 19.17 -8.60
C ASN A 170 -6.48 17.77 -8.10
N ASP A 171 -5.84 17.63 -6.96
CA ASP A 171 -5.61 16.31 -6.42
C ASP A 171 -6.88 15.46 -6.21
N GLY A 172 -8.03 16.08 -6.46
CA GLY A 172 -9.33 15.44 -6.35
C GLY A 172 -9.53 14.69 -7.65
N PHE A 173 -8.87 15.19 -8.69
CA PHE A 173 -8.90 14.54 -10.00
C PHE A 173 -7.90 13.37 -10.01
N LYS A 174 -6.98 13.36 -9.04
CA LYS A 174 -6.00 12.26 -8.93
C LYS A 174 -6.73 11.00 -8.38
N GLN A 175 -7.67 11.24 -7.48
CA GLN A 175 -8.40 10.15 -6.89
C GLN A 175 -9.26 9.49 -7.93
N TYR A 176 -9.91 10.29 -8.76
CA TYR A 176 -10.74 9.67 -9.78
C TYR A 176 -9.86 8.76 -10.62
N CYS A 177 -8.66 9.21 -11.00
CA CYS A 177 -7.74 8.35 -11.75
C CYS A 177 -7.33 7.14 -10.93
N SER A 178 -6.67 7.37 -9.80
CA SER A 178 -6.19 6.29 -8.96
C SER A 178 -7.23 5.19 -8.69
N SER A 179 -8.50 5.53 -8.90
CA SER A 179 -9.59 4.58 -8.72
C SER A 179 -9.95 3.90 -10.05
N VAL A 180 -9.62 4.53 -11.18
CA VAL A 180 -9.91 3.91 -12.46
C VAL A 180 -8.83 2.85 -12.74
N LYS A 181 -7.58 3.17 -12.43
CA LYS A 181 -6.47 2.22 -12.61
C LYS A 181 -6.74 0.91 -11.86
N ASN A 182 -7.61 0.98 -10.87
CA ASN A 182 -7.91 -0.18 -10.07
C ASN A 182 -8.90 -1.15 -10.75
N ILE A 183 -9.64 -0.68 -11.73
CA ILE A 183 -10.52 -1.57 -12.47
C ILE A 183 -9.63 -2.33 -13.48
N ALA A 184 -8.66 -1.63 -14.08
CA ALA A 184 -7.78 -2.27 -15.03
C ALA A 184 -6.72 -3.17 -14.36
N GLU A 185 -6.32 -2.83 -13.14
CA GLU A 185 -5.30 -3.62 -12.49
C GLU A 185 -5.82 -5.02 -12.12
N ARG A 186 -7.04 -5.05 -11.58
CA ARG A 186 -7.72 -6.29 -11.17
C ARG A 186 -7.91 -7.10 -12.42
N CYS A 187 -8.05 -6.38 -13.53
CA CYS A 187 -8.24 -7.01 -14.82
C CYS A 187 -6.97 -7.70 -15.26
N LEU A 188 -5.85 -7.07 -14.92
CA LEU A 188 -4.57 -7.60 -15.31
C LEU A 188 -4.17 -8.78 -14.40
N GLU A 189 -4.24 -8.61 -13.08
CA GLU A 189 -3.86 -9.71 -12.19
C GLU A 189 -4.71 -10.96 -12.50
N ASN A 190 -5.91 -10.74 -13.07
CA ASN A 190 -6.78 -11.87 -13.41
C ASN A 190 -6.57 -12.42 -14.82
N ALA A 191 -5.97 -11.66 -15.73
CA ALA A 191 -5.83 -12.12 -17.11
C ALA A 191 -4.67 -13.06 -17.45
N SER A 192 -4.68 -13.50 -18.74
CA SER A 192 -3.76 -14.44 -19.43
C SER A 192 -2.62 -13.78 -20.23
N GLY A 193 -1.89 -14.61 -20.98
CA GLY A 193 -0.82 -14.10 -21.81
C GLY A 193 -1.31 -13.32 -23.04
N GLU A 194 -2.48 -13.70 -23.54
CA GLU A 194 -3.12 -13.11 -24.71
C GLU A 194 -3.70 -11.75 -24.33
N VAL A 195 -4.51 -11.73 -23.28
CA VAL A 195 -5.07 -10.49 -22.84
C VAL A 195 -3.99 -9.57 -22.25
N LEU A 196 -3.17 -10.10 -21.35
CA LEU A 196 -2.11 -9.28 -20.75
C LEU A 196 -1.27 -8.56 -21.77
N GLY A 197 -1.09 -9.19 -22.93
CA GLY A 197 -0.31 -8.58 -23.99
C GLY A 197 -1.14 -7.58 -24.79
N GLU A 198 -2.32 -7.96 -25.26
CA GLU A 198 -3.06 -6.96 -26.03
C GLU A 198 -3.15 -5.67 -25.17
N ALA A 199 -3.50 -5.82 -23.91
CA ALA A 199 -3.61 -4.66 -23.07
C ALA A 199 -2.29 -3.85 -23.03
N GLU A 200 -1.16 -4.53 -22.89
CA GLU A 200 0.11 -3.85 -22.75
C GLU A 200 0.57 -3.12 -24.00
N ASP A 201 0.24 -3.64 -25.18
CA ASP A 201 0.66 -2.98 -26.39
C ASP A 201 -0.43 -1.99 -26.70
N VAL A 202 -1.53 -2.06 -25.94
CA VAL A 202 -2.63 -1.09 -26.12
C VAL A 202 -2.20 0.16 -25.30
N LEU A 203 -1.68 -0.02 -24.08
CA LEU A 203 -1.21 1.08 -23.25
C LEU A 203 -0.05 1.81 -23.96
N VAL A 204 0.81 1.00 -24.60
CA VAL A 204 1.98 1.45 -25.33
C VAL A 204 1.57 2.24 -26.53
N ARG A 205 0.43 1.86 -27.13
CA ARG A 205 -0.08 2.58 -28.28
C ARG A 205 -0.65 3.96 -27.87
N VAL A 206 -1.71 4.00 -27.07
CA VAL A 206 -2.23 5.27 -26.63
C VAL A 206 -1.01 6.20 -26.42
N LEU A 207 0.13 5.63 -26.07
CA LEU A 207 1.28 6.46 -25.81
C LEU A 207 1.82 7.16 -27.06
N GLU A 208 1.90 6.44 -28.17
CA GLU A 208 2.40 7.04 -29.43
C GLU A 208 1.52 8.19 -29.95
N LEU A 209 0.20 8.03 -29.80
CA LEU A 209 -0.78 9.01 -30.21
C LEU A 209 -0.71 10.31 -29.39
N GLU A 210 -0.29 10.22 -28.14
CA GLU A 210 -0.23 11.38 -27.26
C GLU A 210 1.04 12.23 -27.57
N VAL A 211 2.04 11.59 -28.18
CA VAL A 211 3.30 12.24 -28.58
C VAL A 211 3.11 13.04 -29.88
N ALA A 212 2.10 12.65 -30.63
CA ALA A 212 1.74 13.30 -31.90
C ALA A 212 0.88 14.56 -31.58
N PHE A 213 0.01 14.38 -30.59
CA PHE A 213 -0.85 15.41 -30.09
C PHE A 213 0.07 16.53 -29.57
N TRP A 214 1.10 16.09 -28.84
CA TRP A 214 2.13 16.96 -28.26
C TRP A 214 2.83 17.85 -29.31
N GLU A 215 3.40 17.22 -30.31
CA GLU A 215 4.05 17.93 -31.41
C GLU A 215 3.15 19.02 -31.93
N MSE A 216 1.82 18.81 -31.94
CA MSE A 216 1.00 19.91 -32.45
C MSE A 216 1.25 21.14 -31.58
O MSE A 216 1.30 22.24 -32.11
CB MSE A 216 -0.48 19.61 -32.47
CG MSE A 216 -0.78 18.35 -33.16
SE MSE A 216 -2.71 18.18 -33.28
CE MSE A 216 -3.13 17.95 -31.37
N SER A 217 1.43 20.98 -30.26
CA SER A 217 1.67 22.16 -29.42
C SER A 217 3.10 22.35 -28.89
N ARG A 218 4.12 21.74 -29.50
CA ARG A 218 5.49 21.93 -29.01
C ARG A 218 6.02 23.38 -29.02
N GLY A 219 6.39 23.89 -27.83
CA GLY A 219 6.93 25.23 -27.72
C GLY A 219 8.26 25.41 -28.43
N ARG B 4 -4.54 2.44 6.12
CA ARG B 4 -4.46 1.10 6.83
C ARG B 4 -3.46 0.12 6.18
N GLY B 5 -2.36 -0.18 6.87
CA GLY B 5 -1.37 -1.10 6.36
C GLY B 5 -1.68 -2.61 6.47
N VAL B 6 -0.99 -3.42 5.65
CA VAL B 6 -1.16 -4.88 5.63
C VAL B 6 -1.52 -5.49 6.99
N ILE B 7 -0.69 -5.25 7.99
CA ILE B 7 -0.96 -5.82 9.30
C ILE B 7 -2.26 -5.37 9.97
N ASP B 8 -2.48 -4.07 9.98
CA ASP B 8 -3.70 -3.58 10.57
C ASP B 8 -4.84 -3.97 9.66
N THR B 9 -4.52 -4.36 8.44
CA THR B 9 -5.60 -4.82 7.54
C THR B 9 -6.10 -6.15 8.05
N TRP B 10 -5.25 -7.18 7.99
CA TRP B 10 -5.60 -8.51 8.48
C TRP B 10 -6.31 -8.46 9.85
N ILE B 11 -5.74 -7.64 10.76
CA ILE B 11 -6.22 -7.42 12.14
C ILE B 11 -7.66 -6.87 12.09
N ASP B 12 -8.05 -6.34 10.94
CA ASP B 12 -9.42 -5.89 10.80
C ASP B 12 -10.22 -7.20 10.77
N LYS B 13 -9.84 -8.02 9.79
CA LYS B 13 -10.50 -9.27 9.50
C LYS B 13 -10.33 -10.26 10.63
N HIS B 14 -9.29 -10.07 11.45
CA HIS B 14 -9.03 -10.97 12.57
C HIS B 14 -9.21 -10.19 13.89
N ARG B 15 -10.15 -9.26 13.90
CA ARG B 15 -10.31 -8.45 15.09
C ARG B 15 -10.71 -9.27 16.31
N SER B 16 -11.63 -10.21 16.17
CA SER B 16 -12.07 -10.94 17.38
C SER B 16 -11.00 -11.88 17.85
N ILE B 17 -10.29 -12.43 16.88
CA ILE B 17 -9.21 -13.33 17.17
C ILE B 17 -8.09 -12.51 17.88
N TYR B 18 -7.94 -11.25 17.47
CA TYR B 18 -6.91 -10.37 18.02
C TYR B 18 -7.30 -9.78 19.37
N THR B 19 -8.59 -9.52 19.55
CA THR B 19 -9.07 -8.93 20.79
C THR B 19 -8.81 -9.89 21.92
N ALA B 20 -8.99 -11.20 21.66
CA ALA B 20 -8.77 -12.21 22.71
C ALA B 20 -7.36 -12.37 23.18
N ALA B 21 -6.42 -12.58 22.26
CA ALA B 21 -5.03 -12.82 22.62
C ALA B 21 -4.40 -11.77 23.49
N THR B 22 -4.89 -10.53 23.40
CA THR B 22 -4.28 -9.47 24.21
C THR B 22 -5.06 -9.14 25.50
N ARG B 23 -6.40 -9.08 25.43
CA ARG B 23 -7.22 -8.83 26.64
C ARG B 23 -7.58 -10.18 27.21
N HIS B 24 -6.57 -11.03 27.46
CA HIS B 24 -6.79 -12.39 28.01
C HIS B 24 -7.04 -12.34 29.51
N ALA B 25 -8.03 -13.13 29.91
CA ALA B 25 -8.44 -13.19 31.32
C ALA B 25 -7.17 -13.29 32.16
N PHE B 26 -6.18 -14.09 31.74
CA PHE B 26 -5.01 -14.13 32.58
C PHE B 26 -4.41 -12.75 32.77
N VAL B 27 -4.31 -11.92 31.72
CA VAL B 27 -3.72 -10.63 32.04
C VAL B 27 -4.79 -9.72 32.59
N VAL B 28 -6.05 -9.88 32.19
CA VAL B 28 -7.05 -9.03 32.81
C VAL B 28 -7.10 -9.38 34.29
N SER B 29 -7.22 -10.66 34.59
CA SER B 29 -7.29 -11.09 35.98
C SER B 29 -6.04 -10.70 36.82
N ILE B 30 -4.91 -10.39 36.18
CA ILE B 30 -3.77 -9.94 36.98
C ILE B 30 -4.00 -8.45 37.13
N ARG B 31 -4.38 -7.85 36.01
CA ARG B 31 -4.64 -6.43 35.97
C ARG B 31 -5.49 -5.96 37.18
N ASP B 32 -6.48 -6.78 37.57
CA ASP B 32 -7.34 -6.45 38.72
C ASP B 32 -6.91 -7.14 40.03
N GLY B 33 -5.71 -7.71 40.02
CA GLY B 33 -5.19 -8.38 41.19
C GLY B 33 -5.84 -9.72 41.44
N SER B 34 -6.84 -10.10 40.66
CA SER B 34 -7.46 -11.40 40.94
C SER B 34 -6.42 -12.52 40.73
N VAL B 35 -5.20 -12.09 40.34
CA VAL B 35 -4.01 -12.92 40.05
C VAL B 35 -3.36 -13.62 41.24
N ASP B 36 -3.45 -14.93 41.34
CA ASP B 36 -2.82 -15.58 42.47
C ASP B 36 -1.31 -15.77 42.25
N LEU B 37 -0.59 -16.13 43.31
CA LEU B 37 0.86 -16.29 43.19
C LEU B 37 1.18 -17.52 42.37
N SER B 38 0.51 -18.64 42.68
CA SER B 38 0.81 -19.85 41.96
C SER B 38 0.81 -19.59 40.45
N SER B 39 -0.30 -19.13 39.92
CA SER B 39 -0.38 -18.82 38.48
C SER B 39 0.90 -18.02 38.08
N PHE B 40 1.31 -17.09 38.92
CA PHE B 40 2.51 -16.29 38.66
C PHE B 40 3.79 -17.16 38.55
N ARG B 41 4.06 -18.03 39.51
CA ARG B 41 5.22 -18.91 39.43
C ARG B 41 5.22 -19.78 38.13
N THR B 42 4.03 -20.16 37.66
CA THR B 42 3.91 -20.95 36.45
C THR B 42 4.26 -20.02 35.27
N TRP B 43 3.64 -18.83 35.23
CA TRP B 43 3.97 -17.90 34.19
C TRP B 43 5.50 -17.56 34.22
N LEU B 44 6.10 -17.49 35.41
CA LEU B 44 7.52 -17.18 35.48
C LEU B 44 8.40 -18.28 34.90
N GLY B 45 8.61 -19.35 35.67
CA GLY B 45 9.50 -20.43 35.25
C GLY B 45 9.33 -20.92 33.83
N GLN B 46 8.08 -20.95 33.37
CA GLN B 46 7.84 -21.44 32.00
C GLN B 46 8.29 -20.42 30.99
N ASP B 47 8.01 -19.13 31.25
CA ASP B 47 8.40 -18.07 30.32
C ASP B 47 9.89 -17.85 30.36
N TYR B 48 10.56 -18.30 31.42
CA TYR B 48 12.00 -18.17 31.39
C TYR B 48 12.53 -19.15 30.30
N LEU B 49 12.02 -20.36 30.31
CA LEU B 49 12.45 -21.38 29.38
C LEU B 49 12.08 -20.86 28.00
N PHE B 50 10.93 -20.19 27.96
CA PHE B 50 10.53 -19.59 26.74
C PHE B 50 11.64 -18.61 26.34
N VAL B 51 11.57 -17.36 26.77
CA VAL B 51 12.62 -16.39 26.42
C VAL B 51 13.94 -17.07 25.93
N ARG B 52 14.43 -18.13 26.61
CA ARG B 52 15.64 -18.77 26.14
C ARG B 52 15.53 -19.28 24.69
N ARG B 53 14.34 -19.73 24.29
CA ARG B 53 14.17 -20.17 22.91
C ARG B 53 13.98 -18.91 22.03
N PHE B 54 13.49 -17.84 22.63
CA PHE B 54 13.28 -16.59 21.87
C PHE B 54 14.66 -16.06 21.41
N VAL B 55 15.60 -15.88 22.35
CA VAL B 55 16.99 -15.44 22.05
C VAL B 55 17.52 -15.92 20.65
N PRO B 56 17.70 -17.25 20.43
CA PRO B 56 18.20 -17.61 19.09
C PRO B 56 17.23 -17.21 17.99
N PHE B 57 15.92 -17.29 18.25
CA PHE B 57 14.96 -16.83 17.23
C PHE B 57 15.34 -15.37 16.89
N VAL B 58 15.62 -14.59 17.91
CA VAL B 58 15.97 -13.20 17.67
C VAL B 58 17.42 -13.22 17.09
N ALA B 59 18.19 -14.22 17.44
CA ALA B 59 19.52 -14.34 16.86
C ALA B 59 19.38 -14.79 15.39
N SER B 60 18.42 -15.69 15.10
CA SER B 60 18.21 -16.13 13.70
C SER B 60 18.02 -14.85 12.89
N VAL B 61 16.88 -14.20 13.15
CA VAL B 61 16.38 -12.98 12.50
C VAL B 61 17.54 -12.00 12.18
N LEU B 62 18.37 -11.70 13.18
CA LEU B 62 19.49 -10.80 13.03
C LEU B 62 20.42 -11.18 11.83
N ILE B 63 20.93 -12.38 11.86
CA ILE B 63 21.81 -12.85 10.82
C ILE B 63 21.11 -12.97 9.47
N ARG B 64 19.77 -12.87 9.48
CA ARG B 64 19.01 -12.86 8.26
C ARG B 64 18.92 -11.43 7.80
N ALA B 65 18.71 -10.50 8.75
CA ALA B 65 18.59 -9.07 8.47
C ALA B 65 19.90 -8.50 7.87
N CYS B 66 21.04 -8.95 8.38
CA CYS B 66 22.32 -8.49 7.85
C CYS B 66 22.53 -9.09 6.46
N LYS B 67 22.86 -10.38 6.43
CA LYS B 67 23.13 -11.11 5.19
C LYS B 67 22.23 -10.74 4.05
N ASP B 68 20.97 -10.56 4.37
CA ASP B 68 19.95 -10.31 3.37
C ASP B 68 18.91 -9.27 3.82
N SER B 69 18.92 -8.11 3.15
CA SER B 69 18.00 -7.00 3.42
C SER B 69 18.49 -5.71 2.72
N GLY B 70 17.84 -5.35 1.62
CA GLY B 70 18.20 -4.15 0.91
C GLY B 70 17.83 -2.95 1.76
N GLU B 71 18.20 -3.01 3.04
CA GLU B 71 17.96 -1.92 4.02
C GLU B 71 18.84 -2.24 5.24
N SER B 72 20.08 -1.73 5.18
CA SER B 72 21.15 -1.91 6.15
C SER B 72 20.75 -1.66 7.62
N SER B 73 19.89 -0.68 7.84
CA SER B 73 19.50 -0.36 9.19
C SER B 73 18.51 -1.34 9.84
N ASP B 74 18.22 -2.48 9.20
CA ASP B 74 17.32 -3.45 9.86
C ASP B 74 18.15 -4.02 11.02
N MSE B 75 19.48 -3.91 10.90
CA MSE B 75 20.39 -4.38 11.94
C MSE B 75 20.16 -3.60 13.24
O MSE B 75 20.01 -4.22 14.28
CB MSE B 75 21.84 -4.21 11.53
CG MSE B 75 22.76 -4.75 12.62
SE MSE B 75 24.60 -4.45 12.27
CE MSE B 75 24.88 -3.00 13.48
N GLU B 76 20.10 -2.27 13.17
CA GLU B 76 19.88 -1.46 14.37
C GLU B 76 18.65 -2.00 15.13
N VAL B 77 17.65 -2.43 14.38
CA VAL B 77 16.47 -3.01 15.04
C VAL B 77 16.80 -4.37 15.70
N VAL B 78 16.74 -5.46 14.96
CA VAL B 78 17.05 -6.74 15.55
C VAL B 78 18.16 -6.66 16.65
N LEU B 79 19.01 -5.66 16.60
CA LEU B 79 20.05 -5.52 17.61
C LEU B 79 19.50 -4.79 18.86
N GLY B 80 18.51 -3.94 18.68
CA GLY B 80 18.01 -3.24 19.85
C GLY B 80 16.95 -4.13 20.55
N GLY B 81 16.44 -5.10 19.79
CA GLY B 81 15.48 -6.04 20.36
C GLY B 81 16.28 -7.27 20.79
N ILE B 82 17.12 -7.82 19.93
CA ILE B 82 17.86 -8.98 20.39
C ILE B 82 18.57 -8.53 21.64
N ALA B 83 19.15 -7.32 21.62
CA ALA B 83 19.87 -6.78 22.78
C ALA B 83 18.97 -6.56 24.00
N SER B 84 17.69 -6.41 23.77
CA SER B 84 16.71 -6.25 24.86
C SER B 84 16.50 -7.60 25.57
N LEU B 85 17.21 -8.64 25.16
CA LEU B 85 16.97 -9.95 25.78
C LEU B 85 17.92 -10.26 26.92
N ASN B 86 19.10 -9.64 26.84
CA ASN B 86 20.12 -9.76 27.85
C ASN B 86 19.50 -9.17 29.15
N ASP B 87 18.77 -8.06 28.98
CA ASP B 87 18.10 -7.34 30.05
C ASP B 87 16.93 -8.12 30.66
N GLU B 88 16.14 -8.69 29.78
CA GLU B 88 14.97 -9.50 30.13
C GLU B 88 15.49 -10.73 30.89
N ILE B 89 16.36 -11.52 30.28
CA ILE B 89 16.93 -12.72 30.93
C ILE B 89 17.43 -12.29 32.31
N GLU B 90 18.10 -11.12 32.38
CA GLU B 90 18.55 -10.57 33.67
C GLU B 90 17.38 -10.08 34.60
N TRP B 91 16.32 -9.50 34.06
CA TRP B 91 15.19 -9.04 34.88
C TRP B 91 14.40 -10.28 35.46
N PHE B 92 14.27 -11.32 34.62
CA PHE B 92 13.57 -12.53 34.95
C PHE B 92 14.35 -13.22 36.07
N LYS B 93 15.68 -13.36 35.94
CA LYS B 93 16.37 -14.05 37.03
C LYS B 93 16.37 -13.22 38.33
N ARG B 94 16.16 -11.92 38.20
CA ARG B 94 16.02 -11.08 39.40
C ARG B 94 14.66 -11.49 40.04
N GLU B 95 13.67 -11.78 39.17
CA GLU B 95 12.33 -12.23 39.58
C GLU B 95 12.37 -13.65 40.14
N GLY B 96 13.11 -14.54 39.48
CA GLY B 96 13.22 -15.89 39.95
C GLY B 96 13.82 -15.95 41.35
N SER B 97 15.03 -15.39 41.46
CA SER B 97 15.74 -15.35 42.76
C SER B 97 14.80 -14.89 43.88
N LYS B 98 14.15 -13.76 43.68
CA LYS B 98 13.21 -13.22 44.63
C LYS B 98 12.11 -14.21 45.03
N TRP B 99 11.20 -14.53 44.10
CA TRP B 99 10.07 -15.43 44.36
C TRP B 99 10.37 -16.88 44.34
N ASP B 100 11.63 -17.20 44.47
CA ASP B 100 12.03 -18.59 44.47
C ASP B 100 11.41 -19.58 43.50
N VAL B 101 11.90 -19.57 42.24
CA VAL B 101 11.48 -20.57 41.29
C VAL B 101 12.75 -21.21 40.69
N ASP B 102 13.10 -22.43 41.10
CA ASP B 102 14.28 -23.09 40.58
C ASP B 102 14.12 -23.24 39.08
N PHE B 103 14.79 -22.41 38.30
CA PHE B 103 14.61 -22.50 36.84
C PHE B 103 15.10 -23.81 36.18
N SER B 104 16.05 -24.48 36.82
CA SER B 104 16.56 -25.71 36.28
C SER B 104 15.58 -26.87 36.45
N THR B 105 14.72 -26.79 37.45
CA THR B 105 13.73 -27.86 37.60
C THR B 105 12.42 -27.54 36.90
N VAL B 106 12.21 -26.31 36.44
CA VAL B 106 10.97 -26.04 35.75
C VAL B 106 10.82 -27.06 34.64
N VAL B 107 9.91 -27.97 34.87
CA VAL B 107 9.61 -29.03 33.93
C VAL B 107 8.86 -28.27 32.85
N PRO B 108 9.26 -28.39 31.57
CA PRO B 108 8.45 -27.58 30.64
C PRO B 108 7.13 -28.19 30.19
N GLN B 109 6.13 -27.31 30.11
CA GLN B 109 4.81 -27.73 29.74
C GLN B 109 4.59 -27.75 28.27
N ARG B 110 3.59 -28.54 27.89
CA ARG B 110 3.23 -28.75 26.52
C ARG B 110 3.05 -27.49 25.66
N ALA B 111 2.19 -26.53 26.05
CA ALA B 111 1.96 -25.33 25.21
C ALA B 111 3.29 -24.54 25.10
N ASN B 112 4.05 -24.54 26.18
CA ASN B 112 5.33 -23.86 26.23
C ASN B 112 6.32 -24.54 25.27
N GLN B 113 6.37 -25.87 25.33
CA GLN B 113 7.28 -26.61 24.48
C GLN B 113 6.79 -26.60 23.02
N GLU B 114 5.47 -26.44 22.82
CA GLU B 114 4.92 -26.34 21.47
C GLU B 114 5.47 -25.07 20.80
N TYR B 115 5.49 -23.96 21.55
CA TYR B 115 5.97 -22.65 21.05
C TYR B 115 7.37 -22.78 20.46
N GLY B 116 8.30 -23.16 21.32
CA GLY B 116 9.66 -23.34 20.92
C GLY B 116 9.69 -24.18 19.65
N ARG B 117 8.87 -25.23 19.62
CA ARG B 117 8.87 -26.14 18.46
C ARG B 117 8.67 -25.27 17.23
N PHE B 118 7.73 -24.35 17.34
CA PHE B 118 7.41 -23.37 16.28
C PHE B 118 8.57 -22.35 16.02
N LEU B 119 9.06 -21.71 17.06
CA LEU B 119 10.16 -20.74 16.86
C LEU B 119 11.27 -21.41 16.04
N GLU B 120 11.56 -22.65 16.36
CA GLU B 120 12.58 -23.34 15.62
C GLU B 120 12.15 -23.49 14.14
N ASP B 121 10.91 -23.87 13.90
CA ASP B 121 10.48 -24.06 12.51
C ASP B 121 10.69 -22.74 11.74
N LEU B 122 10.70 -21.59 12.41
CA LEU B 122 10.90 -20.30 11.71
C LEU B 122 12.39 -19.91 11.59
N MSE B 123 13.26 -20.72 12.16
CA MSE B 123 14.72 -20.49 12.10
C MSE B 123 15.37 -21.06 10.82
O MSE B 123 16.48 -20.63 10.40
CB MSE B 123 15.36 -21.10 13.33
CG MSE B 123 15.00 -20.27 14.56
SE MSE B 123 15.84 -20.93 16.10
CE MSE B 123 17.71 -20.52 15.74
N SER B 124 14.66 -22.02 10.24
CA SER B 124 15.01 -22.73 9.00
C SER B 124 15.07 -21.71 7.86
N SER B 125 16.14 -21.72 7.05
CA SER B 125 16.28 -20.71 5.97
C SER B 125 15.20 -20.80 4.88
N GLU B 126 14.34 -21.82 4.97
CA GLU B 126 13.25 -21.97 4.00
C GLU B 126 12.08 -20.98 4.30
N VAL B 127 12.03 -20.43 5.51
CA VAL B 127 10.95 -19.49 5.78
C VAL B 127 11.53 -18.24 5.25
N LYS B 128 10.75 -17.41 4.59
CA LYS B 128 11.28 -16.22 3.97
C LYS B 128 11.52 -15.05 4.91
N TYR B 129 12.35 -14.11 4.45
CA TYR B 129 12.69 -12.96 5.29
C TYR B 129 11.50 -12.40 5.91
N PRO B 130 10.48 -12.02 5.10
CA PRO B 130 9.36 -11.42 5.83
C PRO B 130 8.48 -12.35 6.67
N VAL B 131 8.51 -13.64 6.42
CA VAL B 131 7.67 -14.46 7.25
C VAL B 131 8.12 -14.29 8.72
N ILE B 132 9.41 -14.25 8.90
CA ILE B 132 10.00 -14.11 10.23
C ILE B 132 9.90 -12.75 10.89
N MSE B 133 9.86 -11.65 10.10
CA MSE B 133 9.81 -10.31 10.69
C MSE B 133 8.52 -10.12 11.35
O MSE B 133 8.45 -9.57 12.44
CB MSE B 133 10.01 -9.19 9.63
CG MSE B 133 11.46 -8.68 9.44
SE MSE B 133 12.58 -8.49 10.98
CE MSE B 133 11.43 -7.27 11.80
N THR B 134 7.45 -10.57 10.67
CA THR B 134 6.09 -10.48 11.19
C THR B 134 5.86 -11.29 12.46
N ALA B 135 6.23 -12.57 12.45
CA ALA B 135 6.14 -13.38 13.65
C ALA B 135 6.76 -12.56 14.81
N PHE B 136 8.06 -12.31 14.66
CA PHE B 136 8.83 -11.55 15.60
C PHE B 136 7.87 -10.49 16.09
N TRP B 137 7.79 -9.39 15.35
CA TRP B 137 6.88 -8.34 15.71
C TRP B 137 5.65 -8.78 16.54
N ALA B 138 4.87 -9.72 16.02
CA ALA B 138 3.66 -10.20 16.69
C ALA B 138 3.94 -10.69 18.11
N ILE B 139 5.04 -11.40 18.29
CA ILE B 139 5.34 -11.91 19.61
C ILE B 139 5.62 -10.76 20.60
N GLU B 140 6.35 -9.75 20.13
CA GLU B 140 6.68 -8.60 20.99
C GLU B 140 5.41 -7.81 21.18
N ALA B 141 4.73 -7.55 20.07
CA ALA B 141 3.50 -6.74 20.14
C ALA B 141 2.42 -7.30 21.09
N VAL B 142 2.18 -8.62 21.06
CA VAL B 142 1.17 -9.15 21.91
C VAL B 142 1.52 -8.79 23.36
N TYR B 143 2.78 -8.95 23.81
CA TYR B 143 3.05 -8.52 25.17
C TYR B 143 2.77 -7.02 25.31
N GLN B 144 2.85 -6.29 24.21
CA GLN B 144 2.49 -4.87 24.26
C GLN B 144 0.95 -4.76 24.32
N GLU B 145 0.23 -4.47 23.24
CA GLU B 145 -1.25 -4.33 23.30
C GLU B 145 -1.89 -4.71 24.67
N SER B 146 -1.55 -5.94 25.14
CA SER B 146 -1.96 -6.55 26.42
C SER B 146 -1.60 -5.73 27.71
N PHE B 147 -0.39 -5.19 27.72
CA PHE B 147 0.16 -4.45 28.83
C PHE B 147 0.25 -2.96 28.76
N ALA B 148 -0.14 -2.39 27.66
CA ALA B 148 -0.05 -0.95 27.44
C ALA B 148 -0.94 -0.21 28.41
N HIS B 149 -0.43 0.87 29.01
CA HIS B 149 -1.25 1.67 29.94
C HIS B 149 -1.41 1.12 31.40
N CYS B 150 -0.46 0.31 31.87
CA CYS B 150 -0.53 -0.21 33.22
C CYS B 150 0.27 0.70 34.15
N LYS B 156 -4.92 -2.56 39.62
CA LYS B 156 -4.82 -3.41 40.82
C LYS B 156 -3.83 -4.56 40.71
N THR B 157 -2.64 -4.28 40.20
CA THR B 157 -1.59 -5.30 40.05
C THR B 157 -0.74 -5.46 41.32
N PRO B 158 -0.61 -6.71 41.80
CA PRO B 158 0.19 -7.01 43.01
C PRO B 158 1.71 -6.83 42.71
N VAL B 159 2.56 -6.80 43.76
CA VAL B 159 4.00 -6.60 43.59
C VAL B 159 4.63 -7.76 42.88
N GLU B 160 3.79 -8.59 42.28
CA GLU B 160 4.26 -9.79 41.58
C GLU B 160 4.99 -9.48 40.29
N LEU B 161 4.27 -8.93 39.31
CA LEU B 161 4.84 -8.59 38.02
C LEU B 161 5.00 -7.08 37.87
N THR B 162 5.68 -6.43 38.83
CA THR B 162 5.88 -4.96 38.74
C THR B 162 6.91 -4.70 37.68
N GLY B 163 7.99 -5.45 37.68
CA GLY B 163 8.99 -5.25 36.64
C GLY B 163 8.33 -5.72 35.34
N ALA B 164 7.44 -6.69 35.46
CA ALA B 164 6.77 -7.24 34.31
C ALA B 164 6.05 -6.16 33.48
N CYS B 165 4.84 -5.75 33.87
CA CYS B 165 4.16 -4.72 33.08
C CYS B 165 4.90 -3.38 33.00
N HIS B 166 6.04 -3.27 33.68
CA HIS B 166 6.83 -2.06 33.59
C HIS B 166 7.63 -2.05 32.29
N ARG B 167 8.50 -3.06 32.12
CA ARG B 167 9.31 -3.17 30.90
C ARG B 167 8.51 -3.60 29.68
N TRP B 168 7.34 -4.21 29.86
CA TRP B 168 6.59 -4.58 28.65
C TRP B 168 5.43 -3.69 28.32
N GLY B 169 5.04 -2.85 29.26
CA GLY B 169 3.90 -1.96 29.02
C GLY B 169 4.11 -0.47 29.10
N ASN B 170 5.36 0.01 28.95
CA ASN B 170 5.66 1.46 28.99
C ASN B 170 5.92 2.05 27.60
N ASP B 171 6.31 3.33 27.55
CA ASP B 171 6.58 3.94 26.27
C ASP B 171 7.84 3.32 25.72
N GLY B 172 8.61 2.72 26.62
CA GLY B 172 9.84 2.10 26.19
C GLY B 172 9.51 0.88 25.31
N PHE B 173 9.21 -0.26 25.92
CA PHE B 173 8.88 -1.43 25.10
C PHE B 173 8.07 -0.95 23.86
N LYS B 174 6.95 -0.22 24.08
CA LYS B 174 6.12 0.30 22.98
C LYS B 174 6.93 0.77 21.77
N GLN B 175 7.73 1.83 21.94
CA GLN B 175 8.57 2.41 20.91
C GLN B 175 9.42 1.32 20.20
N TYR B 176 9.87 0.30 20.94
CA TYR B 176 10.62 -0.71 20.25
C TYR B 176 9.69 -1.48 19.34
N CYS B 177 8.59 -1.94 19.90
CA CYS B 177 7.72 -2.72 19.09
C CYS B 177 7.34 -1.97 17.80
N SER B 178 7.28 -0.64 17.83
CA SER B 178 6.95 0.02 16.55
C SER B 178 8.08 -0.28 15.57
N SER B 179 9.28 0.17 15.90
CA SER B 179 10.43 -0.04 15.03
C SER B 179 10.47 -1.45 14.42
N VAL B 180 9.55 -2.32 14.80
CA VAL B 180 9.49 -3.65 14.19
C VAL B 180 8.24 -3.71 13.30
N LYS B 181 7.10 -3.26 13.84
CA LYS B 181 5.88 -3.30 13.05
C LYS B 181 6.00 -2.45 11.82
N ASN B 182 6.15 -1.16 12.05
CA ASN B 182 6.29 -0.25 10.93
C ASN B 182 7.19 -0.93 9.87
N ILE B 183 8.30 -1.55 10.30
CA ILE B 183 9.22 -2.30 9.43
C ILE B 183 8.59 -3.56 8.78
N ALA B 184 7.54 -4.12 9.37
CA ALA B 184 7.00 -5.31 8.73
C ALA B 184 6.07 -4.92 7.60
N GLU B 185 5.42 -3.76 7.74
CA GLU B 185 4.53 -3.21 6.75
C GLU B 185 5.37 -2.91 5.49
N ARG B 186 6.65 -2.60 5.70
CA ARG B 186 7.54 -2.32 4.57
C ARG B 186 7.71 -3.63 3.79
N CYS B 187 8.34 -4.60 4.44
CA CYS B 187 8.52 -5.92 3.80
C CYS B 187 7.21 -6.45 3.18
N LEU B 188 6.09 -6.27 3.89
CA LEU B 188 4.84 -6.84 3.43
C LEU B 188 4.30 -6.12 2.24
N GLU B 189 4.45 -4.79 2.19
CA GLU B 189 3.90 -4.02 1.07
C GLU B 189 4.63 -4.33 -0.26
N ASN B 190 5.73 -5.07 -0.12
CA ASN B 190 6.50 -5.53 -1.27
C ASN B 190 6.42 -7.06 -1.47
N ALA B 191 5.48 -7.71 -0.76
CA ALA B 191 5.37 -9.16 -0.86
C ALA B 191 4.50 -9.68 -1.98
N SER B 192 4.89 -10.83 -2.52
CA SER B 192 4.17 -11.51 -3.62
C SER B 192 3.01 -12.24 -3.04
N GLY B 193 1.85 -12.15 -3.69
CA GLY B 193 0.63 -12.82 -3.21
C GLY B 193 0.85 -14.13 -2.45
N GLU B 194 1.78 -14.95 -2.90
CA GLU B 194 2.02 -16.17 -2.12
C GLU B 194 2.26 -15.75 -0.69
N VAL B 195 3.25 -14.87 -0.49
CA VAL B 195 3.71 -14.39 0.85
C VAL B 195 2.70 -13.68 1.79
N LEU B 196 1.87 -12.79 1.24
CA LEU B 196 0.91 -12.12 2.09
C LEU B 196 0.07 -13.20 2.79
N GLY B 197 -0.39 -14.16 2.01
CA GLY B 197 -1.19 -15.25 2.58
C GLY B 197 -0.51 -16.02 3.68
N GLU B 198 0.77 -16.33 3.52
CA GLU B 198 1.50 -17.10 4.52
C GLU B 198 1.78 -16.23 5.75
N ALA B 199 2.14 -14.96 5.53
CA ALA B 199 2.44 -14.07 6.62
C ALA B 199 1.15 -13.83 7.40
N GLU B 200 0.07 -13.80 6.68
CA GLU B 200 -1.21 -13.58 7.32
C GLU B 200 -1.49 -14.77 8.22
N ASP B 201 -1.16 -15.96 7.72
CA ASP B 201 -1.38 -17.18 8.47
C ASP B 201 -0.31 -17.40 9.54
N VAL B 202 0.71 -16.55 9.50
CA VAL B 202 1.77 -16.61 10.50
C VAL B 202 1.35 -15.76 11.67
N LEU B 203 0.74 -14.61 11.38
CA LEU B 203 0.27 -13.73 12.44
C LEU B 203 -0.84 -14.54 13.18
N VAL B 204 -1.54 -15.37 12.42
CA VAL B 204 -2.59 -16.17 13.05
C VAL B 204 -2.01 -17.20 14.02
N ARG B 205 -0.94 -17.88 13.59
CA ARG B 205 -0.36 -18.88 14.45
C ARG B 205 0.15 -18.26 15.79
N VAL B 206 0.84 -17.09 15.71
CA VAL B 206 1.38 -16.44 16.91
C VAL B 206 0.24 -16.07 17.87
N LEU B 207 -0.84 -15.54 17.35
CA LEU B 207 -1.91 -15.14 18.23
C LEU B 207 -2.60 -16.35 18.94
N GLU B 208 -2.76 -17.47 18.21
CA GLU B 208 -3.41 -18.66 18.81
C GLU B 208 -2.49 -19.37 19.79
N LEU B 209 -1.20 -19.31 19.51
CA LEU B 209 -0.21 -19.95 20.37
C LEU B 209 -0.02 -19.12 21.66
N GLU B 210 -0.37 -17.82 21.62
CA GLU B 210 -0.20 -16.94 22.76
C GLU B 210 -1.42 -17.06 23.68
N VAL B 211 -2.61 -17.15 23.10
CA VAL B 211 -3.83 -17.28 23.89
C VAL B 211 -3.65 -18.55 24.69
N ALA B 212 -3.36 -19.66 24.00
CA ALA B 212 -3.12 -20.93 24.65
C ALA B 212 -1.99 -20.83 25.68
N PHE B 213 -1.04 -19.92 25.47
CA PHE B 213 0.05 -19.75 26.43
C PHE B 213 -0.45 -19.00 27.67
N TRP B 214 -1.41 -18.12 27.47
CA TRP B 214 -2.00 -17.37 28.59
C TRP B 214 -2.93 -18.38 29.31
N GLU B 215 -3.64 -19.22 28.50
CA GLU B 215 -4.55 -20.23 29.06
C GLU B 215 -3.76 -21.21 29.89
N MSE B 216 -2.52 -21.51 29.46
CA MSE B 216 -1.64 -22.37 30.25
C MSE B 216 -1.16 -21.59 31.50
O MSE B 216 -0.77 -22.17 32.51
CB MSE B 216 -0.40 -22.75 29.48
CG MSE B 216 0.65 -23.29 30.36
SE MSE B 216 2.50 -23.17 29.54
CE MSE B 216 2.73 -21.29 29.88
N SER B 217 -1.22 -20.27 31.44
CA SER B 217 -0.78 -19.56 32.61
C SER B 217 -1.87 -19.42 33.63
N ARG B 218 -3.12 -19.46 33.19
CA ARG B 218 -4.23 -19.35 34.10
C ARG B 218 -4.25 -20.57 35.07
N GLY B 219 -4.08 -21.78 34.53
CA GLY B 219 -4.04 -22.98 35.36
C GLY B 219 -5.28 -23.87 35.47
S SO4 C . 13.96 -13.51 1.68
O1 SO4 C . 15.09 -12.56 1.74
O2 SO4 C . 12.67 -12.73 1.64
O3 SO4 C . 14.01 -14.40 0.51
O4 SO4 C . 14.08 -14.33 2.89
CM2 HMH D . -4.63 14.44 -25.74
N1A HMH D . -5.07 12.98 -23.72
C2A HMH D . -5.32 14.15 -24.41
N3A HMH D . -6.18 15.05 -23.94
C4A HMH D . -6.88 14.86 -22.73
N4A HMH D . -7.80 15.79 -22.18
C5A HMH D . -6.65 13.69 -22.02
C6A HMH D . -5.71 12.72 -22.55
C7A HMH D . -7.40 13.54 -20.76
O1 HMH D . -7.05 12.37 -20.20
S SO4 E . 4.59 -24.85 13.27
O1 SO4 E . 3.67 -23.80 12.76
O2 SO4 E . 5.92 -24.68 12.67
O3 SO4 E . 4.66 -24.76 14.74
O4 SO4 E . 4.02 -26.16 12.90
S SO4 F . 8.99 18.87 -20.30
O1 SO4 F . 9.05 20.33 -20.09
O2 SO4 F . 7.83 18.34 -19.52
O3 SO4 F . 8.80 18.63 -21.73
O4 SO4 F . 10.27 18.19 -19.88
S SO4 G . 4.98 -16.67 -5.46
O1 SO4 G . 5.87 -17.64 -6.11
O2 SO4 G . 5.05 -15.38 -6.16
O3 SO4 G . 3.64 -17.26 -5.48
O4 SO4 G . 5.44 -16.50 -4.07
CM2 HMH H . 5.10 -16.08 25.57
N1A HMH H . 5.78 -13.87 24.62
C2A HMH H . 5.97 -14.82 25.54
N3A HMH H . 6.94 -14.70 26.45
C4A HMH H . 7.76 -13.60 26.50
N4A HMH H . 8.76 -13.48 27.46
C5A HMH H . 7.62 -12.57 25.61
C6A HMH H . 6.59 -12.72 24.61
C7A HMH H . 8.55 -11.39 25.73
O1 HMH H . 8.25 -10.46 24.74
N GLY A 5 3.70 -4.50 -9.90
CA GLY A 5 2.41 -4.30 -10.67
C GLY A 5 2.47 -4.34 -12.19
N VAL A 6 1.60 -5.20 -12.78
CA VAL A 6 1.50 -5.41 -14.23
C VAL A 6 1.67 -4.11 -15.02
N ILE A 7 0.55 -3.43 -15.28
CA ILE A 7 0.55 -2.19 -16.04
C ILE A 7 1.90 -1.54 -15.81
N ASP A 8 2.18 -1.40 -14.53
CA ASP A 8 3.44 -0.86 -14.05
C ASP A 8 4.72 -1.50 -14.66
N THR A 9 4.76 -2.81 -14.77
CA THR A 9 5.93 -3.45 -15.37
C THR A 9 6.02 -3.06 -16.85
N TRP A 10 4.85 -2.71 -17.40
CA TRP A 10 4.72 -2.25 -18.77
C TRP A 10 5.11 -0.78 -18.86
N ILE A 11 4.62 0.05 -17.93
CA ILE A 11 4.97 1.47 -17.94
C ILE A 11 6.48 1.41 -17.88
N ASP A 12 6.99 0.45 -17.09
CA ASP A 12 8.42 0.24 -16.95
C ASP A 12 9.06 -0.08 -18.31
N LYS A 13 8.77 -1.26 -18.83
CA LYS A 13 9.31 -1.68 -20.12
C LYS A 13 9.23 -0.57 -21.19
N HIS A 14 8.16 0.23 -21.13
CA HIS A 14 7.95 1.33 -22.07
C HIS A 14 8.18 2.71 -21.48
N ARG A 15 9.25 2.85 -20.68
CA ARG A 15 9.54 4.12 -20.06
C ARG A 15 9.72 5.36 -20.92
N SER A 16 10.71 5.36 -21.80
CA SER A 16 10.95 6.54 -22.63
C SER A 16 9.68 7.12 -23.28
N ILE A 17 8.86 6.24 -23.87
CA ILE A 17 7.65 6.72 -24.51
C ILE A 17 6.67 7.20 -23.44
N TYR A 18 6.61 6.51 -22.31
CA TYR A 18 5.69 6.97 -21.29
C TYR A 18 6.25 8.27 -20.68
N THR A 19 7.38 8.74 -21.19
CA THR A 19 7.92 10.04 -20.69
C THR A 19 7.58 11.21 -21.68
N ALA A 20 7.49 10.90 -22.98
CA ALA A 20 7.18 11.98 -23.95
C ALA A 20 5.67 12.30 -24.03
N ALA A 21 4.84 11.38 -23.53
CA ALA A 21 3.36 11.46 -23.49
C ALA A 21 2.83 12.01 -22.14
N THR A 22 3.72 12.57 -21.35
CA THR A 22 3.33 13.03 -20.02
C THR A 22 3.97 14.37 -19.64
N ARG A 23 4.76 14.95 -20.55
CA ARG A 23 5.36 16.25 -20.34
C ARG A 23 4.20 17.30 -20.24
N HIS A 24 4.42 18.41 -19.51
CA HIS A 24 3.36 19.41 -19.34
C HIS A 24 2.71 19.63 -20.66
N ALA A 25 1.38 19.69 -20.66
CA ALA A 25 0.72 19.78 -21.95
C ALA A 25 1.12 20.94 -22.89
N PHE A 26 1.09 22.20 -22.45
CA PHE A 26 1.49 23.31 -23.35
C PHE A 26 2.70 24.02 -22.74
N VAL A 27 2.98 25.26 -23.16
CA VAL A 27 4.11 25.94 -22.60
C VAL A 27 3.79 27.43 -22.69
N VAL A 28 3.99 28.15 -21.58
CA VAL A 28 3.74 29.61 -21.45
C VAL A 28 5.04 30.23 -20.92
N SER A 29 5.63 31.19 -21.63
CA SER A 29 6.88 31.83 -21.22
C SER A 29 7.03 33.21 -21.89
N ILE A 30 8.19 33.82 -21.80
CA ILE A 30 8.33 35.15 -22.44
C ILE A 30 8.99 35.02 -23.81
N ARG A 31 8.67 35.94 -24.73
CA ARG A 31 9.23 35.98 -26.08
C ARG A 31 8.92 37.36 -26.67
N ASP A 32 9.95 38.09 -27.11
CA ASP A 32 9.77 39.42 -27.70
C ASP A 32 9.32 40.32 -26.61
N GLY A 33 9.59 39.93 -25.37
CA GLY A 33 9.15 40.79 -24.30
C GLY A 33 7.68 40.51 -24.05
N SER A 34 7.09 39.57 -24.81
CA SER A 34 5.70 39.18 -24.57
C SER A 34 5.52 37.67 -24.27
N VAL A 35 4.42 37.40 -23.58
CA VAL A 35 4.03 36.04 -23.20
C VAL A 35 3.56 35.41 -24.49
N ASP A 36 4.20 34.33 -24.86
CA ASP A 36 3.81 33.60 -26.08
C ASP A 36 2.61 32.71 -25.69
N LEU A 37 1.49 32.96 -26.36
CA LEU A 37 0.23 32.27 -26.13
C LEU A 37 -0.15 31.31 -27.24
N SER A 38 0.54 31.38 -28.37
CA SER A 38 0.21 30.52 -29.50
C SER A 38 0.16 29.05 -29.17
N SER A 39 0.80 28.65 -28.08
CA SER A 39 0.77 27.24 -27.76
C SER A 39 -0.56 27.00 -27.02
N PHE A 40 -0.79 27.82 -25.99
CA PHE A 40 -1.96 27.66 -25.22
C PHE A 40 -3.23 27.67 -26.14
N ARG A 41 -3.13 28.29 -27.28
CA ARG A 41 -4.32 28.29 -28.09
C ARG A 41 -4.46 27.08 -29.03
N THR A 42 -3.32 26.51 -29.44
CA THR A 42 -3.34 25.32 -30.29
C THR A 42 -3.90 24.14 -29.44
N TRP A 43 -3.31 23.94 -28.26
CA TRP A 43 -3.72 22.87 -27.34
C TRP A 43 -5.26 22.87 -27.04
N LEU A 44 -5.78 24.04 -26.70
CA LEU A 44 -7.20 24.21 -26.36
C LEU A 44 -8.09 23.84 -27.52
N GLY A 45 -7.88 24.57 -28.61
CA GLY A 45 -8.64 24.36 -29.83
C GLY A 45 -8.61 22.89 -30.17
N GLN A 46 -7.41 22.34 -30.26
CA GLN A 46 -7.32 20.93 -30.62
C GLN A 46 -7.80 20.02 -29.53
N ASP A 47 -7.44 20.26 -28.29
CA ASP A 47 -7.94 19.32 -27.25
C ASP A 47 -9.46 19.42 -27.04
N TYR A 48 -10.07 20.55 -27.36
CA TYR A 48 -11.55 20.61 -27.23
C TYR A 48 -12.18 19.65 -28.27
N LEU A 49 -11.48 19.48 -29.41
CA LEU A 49 -11.98 18.57 -30.45
C LEU A 49 -11.68 17.13 -30.04
N PHE A 50 -10.55 16.86 -29.40
CA PHE A 50 -10.26 15.49 -28.96
C PHE A 50 -11.27 15.02 -27.88
N VAL A 51 -11.60 15.92 -26.97
CA VAL A 51 -12.53 15.60 -25.88
C VAL A 51 -13.92 15.30 -26.45
N ARG A 52 -14.37 16.02 -27.49
CA ARG A 52 -15.66 15.70 -28.10
C ARG A 52 -15.63 14.27 -28.67
N ARG A 53 -14.46 13.78 -29.06
CA ARG A 53 -14.40 12.40 -29.52
C ARG A 53 -14.26 11.47 -28.28
N PHE A 54 -13.41 11.84 -27.33
CA PHE A 54 -13.26 11.02 -26.15
C PHE A 54 -14.64 10.78 -25.47
N VAL A 55 -15.52 11.79 -25.47
CA VAL A 55 -16.82 11.70 -24.85
C VAL A 55 -17.44 10.33 -25.08
N PRO A 56 -17.84 10.00 -26.33
CA PRO A 56 -18.44 8.67 -26.57
C PRO A 56 -17.48 7.49 -26.40
N PHE A 57 -16.19 7.75 -26.38
CA PHE A 57 -15.33 6.58 -26.15
C PHE A 57 -15.59 6.15 -24.66
N VAL A 58 -15.93 7.10 -23.77
CA VAL A 58 -16.22 6.74 -22.36
C VAL A 58 -17.62 6.06 -22.29
N ALA A 59 -18.59 6.54 -23.07
CA ALA A 59 -19.90 5.94 -23.11
C ALA A 59 -19.68 4.47 -23.46
N SER A 60 -18.50 4.22 -24.00
CA SER A 60 -18.09 2.91 -24.40
C SER A 60 -17.45 2.17 -23.25
N VAL A 61 -17.00 2.90 -22.28
CA VAL A 61 -16.36 2.19 -21.20
C VAL A 61 -17.50 1.89 -20.20
N LEU A 62 -18.43 2.83 -20.13
CA LEU A 62 -19.62 2.75 -19.30
C LEU A 62 -20.47 1.51 -19.63
N ILE A 63 -20.87 1.39 -20.90
CA ILE A 63 -21.71 0.29 -21.34
C ILE A 63 -21.08 -1.08 -21.08
N ARG A 64 -19.82 -1.24 -21.43
CA ARG A 64 -19.14 -2.52 -21.21
C ARG A 64 -18.94 -2.73 -19.72
N ALA A 65 -18.91 -1.64 -18.95
CA ALA A 65 -18.75 -1.70 -17.50
C ALA A 65 -20.04 -2.22 -16.86
N CYS A 66 -21.10 -2.31 -17.66
CA CYS A 66 -22.38 -2.82 -17.20
C CYS A 66 -22.82 -4.14 -17.87
N LYS A 67 -22.18 -4.54 -18.95
CA LYS A 67 -22.54 -5.77 -19.65
C LYS A 67 -21.38 -6.76 -19.78
N ASP A 68 -20.22 -6.29 -20.23
CA ASP A 68 -19.00 -7.12 -20.39
C ASP A 68 -18.20 -6.98 -19.05
N SER A 69 -18.77 -6.16 -18.19
CA SER A 69 -18.27 -5.80 -16.87
C SER A 69 -17.95 -6.97 -15.93
N GLY A 70 -16.75 -6.96 -15.35
CA GLY A 70 -16.46 -8.00 -14.39
C GLY A 70 -16.99 -7.69 -12.98
N GLU A 71 -17.35 -6.42 -12.71
CA GLU A 71 -17.91 -5.94 -11.41
C GLU A 71 -19.10 -4.97 -11.60
N SER A 72 -20.02 -4.93 -10.62
CA SER A 72 -21.18 -4.05 -10.72
C SER A 72 -20.77 -2.56 -10.60
N SER A 73 -20.03 -2.24 -9.54
CA SER A 73 -19.58 -0.86 -9.27
C SER A 73 -18.63 -0.17 -10.27
N ASP A 74 -18.35 -0.81 -11.42
CA ASP A 74 -17.48 -0.24 -12.44
C ASP A 74 -18.21 0.91 -13.10
N MSE A 75 -19.52 0.78 -13.23
CA MSE A 75 -20.29 1.82 -13.87
C MSE A 75 -20.08 3.13 -13.14
O MSE A 75 -19.75 4.14 -13.76
CB MSE A 75 -21.78 1.46 -13.86
CG MSE A 75 -22.68 2.68 -13.84
SE MSE A 75 -24.37 2.15 -13.19
CE MSE A 75 -24.18 0.33 -13.72
N GLU A 76 -20.28 3.11 -11.82
CA GLU A 76 -20.13 4.34 -11.05
C GLU A 76 -18.78 4.97 -11.35
N VAL A 77 -17.75 4.15 -11.52
CA VAL A 77 -16.48 4.77 -11.82
C VAL A 77 -16.53 5.42 -13.20
N VAL A 78 -16.92 4.68 -14.22
CA VAL A 78 -16.94 5.27 -15.54
C VAL A 78 -17.92 6.44 -15.57
N LEU A 79 -19.06 6.25 -14.90
CA LEU A 79 -20.12 7.27 -14.84
C LEU A 79 -19.69 8.63 -14.28
N GLY A 80 -18.88 8.63 -13.23
CA GLY A 80 -18.44 9.89 -12.67
C GLY A 80 -17.43 10.49 -13.66
N GLY A 81 -16.74 9.59 -14.37
CA GLY A 81 -15.75 10.03 -15.36
C GLY A 81 -16.40 10.67 -16.57
N ILE A 82 -17.37 10.00 -17.18
CA ILE A 82 -18.03 10.56 -18.32
C ILE A 82 -18.76 11.81 -17.84
N ALA A 83 -19.28 11.77 -16.62
CA ALA A 83 -20.00 12.91 -16.07
C ALA A 83 -19.06 14.08 -15.91
N SER A 84 -17.81 13.76 -15.55
CA SER A 84 -16.76 14.76 -15.38
C SER A 84 -16.50 15.52 -16.70
N LEU A 85 -16.55 14.77 -17.80
CA LEU A 85 -16.29 15.37 -19.09
C LEU A 85 -17.34 16.40 -19.45
N ASN A 86 -18.55 16.27 -18.89
CA ASN A 86 -19.55 17.26 -19.22
C ASN A 86 -19.19 18.69 -18.68
N ASP A 87 -18.58 18.83 -17.51
CA ASP A 87 -18.24 20.18 -17.04
C ASP A 87 -17.02 20.67 -17.81
N GLU A 88 -16.19 19.71 -18.29
CA GLU A 88 -15.00 20.08 -19.08
C GLU A 88 -15.40 20.82 -20.35
N ILE A 89 -16.36 20.28 -21.09
CA ILE A 89 -16.80 20.93 -22.30
C ILE A 89 -17.17 22.36 -21.99
N GLU A 90 -18.06 22.53 -21.01
CA GLU A 90 -18.46 23.86 -20.59
C GLU A 90 -17.24 24.72 -20.27
N TRP A 91 -16.31 24.20 -19.47
CA TRP A 91 -15.12 24.93 -19.14
C TRP A 91 -14.37 25.25 -20.47
N PHE A 92 -14.25 24.27 -21.38
CA PHE A 92 -13.58 24.54 -22.68
C PHE A 92 -14.28 25.70 -23.40
N LYS A 93 -15.61 25.73 -23.37
CA LYS A 93 -16.32 26.86 -24.04
C LYS A 93 -15.99 28.20 -23.38
N ARG A 94 -15.88 28.22 -22.05
CA ARG A 94 -15.50 29.45 -21.31
C ARG A 94 -13.98 29.72 -21.44
N GLU A 95 -13.21 28.77 -21.95
CA GLU A 95 -11.75 28.98 -22.12
C GLU A 95 -11.43 29.58 -23.45
N GLY A 96 -11.95 28.96 -24.49
CA GLY A 96 -11.70 29.43 -25.83
C GLY A 96 -12.23 30.81 -26.16
N SER A 97 -13.33 31.22 -25.52
CA SER A 97 -13.81 32.54 -25.83
C SER A 97 -13.09 33.62 -25.08
N LYS A 98 -12.32 33.27 -24.05
CA LYS A 98 -11.62 34.36 -23.37
C LYS A 98 -10.20 34.52 -23.93
N TRP A 99 -9.84 33.57 -24.78
CA TRP A 99 -8.56 33.51 -25.45
C TRP A 99 -8.69 33.55 -26.96
N ASP A 100 -9.85 34.01 -27.44
CA ASP A 100 -10.15 34.03 -28.86
C ASP A 100 -9.75 32.72 -29.58
N VAL A 101 -10.30 31.56 -29.20
CA VAL A 101 -10.01 30.33 -29.94
C VAL A 101 -11.37 29.80 -30.39
N ASP A 102 -11.53 29.76 -31.70
CA ASP A 102 -12.74 29.33 -32.36
C ASP A 102 -12.65 27.85 -32.66
N PHE A 103 -13.25 27.06 -31.80
CA PHE A 103 -13.18 25.64 -31.96
C PHE A 103 -13.68 25.14 -33.29
N SER A 104 -14.64 25.83 -33.92
CA SER A 104 -15.14 25.33 -35.19
C SER A 104 -14.29 25.78 -36.40
N THR A 105 -13.32 26.68 -36.20
CA THR A 105 -12.45 27.01 -37.33
C THR A 105 -11.16 26.23 -37.05
N VAL A 106 -11.09 25.58 -35.89
CA VAL A 106 -9.91 24.78 -35.57
C VAL A 106 -9.94 23.57 -36.52
N VAL A 107 -8.81 23.17 -37.07
CA VAL A 107 -8.77 22.02 -37.96
C VAL A 107 -7.99 20.87 -37.25
N PRO A 108 -8.63 19.69 -37.05
CA PRO A 108 -7.89 18.59 -36.39
C PRO A 108 -6.62 18.22 -37.14
N GLN A 109 -5.51 18.14 -36.42
CA GLN A 109 -4.25 17.77 -37.07
C GLN A 109 -4.13 16.24 -37.07
N ARG A 110 -3.09 15.73 -37.74
CA ARG A 110 -2.79 14.30 -37.88
C ARG A 110 -2.65 13.45 -36.58
N ALA A 111 -1.90 13.94 -35.59
CA ALA A 111 -1.75 13.15 -34.40
C ALA A 111 -3.15 12.92 -33.78
N ASN A 112 -3.97 13.98 -33.88
CA ASN A 112 -5.34 14.05 -33.40
C ASN A 112 -6.33 13.17 -34.22
N GLN A 113 -6.26 13.25 -35.54
CA GLN A 113 -7.14 12.45 -36.38
C GLN A 113 -6.86 11.00 -36.12
N GLU A 114 -5.59 10.67 -35.98
CA GLU A 114 -5.20 9.29 -35.70
C GLU A 114 -5.74 8.84 -34.33
N TYR A 115 -5.60 9.72 -33.35
CA TYR A 115 -6.06 9.47 -32.03
C TYR A 115 -7.57 9.20 -32.16
N GLY A 116 -8.26 10.04 -32.93
CA GLY A 116 -9.70 9.85 -33.09
C GLY A 116 -10.07 8.49 -33.68
N ARG A 117 -9.33 8.04 -34.69
CA ARG A 117 -9.63 6.74 -35.26
C ARG A 117 -9.28 5.61 -34.29
N PHE A 118 -8.23 5.78 -33.49
CA PHE A 118 -7.84 4.76 -32.53
C PHE A 118 -9.00 4.56 -31.54
N LEU A 119 -9.47 5.66 -30.94
CA LEU A 119 -10.61 5.51 -30.04
C LEU A 119 -11.62 4.67 -30.83
N GLU A 120 -12.35 5.28 -31.77
CA GLU A 120 -13.31 4.56 -32.56
C GLU A 120 -13.06 3.07 -32.74
N ASP A 121 -11.79 2.70 -32.91
CA ASP A 121 -11.43 1.27 -33.07
C ASP A 121 -11.77 0.48 -31.81
N LEU A 122 -11.32 1.01 -30.69
CA LEU A 122 -11.52 0.41 -29.39
C LEU A 122 -12.96 0.43 -28.85
N MSE A 123 -13.84 1.11 -29.58
CA MSE A 123 -15.25 1.20 -29.19
C MSE A 123 -16.18 0.06 -29.64
O MSE A 123 -17.32 -0.03 -29.16
CB MSE A 123 -15.84 2.48 -29.74
CG MSE A 123 -15.39 3.74 -29.01
SE MSE A 123 -16.09 5.22 -29.94
CE MSE A 123 -17.98 4.86 -29.65
N SER A 124 -15.73 -0.80 -30.56
CA SER A 124 -16.63 -1.85 -31.06
C SER A 124 -16.74 -3.00 -30.10
N SER A 125 -17.86 -3.71 -30.14
CA SER A 125 -17.97 -4.81 -29.20
C SER A 125 -17.00 -5.94 -29.47
N GLU A 126 -16.36 -5.98 -30.63
CA GLU A 126 -15.46 -7.09 -30.85
C GLU A 126 -14.09 -6.94 -30.13
N VAL A 127 -13.86 -5.78 -29.54
CA VAL A 127 -12.67 -5.48 -28.79
C VAL A 127 -13.07 -5.84 -27.41
N LYS A 128 -12.15 -6.38 -26.62
CA LYS A 128 -12.46 -6.83 -25.25
C LYS A 128 -12.53 -5.85 -24.06
N TYR A 129 -13.12 -6.34 -22.96
CA TYR A 129 -13.25 -5.48 -21.82
C TYR A 129 -11.91 -5.01 -21.26
N PRO A 130 -10.89 -5.92 -21.17
CA PRO A 130 -9.61 -5.45 -20.61
C PRO A 130 -8.84 -4.49 -21.53
N VAL A 131 -9.07 -4.59 -22.85
CA VAL A 131 -8.37 -3.70 -23.78
C VAL A 131 -9.04 -2.31 -23.61
N ILE A 132 -10.38 -2.28 -23.53
CA ILE A 132 -11.12 -1.03 -23.36
C ILE A 132 -10.74 -0.29 -22.07
N MSE A 133 -10.61 -1.01 -20.97
CA MSE A 133 -10.25 -0.32 -19.72
C MSE A 133 -8.79 0.16 -19.69
O MSE A 133 -8.43 1.06 -18.91
CB MSE A 133 -10.49 -1.20 -18.51
CG MSE A 133 -11.93 -1.33 -18.14
SE MSE A 133 -12.74 0.27 -17.43
CE MSE A 133 -11.23 0.80 -16.33
N THR A 134 -7.94 -0.45 -20.51
CA THR A 134 -6.53 -0.02 -20.51
C THR A 134 -6.41 1.35 -21.24
N ALA A 135 -7.25 1.54 -22.26
CA ALA A 135 -7.30 2.83 -22.93
C ALA A 135 -7.91 3.87 -21.93
N PHE A 136 -9.00 3.51 -21.25
CA PHE A 136 -9.65 4.40 -20.31
C PHE A 136 -8.63 4.82 -19.24
N TRP A 137 -7.99 3.87 -18.61
CA TRP A 137 -7.06 4.25 -17.60
C TRP A 137 -5.89 5.01 -18.21
N ALA A 138 -5.60 4.78 -19.50
CA ALA A 138 -4.46 5.45 -20.10
C ALA A 138 -4.74 6.89 -20.37
N ILE A 139 -5.65 7.15 -21.29
CA ILE A 139 -6.05 8.51 -21.62
C ILE A 139 -6.27 9.37 -20.35
N GLU A 140 -6.95 8.84 -19.31
CA GLU A 140 -7.13 9.64 -18.10
C GLU A 140 -5.81 9.73 -17.35
N ALA A 141 -5.05 8.66 -17.39
CA ALA A 141 -3.75 8.65 -16.71
C ALA A 141 -2.77 9.72 -17.19
N VAL A 142 -2.48 9.79 -18.48
CA VAL A 142 -1.51 10.79 -18.93
C VAL A 142 -1.86 12.25 -18.57
N TYR A 143 -3.11 12.50 -18.26
CA TYR A 143 -3.49 13.85 -17.86
C TYR A 143 -3.13 14.01 -16.38
N GLN A 144 -3.33 12.97 -15.59
CA GLN A 144 -2.95 13.06 -14.18
C GLN A 144 -1.46 13.40 -14.09
N GLU A 145 -0.67 12.68 -14.86
CA GLU A 145 0.74 12.91 -14.78
C GLU A 145 1.17 14.22 -15.43
N SER A 146 0.48 14.62 -16.49
CA SER A 146 0.89 15.85 -17.11
C SER A 146 0.81 17.02 -16.12
N PHE A 147 -0.11 16.94 -15.18
CA PHE A 147 -0.27 17.95 -14.15
C PHE A 147 0.14 17.40 -12.74
N ALA A 148 1.18 16.61 -12.74
CA ALA A 148 1.60 16.18 -11.46
C ALA A 148 2.30 17.48 -10.95
N HIS A 149 1.66 18.18 -10.01
CA HIS A 149 2.21 19.44 -9.45
C HIS A 149 2.22 20.70 -10.36
N CYS A 150 1.16 20.94 -11.12
CA CYS A 150 1.18 22.08 -12.02
C CYS A 150 1.30 23.45 -11.35
N LEU A 151 0.69 23.65 -10.19
CA LEU A 151 0.75 24.91 -9.50
C LEU A 151 2.18 25.23 -9.04
N GLU A 152 2.75 24.28 -8.32
CA GLU A 152 4.10 24.37 -7.77
C GLU A 152 5.10 24.68 -8.88
N ASP A 153 5.11 23.85 -9.93
CA ASP A 153 5.99 24.08 -11.10
C ASP A 153 5.76 25.50 -11.62
N GLY A 154 4.51 25.76 -12.01
CA GLY A 154 4.11 27.05 -12.54
C GLY A 154 4.56 28.23 -11.68
N ASN A 155 4.54 28.05 -10.35
CA ASN A 155 4.95 29.12 -9.44
C ASN A 155 6.40 29.50 -9.78
N LYS A 156 7.11 28.63 -10.49
CA LYS A 156 8.51 28.95 -10.83
C LYS A 156 8.73 29.73 -12.11
N THR A 157 7.69 29.89 -12.94
CA THR A 157 7.86 30.67 -14.16
C THR A 157 7.24 32.02 -13.94
N PRO A 158 7.76 33.04 -14.64
CA PRO A 158 7.34 34.46 -14.60
C PRO A 158 5.85 34.64 -14.89
N VAL A 159 5.33 33.76 -15.75
CA VAL A 159 3.93 33.80 -16.11
C VAL A 159 3.40 32.38 -16.23
N GLU A 160 2.22 32.16 -15.64
CA GLU A 160 1.56 30.87 -15.70
C GLU A 160 0.07 31.11 -15.87
N LEU A 161 -0.61 30.23 -16.63
CA LEU A 161 -2.05 30.33 -16.85
C LEU A 161 -2.66 29.13 -16.10
N THR A 162 -3.23 29.35 -14.94
CA THR A 162 -3.78 28.33 -14.02
C THR A 162 -5.09 27.61 -14.36
N GLY A 163 -5.82 28.10 -15.38
CA GLY A 163 -7.11 27.53 -15.69
C GLY A 163 -7.19 26.03 -15.90
N ALA A 164 -6.33 25.50 -16.78
CA ALA A 164 -6.28 24.10 -17.15
C ALA A 164 -5.75 23.39 -15.95
N CYS A 165 -4.71 23.96 -15.34
CA CYS A 165 -4.12 23.42 -14.13
C CYS A 165 -5.19 23.17 -13.06
N HIS A 166 -6.11 24.11 -12.84
CA HIS A 166 -7.19 23.87 -11.87
C HIS A 166 -8.11 22.72 -12.36
N ARG A 167 -8.23 22.56 -13.68
CA ARG A 167 -9.10 21.55 -14.25
C ARG A 167 -8.60 20.18 -13.90
N TRP A 168 -7.43 19.85 -14.42
CA TRP A 168 -6.88 18.54 -14.23
C TRP A 168 -5.94 18.31 -13.07
N GLY A 169 -5.30 19.33 -12.51
CA GLY A 169 -4.41 19.06 -11.39
C GLY A 169 -5.03 19.03 -9.99
N ASN A 170 -6.35 18.91 -9.87
CA ASN A 170 -6.89 18.94 -8.51
C ASN A 170 -6.85 17.57 -7.91
N ASP A 171 -6.87 17.50 -6.59
CA ASP A 171 -6.79 16.21 -5.94
C ASP A 171 -7.90 15.23 -6.30
N GLY A 172 -9.08 15.77 -6.60
CA GLY A 172 -10.22 14.96 -6.98
C GLY A 172 -9.96 14.20 -8.27
N PHE A 173 -9.43 14.89 -9.28
CA PHE A 173 -9.16 14.17 -10.53
C PHE A 173 -8.11 13.07 -10.26
N LYS A 174 -7.12 13.40 -9.43
CA LYS A 174 -6.09 12.43 -9.03
C LYS A 174 -6.84 11.19 -8.47
N GLN A 175 -7.60 11.45 -7.41
CA GLN A 175 -8.37 10.39 -6.77
C GLN A 175 -8.84 9.45 -7.82
N TYR A 176 -9.71 9.99 -8.66
CA TYR A 176 -10.35 9.29 -9.79
C TYR A 176 -9.34 8.48 -10.56
N CYS A 177 -8.39 9.17 -11.16
CA CYS A 177 -7.32 8.54 -11.92
C CYS A 177 -6.97 7.19 -11.29
N SER A 178 -6.67 7.20 -9.98
CA SER A 178 -6.31 5.96 -9.32
C SER A 178 -7.46 4.96 -9.13
N SER A 179 -8.69 5.45 -8.95
CA SER A 179 -9.82 4.55 -8.83
C SER A 179 -9.92 3.84 -10.17
N VAL A 180 -9.34 4.44 -11.20
CA VAL A 180 -9.35 3.82 -12.52
C VAL A 180 -8.20 2.83 -12.68
N LYS A 181 -7.05 3.15 -12.15
CA LYS A 181 -5.94 2.20 -12.27
C LYS A 181 -6.23 0.99 -11.38
N ASN A 182 -6.83 1.23 -10.24
CA ASN A 182 -7.10 0.11 -9.36
C ASN A 182 -7.88 -0.96 -10.06
N ILE A 183 -8.93 -0.58 -10.78
CA ILE A 183 -9.73 -1.55 -11.50
C ILE A 183 -8.87 -2.24 -12.57
N ALA A 184 -8.59 -1.52 -13.66
CA ALA A 184 -7.81 -2.05 -14.77
C ALA A 184 -6.84 -3.15 -14.32
N GLU A 185 -6.10 -2.87 -13.27
CA GLU A 185 -5.12 -3.81 -12.78
C GLU A 185 -5.77 -5.13 -12.35
N ARG A 186 -6.97 -5.02 -11.76
CA ARG A 186 -7.75 -6.18 -11.27
C ARG A 186 -8.24 -7.00 -12.43
N CYS A 187 -9.21 -6.42 -13.14
CA CYS A 187 -9.82 -7.08 -14.28
C CYS A 187 -8.75 -7.65 -15.20
N LEU A 188 -7.61 -6.99 -15.24
CA LEU A 188 -6.52 -7.44 -16.10
C LEU A 188 -5.94 -8.69 -15.51
N GLU A 189 -5.59 -8.66 -14.22
CA GLU A 189 -5.04 -9.85 -13.65
C GLU A 189 -5.95 -11.05 -13.90
N ASN A 190 -7.19 -10.75 -14.25
CA ASN A 190 -8.16 -11.78 -14.56
C ASN A 190 -7.85 -12.33 -15.95
N ALA A 191 -6.89 -11.72 -16.62
CA ALA A 191 -6.51 -12.07 -17.97
C ALA A 191 -5.42 -13.15 -18.08
N SER A 192 -5.48 -13.84 -19.23
CA SER A 192 -4.59 -14.92 -19.70
C SER A 192 -3.39 -14.25 -20.30
N GLY A 193 -2.33 -15.05 -20.52
CA GLY A 193 -1.11 -14.52 -21.11
C GLY A 193 -1.44 -13.75 -22.37
N GLU A 194 -2.16 -14.38 -23.28
CA GLU A 194 -2.55 -13.74 -24.53
C GLU A 194 -3.00 -12.30 -24.34
N VAL A 195 -4.09 -12.14 -23.57
CA VAL A 195 -4.67 -10.85 -23.28
C VAL A 195 -3.69 -9.77 -22.82
N LEU A 196 -2.95 -10.03 -21.76
CA LEU A 196 -1.97 -9.07 -21.26
C LEU A 196 -1.09 -8.51 -22.40
N GLY A 197 -0.73 -9.37 -23.34
CA GLY A 197 0.10 -8.92 -24.43
C GLY A 197 -0.63 -7.84 -25.19
N GLU A 198 -1.95 -7.98 -25.19
CA GLU A 198 -2.80 -7.02 -25.86
C GLU A 198 -2.91 -5.75 -24.98
N ALA A 199 -3.04 -5.93 -23.68
CA ALA A 199 -3.13 -4.75 -22.84
C ALA A 199 -1.78 -3.98 -22.86
N GLU A 200 -0.70 -4.66 -23.19
CA GLU A 200 0.55 -3.98 -23.25
C GLU A 200 0.56 -3.14 -24.53
N ASP A 201 0.12 -3.75 -25.64
CA ASP A 201 0.15 -3.06 -26.90
C ASP A 201 -0.84 -1.90 -26.93
N VAL A 202 -2.04 -2.05 -26.41
CA VAL A 202 -2.99 -0.95 -26.47
C VAL A 202 -2.39 0.25 -25.71
N LEU A 203 -1.77 0.00 -24.55
CA LEU A 203 -1.12 1.04 -23.78
C LEU A 203 -0.18 1.79 -24.72
N VAL A 204 0.60 1.00 -25.46
CA VAL A 204 1.57 1.56 -26.37
C VAL A 204 0.93 2.47 -27.41
N ARG A 205 -0.15 2.05 -28.07
CA ARG A 205 -0.72 2.96 -29.04
C ARG A 205 -1.18 4.28 -28.44
N VAL A 206 -1.79 4.23 -27.27
CA VAL A 206 -2.22 5.44 -26.64
C VAL A 206 -0.98 6.32 -26.44
N LEU A 207 0.10 5.73 -25.93
CA LEU A 207 1.28 6.52 -25.65
C LEU A 207 1.81 7.10 -26.94
N GLU A 208 1.56 6.41 -28.04
CA GLU A 208 2.00 6.86 -29.38
C GLU A 208 1.28 8.10 -29.85
N LEU A 209 -0.05 8.08 -29.69
CA LEU A 209 -0.92 9.18 -30.05
C LEU A 209 -0.67 10.39 -29.12
N GLU A 210 -0.30 10.13 -27.87
CA GLU A 210 -0.04 11.20 -26.92
C GLU A 210 1.29 11.84 -27.39
N VAL A 211 2.35 11.04 -27.58
CA VAL A 211 3.63 11.59 -28.07
C VAL A 211 3.40 12.48 -29.30
N ALA A 212 2.60 12.03 -30.24
CA ALA A 212 2.32 12.81 -31.44
C ALA A 212 1.34 14.02 -31.26
N PHE A 213 0.37 13.91 -30.36
CA PHE A 213 -0.63 14.94 -30.05
C PHE A 213 0.11 16.17 -29.52
N TRP A 214 1.06 15.86 -28.64
CA TRP A 214 1.94 16.83 -28.00
C TRP A 214 2.86 17.52 -29.08
N GLU A 215 3.56 16.73 -29.86
CA GLU A 215 4.40 17.31 -30.90
C GLU A 215 3.68 18.29 -31.79
N MSE A 216 2.33 18.23 -31.82
CA MSE A 216 1.63 19.20 -32.65
C MSE A 216 1.74 20.57 -31.98
O MSE A 216 2.43 21.48 -32.48
CB MSE A 216 0.16 18.90 -32.79
CG MSE A 216 -0.17 17.45 -32.94
SE MSE A 216 -2.13 17.50 -33.08
CE MSE A 216 -2.68 17.63 -31.16
N SER A 217 1.09 20.68 -30.81
CA SER A 217 1.06 21.95 -30.08
C SER A 217 2.38 22.55 -29.72
N ARG A 218 3.35 21.75 -29.30
CA ARG A 218 4.64 22.28 -28.91
C ARG A 218 5.15 23.42 -29.81
N GLY A 219 5.28 24.60 -29.18
CA GLY A 219 5.76 25.79 -29.83
C GLY A 219 7.16 25.58 -30.39
N ARG B 4 -5.42 2.08 5.23
CA ARG B 4 -5.28 1.05 6.32
C ARG B 4 -4.11 0.10 6.08
N GLY B 5 -3.30 -0.16 7.12
CA GLY B 5 -2.13 -1.04 7.01
C GLY B 5 -2.37 -2.52 6.72
N VAL B 6 -1.27 -3.25 6.49
CA VAL B 6 -1.31 -4.67 6.20
C VAL B 6 -1.49 -5.48 7.49
N ILE B 7 -0.66 -5.21 8.49
CA ILE B 7 -0.83 -5.90 9.75
C ILE B 7 -2.10 -5.40 10.43
N ASP B 8 -2.29 -4.09 10.42
CA ASP B 8 -3.48 -3.53 11.00
C ASP B 8 -4.73 -4.18 10.41
N THR B 9 -4.76 -4.33 9.09
CA THR B 9 -5.91 -4.98 8.40
C THR B 9 -6.11 -6.42 8.88
N TRP B 10 -5.01 -7.18 8.96
CA TRP B 10 -5.06 -8.55 9.46
C TRP B 10 -5.47 -8.64 10.93
N ILE B 11 -5.00 -7.69 11.75
CA ILE B 11 -5.28 -7.71 13.17
C ILE B 11 -6.71 -7.26 13.46
N ASP B 12 -7.37 -6.83 12.38
CA ASP B 12 -8.75 -6.39 12.41
C ASP B 12 -9.57 -7.63 12.12
N LYS B 13 -9.28 -8.27 10.98
CA LYS B 13 -9.94 -9.50 10.60
C LYS B 13 -9.61 -10.63 11.59
N HIS B 14 -8.76 -10.38 12.57
CA HIS B 14 -8.50 -11.45 13.56
C HIS B 14 -8.47 -10.97 15.01
N ARG B 15 -8.95 -9.76 15.23
CA ARG B 15 -8.99 -9.13 16.56
C ARG B 15 -9.38 -9.97 17.81
N SER B 16 -10.48 -10.72 17.73
CA SER B 16 -10.94 -11.53 18.88
C SER B 16 -9.81 -12.39 19.45
N ILE B 17 -9.22 -13.23 18.58
CA ILE B 17 -8.08 -14.08 18.90
C ILE B 17 -6.91 -13.20 19.39
N TYR B 18 -6.83 -11.96 18.90
CA TYR B 18 -5.80 -10.96 19.25
C TYR B 18 -6.17 -10.43 20.67
N THR B 19 -7.44 -10.13 20.82
CA THR B 19 -7.90 -9.64 22.09
C THR B 19 -7.73 -10.76 23.12
N ALA B 20 -7.74 -12.00 22.69
CA ALA B 20 -7.58 -13.11 23.62
C ALA B 20 -6.09 -13.40 23.99
N ALA B 21 -5.15 -12.97 23.16
CA ALA B 21 -3.73 -13.21 23.46
C ALA B 21 -3.03 -12.06 24.20
N THR B 22 -3.71 -10.90 24.27
CA THR B 22 -3.18 -9.74 24.93
C THR B 22 -4.04 -9.37 26.15
N ARG B 23 -4.94 -10.26 26.54
CA ARG B 23 -5.78 -9.91 27.70
C ARG B 23 -6.26 -11.16 28.43
N HIS B 24 -5.70 -12.31 28.05
CA HIS B 24 -6.03 -13.58 28.66
C HIS B 24 -6.10 -13.32 30.18
N ALA B 25 -7.18 -13.80 30.78
CA ALA B 25 -7.43 -13.60 32.20
C ALA B 25 -6.14 -13.63 33.04
N PHE B 26 -5.16 -14.38 32.59
CA PHE B 26 -3.92 -14.42 33.34
C PHE B 26 -3.25 -13.06 33.48
N VAL B 27 -3.24 -12.22 32.41
CA VAL B 27 -2.57 -10.91 32.50
C VAL B 27 -3.45 -9.86 33.10
N VAL B 28 -4.75 -10.18 33.16
CA VAL B 28 -5.79 -9.32 33.73
C VAL B 28 -5.66 -9.45 35.24
N SER B 29 -5.64 -10.68 35.71
CA SER B 29 -5.47 -11.00 37.14
C SER B 29 -4.17 -10.38 37.67
N ILE B 30 -3.35 -9.95 36.71
CA ILE B 30 -2.08 -9.26 36.97
C ILE B 30 -2.49 -7.80 37.23
N ARG B 31 -2.94 -7.11 36.18
CA ARG B 31 -3.39 -5.71 36.24
C ARG B 31 -4.31 -5.42 37.44
N ASP B 32 -4.79 -6.45 38.16
CA ASP B 32 -5.66 -6.21 39.30
C ASP B 32 -5.48 -7.19 40.47
N GLY B 33 -4.30 -7.77 40.51
CA GLY B 33 -3.96 -8.69 41.56
C GLY B 33 -4.82 -9.90 41.87
N SER B 34 -5.73 -10.34 41.00
CA SER B 34 -6.46 -11.55 41.38
C SER B 34 -5.58 -12.81 41.13
N VAL B 35 -4.52 -12.65 40.34
CA VAL B 35 -3.61 -13.73 40.03
C VAL B 35 -2.91 -14.21 41.31
N ASP B 36 -2.80 -15.50 41.51
CA ASP B 36 -2.11 -15.94 42.71
C ASP B 36 -0.68 -16.47 42.46
N LEU B 37 0.04 -16.79 43.54
CA LEU B 37 1.43 -17.24 43.40
C LEU B 37 1.56 -18.53 42.57
N SER B 38 0.47 -19.24 42.35
CA SER B 38 0.63 -20.44 41.53
C SER B 38 0.64 -20.05 40.05
N SER B 39 -0.32 -19.26 39.64
CA SER B 39 -0.39 -18.82 38.24
C SER B 39 0.94 -18.10 37.90
N PHE B 40 1.39 -17.20 38.78
CA PHE B 40 2.65 -16.48 38.57
C PHE B 40 3.88 -17.41 38.42
N ARG B 41 4.17 -18.24 39.42
CA ARG B 41 5.28 -19.19 39.38
C ARG B 41 5.42 -20.08 38.08
N THR B 42 4.29 -20.64 37.60
CA THR B 42 4.23 -21.48 36.40
C THR B 42 4.67 -20.60 35.19
N TRP B 43 4.22 -19.33 35.23
CA TRP B 43 4.54 -18.34 34.21
C TRP B 43 6.07 -18.01 34.17
N LEU B 44 6.61 -17.49 35.28
CA LEU B 44 8.03 -17.14 35.38
C LEU B 44 8.84 -18.21 34.71
N GLY B 45 8.47 -19.46 35.04
CA GLY B 45 9.14 -20.64 34.54
C GLY B 45 8.99 -20.88 33.03
N GLN B 46 7.78 -21.18 32.59
CA GLN B 46 7.53 -21.45 31.19
C GLN B 46 7.94 -20.19 30.42
N ASP B 47 7.74 -19.04 31.05
CA ASP B 47 8.08 -17.80 30.41
C ASP B 47 9.59 -17.64 30.43
N TYR B 48 10.26 -17.84 31.57
CA TYR B 48 11.72 -17.70 31.53
C TYR B 48 12.28 -18.65 30.50
N LEU B 49 11.97 -19.93 30.69
CA LEU B 49 12.45 -21.00 29.84
C LEU B 49 12.22 -20.64 28.40
N PHE B 50 11.04 -20.10 28.14
CA PHE B 50 10.69 -19.67 26.82
C PHE B 50 11.65 -18.52 26.42
N VAL B 51 12.26 -17.87 27.39
CA VAL B 51 13.19 -16.80 27.00
C VAL B 51 14.44 -17.40 26.33
N ARG B 52 14.91 -18.53 26.82
CA ARG B 52 16.10 -19.16 26.25
C ARG B 52 15.88 -19.81 24.90
N ARG B 53 14.67 -20.35 24.70
CA ARG B 53 14.32 -20.95 23.44
C ARG B 53 14.42 -19.82 22.47
N PHE B 54 13.88 -18.69 22.93
CA PHE B 54 13.74 -17.42 22.23
C PHE B 54 15.06 -16.71 21.93
N VAL B 55 16.14 -17.00 22.70
CA VAL B 55 17.41 -16.30 22.51
C VAL B 55 18.02 -16.72 21.17
N PRO B 56 18.19 -18.03 20.91
CA PRO B 56 18.74 -18.42 19.59
C PRO B 56 17.85 -17.79 18.55
N PHE B 57 16.55 -18.04 18.68
CA PHE B 57 15.60 -17.53 17.73
C PHE B 57 16.02 -16.19 17.14
N VAL B 58 15.99 -15.16 17.98
CA VAL B 58 16.30 -13.84 17.50
C VAL B 58 17.67 -13.70 16.85
N ALA B 59 18.64 -14.42 17.39
CA ALA B 59 19.95 -14.38 16.77
C ALA B 59 19.76 -14.80 15.30
N SER B 60 19.02 -15.88 15.05
CA SER B 60 18.85 -16.25 13.64
C SER B 60 18.03 -15.20 12.88
N VAL B 61 17.41 -14.28 13.64
CA VAL B 61 16.61 -13.16 13.08
C VAL B 61 17.57 -11.98 12.81
N LEU B 62 18.73 -12.01 13.44
CA LEU B 62 19.71 -10.96 13.27
C LEU B 62 20.62 -11.31 12.06
N ILE B 63 21.07 -12.54 12.04
CA ILE B 63 21.91 -12.92 10.94
C ILE B 63 21.19 -12.63 9.64
N ARG B 64 19.88 -12.87 9.56
CA ARG B 64 19.09 -12.55 8.37
C ARG B 64 18.97 -11.02 8.27
N ALA B 65 19.05 -10.33 9.41
CA ALA B 65 19.03 -8.88 9.46
C ALA B 65 20.26 -8.37 8.65
N CYS B 66 21.38 -9.08 8.79
CA CYS B 66 22.64 -8.73 8.15
C CYS B 66 22.92 -9.44 6.84
N LYS B 67 21.85 -9.80 6.11
CA LYS B 67 21.93 -10.48 4.82
C LYS B 67 20.78 -10.15 3.84
N ASP B 68 19.55 -9.88 4.32
CA ASP B 68 18.41 -9.62 3.39
C ASP B 68 17.36 -8.51 3.67
N SER B 69 17.51 -7.38 3.00
CA SER B 69 16.56 -6.27 3.11
C SER B 69 17.14 -4.96 2.52
N GLY B 70 16.42 -4.38 1.56
CA GLY B 70 16.86 -3.14 0.98
C GLY B 70 16.72 -2.03 2.01
N GLU B 71 16.90 -2.38 3.28
CA GLU B 71 16.83 -1.42 4.38
C GLU B 71 17.86 -1.72 5.47
N SER B 72 19.04 -1.13 5.29
CA SER B 72 20.20 -1.28 6.18
C SER B 72 19.94 -0.99 7.68
N SER B 73 18.96 -0.14 7.97
CA SER B 73 18.63 0.16 9.37
C SER B 73 17.93 -1.00 10.15
N ASP B 74 17.60 -2.11 9.49
CA ASP B 74 16.94 -3.23 10.20
C ASP B 74 17.92 -4.00 11.14
N MSE B 75 19.18 -4.13 10.73
CA MSE B 75 20.21 -4.83 11.54
C MSE B 75 20.22 -4.24 12.94
O MSE B 75 20.13 -4.96 13.93
CB MSE B 75 21.58 -4.59 10.88
CG MSE B 75 22.70 -5.43 11.40
SE MSE B 75 24.13 -4.35 12.17
CE MSE B 75 23.58 -4.42 13.99
N GLU B 76 20.31 -2.91 12.97
CA GLU B 76 20.34 -2.12 14.15
C GLU B 76 19.16 -2.39 15.09
N VAL B 77 17.95 -2.20 14.56
CA VAL B 77 16.72 -2.42 15.32
C VAL B 77 16.68 -3.88 15.90
N VAL B 78 17.23 -4.83 15.18
CA VAL B 78 17.18 -6.20 15.67
C VAL B 78 18.25 -6.42 16.74
N LEU B 79 19.49 -6.08 16.44
CA LEU B 79 20.56 -6.28 17.38
C LEU B 79 20.23 -5.87 18.80
N GLY B 80 19.41 -4.84 18.97
CA GLY B 80 19.10 -4.38 20.32
C GLY B 80 18.07 -5.25 21.02
N GLY B 81 17.14 -5.80 20.23
CA GLY B 81 16.09 -6.65 20.79
C GLY B 81 16.89 -7.66 21.55
N ILE B 82 17.90 -8.15 20.85
CA ILE B 82 18.81 -9.09 21.36
C ILE B 82 19.39 -8.53 22.69
N ALA B 83 20.00 -7.33 22.67
CA ALA B 83 20.60 -6.72 23.88
C ALA B 83 19.64 -6.76 25.07
N SER B 84 18.50 -6.15 24.84
CA SER B 84 17.47 -6.10 25.87
C SER B 84 17.16 -7.50 26.46
N LEU B 85 17.46 -8.58 25.74
CA LEU B 85 17.18 -9.95 26.26
C LEU B 85 18.19 -10.44 27.30
N ASN B 86 19.41 -9.89 27.27
CA ASN B 86 20.41 -10.27 28.26
C ASN B 86 20.10 -9.68 29.65
N ASP B 87 19.67 -8.41 29.67
CA ASP B 87 19.34 -7.67 30.89
C ASP B 87 18.16 -8.37 31.53
N GLU B 88 17.41 -9.02 30.65
CA GLU B 88 16.22 -9.76 30.99
C GLU B 88 16.42 -11.18 31.40
N ILE B 89 17.52 -11.77 31.01
CA ILE B 89 17.75 -13.12 31.43
C ILE B 89 18.16 -12.95 32.89
N GLU B 90 19.01 -11.95 33.13
CA GLU B 90 19.51 -11.67 34.46
C GLU B 90 18.29 -11.33 35.31
N TRP B 91 17.43 -10.45 34.83
CA TRP B 91 16.24 -10.15 35.59
C TRP B 91 15.56 -11.51 35.98
N PHE B 92 15.30 -12.43 35.03
CA PHE B 92 14.60 -13.70 35.43
C PHE B 92 15.35 -14.50 36.49
N LYS B 93 16.66 -14.48 36.38
CA LYS B 93 17.42 -15.19 37.33
C LYS B 93 17.21 -14.56 38.69
N ARG B 94 17.07 -13.23 38.71
CA ARG B 94 16.85 -12.51 39.95
C ARG B 94 15.52 -12.93 40.54
N GLU B 95 14.46 -12.87 39.75
CA GLU B 95 13.11 -13.22 40.26
C GLU B 95 12.98 -14.67 40.62
N GLY B 96 13.56 -15.55 39.84
CA GLY B 96 13.47 -16.95 40.20
C GLY B 96 14.09 -17.16 41.58
N SER B 97 15.34 -16.73 41.71
CA SER B 97 16.06 -16.88 42.99
C SER B 97 15.32 -16.24 44.14
N LYS B 98 14.67 -15.12 43.83
CA LYS B 98 13.87 -14.40 44.78
C LYS B 98 12.64 -15.23 45.11
N TRP B 99 11.66 -15.24 44.21
CA TRP B 99 10.38 -15.91 44.43
C TRP B 99 10.27 -17.42 44.47
N ASP B 100 11.33 -18.14 44.79
CA ASP B 100 11.17 -19.58 44.91
C ASP B 100 10.83 -20.37 43.63
N VAL B 101 11.49 -19.99 42.52
CA VAL B 101 11.39 -20.74 41.30
C VAL B 101 12.83 -20.94 40.83
N ASP B 102 13.29 -22.19 40.84
CA ASP B 102 14.63 -22.53 40.37
C ASP B 102 14.37 -23.01 38.97
N PHE B 103 14.89 -22.28 38.00
CA PHE B 103 14.66 -22.62 36.61
C PHE B 103 15.30 -23.96 36.16
N SER B 104 16.30 -24.41 36.89
CA SER B 104 16.97 -25.64 36.55
C SER B 104 16.09 -26.86 36.67
N THR B 105 14.82 -26.65 36.96
CA THR B 105 13.91 -27.79 37.06
C THR B 105 12.49 -27.39 36.68
N VAL B 106 12.32 -26.50 35.73
CA VAL B 106 10.98 -26.13 35.33
C VAL B 106 10.60 -26.91 34.10
N VAL B 107 10.08 -28.12 34.26
CA VAL B 107 9.70 -28.90 33.10
C VAL B 107 8.82 -28.07 32.15
N PRO B 108 9.35 -27.72 30.97
CA PRO B 108 8.47 -26.93 30.11
C PRO B 108 7.13 -27.65 29.95
N GLN B 109 6.03 -26.90 30.00
CA GLN B 109 4.76 -27.57 29.85
C GLN B 109 4.44 -27.60 28.39
N ARG B 110 3.43 -28.39 28.05
CA ARG B 110 3.03 -28.55 26.68
C ARG B 110 2.94 -27.23 25.91
N ALA B 111 2.46 -26.16 26.55
CA ALA B 111 2.26 -24.89 25.88
C ALA B 111 3.56 -24.27 25.27
N ASN B 112 4.67 -24.52 25.94
CA ASN B 112 6.02 -24.08 25.60
C ASN B 112 6.65 -24.94 24.48
N GLN B 113 6.17 -26.17 24.27
CA GLN B 113 6.73 -26.98 23.17
C GLN B 113 6.00 -26.71 21.82
N GLU B 114 4.69 -26.41 21.84
CA GLU B 114 3.99 -26.03 20.58
C GLU B 114 4.59 -24.60 20.24
N TYR B 115 4.92 -23.82 21.26
CA TYR B 115 5.54 -22.48 21.01
C TYR B 115 7.08 -22.63 20.73
N GLY B 116 7.68 -23.71 21.22
CA GLY B 116 9.10 -23.93 21.02
C GLY B 116 9.24 -24.69 19.73
N ARG B 117 8.14 -24.82 19.03
CA ARG B 117 8.10 -25.56 17.75
C ARG B 117 7.88 -24.62 16.62
N PHE B 118 6.99 -23.66 16.85
CA PHE B 118 6.63 -22.69 15.83
C PHE B 118 7.80 -21.73 15.56
N LEU B 119 8.40 -21.23 16.63
CA LEU B 119 9.56 -20.34 16.48
C LEU B 119 10.53 -21.01 15.55
N GLU B 120 10.70 -22.31 15.75
CA GLU B 120 11.63 -23.03 14.95
C GLU B 120 11.23 -23.19 13.54
N ASP B 121 10.00 -23.57 13.36
CA ASP B 121 9.42 -23.73 12.07
C ASP B 121 9.66 -22.43 11.25
N LEU B 122 9.96 -21.32 11.93
CA LEU B 122 10.16 -20.01 11.26
C LEU B 122 11.62 -19.65 11.07
N MSE B 123 12.53 -20.39 11.69
CA MSE B 123 13.93 -20.07 11.57
C MSE B 123 14.55 -20.75 10.31
O MSE B 123 15.60 -20.33 9.81
CB MSE B 123 14.67 -20.48 12.84
CG MSE B 123 14.36 -19.61 14.04
SE MSE B 123 15.14 -20.39 15.61
CE MSE B 123 17.05 -20.42 15.20
N SER B 124 13.87 -21.79 9.84
CA SER B 124 14.21 -22.55 8.64
C SER B 124 14.74 -21.61 7.56
N SER B 125 15.76 -22.02 6.81
CA SER B 125 16.34 -21.15 5.77
C SER B 125 15.33 -20.76 4.66
N GLU B 126 14.21 -21.51 4.55
CA GLU B 126 13.18 -21.20 3.53
C GLU B 126 12.04 -20.21 3.93
N VAL B 127 12.02 -19.75 5.19
CA VAL B 127 10.95 -18.83 5.54
C VAL B 127 11.37 -17.46 4.98
N LYS B 128 10.49 -16.74 4.30
CA LYS B 128 10.85 -15.45 3.75
C LYS B 128 10.91 -14.35 4.86
N TYR B 129 11.76 -13.36 4.63
CA TYR B 129 12.00 -12.27 5.55
C TYR B 129 10.74 -11.59 6.22
N PRO B 130 9.66 -11.24 5.47
CA PRO B 130 8.48 -10.60 6.06
C PRO B 130 7.85 -11.52 7.18
N VAL B 131 7.60 -12.76 6.76
CA VAL B 131 7.02 -13.79 7.63
C VAL B 131 7.78 -13.81 8.97
N ILE B 132 9.08 -14.11 8.96
CA ILE B 132 9.80 -14.10 10.21
C ILE B 132 9.87 -12.74 10.93
N MSE B 133 9.90 -11.64 10.17
CA MSE B 133 9.97 -10.31 10.82
C MSE B 133 8.64 -10.18 11.42
O MSE B 133 8.46 -9.49 12.40
CB MSE B 133 10.18 -9.14 9.80
CG MSE B 133 11.67 -8.68 9.58
SE MSE B 133 12.77 -8.57 11.13
CE MSE B 133 11.63 -7.35 11.93
N THR B 134 7.70 -10.90 10.81
CA THR B 134 6.29 -10.95 11.21
C THR B 134 6.02 -11.75 12.48
N ALA B 135 6.77 -12.82 12.68
CA ALA B 135 6.67 -13.58 13.94
C ALA B 135 7.33 -12.85 15.16
N PHE B 136 8.56 -12.36 14.97
CA PHE B 136 9.34 -11.68 15.98
C PHE B 136 8.59 -10.49 16.55
N TRP B 137 7.98 -9.74 15.65
CA TRP B 137 7.21 -8.61 16.06
C TRP B 137 6.02 -9.15 16.85
N ALA B 138 5.30 -10.13 16.27
CA ALA B 138 4.12 -10.67 16.95
C ALA B 138 4.53 -11.20 18.30
N ILE B 139 5.63 -11.91 18.33
CA ILE B 139 6.02 -12.45 19.59
C ILE B 139 6.31 -11.39 20.62
N GLU B 140 6.69 -10.17 20.20
CA GLU B 140 6.96 -9.05 21.12
C GLU B 140 5.69 -8.22 21.29
N ALA B 141 4.98 -8.01 20.18
CA ALA B 141 3.78 -7.20 20.24
C ALA B 141 2.71 -7.71 21.25
N VAL B 142 2.26 -8.95 21.11
CA VAL B 142 1.26 -9.42 22.03
C VAL B 142 1.63 -9.05 23.50
N TYR B 143 2.90 -9.13 23.88
CA TYR B 143 3.23 -8.72 25.25
C TYR B 143 3.15 -7.23 25.49
N GLN B 144 3.62 -6.43 24.54
CA GLN B 144 3.54 -4.98 24.68
C GLN B 144 2.09 -4.58 24.83
N GLU B 145 1.22 -5.15 24.01
CA GLU B 145 -0.19 -4.85 24.12
C GLU B 145 -0.85 -5.50 25.35
N SER B 146 -0.23 -6.54 25.92
CA SER B 146 -0.78 -7.20 27.11
C SER B 146 -0.47 -6.46 28.44
N PHE B 147 0.82 -6.29 28.74
CA PHE B 147 1.22 -5.63 29.97
C PHE B 147 0.84 -4.17 29.84
N ALA B 148 0.24 -3.89 28.69
CA ALA B 148 -0.26 -2.58 28.37
C ALA B 148 -1.30 -2.18 29.40
N HIS B 149 -0.94 -1.07 30.03
CA HIS B 149 -1.63 -0.36 31.08
C HIS B 149 -1.73 -1.10 32.41
N CYS B 150 -1.21 -0.41 33.41
CA CYS B 150 -1.15 -0.84 34.80
C CYS B 150 0.04 -0.14 35.39
N LYS B 156 -4.40 -2.82 39.77
CA LYS B 156 -4.24 -3.55 41.03
C LYS B 156 -3.20 -4.69 41.01
N THR B 157 -2.01 -4.42 40.50
CA THR B 157 -0.90 -5.39 40.39
C THR B 157 -0.04 -5.52 41.68
N PRO B 158 0.43 -6.75 41.99
CA PRO B 158 1.27 -7.08 43.16
C PRO B 158 2.76 -7.09 42.86
N VAL B 159 3.54 -6.57 43.81
CA VAL B 159 4.99 -6.44 43.71
C VAL B 159 5.73 -7.60 43.09
N GLU B 160 5.03 -8.70 42.82
CA GLU B 160 5.67 -9.84 42.17
C GLU B 160 5.55 -9.57 40.68
N LEU B 161 4.49 -8.83 40.27
CA LEU B 161 4.27 -8.53 38.85
C LEU B 161 4.48 -7.10 38.39
N THR B 162 4.59 -6.13 39.31
CA THR B 162 4.81 -4.74 38.86
C THR B 162 6.04 -4.63 37.91
N GLY B 163 6.97 -5.58 38.00
CA GLY B 163 8.11 -5.52 37.09
C GLY B 163 7.72 -5.81 35.63
N ALA B 164 6.77 -6.73 35.46
CA ALA B 164 6.33 -7.11 34.12
C ALA B 164 5.54 -5.99 33.41
N CYS B 165 4.62 -5.36 34.15
CA CYS B 165 3.81 -4.25 33.65
C CYS B 165 4.71 -3.07 33.20
N HIS B 166 5.79 -2.84 33.93
CA HIS B 166 6.73 -1.75 33.60
C HIS B 166 7.44 -1.94 32.27
N ARG B 167 8.31 -2.95 32.23
CA ARG B 167 9.12 -3.30 31.06
C ARG B 167 8.34 -3.56 29.77
N TRP B 168 7.17 -4.19 29.85
CA TRP B 168 6.43 -4.41 28.58
C TRP B 168 5.32 -3.43 28.32
N GLY B 169 4.85 -2.76 29.38
CA GLY B 169 3.77 -1.80 29.22
C GLY B 169 4.18 -0.36 29.06
N ASN B 170 5.48 -0.06 28.93
CA ASN B 170 5.91 1.32 28.77
C ASN B 170 5.96 1.84 27.32
N ASP B 171 5.77 3.15 27.17
CA ASP B 171 5.78 3.80 25.89
C ASP B 171 7.01 3.47 25.02
N GLY B 172 8.15 3.24 25.65
CA GLY B 172 9.35 2.94 24.89
C GLY B 172 9.16 1.63 24.11
N PHE B 173 8.57 0.62 24.78
CA PHE B 173 8.37 -0.69 24.14
C PHE B 173 7.32 -0.50 23.09
N LYS B 174 6.40 0.42 23.36
CA LYS B 174 5.40 0.73 22.38
C LYS B 174 6.08 1.37 21.17
N GLN B 175 7.10 2.21 21.40
CA GLN B 175 7.77 2.88 20.30
C GLN B 175 8.55 1.83 19.52
N TYR B 176 9.16 0.90 20.24
CA TYR B 176 9.96 -0.19 19.64
C TYR B 176 9.01 -1.12 18.79
N CYS B 177 7.86 -1.50 19.33
CA CYS B 177 6.99 -2.33 18.56
C CYS B 177 6.61 -1.67 17.22
N SER B 178 6.36 -0.37 17.26
CA SER B 178 6.01 0.38 16.08
C SER B 178 7.21 0.34 15.15
N SER B 179 8.40 0.43 15.74
CA SER B 179 9.62 0.36 14.96
C SER B 179 9.84 -1.04 14.38
N VAL B 180 9.87 -2.09 15.22
CA VAL B 180 10.06 -3.45 14.69
C VAL B 180 8.90 -3.70 13.73
N LYS B 181 7.73 -3.14 14.03
CA LYS B 181 6.66 -3.35 13.09
C LYS B 181 7.10 -2.77 11.77
N ASN B 182 7.10 -1.43 11.64
CA ASN B 182 7.52 -0.68 10.39
C ASN B 182 8.25 -1.45 9.27
N ILE B 183 9.13 -2.39 9.62
CA ILE B 183 9.84 -3.25 8.64
C ILE B 183 8.85 -4.24 7.92
N ALA B 184 8.53 -5.34 8.61
CA ALA B 184 7.60 -6.34 8.07
C ALA B 184 6.57 -5.64 7.19
N GLU B 185 5.89 -4.63 7.74
CA GLU B 185 4.89 -3.85 6.99
C GLU B 185 5.49 -3.30 5.67
N ARG B 186 6.70 -2.75 5.71
CA ARG B 186 7.35 -2.27 4.48
C ARG B 186 7.57 -3.53 3.65
N CYS B 187 8.19 -4.53 4.28
CA CYS B 187 8.41 -5.83 3.61
C CYS B 187 7.10 -6.42 3.00
N LEU B 188 5.99 -6.30 3.72
CA LEU B 188 4.75 -6.92 3.29
C LEU B 188 4.15 -6.11 2.19
N GLU B 189 4.32 -4.79 2.25
CA GLU B 189 3.74 -3.92 1.26
C GLU B 189 4.38 -4.10 -0.10
N ASN B 190 5.51 -4.82 -0.11
CA ASN B 190 6.14 -5.13 -1.36
C ASN B 190 6.09 -6.64 -1.66
N ALA B 191 5.28 -7.38 -0.88
CA ALA B 191 5.24 -8.84 -1.02
C ALA B 191 4.33 -9.52 -2.03
N SER B 192 4.78 -10.72 -2.41
CA SER B 192 4.11 -11.66 -3.33
C SER B 192 2.87 -12.17 -2.67
N GLY B 193 2.14 -13.04 -3.38
CA GLY B 193 0.90 -13.62 -2.85
C GLY B 193 1.12 -14.75 -1.85
N GLU B 194 2.06 -15.61 -2.19
CA GLU B 194 2.39 -16.70 -1.33
C GLU B 194 3.13 -16.23 -0.08
N VAL B 195 4.07 -15.28 -0.20
CA VAL B 195 4.82 -14.87 0.99
C VAL B 195 3.89 -14.31 2.01
N LEU B 196 3.06 -13.41 1.56
CA LEU B 196 2.03 -12.82 2.43
C LEU B 196 1.19 -13.92 3.10
N GLY B 197 0.79 -14.92 2.31
CA GLY B 197 -0.02 -15.99 2.92
C GLY B 197 0.74 -16.71 4.05
N GLU B 198 2.05 -16.93 3.87
CA GLU B 198 2.86 -17.56 4.91
C GLU B 198 2.94 -16.61 6.15
N ALA B 199 3.14 -15.30 5.95
CA ALA B 199 3.25 -14.39 7.09
C ALA B 199 1.95 -14.29 7.86
N GLU B 200 0.83 -14.14 7.12
CA GLU B 200 -0.43 -14.03 7.81
C GLU B 200 -0.65 -15.31 8.63
N ASP B 201 -0.60 -16.45 7.96
CA ASP B 201 -0.81 -17.65 8.69
C ASP B 201 0.13 -17.80 9.89
N VAL B 202 1.24 -17.09 9.90
CA VAL B 202 2.19 -17.18 11.02
C VAL B 202 1.93 -16.27 12.21
N LEU B 203 1.27 -15.11 11.97
CA LEU B 203 0.91 -14.13 13.04
C LEU B 203 -0.29 -14.72 13.88
N VAL B 204 -1.37 -15.13 13.24
CA VAL B 204 -2.51 -15.74 13.97
C VAL B 204 -1.99 -16.85 14.90
N ARG B 205 -1.17 -17.71 14.31
CA ARG B 205 -0.50 -18.84 14.97
C ARG B 205 0.21 -18.34 16.27
N VAL B 206 1.10 -17.32 16.17
CA VAL B 206 1.82 -16.80 17.35
C VAL B 206 0.70 -16.55 18.36
N LEU B 207 -0.33 -15.79 17.99
CA LEU B 207 -1.38 -15.53 18.99
C LEU B 207 -1.89 -16.86 19.57
N GLU B 208 -2.17 -17.84 18.69
CA GLU B 208 -2.66 -19.11 19.21
C GLU B 208 -1.75 -19.65 20.27
N LEU B 209 -0.44 -19.65 20.01
CA LEU B 209 0.56 -20.07 21.00
C LEU B 209 0.50 -19.26 22.28
N GLU B 210 0.18 -17.95 22.16
CA GLU B 210 0.15 -17.10 23.33
C GLU B 210 -1.07 -17.50 24.12
N VAL B 211 -2.13 -17.83 23.40
CA VAL B 211 -3.38 -18.27 23.96
C VAL B 211 -3.19 -19.64 24.65
N ALA B 212 -2.46 -20.58 24.04
CA ALA B 212 -2.21 -21.85 24.73
C ALA B 212 -1.18 -21.58 25.86
N PHE B 213 -0.11 -20.84 25.55
CA PHE B 213 0.87 -20.48 26.57
C PHE B 213 0.31 -19.83 27.80
N TRP B 214 -0.62 -18.88 27.68
CA TRP B 214 -1.14 -18.24 28.89
C TRP B 214 -1.98 -19.30 29.68
N GLU B 215 -2.89 -20.02 28.99
CA GLU B 215 -3.79 -21.01 29.64
C GLU B 215 -3.02 -21.94 30.54
N MSE B 216 -1.91 -22.44 30.04
CA MSE B 216 -1.09 -23.24 30.91
C MSE B 216 -0.66 -22.31 32.05
O MSE B 216 -0.61 -22.74 33.21
CB MSE B 216 0.07 -23.82 30.13
CG MSE B 216 1.38 -23.81 30.87
SE MSE B 216 2.93 -23.78 29.67
CE MSE B 216 3.06 -21.82 29.65
N SER B 217 -0.38 -21.04 31.78
CA SER B 217 0.00 -20.14 32.87
C SER B 217 -1.14 -19.85 33.87
N ARG B 218 -2.33 -19.50 33.36
CA ARG B 218 -3.48 -19.18 34.19
C ARG B 218 -4.12 -20.37 34.95
N GLY B 219 -4.78 -21.27 34.22
CA GLY B 219 -5.40 -22.47 34.79
C GLY B 219 -6.78 -22.85 34.25
S SO4 C . 14.61 -14.86 2.15
O1 SO4 C . 15.61 -14.40 3.14
O2 SO4 C . 13.53 -13.88 2.04
O3 SO4 C . 15.21 -14.97 0.82
O4 SO4 C . 14.08 -16.24 2.51
CM2 HMH D . -4.09 14.09 -25.11
N1A HMH D . -5.18 12.94 -23.09
C2A HMH D . -5.16 13.99 -24.01
N3A HMH D . -6.09 14.96 -23.96
C4A HMH D . -7.10 14.95 -22.99
N4A HMH D . -8.08 15.94 -22.91
C5A HMH D . -7.18 13.94 -22.04
C6A HMH D . -6.19 12.90 -22.10
C7A HMH D . -8.32 14.08 -21.06
O1 HMH D . -8.34 13.08 -20.16
S SO4 E . 3.56 -24.19 12.84
O1 SO4 E . 2.75 -23.22 12.05
O2 SO4 E . 5.00 -24.04 12.54
O3 SO4 E . 3.33 -23.97 14.28
O4 SO4 E . 3.17 -25.58 12.49
S SO4 F . 8.60 19.51 -20.15
O1 SO4 F . 8.93 20.72 -19.35
O2 SO4 F . 8.25 19.98 -21.48
O3 SO4 F . 9.77 18.59 -20.20
O4 SO4 F . 7.46 18.79 -19.54
S SO4 G . 7.89 -15.80 -3.67
O1 SO4 G . 8.73 -16.95 -3.30
O2 SO4 G . 8.56 -14.53 -3.29
O3 SO4 G . 7.67 -15.78 -5.12
O4 SO4 G . 6.58 -15.92 -3.00
CM2 HMH H . 5.01 -16.32 25.63
N1A HMH H . 6.25 -14.26 25.01
C2A HMH H . 6.13 -15.32 25.81
N3A HMH H . 7.01 -15.54 26.77
C4A HMH H . 8.04 -14.73 27.02
N4A HMH H . 8.88 -15.08 28.06
C5A HMH H . 8.25 -13.52 26.22
C6A HMH H . 7.26 -13.33 25.17
C7A HMH H . 9.45 -12.55 26.52
O1 HMH H . 9.61 -11.38 25.71
#